data_6ZO5
#
_entry.id   6ZO5
#
_cell.length_a   146.234
_cell.length_b   159.703
_cell.length_c   245.486
_cell.angle_alpha   90.000
_cell.angle_beta   90.000
_cell.angle_gamma   90.000
#
_symmetry.space_group_name_H-M   'P 21 21 21'
#
loop_
_entity.id
_entity.type
_entity.pdbx_description
1 polymer 'Multidrug efflux pump subunit AcrB'
2 polymer DARPIN
3 non-polymer 3,6,9,12,15,18,21,24,27-NONAOXANONACOSANE-1,29-DIOL
4 non-polymer DODECYL-BETA-D-MALTOSIDE
5 non-polymer DODECANE
6 non-polymer DECANE
7 non-polymer GLYCEROL
8 non-polymer HEXANE
9 non-polymer 1,2-ETHANEDIOL
10 non-polymer '(2S)-3-hydroxypropane-1,2-diyl didecanoate'
11 non-polymer 'FUSIDIC ACID'
12 non-polymer TETRADECANE
13 non-polymer 'SULFATE ION'
14 non-polymer '(2S)-3-{[(R)-(2-aminoethoxy)(hydroxy)phosphoryl]oxy}-2-hydroxypropyl hexadecanoate'
15 non-polymer 'TRIETHYLENE GLYCOL'
16 non-polymer PHOSPHATIDYLETHANOLAMINE
17 non-polymer N-OCTANE
18 water water
#
loop_
_entity_poly.entity_id
_entity_poly.type
_entity_poly.pdbx_seq_one_letter_code
_entity_poly.pdbx_strand_id
1 'polypeptide(L)'
;MPNFFIDRPIFAWVIAIIIMLAGGLAILKLPVAQYPTIAPPAVTISASYPGADAKTVQDTVTQVIEQNMNGIDNLMYMSS
NSDSTGTVQITLTFESGTDADIAQVQVQNKLQLAMPLLPQEVQQQGVSVEKSSSSFLMVVGVINTDGTMTQEDISDYVAA
NMKDAISRTSGVGDVQLFGSQYAMRIWMNPNELNKFQLTPVDVITAIKAQNAQVAAGQLGGTPPVKGQQLNASIIAQTRL
TSTEEFGKILLKVNQDGSRVLLRDVAKIELGGENYDIIAEFNGQPASGLGIKLATGANALDTAAAIRAELAKMEPFFPSG
LKIVYPYDTTPFVKISIHEVVKTLVEAIILVFLVMYLFLQNFRATLIPTIAVPVVLLGTFAVLAAFGFSINTLTMFGMVL
AIGLLVDDAIVVVENVERVMAEEGLPPKEATRKSMGQIQGALVGIAMVLSAVFVPMAFFGGSTGAIYRQFSITIVSAMAL
SVLVALILTPALCATMLKPIAKGDHGEGKKGFFGWFNRMFEKSTHHYTDSVGGILRSTGRYLVLYLIIVVGMAYLFVRLP
SSFLPDEDQGVFMTMVQLPAGATQERTQKVLNEVTHYYLTKEKNNVESVFAVNGFGFAPRPQNTGIAFVSLKDWADRPGE
ENKVEAITMRATRAFSQIKDAMVFAFNLPAIVELGTATGFDFELIDQAGLGHEKLTQARNQLLAEAAKHPDMLTSVRPNG
LEDTPQFKIDIDQEKAQALGVSINDINTTLGAAWGGSYVNDFIDRGRVKKVYVMSEAKYRMLPDDIGDWYVRAADGQMVP
FSAFSSSRWEYGSPRLERYNGLPSMEILGQAAPGKSTGEAMELMEQLASKLPTGVGYDWTGMSYQERLSGNQAPSLYAIS
LIVVFLCLAALYESWSIPFSVMLVVPLGVIGALLAATFRGLTNDVYFQVGLLTTIGLSAKNAILIVEFAKDLMDKEGKGL
IEATLDAVRMRLRPILMTSLAFILGVMPLVISTGAGSGAQNAVGTGVMGGMVTATVLAIFFVPVFFVVVRRRFSRKNEDI
EHSHTVDHHLEHHHHHH
;
A,B,C
2 'polypeptide(L)'
;MRGSHHHHHHGSDLGKKLLEAARAGRDDEVRILMANGADVNAADVVGWTPLHLAAYWGHLEIVEVLLKNGADVNAYDTLG
STPLHLAAHFGHLEIVEVLLKNGADVNAKDDNGITPLHLAANRGHLEIVEVLLKYGADVNAQDKFGKTAFDISINNGNED
LAEILQKLN
;
D,E
#
# COMPACT_ATOMS: atom_id res chain seq x y z
N MET A 1 -1.22 -32.22 35.61
CA MET A 1 -1.37 -30.76 35.90
C MET A 1 -2.22 -30.54 37.16
N PRO A 2 -3.45 -31.11 37.26
CA PRO A 2 -4.25 -30.99 38.48
C PRO A 2 -3.43 -31.25 39.76
N ASN A 3 -2.76 -32.39 39.84
CA ASN A 3 -1.96 -32.83 41.02
C ASN A 3 -0.83 -31.82 41.30
N PHE A 4 -0.22 -31.27 40.25
CA PHE A 4 0.85 -30.25 40.33
C PHE A 4 0.31 -28.97 41.01
N PHE A 5 -0.86 -28.50 40.55
CA PHE A 5 -1.45 -27.19 40.93
C PHE A 5 -2.32 -27.31 42.19
N ILE A 6 -2.75 -28.52 42.56
CA ILE A 6 -3.42 -28.81 43.86
C ILE A 6 -2.41 -28.56 45.00
N ASP A 7 -1.12 -28.86 44.77
CA ASP A 7 -0.01 -28.66 45.73
C ASP A 7 0.58 -27.25 45.60
N ARG A 8 0.32 -26.57 44.48
CA ARG A 8 0.85 -25.20 44.19
C ARG A 8 -0.31 -24.29 43.79
N PRO A 9 -1.22 -23.94 44.73
CA PRO A 9 -2.35 -23.05 44.43
C PRO A 9 -1.95 -21.62 44.04
N ILE A 10 -0.81 -21.12 44.54
CA ILE A 10 -0.30 -19.74 44.27
C ILE A 10 0.21 -19.68 42.83
N PHE A 11 0.83 -20.75 42.33
CA PHE A 11 1.24 -20.91 40.91
C PHE A 11 -0.02 -20.82 40.03
N ALA A 12 -1.04 -21.61 40.36
CA ALA A 12 -2.35 -21.67 39.66
C ALA A 12 -2.96 -20.27 39.57
N TRP A 13 -2.95 -19.53 40.69
CA TRP A 13 -3.45 -18.13 40.79
C TRP A 13 -2.62 -17.21 39.87
N VAL A 14 -1.29 -17.33 39.92
CA VAL A 14 -0.33 -16.50 39.13
C VAL A 14 -0.65 -16.63 37.64
N ILE A 15 -0.85 -17.86 37.15
CA ILE A 15 -1.21 -18.18 35.73
C ILE A 15 -2.54 -17.49 35.40
N ALA A 16 -3.54 -17.63 36.28
CA ALA A 16 -4.89 -17.04 36.12
C ALA A 16 -4.81 -15.52 36.05
N ILE A 17 -3.98 -14.91 36.90
CA ILE A 17 -3.81 -13.42 37.01
C ILE A 17 -3.12 -12.91 35.73
N ILE A 18 -2.12 -13.64 35.21
CA ILE A 18 -1.38 -13.29 33.96
C ILE A 18 -2.35 -13.36 32.77
N ILE A 19 -3.22 -14.38 32.73
CA ILE A 19 -4.27 -14.55 31.67
C ILE A 19 -5.21 -13.35 31.69
N MET A 20 -5.69 -12.96 32.88
CA MET A 20 -6.56 -11.78 33.11
C MET A 20 -5.80 -10.50 32.74
N LEU A 21 -4.50 -10.45 33.04
CA LEU A 21 -3.59 -9.31 32.75
C LEU A 21 -3.52 -9.09 31.24
N ALA A 22 -3.27 -10.17 30.47
CA ALA A 22 -3.18 -10.18 28.99
C ALA A 22 -4.54 -9.76 28.40
N GLY A 23 -5.64 -10.29 28.96
CA GLY A 23 -7.02 -9.98 28.56
C GLY A 23 -7.36 -8.52 28.78
N GLY A 24 -7.06 -7.99 29.97
CA GLY A 24 -7.26 -6.58 30.34
C GLY A 24 -6.54 -5.65 29.38
N LEU A 25 -5.27 -5.95 29.08
CA LEU A 25 -4.42 -5.17 28.14
C LEU A 25 -4.96 -5.29 26.71
N ALA A 26 -5.48 -6.48 26.34
CA ALA A 26 -6.12 -6.74 25.03
C ALA A 26 -7.37 -5.86 24.87
N ILE A 27 -8.22 -5.81 25.89
CA ILE A 27 -9.50 -5.02 25.91
C ILE A 27 -9.19 -3.52 25.70
N LEU A 28 -8.11 -3.02 26.31
CA LEU A 28 -7.71 -1.59 26.26
C LEU A 28 -7.21 -1.22 24.85
N LYS A 29 -6.69 -2.19 24.08
CA LYS A 29 -6.01 -1.96 22.79
C LYS A 29 -6.85 -2.45 21.60
N LEU A 30 -7.61 -3.54 21.76
CA LEU A 30 -8.39 -4.19 20.67
C LEU A 30 -9.29 -3.17 20.00
N PRO A 31 -9.39 -3.18 18.64
CA PRO A 31 -10.38 -2.37 17.94
C PRO A 31 -11.82 -2.73 18.35
N VAL A 32 -12.72 -1.74 18.37
CA VAL A 32 -14.17 -1.92 18.65
C VAL A 32 -14.95 -1.51 17.39
N ALA A 33 -15.88 -2.36 16.96
CA ALA A 33 -16.76 -2.16 15.78
C ALA A 33 -18.10 -2.87 16.02
N GLN A 34 -19.12 -2.56 15.23
CA GLN A 34 -20.45 -3.25 15.29
C GLN A 34 -20.30 -4.66 14.72
N TYR A 35 -19.70 -4.78 13.53
CA TYR A 35 -19.49 -6.04 12.79
C TYR A 35 -18.06 -6.09 12.24
N PRO A 36 -17.56 -7.27 11.83
CA PRO A 36 -16.32 -7.36 11.06
C PRO A 36 -16.49 -6.82 9.64
N THR A 37 -15.39 -6.34 9.03
CA THR A 37 -15.34 -5.82 7.65
C THR A 37 -15.66 -6.95 6.66
N ILE A 38 -16.80 -6.85 5.97
CA ILE A 38 -17.23 -7.81 4.91
C ILE A 38 -17.53 -7.07 3.60
N ALA A 39 -17.77 -5.77 3.65
CA ALA A 39 -18.09 -4.90 2.49
C ALA A 39 -16.89 -4.86 1.54
N PRO A 40 -17.09 -5.07 0.22
CA PRO A 40 -15.99 -4.99 -0.74
C PRO A 40 -15.45 -3.57 -0.88
N PRO A 41 -14.12 -3.37 -0.98
CA PRO A 41 -13.54 -2.05 -1.23
C PRO A 41 -14.09 -1.39 -2.51
N ALA A 42 -14.44 -0.11 -2.42
CA ALA A 42 -14.93 0.73 -3.55
C ALA A 42 -14.05 1.97 -3.67
N VAL A 43 -13.40 2.14 -4.83
CA VAL A 43 -12.62 3.36 -5.19
C VAL A 43 -13.49 4.22 -6.11
N THR A 44 -13.70 5.49 -5.76
CA THR A 44 -14.57 6.46 -6.49
C THR A 44 -13.69 7.55 -7.11
N ILE A 45 -13.78 7.73 -8.43
CA ILE A 45 -13.15 8.84 -9.19
C ILE A 45 -14.20 9.93 -9.38
N SER A 46 -13.99 11.12 -8.78
CA SER A 46 -14.86 12.30 -8.90
C SER A 46 -14.16 13.37 -9.76
N ALA A 47 -14.82 13.83 -10.83
CA ALA A 47 -14.36 14.92 -11.71
C ALA A 47 -15.51 15.91 -11.92
N SER A 48 -15.16 17.17 -12.21
CA SER A 48 -16.12 18.31 -12.35
C SER A 48 -15.77 19.12 -13.60
N TYR A 49 -16.75 19.31 -14.49
CA TYR A 49 -16.68 20.16 -15.71
C TYR A 49 -17.67 21.31 -15.55
N PRO A 50 -17.22 22.49 -15.05
CA PRO A 50 -18.14 23.61 -14.80
C PRO A 50 -18.95 24.01 -16.04
N GLY A 51 -20.29 24.04 -15.89
CA GLY A 51 -21.24 24.50 -16.92
C GLY A 51 -21.49 23.46 -18.01
N ALA A 52 -21.12 22.20 -17.77
CA ALA A 52 -21.22 21.09 -18.75
C ALA A 52 -22.51 20.31 -18.53
N ASP A 53 -23.17 19.91 -19.62
CA ASP A 53 -24.36 19.02 -19.62
C ASP A 53 -23.89 17.57 -19.43
N ALA A 54 -24.83 16.65 -19.19
CA ALA A 54 -24.58 15.21 -18.92
C ALA A 54 -23.78 14.57 -20.06
N LYS A 55 -24.08 14.93 -21.32
CA LYS A 55 -23.48 14.31 -22.53
C LYS A 55 -22.04 14.80 -22.71
N THR A 56 -21.81 16.11 -22.54
CA THR A 56 -20.48 16.75 -22.62
C THR A 56 -19.54 16.09 -21.61
N VAL A 57 -19.99 15.92 -20.36
CA VAL A 57 -19.23 15.28 -19.25
C VAL A 57 -18.87 13.85 -19.68
N GLN A 58 -19.87 13.07 -20.09
CA GLN A 58 -19.73 11.63 -20.45
C GLN A 58 -18.69 11.46 -21.58
N ASP A 59 -18.79 12.29 -22.62
CA ASP A 59 -18.10 12.08 -23.92
C ASP A 59 -16.72 12.75 -23.93
N THR A 60 -16.39 13.58 -22.95
CA THR A 60 -15.07 14.26 -22.84
C THR A 60 -14.31 13.81 -21.59
N VAL A 61 -14.98 13.21 -20.59
CA VAL A 61 -14.35 12.82 -19.29
C VAL A 61 -14.60 11.33 -19.01
N THR A 62 -15.86 10.95 -18.74
CA THR A 62 -16.26 9.61 -18.24
C THR A 62 -15.69 8.52 -19.15
N GLN A 63 -16.04 8.56 -20.45
CA GLN A 63 -15.65 7.54 -21.46
C GLN A 63 -14.13 7.45 -21.56
N VAL A 64 -13.44 8.60 -21.48
CA VAL A 64 -11.95 8.69 -21.61
C VAL A 64 -11.30 7.97 -20.43
N ILE A 65 -11.79 8.20 -19.22
CA ILE A 65 -11.29 7.57 -17.96
C ILE A 65 -11.62 6.07 -18.01
N GLU A 66 -12.86 5.71 -18.35
CA GLU A 66 -13.37 4.31 -18.40
C GLU A 66 -12.51 3.45 -19.34
N GLN A 67 -12.14 3.99 -20.50
CA GLN A 67 -11.35 3.27 -21.53
C GLN A 67 -9.91 3.06 -21.05
N ASN A 68 -9.46 3.85 -20.06
CA ASN A 68 -8.10 3.77 -19.46
C ASN A 68 -8.09 2.84 -18.25
N MET A 69 -9.27 2.53 -17.68
CA MET A 69 -9.42 1.59 -16.54
C MET A 69 -9.23 0.15 -17.03
N ASN A 70 -7.99 -0.34 -17.04
CA ASN A 70 -7.62 -1.72 -17.43
C ASN A 70 -6.32 -2.10 -16.72
N GLY A 71 -6.01 -3.40 -16.66
CA GLY A 71 -4.89 -3.95 -15.87
C GLY A 71 -5.06 -3.63 -14.39
N ILE A 72 -6.31 -3.71 -13.91
CA ILE A 72 -6.72 -3.43 -12.51
C ILE A 72 -7.11 -4.76 -11.85
N ASP A 73 -6.35 -5.19 -10.84
CA ASP A 73 -6.50 -6.52 -10.18
C ASP A 73 -7.76 -6.54 -9.32
N ASN A 74 -8.51 -7.65 -9.37
CA ASN A 74 -9.60 -8.01 -8.42
C ASN A 74 -10.77 -7.04 -8.58
N LEU A 75 -11.06 -6.60 -9.80
CA LEU A 75 -12.20 -5.70 -10.13
C LEU A 75 -13.45 -6.56 -10.39
N MET A 76 -14.50 -6.38 -9.59
CA MET A 76 -15.79 -7.09 -9.73
C MET A 76 -16.64 -6.41 -10.80
N TYR A 77 -16.75 -5.07 -10.76
CA TYR A 77 -17.50 -4.25 -11.74
C TYR A 77 -17.15 -2.76 -11.58
N MET A 78 -17.59 -1.95 -12.55
CA MET A 78 -17.38 -0.49 -12.63
C MET A 78 -18.70 0.18 -13.06
N SER A 79 -19.18 1.17 -12.29
CA SER A 79 -20.39 1.97 -12.59
C SER A 79 -20.04 3.46 -12.55
N SER A 80 -20.70 4.27 -13.37
CA SER A 80 -20.45 5.74 -13.48
C SER A 80 -21.76 6.50 -13.77
N ASN A 81 -21.85 7.73 -13.25
CA ASN A 81 -22.92 8.72 -13.55
C ASN A 81 -22.27 9.93 -14.21
N SER A 82 -22.91 10.50 -15.23
CA SER A 82 -22.54 11.79 -15.87
C SER A 82 -23.75 12.73 -15.80
N ASP A 83 -23.71 13.69 -14.88
CA ASP A 83 -24.86 14.59 -14.53
C ASP A 83 -24.74 15.91 -15.29
N SER A 84 -25.86 16.62 -15.45
CA SER A 84 -25.96 17.97 -16.06
C SER A 84 -25.59 19.05 -15.05
N THR A 85 -25.16 18.65 -13.84
CA THR A 85 -24.51 19.51 -12.82
C THR A 85 -23.03 19.70 -13.19
N GLY A 86 -22.56 19.03 -14.24
CA GLY A 86 -21.17 19.10 -14.73
C GLY A 86 -20.26 18.14 -13.96
N THR A 87 -20.83 17.06 -13.42
CA THR A 87 -20.17 16.13 -12.47
C THR A 87 -20.18 14.71 -13.05
N VAL A 88 -19.09 13.96 -12.87
CA VAL A 88 -18.99 12.49 -13.11
C VAL A 88 -18.46 11.83 -11.85
N GLN A 89 -18.97 10.64 -11.53
CA GLN A 89 -18.44 9.76 -10.46
C GLN A 89 -18.36 8.32 -11.01
N ILE A 90 -17.14 7.78 -11.09
CA ILE A 90 -16.84 6.39 -11.52
C ILE A 90 -16.44 5.58 -10.28
N THR A 91 -17.28 4.63 -9.87
CA THR A 91 -17.04 3.73 -8.70
C THR A 91 -16.55 2.37 -9.21
N LEU A 92 -15.31 2.01 -8.86
CA LEU A 92 -14.72 0.67 -9.11
C LEU A 92 -14.80 -0.16 -7.82
N THR A 93 -15.64 -1.20 -7.83
CA THR A 93 -15.86 -2.13 -6.69
C THR A 93 -14.94 -3.35 -6.86
N PHE A 94 -14.22 -3.72 -5.80
CA PHE A 94 -13.14 -4.75 -5.81
C PHE A 94 -13.57 -5.98 -5.00
N GLU A 95 -12.93 -7.12 -5.25
CA GLU A 95 -13.16 -8.41 -4.55
C GLU A 95 -12.92 -8.21 -3.05
N SER A 96 -13.66 -8.91 -2.19
CA SER A 96 -13.48 -8.92 -0.71
C SER A 96 -12.06 -9.40 -0.39
N GLY A 97 -11.36 -8.66 0.49
CA GLY A 97 -9.99 -8.97 0.93
C GLY A 97 -8.93 -8.33 0.03
N THR A 98 -9.34 -7.45 -0.89
CA THR A 98 -8.43 -6.64 -1.74
C THR A 98 -7.83 -5.51 -0.89
N ASP A 99 -6.52 -5.29 -1.03
CA ASP A 99 -5.79 -4.16 -0.38
C ASP A 99 -6.29 -2.85 -1.01
N ALA A 100 -7.00 -2.04 -0.23
CA ALA A 100 -7.64 -0.78 -0.66
C ALA A 100 -6.58 0.26 -1.06
N ASP A 101 -5.38 0.18 -0.47
CA ASP A 101 -4.23 1.06 -0.79
C ASP A 101 -3.78 0.79 -2.23
N ILE A 102 -3.58 -0.48 -2.58
CA ILE A 102 -3.11 -0.92 -3.93
C ILE A 102 -4.23 -0.65 -4.95
N ALA A 103 -5.49 -0.92 -4.58
CA ALA A 103 -6.70 -0.67 -5.40
C ALA A 103 -6.73 0.81 -5.83
N GLN A 104 -6.53 1.73 -4.88
CA GLN A 104 -6.48 3.20 -5.13
C GLN A 104 -5.27 3.51 -6.03
N VAL A 105 -4.09 3.01 -5.68
CA VAL A 105 -2.81 3.21 -6.43
C VAL A 105 -3.01 2.81 -7.89
N GLN A 106 -3.59 1.62 -8.15
CA GLN A 106 -3.80 1.05 -9.50
C GLN A 106 -4.78 1.93 -10.29
N VAL A 107 -5.90 2.31 -9.68
CA VAL A 107 -6.93 3.21 -10.29
C VAL A 107 -6.26 4.56 -10.61
N GLN A 108 -5.50 5.10 -9.66
CA GLN A 108 -4.78 6.40 -9.80
C GLN A 108 -3.74 6.31 -10.92
N ASN A 109 -3.03 5.17 -11.01
CA ASN A 109 -2.00 4.90 -12.06
C ASN A 109 -2.64 5.03 -13.44
N LYS A 110 -3.84 4.48 -13.62
CA LYS A 110 -4.58 4.47 -14.91
C LYS A 110 -5.21 5.84 -15.18
N LEU A 111 -5.63 6.56 -14.13
CA LEU A 111 -6.25 7.91 -14.25
C LEU A 111 -5.24 8.90 -14.82
N GLN A 112 -3.98 8.84 -14.36
CA GLN A 112 -2.88 9.76 -14.78
C GLN A 112 -2.62 9.63 -16.28
N LEU A 113 -2.86 8.45 -16.87
CA LEU A 113 -2.73 8.22 -18.34
C LEU A 113 -3.86 8.95 -19.09
N ALA A 114 -5.03 9.06 -18.47
CA ALA A 114 -6.24 9.71 -19.04
C ALA A 114 -6.18 11.23 -18.84
N MET A 115 -5.45 11.70 -17.81
CA MET A 115 -5.45 13.11 -17.35
C MET A 115 -5.15 14.08 -18.50
N PRO A 116 -4.06 13.89 -19.29
CA PRO A 116 -3.72 14.83 -20.35
C PRO A 116 -4.78 14.92 -21.47
N LEU A 117 -5.58 13.87 -21.64
CA LEU A 117 -6.66 13.79 -22.65
C LEU A 117 -7.90 14.56 -22.16
N LEU A 118 -8.04 14.78 -20.86
CA LEU A 118 -9.21 15.47 -20.25
C LEU A 118 -9.15 16.96 -20.56
N PRO A 119 -10.31 17.66 -20.63
CA PRO A 119 -10.35 19.11 -20.82
C PRO A 119 -9.63 19.85 -19.69
N GLN A 120 -9.02 21.00 -20.00
CA GLN A 120 -8.16 21.79 -19.06
C GLN A 120 -9.01 22.31 -17.90
N GLU A 121 -10.30 22.59 -18.14
CA GLU A 121 -11.26 23.08 -17.11
C GLU A 121 -11.53 21.97 -16.08
N VAL A 122 -11.53 20.70 -16.52
CA VAL A 122 -11.78 19.51 -15.65
C VAL A 122 -10.55 19.24 -14.80
N GLN A 123 -9.35 19.36 -15.38
CA GLN A 123 -8.04 19.17 -14.69
C GLN A 123 -7.92 20.20 -13.55
N GLN A 124 -8.33 21.44 -13.81
CA GLN A 124 -8.16 22.59 -12.88
C GLN A 124 -9.19 22.53 -11.73
N GLN A 125 -10.29 21.79 -11.91
CA GLN A 125 -11.30 21.55 -10.83
C GLN A 125 -10.79 20.48 -9.85
N GLY A 126 -9.79 19.68 -10.26
CA GLY A 126 -9.23 18.57 -9.48
C GLY A 126 -10.02 17.30 -9.67
N VAL A 127 -9.33 16.20 -10.03
CA VAL A 127 -9.93 14.84 -10.23
C VAL A 127 -9.49 13.94 -9.08
N SER A 128 -10.28 13.88 -8.01
CA SER A 128 -9.97 13.13 -6.77
C SER A 128 -10.22 11.64 -6.98
N VAL A 129 -9.40 10.80 -6.34
CA VAL A 129 -9.57 9.32 -6.22
C VAL A 129 -9.61 8.98 -4.73
N GLU A 130 -10.72 8.38 -4.25
CA GLU A 130 -10.98 8.15 -2.82
C GLU A 130 -11.40 6.69 -2.59
N LYS A 131 -11.03 6.15 -1.43
CA LYS A 131 -11.35 4.77 -0.97
C LYS A 131 -12.16 4.87 0.33
N SER A 132 -13.48 4.98 0.23
CA SER A 132 -14.41 5.21 1.36
C SER A 132 -15.71 4.42 1.17
N SER A 133 -16.50 4.31 2.24
CA SER A 133 -17.92 3.86 2.22
C SER A 133 -18.74 4.89 1.43
N SER A 134 -19.88 4.47 0.86
CA SER A 134 -20.83 5.35 0.14
C SER A 134 -21.63 6.19 1.15
N SER A 135 -21.93 5.62 2.32
CA SER A 135 -22.74 6.25 3.40
C SER A 135 -21.85 7.12 4.29
N PHE A 136 -22.47 7.96 5.12
CA PHE A 136 -21.79 8.91 6.04
C PHE A 136 -21.56 8.25 7.40
N LEU A 137 -20.33 8.32 7.90
CA LEU A 137 -19.92 7.93 9.27
C LEU A 137 -20.65 8.83 10.26
N MET A 138 -20.57 10.15 10.03
CA MET A 138 -21.23 11.20 10.86
C MET A 138 -21.40 12.47 10.02
N VAL A 139 -22.22 13.41 10.50
CA VAL A 139 -22.32 14.80 10.00
C VAL A 139 -21.94 15.73 11.16
N VAL A 140 -20.92 16.57 10.97
CA VAL A 140 -20.52 17.65 11.93
C VAL A 140 -21.20 18.94 11.48
N GLY A 141 -22.31 19.31 12.14
CA GLY A 141 -23.06 20.56 11.87
C GLY A 141 -22.41 21.74 12.56
N VAL A 142 -22.44 22.92 11.90
CA VAL A 142 -21.91 24.20 12.45
C VAL A 142 -22.99 25.28 12.27
N ILE A 143 -23.36 25.94 13.36
CA ILE A 143 -24.39 27.03 13.41
C ILE A 143 -23.82 28.24 14.14
N ASN A 144 -24.53 29.37 14.11
CA ASN A 144 -24.23 30.59 14.89
C ASN A 144 -25.43 30.90 15.79
N THR A 145 -25.31 30.65 17.09
CA THR A 145 -26.40 30.76 18.10
C THR A 145 -26.77 32.23 18.31
N ASP A 146 -25.87 33.16 17.97
CA ASP A 146 -26.09 34.63 18.06
C ASP A 146 -26.66 35.16 16.75
N GLY A 147 -26.80 34.31 15.73
CA GLY A 147 -27.33 34.65 14.39
C GLY A 147 -26.57 35.82 13.77
N THR A 148 -25.25 35.85 13.94
CA THR A 148 -24.34 36.93 13.48
C THR A 148 -23.72 36.55 12.12
N MET A 149 -23.87 35.29 11.70
CA MET A 149 -23.28 34.74 10.45
C MET A 149 -24.36 34.02 9.65
N THR A 150 -24.46 34.31 8.35
CA THR A 150 -25.41 33.69 7.40
C THR A 150 -24.96 32.26 7.07
N GLN A 151 -25.79 31.51 6.34
CA GLN A 151 -25.47 30.14 5.84
C GLN A 151 -24.17 30.19 5.04
N GLU A 152 -23.97 31.25 4.25
CA GLU A 152 -22.80 31.45 3.35
C GLU A 152 -21.54 31.72 4.19
N ASP A 153 -21.66 32.55 5.24
CA ASP A 153 -20.56 32.92 6.16
C ASP A 153 -20.03 31.67 6.87
N ILE A 154 -20.93 30.82 7.39
CA ILE A 154 -20.59 29.59 8.17
C ILE A 154 -19.91 28.59 7.23
N SER A 155 -20.47 28.39 6.04
CA SER A 155 -19.95 27.47 4.98
C SER A 155 -18.49 27.83 4.65
N ASP A 156 -18.20 29.12 4.45
CA ASP A 156 -16.85 29.63 4.12
C ASP A 156 -15.89 29.36 5.28
N TYR A 157 -16.30 29.66 6.52
CA TYR A 157 -15.47 29.47 7.74
C TYR A 157 -15.11 27.98 7.89
N VAL A 158 -16.11 27.10 7.78
CA VAL A 158 -15.93 25.62 7.86
C VAL A 158 -14.93 25.19 6.79
N ALA A 159 -15.07 25.71 5.57
CA ALA A 159 -14.23 25.36 4.39
C ALA A 159 -12.78 25.85 4.60
N ALA A 160 -12.61 27.04 5.16
CA ALA A 160 -11.31 27.77 5.23
C ALA A 160 -10.54 27.43 6.52
N ASN A 161 -11.22 26.95 7.56
CA ASN A 161 -10.64 26.81 8.93
C ASN A 161 -10.76 25.36 9.46
N MET A 162 -11.72 24.57 8.99
CA MET A 162 -12.07 23.26 9.62
C MET A 162 -11.86 22.10 8.64
N LYS A 163 -12.37 22.19 7.41
CA LYS A 163 -12.49 21.06 6.44
C LYS A 163 -11.14 20.37 6.23
N ASP A 164 -10.08 21.14 5.93
CA ASP A 164 -8.75 20.62 5.53
C ASP A 164 -8.19 19.68 6.59
N ALA A 165 -8.16 20.11 7.86
CA ALA A 165 -7.62 19.34 9.00
C ALA A 165 -8.40 18.04 9.19
N ILE A 166 -9.73 18.08 9.00
CA ILE A 166 -10.63 16.90 9.13
C ILE A 166 -10.35 15.93 7.97
N SER A 167 -10.06 16.46 6.77
CA SER A 167 -9.80 15.70 5.53
C SER A 167 -8.47 14.92 5.63
N ARG A 168 -7.50 15.43 6.39
CA ARG A 168 -6.14 14.86 6.53
C ARG A 168 -6.09 13.84 7.68
N THR A 169 -7.11 13.83 8.55
CA THR A 169 -7.23 12.90 9.70
C THR A 169 -7.31 11.47 9.17
N SER A 170 -6.51 10.56 9.74
CA SER A 170 -6.44 9.12 9.36
C SER A 170 -7.80 8.46 9.62
N GLY A 171 -8.32 7.74 8.62
CA GLY A 171 -9.62 7.04 8.67
C GLY A 171 -10.71 7.77 7.90
N VAL A 172 -10.50 9.06 7.62
CA VAL A 172 -11.45 9.92 6.85
C VAL A 172 -11.17 9.73 5.36
N GLY A 173 -12.03 8.94 4.69
CA GLY A 173 -11.90 8.60 3.26
C GLY A 173 -12.38 9.72 2.36
N ASP A 174 -13.40 10.46 2.80
CA ASP A 174 -14.03 11.58 2.03
C ASP A 174 -14.69 12.56 3.00
N VAL A 175 -14.59 13.86 2.70
CA VAL A 175 -15.26 14.97 3.46
C VAL A 175 -16.07 15.80 2.46
N GLN A 176 -17.38 15.92 2.71
CA GLN A 176 -18.31 16.72 1.88
C GLN A 176 -18.70 17.98 2.66
N LEU A 177 -18.44 19.16 2.09
CA LEU A 177 -18.86 20.47 2.65
C LEU A 177 -20.33 20.70 2.29
N PHE A 178 -21.21 20.83 3.29
CA PHE A 178 -22.63 21.19 3.13
C PHE A 178 -22.72 22.71 3.00
N GLY A 179 -22.35 23.20 1.82
CA GLY A 179 -22.12 24.63 1.50
C GLY A 179 -20.93 24.77 0.58
N SER A 180 -20.46 26.00 0.37
CA SER A 180 -19.34 26.34 -0.54
C SER A 180 -18.32 27.22 0.19
N GLN A 181 -17.03 27.03 -0.09
CA GLN A 181 -15.95 28.01 0.25
C GLN A 181 -16.21 29.27 -0.58
N TYR A 182 -15.88 30.45 -0.03
CA TYR A 182 -15.98 31.74 -0.76
C TYR A 182 -15.02 31.73 -1.95
N ALA A 183 -15.45 32.34 -3.05
CA ALA A 183 -14.63 32.68 -4.22
C ALA A 183 -14.85 34.17 -4.53
N MET A 184 -13.92 34.80 -5.26
CA MET A 184 -14.12 36.18 -5.79
C MET A 184 -15.09 36.07 -6.97
N ARG A 185 -16.35 36.50 -6.76
CA ARG A 185 -17.44 36.38 -7.76
C ARG A 185 -17.51 37.69 -8.57
N ILE A 186 -17.18 37.61 -9.86
CA ILE A 186 -17.31 38.71 -10.85
C ILE A 186 -18.62 38.48 -11.63
N TRP A 187 -19.72 39.04 -11.14
CA TRP A 187 -21.08 38.92 -11.75
C TRP A 187 -21.19 39.92 -12.91
N MET A 188 -21.02 39.42 -14.15
CA MET A 188 -20.90 40.25 -15.38
C MET A 188 -22.27 40.78 -15.81
N ASN A 189 -22.29 42.00 -16.35
CA ASN A 189 -23.49 42.67 -16.92
C ASN A 189 -23.28 42.80 -18.43
N PRO A 190 -24.16 42.18 -19.27
CA PRO A 190 -23.98 42.20 -20.73
C PRO A 190 -24.24 43.58 -21.34
N ASN A 191 -25.19 44.33 -20.78
CA ASN A 191 -25.57 45.70 -21.24
C ASN A 191 -24.36 46.63 -21.13
N GLU A 192 -23.62 46.54 -20.01
CA GLU A 192 -22.44 47.40 -19.71
CA GLU A 192 -22.45 47.43 -19.73
C GLU A 192 -21.23 46.92 -20.51
N LEU A 193 -21.08 45.61 -20.67
CA LEU A 193 -19.97 45.00 -21.46
C LEU A 193 -20.06 45.47 -22.92
N ASN A 194 -21.27 45.48 -23.48
CA ASN A 194 -21.55 45.92 -24.88
C ASN A 194 -21.33 47.44 -24.99
N LYS A 195 -21.72 48.20 -23.96
CA LYS A 195 -21.60 49.68 -23.92
C LYS A 195 -20.14 50.10 -24.14
N PHE A 196 -19.19 49.44 -23.46
CA PHE A 196 -17.73 49.73 -23.51
C PHE A 196 -17.04 48.83 -24.54
N GLN A 197 -17.82 48.03 -25.29
CA GLN A 197 -17.35 47.20 -26.43
C GLN A 197 -16.37 46.14 -25.92
N LEU A 198 -16.72 45.46 -24.82
CA LEU A 198 -15.91 44.41 -24.15
C LEU A 198 -16.73 43.11 -24.06
N THR A 199 -16.05 42.00 -23.77
CA THR A 199 -16.65 40.63 -23.67
C THR A 199 -16.11 39.93 -22.43
N PRO A 200 -16.71 38.81 -21.99
CA PRO A 200 -16.13 37.98 -20.93
C PRO A 200 -14.67 37.58 -21.18
N VAL A 201 -14.26 37.48 -22.45
CA VAL A 201 -12.85 37.12 -22.85
C VAL A 201 -11.91 38.23 -22.36
N ASP A 202 -12.28 39.49 -22.57
CA ASP A 202 -11.51 40.69 -22.15
C ASP A 202 -11.40 40.72 -20.63
N VAL A 203 -12.49 40.43 -19.92
CA VAL A 203 -12.58 40.38 -18.43
C VAL A 203 -11.63 39.29 -17.91
N ILE A 204 -11.68 38.09 -18.50
CA ILE A 204 -10.85 36.92 -18.10
C ILE A 204 -9.37 37.26 -18.30
N THR A 205 -9.03 37.85 -19.45
CA THR A 205 -7.66 38.30 -19.81
C THR A 205 -7.16 39.31 -18.78
N ALA A 206 -7.98 40.30 -18.43
CA ALA A 206 -7.67 41.41 -17.50
C ALA A 206 -7.40 40.85 -16.09
N ILE A 207 -8.20 39.89 -15.63
CA ILE A 207 -8.07 39.26 -14.28
C ILE A 207 -6.75 38.50 -14.21
N LYS A 208 -6.47 37.65 -15.21
CA LYS A 208 -5.22 36.85 -15.31
C LYS A 208 -4.00 37.78 -15.30
N ALA A 209 -4.12 38.97 -15.90
CA ALA A 209 -3.03 39.96 -16.08
C ALA A 209 -2.83 40.77 -14.80
N GLN A 210 -3.92 41.10 -14.07
CA GLN A 210 -3.91 42.08 -12.96
C GLN A 210 -4.18 41.41 -11.60
N ASN A 211 -4.59 40.13 -11.59
CA ASN A 211 -4.59 39.26 -10.38
C ASN A 211 -3.49 38.21 -10.57
N ALA A 212 -2.24 38.67 -10.57
CA ALA A 212 -1.03 37.86 -10.87
C ALA A 212 -0.06 37.89 -9.69
N GLN A 213 0.68 36.80 -9.48
CA GLN A 213 1.79 36.68 -8.51
C GLN A 213 3.09 36.46 -9.31
N VAL A 214 3.92 37.51 -9.42
CA VAL A 214 5.08 37.58 -10.36
C VAL A 214 6.37 37.30 -9.60
N ALA A 215 7.16 36.33 -10.08
CA ALA A 215 8.53 36.03 -9.64
C ALA A 215 9.50 36.96 -10.38
N ALA A 216 10.09 37.93 -9.68
CA ALA A 216 10.85 39.06 -10.26
C ALA A 216 12.35 38.98 -9.91
N GLY A 217 12.77 37.93 -9.20
CA GLY A 217 14.19 37.71 -8.84
C GLY A 217 14.61 38.56 -7.65
N GLN A 218 15.87 39.03 -7.65
CA GLN A 218 16.51 39.75 -6.53
C GLN A 218 17.42 40.87 -7.06
N LEU A 219 17.60 41.92 -6.27
CA LEU A 219 18.74 42.88 -6.38
C LEU A 219 19.97 42.17 -5.82
N GLY A 220 21.14 42.32 -6.47
CA GLY A 220 22.39 41.66 -6.08
C GLY A 220 22.25 40.14 -6.07
N GLY A 221 21.39 39.59 -6.94
CA GLY A 221 21.15 38.14 -7.07
C GLY A 221 22.34 37.44 -7.69
N THR A 222 22.50 36.15 -7.40
CA THR A 222 23.65 35.31 -7.86
C THR A 222 23.42 34.90 -9.33
N PRO A 223 24.48 34.80 -10.16
CA PRO A 223 25.83 35.22 -9.80
C PRO A 223 25.96 36.74 -9.78
N PRO A 224 26.53 37.36 -8.72
CA PRO A 224 26.63 38.82 -8.62
C PRO A 224 27.94 39.37 -9.16
N VAL A 225 28.01 40.69 -9.39
CA VAL A 225 29.26 41.43 -9.74
C VAL A 225 30.12 41.53 -8.48
N LYS A 226 31.43 41.75 -8.64
CA LYS A 226 32.38 42.00 -7.53
C LYS A 226 32.02 43.32 -6.86
N GLY A 227 31.96 43.33 -5.51
CA GLY A 227 31.79 44.54 -4.68
C GLY A 227 30.34 44.86 -4.38
N GLN A 228 29.42 43.93 -4.66
CA GLN A 228 27.96 44.07 -4.39
C GLN A 228 27.74 44.06 -2.87
N GLN A 229 27.01 45.05 -2.34
CA GLN A 229 26.70 45.21 -0.90
C GLN A 229 25.20 44.95 -0.64
N LEU A 230 24.33 45.29 -1.59
CA LEU A 230 22.85 45.18 -1.46
C LEU A 230 22.36 43.85 -2.03
N ASN A 231 21.54 43.12 -1.27
CA ASN A 231 20.82 41.90 -1.71
C ASN A 231 19.41 41.93 -1.12
N ALA A 232 18.39 42.08 -1.98
CA ALA A 232 16.95 42.14 -1.61
C ALA A 232 16.11 41.47 -2.69
N SER A 233 15.06 40.74 -2.28
CA SER A 233 14.03 40.15 -3.17
C SER A 233 13.24 41.29 -3.84
N ILE A 234 13.06 41.22 -5.17
CA ILE A 234 12.18 42.13 -5.94
C ILE A 234 10.74 41.59 -5.81
N ILE A 235 9.83 42.42 -5.29
CA ILE A 235 8.38 42.10 -5.13
C ILE A 235 7.61 42.93 -6.17
N ALA A 236 6.99 42.27 -7.14
CA ALA A 236 6.19 42.89 -8.22
C ALA A 236 4.71 42.69 -7.91
N GLN A 237 3.90 42.25 -8.88
CA GLN A 237 2.45 41.99 -8.70
C GLN A 237 2.25 40.84 -7.71
N THR A 238 1.31 41.02 -6.78
CA THR A 238 0.83 39.99 -5.82
C THR A 238 -0.67 39.78 -6.07
N ARG A 239 -1.23 38.65 -5.61
CA ARG A 239 -2.67 38.32 -5.76
C ARG A 239 -3.50 39.41 -5.06
N LEU A 240 -4.64 39.77 -5.66
CA LEU A 240 -5.63 40.71 -5.05
C LEU A 240 -6.28 40.00 -3.86
N THR A 241 -6.67 40.77 -2.82
CA THR A 241 -7.10 40.23 -1.50
C THR A 241 -8.52 40.67 -1.14
N SER A 242 -9.17 41.49 -1.99
CA SER A 242 -10.44 42.19 -1.65
C SER A 242 -11.22 42.55 -2.92
N THR A 243 -12.54 42.71 -2.79
CA THR A 243 -13.47 43.15 -3.86
C THR A 243 -13.02 44.50 -4.42
N GLU A 244 -12.60 45.41 -3.53
CA GLU A 244 -12.11 46.77 -3.87
C GLU A 244 -10.99 46.68 -4.93
N GLU A 245 -10.01 45.79 -4.70
CA GLU A 245 -8.82 45.61 -5.58
C GLU A 245 -9.25 45.04 -6.94
N PHE A 246 -10.16 44.07 -6.95
CA PHE A 246 -10.74 43.45 -8.18
C PHE A 246 -11.57 44.50 -8.92
N GLY A 247 -12.28 45.36 -8.16
CA GLY A 247 -13.14 46.43 -8.67
C GLY A 247 -12.37 47.44 -9.52
N LYS A 248 -11.12 47.75 -9.15
CA LYS A 248 -10.30 48.79 -9.82
C LYS A 248 -9.32 48.14 -10.81
N ILE A 249 -9.60 46.90 -11.24
CA ILE A 249 -8.92 46.26 -12.41
C ILE A 249 -9.28 47.08 -13.66
N LEU A 250 -8.27 47.60 -14.35
CA LEU A 250 -8.44 48.46 -15.57
C LEU A 250 -8.62 47.56 -16.79
N LEU A 251 -9.84 47.54 -17.36
CA LEU A 251 -10.19 46.74 -18.56
C LEU A 251 -9.67 47.46 -19.82
N LYS A 252 -9.98 48.75 -19.95
CA LYS A 252 -9.53 49.60 -21.09
C LYS A 252 -9.50 51.07 -20.68
N VAL A 253 -8.63 51.85 -21.33
CA VAL A 253 -8.63 53.35 -21.31
C VAL A 253 -9.29 53.81 -22.61
N ASN A 254 -10.39 54.57 -22.51
CA ASN A 254 -11.16 55.10 -23.67
C ASN A 254 -10.28 56.09 -24.45
N GLN A 255 -10.76 56.53 -25.62
CA GLN A 255 -10.03 57.41 -26.56
C GLN A 255 -9.92 58.82 -25.97
N ASP A 256 -10.84 59.18 -25.05
CA ASP A 256 -10.89 60.51 -24.38
C ASP A 256 -10.13 60.48 -23.05
N GLY A 257 -9.52 59.33 -22.70
CA GLY A 257 -8.63 59.19 -21.53
C GLY A 257 -9.34 58.60 -20.31
N SER A 258 -10.67 58.50 -20.34
CA SER A 258 -11.50 57.94 -19.23
C SER A 258 -11.22 56.43 -19.10
N ARG A 259 -11.41 55.90 -17.89
CA ARG A 259 -11.07 54.49 -17.52
C ARG A 259 -12.35 53.65 -17.41
N VAL A 260 -12.29 52.41 -17.90
CA VAL A 260 -13.33 51.36 -17.70
C VAL A 260 -12.77 50.34 -16.72
N LEU A 261 -13.23 50.37 -15.46
CA LEU A 261 -12.83 49.42 -14.39
C LEU A 261 -13.77 48.20 -14.44
N LEU A 262 -13.38 47.11 -13.78
CA LEU A 262 -14.17 45.84 -13.75
C LEU A 262 -15.51 46.07 -13.04
N ARG A 263 -15.53 46.98 -12.04
CA ARG A 263 -16.75 47.30 -11.25
C ARG A 263 -17.74 48.10 -12.11
N ASP A 264 -17.28 48.69 -13.23
CA ASP A 264 -18.14 49.45 -14.19
C ASP A 264 -18.94 48.47 -15.06
N VAL A 265 -18.52 47.20 -15.17
CA VAL A 265 -19.16 46.18 -16.06
C VAL A 265 -19.56 44.93 -15.27
N ALA A 266 -19.41 44.92 -13.95
CA ALA A 266 -19.69 43.72 -13.11
C ALA A 266 -19.91 44.11 -11.63
N LYS A 267 -20.81 43.40 -10.96
CA LYS A 267 -20.96 43.40 -9.48
C LYS A 267 -19.92 42.45 -8.89
N ILE A 268 -19.12 42.94 -7.95
CA ILE A 268 -17.94 42.22 -7.37
C ILE A 268 -18.20 41.99 -5.88
N GLU A 269 -18.50 40.74 -5.52
CA GLU A 269 -18.81 40.32 -4.12
C GLU A 269 -18.04 39.04 -3.80
N LEU A 270 -17.83 38.78 -2.50
CA LEU A 270 -17.18 37.56 -1.95
C LEU A 270 -18.27 36.50 -1.75
N GLY A 271 -18.48 35.65 -2.75
CA GLY A 271 -19.55 34.63 -2.79
C GLY A 271 -18.99 33.23 -2.95
N GLY A 272 -19.86 32.21 -2.91
CA GLY A 272 -19.46 30.78 -2.94
C GLY A 272 -18.96 30.36 -4.32
N GLU A 273 -18.06 29.38 -4.36
CA GLU A 273 -17.61 28.69 -5.60
C GLU A 273 -18.84 28.19 -6.35
N ASN A 274 -19.76 27.55 -5.61
CA ASN A 274 -21.08 27.08 -6.12
C ASN A 274 -22.18 27.61 -5.18
N TYR A 275 -23.43 27.57 -5.64
CA TYR A 275 -24.65 27.98 -4.90
C TYR A 275 -25.67 26.83 -4.93
N ASP A 276 -25.17 25.60 -4.86
CA ASP A 276 -25.94 24.35 -5.09
C ASP A 276 -26.44 23.77 -3.76
N ILE A 277 -25.62 23.85 -2.71
CA ILE A 277 -25.83 23.13 -1.42
C ILE A 277 -26.12 24.16 -0.31
N ILE A 278 -27.30 24.08 0.30
CA ILE A 278 -27.78 24.97 1.41
C ILE A 278 -28.34 24.07 2.52
N ALA A 279 -27.77 24.15 3.73
CA ALA A 279 -28.09 23.27 4.87
C ALA A 279 -28.83 24.06 5.96
N GLU A 280 -29.68 23.38 6.73
CA GLU A 280 -30.40 23.93 7.92
C GLU A 280 -30.27 22.93 9.07
N PHE A 281 -30.17 23.44 10.30
CA PHE A 281 -30.16 22.66 11.57
C PHE A 281 -31.35 23.11 12.44
N ASN A 282 -32.41 22.30 12.47
CA ASN A 282 -33.67 22.59 13.21
C ASN A 282 -34.23 23.95 12.74
N GLY A 283 -34.18 24.19 11.43
CA GLY A 283 -34.75 25.40 10.79
C GLY A 283 -33.74 26.54 10.66
N GLN A 284 -32.65 26.50 11.42
CA GLN A 284 -31.65 27.60 11.51
C GLN A 284 -30.66 27.49 10.35
N PRO A 285 -30.12 28.61 9.83
CA PRO A 285 -29.03 28.56 8.84
C PRO A 285 -27.83 27.80 9.42
N ALA A 286 -27.25 26.90 8.63
CA ALA A 286 -26.14 26.01 9.04
C ALA A 286 -25.28 25.63 7.85
N SER A 287 -24.04 25.23 8.12
CA SER A 287 -23.17 24.41 7.24
C SER A 287 -22.76 23.15 8.00
N GLY A 288 -21.81 22.38 7.47
CA GLY A 288 -21.27 21.19 8.15
C GLY A 288 -20.37 20.36 7.26
N LEU A 289 -19.93 19.21 7.77
CA LEU A 289 -19.02 18.26 7.09
C LEU A 289 -19.63 16.87 7.10
N GLY A 290 -19.98 16.34 5.92
CA GLY A 290 -20.36 14.94 5.70
C GLY A 290 -19.12 14.06 5.57
N ILE A 291 -18.77 13.35 6.65
CA ILE A 291 -17.51 12.54 6.75
C ILE A 291 -17.84 11.08 6.41
N LYS A 292 -17.05 10.48 5.52
CA LYS A 292 -17.17 9.05 5.10
C LYS A 292 -15.92 8.29 5.56
N LEU A 293 -16.12 7.09 6.09
CA LEU A 293 -15.06 6.22 6.67
C LEU A 293 -14.22 5.62 5.53
N ALA A 294 -12.90 5.80 5.58
CA ALA A 294 -11.92 5.20 4.65
C ALA A 294 -12.00 3.68 4.74
N THR A 295 -11.85 2.99 3.61
CA THR A 295 -12.01 1.51 3.47
C THR A 295 -11.20 0.80 4.56
N GLY A 296 -11.89 0.06 5.44
CA GLY A 296 -11.27 -0.84 6.44
C GLY A 296 -10.88 -0.13 7.73
N ALA A 297 -10.96 1.21 7.77
CA ALA A 297 -10.60 2.03 8.95
C ALA A 297 -11.65 1.83 10.05
N ASN A 298 -11.25 1.97 11.31
CA ASN A 298 -12.11 1.80 12.51
C ASN A 298 -12.98 3.05 12.67
N ALA A 299 -14.31 2.88 12.77
CA ALA A 299 -15.30 3.97 12.84
C ALA A 299 -15.12 4.77 14.15
N LEU A 300 -14.98 4.07 15.28
CA LEU A 300 -14.90 4.68 16.63
C LEU A 300 -13.58 5.46 16.79
N ASP A 301 -12.45 4.89 16.35
CA ASP A 301 -11.11 5.52 16.41
C ASP A 301 -11.10 6.79 15.55
N THR A 302 -11.70 6.73 14.35
CA THR A 302 -11.79 7.85 13.38
C THR A 302 -12.66 8.96 13.97
N ALA A 303 -13.83 8.59 14.52
CA ALA A 303 -14.78 9.52 15.18
C ALA A 303 -14.09 10.25 16.33
N ALA A 304 -13.32 9.54 17.15
CA ALA A 304 -12.53 10.07 18.29
C ALA A 304 -11.47 11.05 17.76
N ALA A 305 -10.78 10.68 16.68
CA ALA A 305 -9.71 11.48 16.02
C ALA A 305 -10.30 12.78 15.46
N ILE A 306 -11.54 12.73 14.95
CA ILE A 306 -12.28 13.90 14.39
C ILE A 306 -12.61 14.86 15.53
N ARG A 307 -13.16 14.33 16.63
CA ARG A 307 -13.57 15.13 17.84
C ARG A 307 -12.34 15.81 18.45
N ALA A 308 -11.20 15.11 18.50
CA ALA A 308 -9.90 15.62 18.98
C ALA A 308 -9.47 16.82 18.13
N GLU A 309 -9.67 16.74 16.81
CA GLU A 309 -9.29 17.79 15.82
C GLU A 309 -10.25 18.98 15.93
N LEU A 310 -11.54 18.73 16.13
CA LEU A 310 -12.58 19.78 16.30
C LEU A 310 -12.34 20.53 17.62
N ALA A 311 -11.93 19.81 18.67
CA ALA A 311 -11.61 20.37 20.01
C ALA A 311 -10.49 21.41 19.91
N LYS A 312 -9.52 21.18 19.00
CA LYS A 312 -8.41 22.11 18.70
C LYS A 312 -8.93 23.44 18.12
N MET A 313 -10.01 23.37 17.32
CA MET A 313 -10.53 24.51 16.50
C MET A 313 -11.43 25.42 17.34
N GLU A 314 -12.23 24.85 18.24
CA GLU A 314 -13.33 25.55 18.97
C GLU A 314 -12.82 26.83 19.64
N PRO A 315 -11.68 26.82 20.38
CA PRO A 315 -11.20 28.01 21.08
C PRO A 315 -11.00 29.27 20.22
N PHE A 316 -10.82 29.10 18.90
CA PHE A 316 -10.48 30.20 17.95
C PHE A 316 -11.68 30.53 17.05
N PHE A 317 -12.87 29.98 17.36
CA PHE A 317 -14.14 30.27 16.66
C PHE A 317 -14.49 31.75 16.84
N PRO A 318 -15.15 32.39 15.84
CA PRO A 318 -15.78 33.70 16.06
C PRO A 318 -16.95 33.58 17.05
N SER A 319 -17.39 34.71 17.61
CA SER A 319 -18.51 34.79 18.58
C SER A 319 -19.75 34.11 17.98
N GLY A 320 -20.36 33.17 18.72
CA GLY A 320 -21.66 32.55 18.38
C GLY A 320 -21.52 31.23 17.65
N LEU A 321 -20.48 31.07 16.82
CA LEU A 321 -20.25 29.82 16.03
C LEU A 321 -20.14 28.63 16.99
N LYS A 322 -20.87 27.55 16.70
CA LYS A 322 -20.99 26.37 17.59
C LYS A 322 -21.05 25.08 16.74
N ILE A 323 -20.38 24.03 17.19
CA ILE A 323 -20.46 22.66 16.59
C ILE A 323 -21.68 21.95 17.19
N VAL A 324 -22.53 21.38 16.33
CA VAL A 324 -23.67 20.50 16.71
C VAL A 324 -23.45 19.13 16.07
N TYR A 325 -24.06 18.08 16.62
CA TYR A 325 -23.84 16.66 16.24
C TYR A 325 -25.17 16.06 15.78
N PRO A 326 -25.68 16.46 14.59
CA PRO A 326 -27.00 16.04 14.13
C PRO A 326 -27.12 14.61 13.58
N TYR A 327 -26.00 13.93 13.31
CA TYR A 327 -25.97 12.56 12.74
C TYR A 327 -24.62 11.90 13.05
N ASP A 328 -24.65 10.80 13.81
CA ASP A 328 -23.47 9.99 14.19
C ASP A 328 -23.90 8.53 14.31
N THR A 329 -23.20 7.62 13.62
CA THR A 329 -23.49 6.16 13.59
C THR A 329 -22.67 5.44 14.66
N THR A 330 -21.72 6.14 15.30
CA THR A 330 -20.73 5.56 16.25
C THR A 330 -21.32 5.43 17.66
N PRO A 331 -22.09 6.41 18.20
CA PRO A 331 -22.66 6.29 19.54
C PRO A 331 -23.36 4.95 19.81
N PHE A 332 -24.19 4.48 18.86
CA PHE A 332 -24.93 3.20 18.96
C PHE A 332 -23.94 2.04 19.12
N VAL A 333 -22.86 2.03 18.33
CA VAL A 333 -21.79 0.99 18.39
C VAL A 333 -21.25 0.95 19.82
N LYS A 334 -20.85 2.12 20.35
CA LYS A 334 -20.28 2.31 21.71
C LYS A 334 -21.28 1.79 22.75
N ILE A 335 -22.54 2.22 22.66
CA ILE A 335 -23.60 1.97 23.68
C ILE A 335 -24.09 0.51 23.57
N SER A 336 -24.34 0.02 22.35
CA SER A 336 -24.82 -1.37 22.08
C SER A 336 -23.81 -2.39 22.64
N ILE A 337 -22.52 -2.20 22.35
CA ILE A 337 -21.40 -3.06 22.85
C ILE A 337 -21.41 -3.03 24.39
N HIS A 338 -21.49 -1.83 24.97
CA HIS A 338 -21.45 -1.59 26.45
C HIS A 338 -22.68 -2.22 27.12
N GLU A 339 -23.80 -2.36 26.40
CA GLU A 339 -25.03 -3.02 26.91
C GLU A 339 -24.81 -4.54 27.00
N VAL A 340 -23.99 -5.11 26.10
CA VAL A 340 -23.64 -6.56 26.11
C VAL A 340 -22.63 -6.83 27.23
N VAL A 341 -21.66 -5.91 27.43
CA VAL A 341 -20.66 -5.94 28.53
C VAL A 341 -21.40 -5.95 29.87
N LYS A 342 -22.50 -5.19 29.98
CA LYS A 342 -23.33 -5.06 31.20
C LYS A 342 -24.06 -6.38 31.48
N THR A 343 -24.52 -7.08 30.44
CA THR A 343 -25.25 -8.37 30.56
C THR A 343 -24.28 -9.51 30.89
N LEU A 344 -23.00 -9.39 30.52
CA LEU A 344 -21.91 -10.31 30.97
C LEU A 344 -21.80 -10.23 32.50
N VAL A 345 -21.63 -9.00 33.02
CA VAL A 345 -21.51 -8.71 34.48
C VAL A 345 -22.77 -9.25 35.19
N GLU A 346 -23.95 -8.91 34.67
CA GLU A 346 -25.28 -9.34 35.22
C GLU A 346 -25.37 -10.87 35.22
N ALA A 347 -24.92 -11.52 34.15
CA ALA A 347 -24.95 -13.00 33.97
C ALA A 347 -24.05 -13.67 35.02
N ILE A 348 -22.86 -13.11 35.26
CA ILE A 348 -21.87 -13.61 36.26
C ILE A 348 -22.46 -13.50 37.67
N ILE A 349 -23.18 -12.40 37.95
CA ILE A 349 -23.84 -12.13 39.26
C ILE A 349 -24.96 -13.16 39.46
N LEU A 350 -25.74 -13.44 38.41
CA LEU A 350 -26.87 -14.40 38.45
C LEU A 350 -26.32 -15.83 38.56
N VAL A 351 -25.19 -16.13 37.91
CA VAL A 351 -24.44 -17.40 38.06
C VAL A 351 -24.09 -17.58 39.54
N PHE A 352 -23.47 -16.56 40.16
CA PHE A 352 -23.04 -16.54 41.58
C PHE A 352 -24.20 -16.91 42.50
N LEU A 353 -25.39 -16.35 42.27
CA LEU A 353 -26.59 -16.55 43.13
C LEU A 353 -27.07 -18.00 43.02
N VAL A 354 -27.19 -18.53 41.79
CA VAL A 354 -27.64 -19.92 41.51
C VAL A 354 -26.61 -20.89 42.11
N MET A 355 -25.33 -20.55 42.09
CA MET A 355 -24.22 -21.35 42.69
C MET A 355 -24.36 -21.37 44.22
N TYR A 356 -24.68 -20.22 44.82
CA TYR A 356 -24.85 -20.05 46.30
C TYR A 356 -26.07 -20.85 46.79
N LEU A 357 -27.06 -21.05 45.92
CA LEU A 357 -28.30 -21.83 46.24
C LEU A 357 -27.95 -23.31 46.44
N PHE A 358 -26.94 -23.82 45.72
CA PHE A 358 -26.57 -25.26 45.68
C PHE A 358 -25.36 -25.54 46.57
N LEU A 359 -24.32 -24.70 46.52
CA LEU A 359 -23.06 -24.87 47.29
C LEU A 359 -23.24 -24.37 48.73
N GLN A 360 -24.00 -23.27 48.91
CA GLN A 360 -24.53 -22.79 50.22
C GLN A 360 -23.40 -22.32 51.15
N ASN A 361 -22.21 -22.02 50.60
CA ASN A 361 -21.09 -21.37 51.33
C ASN A 361 -20.36 -20.44 50.35
N PHE A 362 -19.90 -19.29 50.85
CA PHE A 362 -19.39 -18.14 50.03
C PHE A 362 -18.14 -18.54 49.25
N ARG A 363 -17.16 -19.16 49.92
CA ARG A 363 -15.85 -19.57 49.33
C ARG A 363 -16.09 -20.52 48.15
N ALA A 364 -16.89 -21.57 48.34
CA ALA A 364 -17.21 -22.59 47.31
C ALA A 364 -17.87 -21.93 46.10
N THR A 365 -18.74 -20.96 46.33
CA THR A 365 -19.52 -20.22 45.29
C THR A 365 -18.58 -19.43 44.39
N LEU A 366 -17.43 -18.98 44.90
CA LEU A 366 -16.47 -18.12 44.16
C LEU A 366 -15.69 -18.95 43.12
N ILE A 367 -15.58 -20.27 43.30
CA ILE A 367 -14.73 -21.16 42.44
C ILE A 367 -15.27 -21.12 41.00
N PRO A 368 -16.58 -21.39 40.76
CA PRO A 368 -17.15 -21.23 39.42
C PRO A 368 -17.23 -19.77 38.96
N THR A 369 -17.42 -18.85 39.90
CA THR A 369 -17.61 -17.39 39.66
C THR A 369 -16.28 -16.75 39.23
N ILE A 370 -15.15 -17.28 39.70
CA ILE A 370 -13.77 -16.80 39.36
C ILE A 370 -13.38 -17.36 37.97
N ALA A 371 -13.71 -18.63 37.72
CA ALA A 371 -13.33 -19.38 36.50
C ALA A 371 -13.82 -18.65 35.23
N VAL A 372 -15.06 -18.13 35.25
CA VAL A 372 -15.74 -17.51 34.07
C VAL A 372 -14.95 -16.28 33.61
N PRO A 373 -14.80 -15.21 34.42
CA PRO A 373 -14.09 -14.01 34.00
C PRO A 373 -12.61 -14.27 33.61
N VAL A 374 -11.95 -15.23 34.28
CA VAL A 374 -10.55 -15.65 33.98
C VAL A 374 -10.48 -16.13 32.52
N VAL A 375 -11.40 -17.02 32.13
CA VAL A 375 -11.48 -17.62 30.76
C VAL A 375 -11.88 -16.53 29.76
N LEU A 376 -12.94 -15.78 30.06
CA LEU A 376 -13.49 -14.71 29.18
C LEU A 376 -12.40 -13.67 28.89
N LEU A 377 -11.75 -13.14 29.93
CA LEU A 377 -10.62 -12.18 29.79
C LEU A 377 -9.52 -12.82 28.93
N GLY A 378 -9.19 -14.08 29.22
CA GLY A 378 -8.23 -14.89 28.43
C GLY A 378 -8.61 -14.94 26.96
N THR A 379 -9.90 -15.09 26.67
CA THR A 379 -10.47 -15.20 25.30
C THR A 379 -10.18 -13.92 24.51
N PHE A 380 -10.27 -12.74 25.16
CA PHE A 380 -9.97 -11.42 24.56
C PHE A 380 -8.52 -11.38 24.07
N ALA A 381 -7.59 -11.97 24.83
CA ALA A 381 -6.15 -12.04 24.51
C ALA A 381 -5.92 -12.95 23.30
N VAL A 382 -6.74 -14.00 23.13
CA VAL A 382 -6.67 -14.96 21.99
C VAL A 382 -7.20 -14.26 20.72
N LEU A 383 -8.28 -13.49 20.85
CA LEU A 383 -8.86 -12.67 19.75
C LEU A 383 -7.81 -11.66 19.27
N ALA A 384 -7.07 -11.06 20.21
CA ALA A 384 -6.00 -10.07 19.95
C ALA A 384 -4.86 -10.73 19.14
N ALA A 385 -4.48 -11.95 19.52
CA ALA A 385 -3.40 -12.74 18.89
C ALA A 385 -3.77 -13.08 17.43
N PHE A 386 -5.07 -13.26 17.16
CA PHE A 386 -5.60 -13.76 15.86
C PHE A 386 -6.14 -12.61 15.01
N GLY A 387 -5.98 -11.36 15.47
CA GLY A 387 -6.31 -10.13 14.73
C GLY A 387 -7.81 -9.89 14.63
N PHE A 388 -8.60 -10.50 15.51
CA PHE A 388 -10.07 -10.28 15.63
C PHE A 388 -10.31 -9.00 16.45
N SER A 389 -11.51 -8.43 16.35
CA SER A 389 -11.92 -7.17 17.03
C SER A 389 -13.01 -7.48 18.07
N ILE A 390 -13.19 -6.58 19.04
CA ILE A 390 -14.36 -6.55 19.96
C ILE A 390 -15.56 -6.03 19.15
N ASN A 391 -16.51 -6.90 18.80
CA ASN A 391 -17.71 -6.55 18.01
C ASN A 391 -18.94 -7.27 18.59
N THR A 392 -20.12 -6.92 18.09
CA THR A 392 -21.44 -7.46 18.53
C THR A 392 -21.38 -8.99 18.59
N LEU A 393 -20.79 -9.62 17.58
CA LEU A 393 -20.80 -11.09 17.37
C LEU A 393 -19.80 -11.75 18.34
N THR A 394 -18.58 -11.20 18.44
CA THR A 394 -17.52 -11.67 19.37
C THR A 394 -17.99 -11.46 20.82
N MET A 395 -18.68 -10.34 21.09
CA MET A 395 -19.22 -10.01 22.43
C MET A 395 -20.34 -10.99 22.82
N PHE A 396 -21.23 -11.34 21.88
CA PHE A 396 -22.32 -12.32 22.10
C PHE A 396 -21.73 -13.73 22.17
N GLY A 397 -20.59 -13.95 21.52
CA GLY A 397 -19.78 -15.18 21.68
C GLY A 397 -19.37 -15.38 23.13
N MET A 398 -18.97 -14.30 23.81
CA MET A 398 -18.57 -14.29 25.24
C MET A 398 -19.79 -14.65 26.11
N VAL A 399 -20.96 -14.09 25.80
CA VAL A 399 -22.22 -14.27 26.58
C VAL A 399 -22.66 -15.74 26.47
N LEU A 400 -22.69 -16.29 25.25
CA LEU A 400 -23.07 -17.70 24.98
C LEU A 400 -22.03 -18.65 25.59
N ALA A 401 -20.75 -18.26 25.59
CA ALA A 401 -19.61 -19.04 26.12
C ALA A 401 -19.84 -19.33 27.61
N ILE A 402 -20.32 -18.34 28.37
CA ILE A 402 -20.52 -18.41 29.86
C ILE A 402 -21.14 -19.77 30.23
N GLY A 403 -22.17 -20.21 29.50
CA GLY A 403 -22.86 -21.49 29.70
C GLY A 403 -21.88 -22.66 29.69
N LEU A 404 -20.96 -22.68 28.73
CA LEU A 404 -19.95 -23.75 28.54
C LEU A 404 -18.85 -23.63 29.61
N LEU A 405 -18.55 -22.40 30.06
CA LEU A 405 -17.47 -22.10 31.04
C LEU A 405 -17.89 -22.55 32.45
N VAL A 406 -19.08 -22.11 32.91
CA VAL A 406 -19.62 -22.46 34.26
C VAL A 406 -19.78 -23.98 34.35
N ASP A 407 -20.22 -24.64 33.28
CA ASP A 407 -20.44 -26.11 33.22
C ASP A 407 -19.11 -26.83 33.51
N ASP A 408 -18.04 -26.43 32.83
CA ASP A 408 -16.66 -26.96 33.05
C ASP A 408 -16.31 -26.82 34.54
N ALA A 409 -16.52 -25.63 35.11
CA ALA A 409 -16.23 -25.30 36.52
C ALA A 409 -17.15 -26.08 37.46
N ILE A 410 -18.46 -26.09 37.16
CA ILE A 410 -19.52 -26.76 37.99
C ILE A 410 -19.28 -28.28 37.99
N VAL A 411 -19.01 -28.87 36.82
CA VAL A 411 -18.70 -30.33 36.67
C VAL A 411 -17.57 -30.69 37.64
N VAL A 412 -16.50 -29.88 37.69
CA VAL A 412 -15.30 -30.11 38.54
C VAL A 412 -15.68 -29.92 40.02
N VAL A 413 -16.29 -28.79 40.36
CA VAL A 413 -16.62 -28.38 41.77
C VAL A 413 -17.64 -29.37 42.35
N GLU A 414 -18.75 -29.61 41.64
CA GLU A 414 -19.87 -30.48 42.09
C GLU A 414 -19.35 -31.90 42.36
N ASN A 415 -18.51 -32.43 41.46
CA ASN A 415 -18.01 -33.83 41.49
C ASN A 415 -17.14 -34.03 42.74
N VAL A 416 -16.36 -33.01 43.12
CA VAL A 416 -15.52 -33.00 44.36
C VAL A 416 -16.47 -33.05 45.58
N GLU A 417 -17.52 -32.24 45.57
CA GLU A 417 -18.55 -32.16 46.65
C GLU A 417 -19.25 -33.52 46.80
N ARG A 418 -19.53 -34.18 45.68
CA ARG A 418 -20.21 -35.51 45.62
C ARG A 418 -19.29 -36.58 46.20
N VAL A 419 -18.01 -36.57 45.82
CA VAL A 419 -16.96 -37.51 46.33
C VAL A 419 -16.79 -37.30 47.84
N MET A 420 -16.66 -36.05 48.27
CA MET A 420 -16.51 -35.66 49.71
C MET A 420 -17.72 -36.15 50.52
N ALA A 421 -18.92 -36.14 49.91
CA ALA A 421 -20.20 -36.50 50.57
C ALA A 421 -20.37 -38.03 50.61
N GLU A 422 -19.89 -38.75 49.59
CA GLU A 422 -20.08 -40.22 49.44
C GLU A 422 -19.06 -40.98 50.30
N GLU A 423 -17.85 -40.43 50.48
CA GLU A 423 -16.70 -41.14 51.11
C GLU A 423 -16.23 -40.42 52.39
N GLY A 424 -16.26 -39.09 52.42
CA GLY A 424 -15.82 -38.28 53.58
C GLY A 424 -14.34 -37.93 53.50
N LEU A 425 -13.78 -37.89 52.29
CA LEU A 425 -12.37 -37.49 52.02
C LEU A 425 -12.23 -35.98 52.25
N PRO A 426 -11.07 -35.49 52.72
CA PRO A 426 -10.83 -34.05 52.82
C PRO A 426 -10.79 -33.40 51.43
N PRO A 427 -11.05 -32.08 51.33
CA PRO A 427 -11.05 -31.38 50.04
C PRO A 427 -9.90 -31.73 49.09
N LYS A 428 -8.66 -31.81 49.62
CA LYS A 428 -7.42 -32.01 48.83
C LYS A 428 -7.40 -33.43 48.24
N GLU A 429 -7.85 -34.44 48.99
CA GLU A 429 -7.88 -35.86 48.55
C GLU A 429 -9.02 -36.07 47.54
N ALA A 430 -10.22 -35.59 47.87
CA ALA A 430 -11.44 -35.69 47.03
C ALA A 430 -11.19 -35.01 45.67
N THR A 431 -10.49 -33.86 45.68
CA THR A 431 -10.11 -33.08 44.47
C THR A 431 -9.23 -33.96 43.57
N ARG A 432 -8.10 -34.45 44.09
CA ARG A 432 -7.15 -35.36 43.37
C ARG A 432 -7.95 -36.52 42.75
N LYS A 433 -8.85 -37.13 43.53
CA LYS A 433 -9.68 -38.29 43.11
C LYS A 433 -10.65 -37.88 42.01
N SER A 434 -11.39 -36.78 42.23
CA SER A 434 -12.43 -36.23 41.32
C SER A 434 -11.81 -35.88 39.97
N MET A 435 -10.68 -35.17 39.97
CA MET A 435 -9.94 -34.77 38.74
C MET A 435 -9.53 -36.02 37.97
N GLY A 436 -9.05 -37.05 38.68
CA GLY A 436 -8.59 -38.33 38.11
C GLY A 436 -9.63 -38.99 37.21
N GLN A 437 -10.92 -38.80 37.49
CA GLN A 437 -12.03 -39.57 36.86
C GLN A 437 -12.85 -38.72 35.87
N ILE A 438 -12.58 -37.41 35.75
CA ILE A 438 -13.33 -36.51 34.81
C ILE A 438 -12.38 -35.67 33.94
N GLN A 439 -11.10 -35.50 34.32
CA GLN A 439 -10.14 -34.64 33.58
C GLN A 439 -10.00 -35.13 32.13
N GLY A 440 -10.04 -36.45 31.92
CA GLY A 440 -9.99 -37.09 30.59
C GLY A 440 -11.18 -36.69 29.74
N ALA A 441 -12.39 -36.76 30.32
CA ALA A 441 -13.68 -36.44 29.65
C ALA A 441 -13.73 -34.95 29.28
N LEU A 442 -13.30 -34.06 30.18
CA LEU A 442 -13.29 -32.58 29.96
C LEU A 442 -12.53 -32.25 28.68
N VAL A 443 -11.33 -32.82 28.52
CA VAL A 443 -10.46 -32.63 27.32
C VAL A 443 -11.16 -33.22 26.09
N GLY A 444 -11.71 -34.43 26.23
CA GLY A 444 -12.44 -35.16 25.17
C GLY A 444 -13.68 -34.41 24.71
N ILE A 445 -14.46 -33.87 25.65
CA ILE A 445 -15.72 -33.12 25.38
C ILE A 445 -15.41 -31.89 24.54
N ALA A 446 -14.36 -31.15 24.89
CA ALA A 446 -13.92 -29.89 24.22
C ALA A 446 -13.61 -30.16 22.74
N MET A 447 -13.06 -31.34 22.42
CA MET A 447 -12.73 -31.76 21.03
C MET A 447 -14.01 -32.17 20.29
N VAL A 448 -14.98 -32.77 20.99
CA VAL A 448 -16.33 -33.12 20.44
C VAL A 448 -17.09 -31.82 20.16
N LEU A 449 -17.04 -30.86 21.10
CA LEU A 449 -17.77 -29.57 21.03
C LEU A 449 -17.12 -28.66 19.96
N SER A 450 -15.79 -28.72 19.81
CA SER A 450 -15.05 -27.96 18.76
C SER A 450 -15.55 -28.36 17.38
N ALA A 451 -15.91 -29.64 17.19
CA ALA A 451 -16.46 -30.21 15.93
C ALA A 451 -17.85 -29.64 15.64
N VAL A 452 -18.50 -29.01 16.62
CA VAL A 452 -19.84 -28.36 16.49
C VAL A 452 -19.67 -26.92 15.97
N PHE A 453 -18.68 -26.19 16.52
CA PHE A 453 -18.50 -24.72 16.32
C PHE A 453 -17.51 -24.41 15.19
N VAL A 454 -16.47 -25.24 15.02
CA VAL A 454 -15.39 -25.01 14.00
C VAL A 454 -16.00 -24.99 12.60
N PRO A 455 -16.81 -25.99 12.19
CA PRO A 455 -17.36 -26.05 10.84
C PRO A 455 -17.91 -24.74 10.26
N MET A 456 -18.63 -23.94 11.06
CA MET A 456 -19.31 -22.71 10.59
C MET A 456 -18.29 -21.56 10.43
N ALA A 457 -17.02 -21.79 10.78
CA ALA A 457 -15.89 -20.87 10.48
C ALA A 457 -15.43 -21.06 9.04
N PHE A 458 -16.03 -22.00 8.29
CA PHE A 458 -15.69 -22.32 6.88
C PHE A 458 -16.83 -21.93 5.94
N PHE A 459 -17.79 -21.12 6.42
CA PHE A 459 -18.78 -20.41 5.55
C PHE A 459 -18.01 -19.40 4.69
N GLY A 460 -18.44 -19.22 3.44
CA GLY A 460 -17.72 -18.41 2.43
C GLY A 460 -18.34 -17.03 2.25
N GLY A 461 -17.54 -16.08 1.77
CA GLY A 461 -17.99 -14.74 1.33
C GLY A 461 -18.45 -13.86 2.49
N SER A 462 -19.55 -13.13 2.29
CA SER A 462 -20.11 -12.11 3.22
C SER A 462 -20.46 -12.78 4.56
N THR A 463 -21.31 -13.81 4.53
CA THR A 463 -21.83 -14.54 5.71
C THR A 463 -20.67 -15.17 6.50
N GLY A 464 -19.62 -15.62 5.79
CA GLY A 464 -18.45 -16.31 6.35
C GLY A 464 -17.88 -15.63 7.58
N ALA A 465 -17.46 -14.36 7.44
CA ALA A 465 -16.78 -13.57 8.49
C ALA A 465 -17.67 -13.44 9.74
N ILE A 466 -18.98 -13.31 9.54
CA ILE A 466 -20.00 -13.16 10.63
C ILE A 466 -19.94 -14.40 11.54
N TYR A 467 -20.08 -15.59 10.95
CA TYR A 467 -20.12 -16.90 11.66
C TYR A 467 -18.74 -17.22 12.25
N ARG A 468 -17.66 -16.76 11.59
CA ARG A 468 -16.25 -17.02 11.98
C ARG A 468 -15.94 -16.28 13.29
N GLN A 469 -16.58 -15.14 13.54
CA GLN A 469 -16.44 -14.35 14.80
C GLN A 469 -16.86 -15.23 15.99
N PHE A 470 -18.00 -15.91 15.89
CA PHE A 470 -18.58 -16.79 16.94
C PHE A 470 -17.69 -18.03 17.13
N SER A 471 -17.42 -18.75 16.04
CA SER A 471 -16.63 -20.01 16.02
C SER A 471 -15.36 -19.86 16.87
N ILE A 472 -14.51 -18.89 16.49
CA ILE A 472 -13.15 -18.71 17.07
C ILE A 472 -13.28 -18.22 18.52
N THR A 473 -14.21 -17.31 18.80
CA THR A 473 -14.49 -16.77 20.17
C THR A 473 -14.90 -17.91 21.10
N ILE A 474 -15.87 -18.74 20.67
CA ILE A 474 -16.47 -19.84 21.49
C ILE A 474 -15.44 -20.97 21.65
N VAL A 475 -14.78 -21.36 20.56
CA VAL A 475 -13.78 -22.48 20.55
C VAL A 475 -12.56 -22.09 21.41
N SER A 476 -12.09 -20.84 21.30
CA SER A 476 -10.97 -20.29 22.10
C SER A 476 -11.33 -20.33 23.59
N ALA A 477 -12.55 -19.92 23.94
CA ALA A 477 -13.08 -19.89 25.32
C ALA A 477 -13.11 -21.32 25.89
N MET A 478 -13.62 -22.27 25.12
CA MET A 478 -13.72 -23.71 25.50
C MET A 478 -12.32 -24.27 25.78
N ALA A 479 -11.33 -23.96 24.93
CA ALA A 479 -9.92 -24.41 25.05
C ALA A 479 -9.33 -23.89 26.36
N LEU A 480 -9.46 -22.58 26.61
CA LEU A 480 -9.02 -21.92 27.88
C LEU A 480 -9.77 -22.52 29.07
N SER A 481 -11.08 -22.75 28.93
CA SER A 481 -11.99 -23.31 29.97
C SER A 481 -11.44 -24.63 30.51
N VAL A 482 -11.06 -25.54 29.60
CA VAL A 482 -10.47 -26.87 29.93
C VAL A 482 -9.13 -26.66 30.64
N LEU A 483 -8.30 -25.74 30.13
CA LEU A 483 -6.96 -25.43 30.70
C LEU A 483 -7.11 -24.81 32.09
N VAL A 484 -8.15 -23.98 32.29
CA VAL A 484 -8.52 -23.36 33.59
C VAL A 484 -9.08 -24.44 34.52
N ALA A 485 -9.83 -25.41 33.97
CA ALA A 485 -10.45 -26.54 34.71
C ALA A 485 -9.38 -27.53 35.19
N LEU A 486 -8.18 -27.48 34.62
CA LEU A 486 -7.06 -28.43 34.92
C LEU A 486 -6.00 -27.76 35.81
N ILE A 487 -6.00 -26.42 35.94
CA ILE A 487 -4.97 -25.64 36.68
C ILE A 487 -5.61 -25.00 37.92
N LEU A 488 -6.47 -24.00 37.70
CA LEU A 488 -7.01 -23.11 38.77
C LEU A 488 -8.11 -23.83 39.56
N THR A 489 -9.17 -24.28 38.87
CA THR A 489 -10.39 -24.88 39.48
C THR A 489 -10.01 -25.99 40.46
N PRO A 490 -9.08 -26.91 40.11
CA PRO A 490 -8.63 -27.93 41.05
C PRO A 490 -7.92 -27.33 42.29
N ALA A 491 -7.03 -26.37 42.06
CA ALA A 491 -6.25 -25.66 43.11
C ALA A 491 -7.20 -24.97 44.08
N LEU A 492 -8.24 -24.30 43.56
CA LEU A 492 -9.26 -23.58 44.36
C LEU A 492 -10.11 -24.59 45.15
N CYS A 493 -10.49 -25.71 44.52
CA CYS A 493 -11.29 -26.80 45.12
C CYS A 493 -10.56 -27.41 46.32
N ALA A 494 -9.22 -27.51 46.25
CA ALA A 494 -8.37 -28.14 47.28
C ALA A 494 -8.16 -27.20 48.47
N THR A 495 -8.30 -25.88 48.26
CA THR A 495 -7.93 -24.82 49.24
C THR A 495 -9.18 -24.12 49.79
N MET A 496 -10.23 -23.93 48.98
CA MET A 496 -11.38 -23.05 49.33
C MET A 496 -12.62 -23.87 49.73
N LEU A 497 -12.76 -25.13 49.26
CA LEU A 497 -13.94 -25.99 49.61
C LEU A 497 -13.86 -26.40 51.08
N LYS A 498 -15.01 -26.44 51.75
CA LYS A 498 -15.15 -26.80 53.19
C LYS A 498 -15.30 -28.32 53.29
N PRO A 499 -14.56 -29.00 54.21
CA PRO A 499 -14.70 -30.44 54.40
C PRO A 499 -16.15 -30.88 54.66
N ILE A 500 -16.65 -31.84 53.88
CA ILE A 500 -18.02 -32.45 54.02
C ILE A 500 -17.86 -33.87 54.59
N ALA A 501 -18.59 -34.18 55.65
CA ALA A 501 -18.61 -35.50 56.32
C ALA A 501 -19.37 -36.50 55.44
N LYS A 502 -19.06 -37.80 55.57
CA LYS A 502 -19.68 -38.90 54.78
C LYS A 502 -21.18 -38.97 55.08
N GLY A 503 -22.02 -38.89 54.04
CA GLY A 503 -23.49 -39.03 54.12
C GLY A 503 -24.20 -37.70 54.34
N ASP A 504 -23.44 -36.61 54.54
CA ASP A 504 -23.99 -35.25 54.80
C ASP A 504 -24.34 -34.57 53.48
N HIS A 505 -25.64 -34.42 53.20
CA HIS A 505 -26.18 -33.70 52.01
C HIS A 505 -26.84 -32.38 52.44
N GLY A 506 -26.43 -31.84 53.59
CA GLY A 506 -26.91 -30.56 54.13
C GLY A 506 -28.37 -30.59 54.57
N GLU A 507 -28.90 -31.80 54.83
CA GLU A 507 -30.31 -32.00 55.27
C GLU A 507 -30.45 -31.56 56.74
N GLY A 508 -29.34 -31.55 57.49
CA GLY A 508 -29.29 -31.18 58.92
C GLY A 508 -29.22 -29.68 59.14
N LYS A 509 -28.96 -28.90 58.10
CA LYS A 509 -29.00 -27.40 58.13
C LYS A 509 -30.38 -26.95 58.61
N LYS A 510 -30.44 -25.79 59.29
CA LYS A 510 -31.71 -25.10 59.66
C LYS A 510 -31.81 -23.81 58.83
N GLY A 511 -33.03 -23.42 58.46
CA GLY A 511 -33.31 -22.26 57.57
C GLY A 511 -33.74 -22.71 56.20
N PHE A 512 -33.52 -21.87 55.19
CA PHE A 512 -33.92 -22.10 53.77
C PHE A 512 -33.11 -23.27 53.18
N PHE A 513 -31.79 -23.29 53.41
CA PHE A 513 -30.86 -24.33 52.91
C PHE A 513 -31.26 -25.70 53.47
N GLY A 514 -31.62 -25.75 54.75
CA GLY A 514 -32.14 -26.96 55.42
C GLY A 514 -33.30 -27.57 54.66
N TRP A 515 -34.30 -26.75 54.31
CA TRP A 515 -35.53 -27.16 53.59
C TRP A 515 -35.19 -27.52 52.14
N PHE A 516 -34.40 -26.70 51.46
CA PHE A 516 -34.01 -26.87 50.03
C PHE A 516 -33.24 -28.18 49.85
N ASN A 517 -32.30 -28.46 50.75
CA ASN A 517 -31.44 -29.68 50.72
C ASN A 517 -32.32 -30.93 50.86
N ARG A 518 -33.32 -30.89 51.74
CA ARG A 518 -34.28 -32.00 51.97
C ARG A 518 -35.24 -32.12 50.78
N MET A 519 -35.63 -30.98 50.17
CA MET A 519 -36.51 -30.92 48.98
C MET A 519 -35.79 -31.58 47.79
N PHE A 520 -34.52 -31.23 47.56
CA PHE A 520 -33.71 -31.71 46.41
C PHE A 520 -33.43 -33.22 46.57
N GLU A 521 -33.07 -33.66 47.78
CA GLU A 521 -32.75 -35.07 48.10
C GLU A 521 -33.98 -35.95 47.84
N LYS A 522 -35.17 -35.48 48.21
CA LYS A 522 -36.48 -36.15 47.94
C LYS A 522 -36.77 -36.11 46.44
N SER A 523 -36.56 -34.95 45.80
CA SER A 523 -36.78 -34.71 44.35
C SER A 523 -35.89 -35.62 43.52
N THR A 524 -34.67 -35.90 43.99
CA THR A 524 -33.68 -36.80 43.34
C THR A 524 -34.20 -38.25 43.37
N HIS A 525 -34.84 -38.65 44.47
CA HIS A 525 -35.46 -39.99 44.64
C HIS A 525 -36.69 -40.11 43.72
N HIS A 526 -37.55 -39.07 43.70
CA HIS A 526 -38.73 -38.96 42.79
C HIS A 526 -38.28 -39.11 41.34
N TYR A 527 -37.15 -38.48 40.99
CA TYR A 527 -36.55 -38.48 39.63
C TYR A 527 -36.14 -39.91 39.24
N THR A 528 -35.27 -40.54 40.03
CA THR A 528 -34.70 -41.89 39.76
C THR A 528 -35.83 -42.94 39.73
N ASP A 529 -36.82 -42.81 40.61
CA ASP A 529 -38.03 -43.67 40.65
C ASP A 529 -38.82 -43.48 39.35
N SER A 530 -38.90 -42.25 38.84
CA SER A 530 -39.59 -41.89 37.57
C SER A 530 -38.83 -42.50 36.38
N VAL A 531 -37.51 -42.32 36.33
CA VAL A 531 -36.63 -42.85 35.24
C VAL A 531 -36.69 -44.38 35.28
N GLY A 532 -36.54 -44.98 36.46
CA GLY A 532 -36.67 -46.43 36.70
C GLY A 532 -37.93 -47.00 36.07
N GLY A 533 -39.03 -46.26 36.15
CA GLY A 533 -40.34 -46.63 35.55
C GLY A 533 -40.35 -46.41 34.05
N ILE A 534 -39.70 -45.35 33.56
CA ILE A 534 -39.57 -45.02 32.11
C ILE A 534 -38.80 -46.15 31.40
N LEU A 535 -37.75 -46.67 32.03
CA LEU A 535 -36.82 -47.68 31.45
C LEU A 535 -37.55 -49.02 31.24
N ARG A 536 -38.63 -49.27 31.99
CA ARG A 536 -39.49 -50.47 31.84
C ARG A 536 -40.39 -50.33 30.61
N SER A 537 -40.89 -49.11 30.36
CA SER A 537 -41.79 -48.79 29.21
C SER A 537 -40.97 -48.70 27.92
N THR A 538 -40.06 -47.72 27.83
CA THR A 538 -39.04 -47.56 26.76
C THR A 538 -39.72 -47.25 25.40
N GLY A 539 -40.42 -48.23 24.84
CA GLY A 539 -41.05 -48.17 23.51
C GLY A 539 -41.93 -46.94 23.34
N ARG A 540 -42.71 -46.59 24.36
CA ARG A 540 -43.71 -45.47 24.33
C ARG A 540 -42.99 -44.11 24.36
N TYR A 541 -41.68 -44.10 24.66
CA TYR A 541 -40.84 -42.87 24.68
C TYR A 541 -40.07 -42.73 23.36
N LEU A 542 -39.73 -43.85 22.71
CA LEU A 542 -39.17 -43.86 21.32
C LEU A 542 -40.20 -43.22 20.37
N VAL A 543 -41.48 -43.58 20.52
CA VAL A 543 -42.61 -43.07 19.68
C VAL A 543 -42.85 -41.60 20.04
N LEU A 544 -42.79 -41.26 21.32
CA LEU A 544 -42.93 -39.87 21.84
C LEU A 544 -41.77 -39.00 21.33
N TYR A 545 -40.57 -39.59 21.18
CA TYR A 545 -39.34 -38.91 20.68
C TYR A 545 -39.52 -38.58 19.20
N LEU A 546 -40.10 -39.50 18.41
CA LEU A 546 -40.37 -39.31 16.97
C LEU A 546 -41.39 -38.16 16.79
N ILE A 547 -42.30 -37.99 17.74
CA ILE A 547 -43.31 -36.90 17.77
C ILE A 547 -42.58 -35.55 17.99
N ILE A 548 -41.59 -35.52 18.89
CA ILE A 548 -40.76 -34.31 19.19
C ILE A 548 -39.92 -33.96 17.96
N VAL A 549 -39.40 -34.96 17.23
CA VAL A 549 -38.54 -34.79 16.03
C VAL A 549 -39.39 -34.25 14.86
N VAL A 550 -40.60 -34.79 14.68
CA VAL A 550 -41.54 -34.35 13.61
C VAL A 550 -42.09 -32.97 13.97
N GLY A 551 -42.40 -32.74 15.26
CA GLY A 551 -42.77 -31.42 15.80
C GLY A 551 -41.70 -30.39 15.52
N MET A 552 -40.43 -30.76 15.70
CA MET A 552 -39.24 -29.91 15.40
C MET A 552 -39.21 -29.58 13.90
N ALA A 553 -39.27 -30.61 13.05
CA ALA A 553 -39.19 -30.51 11.57
C ALA A 553 -40.24 -29.52 11.05
N TYR A 554 -41.49 -29.64 11.53
CA TYR A 554 -42.64 -28.78 11.13
C TYR A 554 -42.35 -27.32 11.50
N LEU A 555 -41.87 -27.07 12.73
CA LEU A 555 -41.60 -25.71 13.27
C LEU A 555 -40.43 -25.07 12.50
N PHE A 556 -39.45 -25.87 12.05
CA PHE A 556 -38.22 -25.41 11.38
C PHE A 556 -38.57 -24.77 10.02
N VAL A 557 -39.44 -25.44 9.24
CA VAL A 557 -39.82 -25.01 7.86
C VAL A 557 -40.88 -23.91 7.92
N ARG A 558 -41.67 -23.85 9.01
CA ARG A 558 -42.71 -22.80 9.23
C ARG A 558 -42.03 -21.47 9.62
N LEU A 559 -41.00 -21.53 10.47
CA LEU A 559 -40.28 -20.35 11.01
C LEU A 559 -39.58 -19.61 9.87
N PRO A 560 -39.95 -18.34 9.59
CA PRO A 560 -39.25 -17.55 8.57
C PRO A 560 -37.78 -17.36 8.93
N SER A 561 -36.88 -17.45 7.93
CA SER A 561 -35.41 -17.28 8.10
C SER A 561 -35.00 -15.88 7.64
N SER A 562 -34.21 -15.18 8.47
CA SER A 562 -33.57 -13.87 8.15
C SER A 562 -32.06 -14.01 8.35
N PHE A 563 -31.32 -12.90 8.46
CA PHE A 563 -29.84 -12.88 8.64
C PHE A 563 -29.47 -12.15 9.93
N LEU A 564 -29.47 -10.81 9.91
CA LEU A 564 -29.18 -9.94 11.08
C LEU A 564 -30.31 -8.95 11.26
N PRO A 565 -30.95 -8.86 12.46
CA PRO A 565 -32.05 -7.93 12.69
C PRO A 565 -31.70 -6.46 12.39
N ASP A 566 -32.68 -5.69 11.91
CA ASP A 566 -32.60 -4.21 11.80
C ASP A 566 -32.66 -3.63 13.21
N GLU A 567 -31.58 -2.96 13.64
CA GLU A 567 -31.47 -2.29 14.95
C GLU A 567 -31.88 -0.82 14.82
N ASP A 568 -32.63 -0.31 15.80
CA ASP A 568 -32.80 1.14 16.03
C ASP A 568 -31.45 1.69 16.50
N GLN A 569 -30.83 2.58 15.70
CA GLN A 569 -29.47 3.11 15.95
C GLN A 569 -29.56 4.60 16.33
N GLY A 570 -30.76 5.08 16.68
CA GLY A 570 -31.00 6.46 17.16
C GLY A 570 -30.86 7.49 16.06
N VAL A 571 -30.74 7.05 14.79
CA VAL A 571 -30.58 7.94 13.60
C VAL A 571 -31.26 7.27 12.39
N PHE A 572 -31.69 8.09 11.44
CA PHE A 572 -32.21 7.68 10.10
C PHE A 572 -32.13 8.87 9.15
N MET A 573 -32.46 8.66 7.88
CA MET A 573 -32.41 9.70 6.81
C MET A 573 -33.74 9.74 6.07
N THR A 574 -34.04 10.88 5.44
CA THR A 574 -35.23 11.11 4.57
C THR A 574 -34.75 11.67 3.23
N MET A 575 -35.07 10.99 2.13
CA MET A 575 -34.71 11.39 0.75
C MET A 575 -35.83 12.27 0.18
N VAL A 576 -35.47 13.41 -0.42
CA VAL A 576 -36.37 14.31 -1.19
C VAL A 576 -35.91 14.30 -2.64
N GLN A 577 -36.67 13.63 -3.52
CA GLN A 577 -36.39 13.55 -4.98
C GLN A 577 -37.54 14.20 -5.76
N LEU A 578 -37.34 15.43 -6.23
CA LEU A 578 -38.24 16.11 -7.20
C LEU A 578 -37.84 15.66 -8.61
N PRO A 579 -38.73 15.77 -9.61
CA PRO A 579 -38.38 15.44 -10.99
C PRO A 579 -37.36 16.46 -11.53
N ALA A 580 -36.37 15.99 -12.29
CA ALA A 580 -35.33 16.83 -12.93
C ALA A 580 -36.00 18.01 -13.64
N GLY A 581 -35.43 19.22 -13.50
CA GLY A 581 -36.01 20.48 -13.98
C GLY A 581 -36.64 21.28 -12.85
N ALA A 582 -36.95 20.64 -11.72
CA ALA A 582 -37.48 21.27 -10.49
C ALA A 582 -36.39 22.18 -9.91
N THR A 583 -36.80 23.36 -9.41
CA THR A 583 -35.88 24.44 -8.95
C THR A 583 -35.47 24.20 -7.49
N GLN A 584 -34.39 24.87 -7.07
CA GLN A 584 -33.84 24.85 -5.69
C GLN A 584 -34.92 25.33 -4.70
N GLU A 585 -35.75 26.29 -5.11
CA GLU A 585 -36.84 26.89 -4.31
C GLU A 585 -37.93 25.85 -4.05
N ARG A 586 -38.27 25.05 -5.06
CA ARG A 586 -39.29 23.96 -4.97
C ARG A 586 -38.81 22.88 -3.99
N THR A 587 -37.51 22.55 -4.01
CA THR A 587 -36.89 21.49 -3.15
C THR A 587 -36.84 21.96 -1.70
N GLN A 588 -36.57 23.25 -1.46
CA GLN A 588 -36.55 23.87 -0.11
C GLN A 588 -37.98 23.82 0.47
N LYS A 589 -38.98 24.10 -0.38
CA LYS A 589 -40.42 24.06 -0.03
C LYS A 589 -40.78 22.67 0.52
N VAL A 590 -40.25 21.61 -0.11
CA VAL A 590 -40.51 20.19 0.29
C VAL A 590 -39.67 19.84 1.53
N LEU A 591 -38.41 20.31 1.58
CA LEU A 591 -37.50 20.10 2.73
C LEU A 591 -38.09 20.75 3.99
N ASN A 592 -38.73 21.92 3.84
CA ASN A 592 -39.40 22.67 4.94
C ASN A 592 -40.53 21.81 5.53
N GLU A 593 -41.34 21.19 4.66
CA GLU A 593 -42.48 20.30 5.04
C GLU A 593 -41.97 19.09 5.82
N VAL A 594 -40.83 18.52 5.40
CA VAL A 594 -40.18 17.35 6.05
C VAL A 594 -39.65 17.78 7.42
N THR A 595 -38.94 18.91 7.48
CA THR A 595 -38.38 19.49 8.74
C THR A 595 -39.52 19.83 9.69
N HIS A 596 -40.60 20.45 9.18
CA HIS A 596 -41.82 20.82 9.94
C HIS A 596 -42.40 19.58 10.63
N TYR A 597 -42.57 18.48 9.88
CA TYR A 597 -43.19 17.21 10.33
C TYR A 597 -42.46 16.66 11.55
N TYR A 598 -41.13 16.58 11.49
CA TYR A 598 -40.26 15.98 12.55
C TYR A 598 -40.22 16.88 13.79
N LEU A 599 -40.29 18.21 13.60
CA LEU A 599 -40.23 19.21 14.70
C LEU A 599 -41.59 19.35 15.39
N THR A 600 -42.70 18.99 14.73
CA THR A 600 -44.08 19.18 15.21
C THR A 600 -44.74 17.84 15.58
N LYS A 601 -44.79 16.88 14.64
CA LYS A 601 -45.52 15.59 14.81
C LYS A 601 -44.66 14.55 15.56
N GLU A 602 -43.34 14.76 15.63
CA GLU A 602 -42.38 13.80 16.28
C GLU A 602 -41.48 14.56 17.26
N LYS A 603 -42.07 15.38 18.13
CA LYS A 603 -41.38 16.14 19.21
C LYS A 603 -40.73 15.18 20.21
N ASN A 604 -41.46 14.11 20.57
CA ASN A 604 -41.09 13.16 21.65
C ASN A 604 -39.93 12.25 21.19
N ASN A 605 -39.78 12.02 19.89
CA ASN A 605 -38.83 11.03 19.32
C ASN A 605 -37.62 11.73 18.70
N VAL A 606 -37.83 12.76 17.87
CA VAL A 606 -36.77 13.45 17.08
C VAL A 606 -36.11 14.54 17.95
N GLU A 607 -34.77 14.54 17.99
CA GLU A 607 -33.94 15.54 18.72
C GLU A 607 -33.59 16.68 17.76
N SER A 608 -33.02 16.35 16.59
CA SER A 608 -32.54 17.33 15.58
C SER A 608 -32.80 16.83 14.16
N VAL A 609 -32.96 17.78 13.22
CA VAL A 609 -33.05 17.55 11.75
C VAL A 609 -31.97 18.40 11.07
N PHE A 610 -31.06 17.77 10.32
CA PHE A 610 -30.06 18.46 9.46
C PHE A 610 -30.43 18.21 8.00
N ALA A 611 -31.19 19.16 7.42
CA ALA A 611 -31.69 19.11 6.03
C ALA A 611 -30.71 19.84 5.11
N VAL A 612 -30.36 19.23 3.97
CA VAL A 612 -29.43 19.78 2.95
C VAL A 612 -30.15 19.83 1.60
N ASN A 613 -30.27 21.03 1.02
CA ASN A 613 -30.84 21.26 -0.34
C ASN A 613 -29.73 21.04 -1.38
N GLY A 614 -30.04 20.33 -2.46
CA GLY A 614 -29.09 20.03 -3.56
C GLY A 614 -28.08 18.97 -3.16
N PHE A 615 -28.50 17.97 -2.39
CA PHE A 615 -27.66 16.82 -1.96
C PHE A 615 -28.55 15.59 -1.71
N GLY A 616 -28.13 14.43 -2.25
CA GLY A 616 -28.70 13.11 -1.96
C GLY A 616 -27.71 12.27 -1.16
N PHE A 617 -27.10 11.27 -1.79
CA PHE A 617 -25.93 10.52 -1.26
C PHE A 617 -24.65 11.22 -1.73
N ALA A 618 -24.73 11.98 -2.84
CA ALA A 618 -23.69 12.87 -3.39
C ALA A 618 -24.33 14.19 -3.84
N PRO A 619 -23.55 15.25 -4.12
CA PRO A 619 -24.12 16.52 -4.59
C PRO A 619 -24.98 16.35 -5.85
N ARG A 620 -26.17 16.96 -5.87
CA ARG A 620 -27.13 16.90 -6.99
C ARG A 620 -28.05 18.12 -6.95
N PRO A 621 -27.53 19.32 -7.33
CA PRO A 621 -28.29 20.57 -7.29
C PRO A 621 -29.76 20.57 -7.73
N GLN A 622 -30.59 21.31 -6.97
CA GLN A 622 -31.90 21.90 -7.36
C GLN A 622 -33.05 20.92 -7.10
N ASN A 623 -33.00 19.70 -7.64
CA ASN A 623 -34.17 18.77 -7.65
C ASN A 623 -34.04 17.70 -6.55
N THR A 624 -32.92 17.66 -5.81
CA THR A 624 -32.66 16.62 -4.77
C THR A 624 -32.39 17.28 -3.42
N GLY A 625 -32.92 16.67 -2.35
CA GLY A 625 -32.66 17.05 -0.94
C GLY A 625 -32.54 15.81 -0.06
N ILE A 626 -31.84 15.95 1.06
CA ILE A 626 -31.70 14.87 2.10
C ILE A 626 -31.85 15.50 3.48
N ALA A 627 -32.40 14.75 4.43
CA ALA A 627 -32.59 15.15 5.84
C ALA A 627 -32.00 14.07 6.76
N PHE A 628 -30.96 14.44 7.53
CA PHE A 628 -30.34 13.59 8.58
C PHE A 628 -31.10 13.82 9.89
N VAL A 629 -31.79 12.78 10.38
CA VAL A 629 -32.64 12.83 11.61
C VAL A 629 -31.90 12.09 12.74
N SER A 630 -31.66 12.77 13.86
CA SER A 630 -31.14 12.18 15.12
C SER A 630 -32.28 12.11 16.14
N LEU A 631 -32.56 10.90 16.66
CA LEU A 631 -33.64 10.65 17.65
C LEU A 631 -33.10 10.91 19.05
N LYS A 632 -33.99 11.09 20.03
CA LYS A 632 -33.66 11.18 21.47
C LYS A 632 -33.20 9.78 21.93
N ASP A 633 -32.72 9.65 23.16
CA ASP A 633 -32.17 8.38 23.71
C ASP A 633 -33.29 7.32 23.72
N TRP A 634 -32.91 6.05 23.56
CA TRP A 634 -33.81 4.88 23.50
C TRP A 634 -34.70 4.82 24.74
N ALA A 635 -34.16 5.18 25.91
CA ALA A 635 -34.84 5.22 27.22
C ALA A 635 -36.05 6.17 27.17
N ASP A 636 -35.92 7.30 26.45
CA ASP A 636 -36.96 8.35 26.32
C ASP A 636 -37.94 8.00 25.19
N ARG A 637 -37.73 6.87 24.51
CA ARG A 637 -38.57 6.39 23.37
C ARG A 637 -39.08 4.98 23.66
N PRO A 638 -39.85 4.76 24.75
CA PRO A 638 -40.33 3.42 25.09
C PRO A 638 -41.49 2.97 24.18
N GLY A 639 -41.58 1.66 23.93
CA GLY A 639 -42.60 1.05 23.05
C GLY A 639 -42.06 0.83 21.65
N GLU A 640 -42.84 0.14 20.80
CA GLU A 640 -42.47 -0.20 19.40
C GLU A 640 -42.75 0.99 18.48
N GLU A 641 -43.81 1.75 18.76
CA GLU A 641 -44.30 2.86 17.90
C GLU A 641 -43.36 4.07 17.98
N ASN A 642 -42.46 4.11 18.98
CA ASN A 642 -41.49 5.22 19.20
C ASN A 642 -40.09 4.80 18.72
N LYS A 643 -39.97 3.66 18.02
CA LYS A 643 -38.68 3.15 17.46
C LYS A 643 -38.60 3.49 15.98
N VAL A 644 -37.39 3.44 15.40
CA VAL A 644 -37.04 3.97 14.05
C VAL A 644 -38.02 3.42 13.01
N GLU A 645 -38.27 2.10 13.02
CA GLU A 645 -39.07 1.40 11.98
C GLU A 645 -40.46 2.05 11.88
N ALA A 646 -41.16 2.20 13.01
CA ALA A 646 -42.53 2.76 13.10
C ALA A 646 -42.51 4.26 12.75
N ILE A 647 -41.48 4.98 13.19
CA ILE A 647 -41.30 6.45 12.96
C ILE A 647 -41.17 6.71 11.44
N THR A 648 -40.30 5.95 10.77
CA THR A 648 -40.00 6.08 9.32
C THR A 648 -41.22 5.63 8.50
N MET A 649 -42.00 4.67 9.02
CA MET A 649 -43.25 4.18 8.37
C MET A 649 -44.29 5.30 8.36
N ARG A 650 -44.51 5.93 9.52
CA ARG A 650 -45.47 7.05 9.71
C ARG A 650 -45.02 8.27 8.88
N ALA A 651 -43.71 8.55 8.86
CA ALA A 651 -43.08 9.67 8.12
C ALA A 651 -43.32 9.48 6.61
N THR A 652 -42.93 8.33 6.08
CA THR A 652 -43.10 7.94 4.64
C THR A 652 -44.56 8.07 4.24
N ARG A 653 -45.49 7.66 5.12
CA ARG A 653 -46.96 7.69 4.89
C ARG A 653 -47.44 9.15 4.79
N ALA A 654 -46.99 10.00 5.72
CA ALA A 654 -47.33 11.45 5.78
C ALA A 654 -46.81 12.17 4.53
N PHE A 655 -45.59 11.84 4.09
CA PHE A 655 -44.87 12.52 2.99
C PHE A 655 -45.35 12.02 1.62
N SER A 656 -46.12 10.92 1.58
CA SER A 656 -46.72 10.35 0.34
C SER A 656 -47.70 11.36 -0.28
N GLN A 657 -48.26 12.25 0.54
CA GLN A 657 -49.28 13.27 0.14
C GLN A 657 -48.63 14.41 -0.65
N ILE A 658 -47.32 14.63 -0.50
CA ILE A 658 -46.57 15.76 -1.14
C ILE A 658 -46.61 15.56 -2.67
N LYS A 659 -46.90 16.64 -3.40
CA LYS A 659 -47.10 16.64 -4.88
C LYS A 659 -45.75 16.82 -5.59
N ASP A 660 -45.53 16.07 -6.67
CA ASP A 660 -44.36 16.19 -7.58
C ASP A 660 -43.06 15.96 -6.79
N ALA A 661 -43.07 15.00 -5.87
CA ALA A 661 -41.94 14.68 -4.96
C ALA A 661 -41.99 13.23 -4.49
N MET A 662 -40.89 12.50 -4.67
CA MET A 662 -40.65 11.15 -4.07
C MET A 662 -39.93 11.35 -2.73
N VAL A 663 -40.69 11.40 -1.63
CA VAL A 663 -40.20 11.66 -0.25
C VAL A 663 -40.47 10.42 0.61
N PHE A 664 -39.41 9.81 1.17
CA PHE A 664 -39.47 8.59 2.01
C PHE A 664 -38.37 8.64 3.07
N ALA A 665 -38.69 8.22 4.30
CA ALA A 665 -37.74 7.99 5.41
C ALA A 665 -37.34 6.51 5.43
N PHE A 666 -36.06 6.22 5.65
CA PHE A 666 -35.48 4.86 5.60
C PHE A 666 -34.42 4.68 6.69
N ASN A 667 -34.52 3.59 7.45
CA ASN A 667 -33.48 3.10 8.40
C ASN A 667 -32.39 2.40 7.60
N LEU A 668 -31.15 2.90 7.66
CA LEU A 668 -30.00 2.31 6.92
C LEU A 668 -29.69 0.94 7.50
N PRO A 669 -29.51 -0.12 6.66
CA PRO A 669 -29.53 -1.50 7.14
C PRO A 669 -28.37 -1.91 8.08
N ALA A 670 -28.42 -3.16 8.56
CA ALA A 670 -27.37 -3.80 9.40
C ALA A 670 -26.03 -3.73 8.66
N ILE A 671 -25.81 -4.61 7.68
CA ILE A 671 -24.75 -4.46 6.65
C ILE A 671 -25.33 -3.60 5.53
N VAL A 672 -25.00 -2.31 5.50
CA VAL A 672 -25.50 -1.30 4.52
C VAL A 672 -25.12 -1.77 3.11
N GLU A 673 -24.02 -2.53 2.98
CA GLU A 673 -23.48 -3.03 1.69
C GLU A 673 -24.08 -4.40 1.34
N LEU A 674 -25.04 -4.90 2.13
CA LEU A 674 -25.90 -6.08 1.78
C LEU A 674 -27.20 -5.56 1.14
N GLY A 675 -27.72 -4.42 1.61
CA GLY A 675 -28.97 -3.80 1.12
C GLY A 675 -30.16 -4.25 1.93
N THR A 676 -31.19 -4.80 1.26
CA THR A 676 -32.46 -5.27 1.86
C THR A 676 -32.63 -6.77 1.62
N ALA A 677 -33.49 -7.42 2.41
CA ALA A 677 -33.67 -8.89 2.49
C ALA A 677 -34.09 -9.47 1.13
N THR A 678 -34.99 -8.79 0.42
CA THR A 678 -35.59 -9.29 -0.86
C THR A 678 -35.61 -8.20 -1.93
N GLY A 679 -34.63 -7.28 -1.92
CA GLY A 679 -34.40 -6.29 -2.98
C GLY A 679 -33.46 -6.83 -4.05
N PHE A 680 -33.61 -6.38 -5.30
CA PHE A 680 -32.68 -6.70 -6.42
C PHE A 680 -32.18 -5.41 -7.07
N ASP A 681 -30.97 -5.46 -7.64
CA ASP A 681 -30.27 -4.32 -8.28
C ASP A 681 -29.88 -4.74 -9.70
N PHE A 682 -30.68 -4.32 -10.70
CA PHE A 682 -30.65 -4.78 -12.11
C PHE A 682 -30.03 -3.67 -12.99
N GLU A 683 -29.20 -4.06 -13.95
CA GLU A 683 -28.54 -3.16 -14.93
C GLU A 683 -28.98 -3.54 -16.35
N LEU A 684 -29.63 -2.61 -17.06
CA LEU A 684 -29.99 -2.74 -18.49
C LEU A 684 -28.85 -2.13 -19.33
N ILE A 685 -28.26 -2.92 -20.23
CA ILE A 685 -26.99 -2.58 -20.95
C ILE A 685 -27.29 -2.32 -22.44
N ASP A 686 -26.66 -1.28 -23.00
CA ASP A 686 -26.61 -1.00 -24.46
C ASP A 686 -25.37 -1.72 -25.03
N GLN A 687 -25.59 -2.86 -25.70
CA GLN A 687 -24.52 -3.82 -26.11
C GLN A 687 -24.12 -3.59 -27.57
N ALA A 688 -24.87 -2.77 -28.32
CA ALA A 688 -24.74 -2.62 -29.79
C ALA A 688 -24.92 -1.16 -30.22
N GLY A 689 -24.38 -0.21 -29.44
CA GLY A 689 -24.39 1.24 -29.74
C GLY A 689 -25.75 1.73 -30.20
N LEU A 690 -26.82 1.28 -29.54
CA LEU A 690 -28.23 1.63 -29.85
C LEU A 690 -28.47 3.12 -29.59
N GLY A 691 -27.98 3.62 -28.45
CA GLY A 691 -28.14 5.03 -28.01
C GLY A 691 -29.07 5.14 -26.82
N HIS A 692 -29.16 6.34 -26.22
CA HIS A 692 -29.92 6.64 -24.99
C HIS A 692 -31.43 6.46 -25.25
N GLU A 693 -31.94 6.99 -26.36
CA GLU A 693 -33.38 7.02 -26.70
C GLU A 693 -33.90 5.58 -26.85
N LYS A 694 -33.15 4.72 -27.54
CA LYS A 694 -33.52 3.30 -27.78
C LYS A 694 -33.42 2.50 -26.47
N LEU A 695 -32.43 2.81 -25.62
CA LEU A 695 -32.22 2.15 -24.32
C LEU A 695 -33.35 2.54 -23.34
N THR A 696 -33.87 3.76 -23.45
CA THR A 696 -35.01 4.28 -22.64
C THR A 696 -36.28 3.49 -23.01
N GLN A 697 -36.55 3.33 -24.31
CA GLN A 697 -37.70 2.56 -24.86
C GLN A 697 -37.65 1.12 -24.34
N ALA A 698 -36.46 0.50 -24.37
CA ALA A 698 -36.20 -0.87 -23.88
C ALA A 698 -36.47 -0.95 -22.38
N ARG A 699 -36.05 0.06 -21.61
CA ARG A 699 -36.27 0.17 -20.15
C ARG A 699 -37.78 0.27 -19.88
N ASN A 700 -38.48 1.15 -20.62
CA ASN A 700 -39.95 1.38 -20.49
C ASN A 700 -40.70 0.07 -20.80
N GLN A 701 -40.25 -0.66 -21.82
CA GLN A 701 -40.81 -1.97 -22.24
C GLN A 701 -40.68 -2.98 -21.09
N LEU A 702 -39.54 -2.98 -20.39
CA LEU A 702 -39.26 -3.91 -19.26
C LEU A 702 -40.11 -3.53 -18.04
N LEU A 703 -40.20 -2.23 -17.73
CA LEU A 703 -40.94 -1.69 -16.55
C LEU A 703 -42.45 -1.96 -16.74
N ALA A 704 -42.94 -1.88 -17.98
CA ALA A 704 -44.35 -2.12 -18.36
C ALA A 704 -44.70 -3.60 -18.19
N GLU A 705 -43.79 -4.51 -18.57
CA GLU A 705 -43.98 -5.98 -18.50
C GLU A 705 -43.86 -6.44 -17.04
N ALA A 706 -43.00 -5.78 -16.25
CA ALA A 706 -42.81 -6.04 -14.79
C ALA A 706 -44.05 -5.59 -14.01
N ALA A 707 -44.77 -4.57 -14.51
CA ALA A 707 -45.99 -4.00 -13.91
C ALA A 707 -47.14 -5.01 -14.00
N LYS A 708 -47.08 -5.95 -14.95
CA LYS A 708 -48.12 -6.98 -15.20
C LYS A 708 -47.93 -8.19 -14.28
N HIS A 709 -46.86 -8.22 -13.48
CA HIS A 709 -46.52 -9.34 -12.56
C HIS A 709 -46.36 -8.84 -11.13
N PRO A 710 -47.43 -8.27 -10.51
CA PRO A 710 -47.40 -7.92 -9.09
C PRO A 710 -47.36 -9.15 -8.15
N ASP A 711 -47.71 -10.34 -8.68
CA ASP A 711 -47.63 -11.63 -7.95
C ASP A 711 -46.17 -12.00 -7.69
N MET A 712 -45.24 -11.52 -8.52
CA MET A 712 -43.78 -11.82 -8.45
C MET A 712 -43.00 -10.56 -8.06
N LEU A 713 -43.11 -9.49 -8.85
CA LEU A 713 -42.28 -8.26 -8.75
C LEU A 713 -43.08 -7.13 -8.08
N THR A 714 -42.41 -6.32 -7.26
CA THR A 714 -42.99 -5.16 -6.53
C THR A 714 -42.06 -3.95 -6.67
N SER A 715 -42.65 -2.78 -6.96
CA SER A 715 -41.95 -1.47 -7.06
C SER A 715 -40.70 -1.57 -7.93
N VAL A 716 -40.84 -2.11 -9.15
CA VAL A 716 -39.76 -2.14 -10.18
C VAL A 716 -39.71 -0.76 -10.84
N ARG A 717 -38.66 0.03 -10.53
CA ARG A 717 -38.54 1.45 -10.97
C ARG A 717 -37.11 1.74 -11.39
N PRO A 718 -36.88 2.78 -12.23
CA PRO A 718 -35.53 3.24 -12.55
C PRO A 718 -34.91 3.99 -11.36
N ASN A 719 -33.60 3.84 -11.15
CA ASN A 719 -32.83 4.51 -10.08
C ASN A 719 -32.41 5.91 -10.56
N GLY A 720 -32.37 6.13 -11.87
CA GLY A 720 -31.90 7.38 -12.52
C GLY A 720 -33.01 8.38 -12.71
N LEU A 721 -32.76 9.40 -13.54
CA LEU A 721 -33.68 10.54 -13.81
C LEU A 721 -34.25 10.40 -15.21
N GLU A 722 -35.35 11.12 -15.50
CA GLU A 722 -36.03 11.14 -16.81
C GLU A 722 -35.46 12.29 -17.66
N ASP A 723 -35.58 12.20 -18.99
CA ASP A 723 -35.18 13.26 -19.95
C ASP A 723 -35.98 14.52 -19.63
N THR A 724 -35.36 15.70 -19.81
CA THR A 724 -35.97 17.02 -19.52
C THR A 724 -35.74 17.96 -20.70
N PRO A 725 -36.60 19.00 -20.88
CA PRO A 725 -36.37 20.03 -21.89
C PRO A 725 -34.99 20.69 -21.71
N GLN A 726 -34.25 20.86 -22.80
CA GLN A 726 -32.92 21.52 -22.83
C GLN A 726 -32.83 22.45 -24.04
N PHE A 727 -32.16 23.59 -23.87
CA PHE A 727 -32.11 24.72 -24.85
C PHE A 727 -30.95 24.46 -25.83
N LYS A 728 -31.27 23.83 -26.97
CA LYS A 728 -30.29 23.55 -28.05
C LYS A 728 -30.03 24.82 -28.84
N ILE A 729 -28.77 25.27 -28.91
CA ILE A 729 -28.31 26.47 -29.66
C ILE A 729 -27.28 26.03 -30.70
N ASP A 730 -27.45 26.47 -31.96
CA ASP A 730 -26.56 26.14 -33.11
C ASP A 730 -25.80 27.41 -33.52
N ILE A 731 -24.48 27.40 -33.36
CA ILE A 731 -23.58 28.48 -33.88
C ILE A 731 -23.42 28.27 -35.39
N ASP A 732 -23.89 29.22 -36.19
CA ASP A 732 -23.73 29.21 -37.67
C ASP A 732 -22.29 29.62 -37.99
N GLN A 733 -21.47 28.64 -38.42
CA GLN A 733 -20.01 28.80 -38.65
C GLN A 733 -19.78 29.79 -39.80
N GLU A 734 -20.55 29.66 -40.89
CA GLU A 734 -20.46 30.52 -42.10
C GLU A 734 -20.73 31.99 -41.71
N LYS A 735 -21.78 32.23 -40.93
CA LYS A 735 -22.22 33.60 -40.54
C LYS A 735 -21.18 34.23 -39.60
N ALA A 736 -20.67 33.45 -38.63
CA ALA A 736 -19.61 33.86 -37.68
C ALA A 736 -18.33 34.20 -38.46
N GLN A 737 -17.96 33.37 -39.44
CA GLN A 737 -16.80 33.59 -40.34
C GLN A 737 -17.02 34.87 -41.17
N ALA A 738 -18.25 35.09 -41.65
CA ALA A 738 -18.63 36.24 -42.52
C ALA A 738 -18.54 37.55 -41.73
N LEU A 739 -18.97 37.56 -40.47
CA LEU A 739 -18.98 38.76 -39.59
C LEU A 739 -17.60 38.98 -38.96
N GLY A 740 -16.69 38.00 -39.07
CA GLY A 740 -15.33 38.06 -38.50
C GLY A 740 -15.34 37.82 -37.00
N VAL A 741 -16.23 36.93 -36.54
CA VAL A 741 -16.39 36.54 -35.11
C VAL A 741 -15.75 35.16 -34.91
N SER A 742 -14.72 35.07 -34.08
CA SER A 742 -13.99 33.80 -33.76
C SER A 742 -14.89 32.90 -32.91
N ILE A 743 -14.83 31.59 -33.15
CA ILE A 743 -15.68 30.56 -32.47
C ILE A 743 -15.22 30.42 -31.01
N ASN A 744 -13.93 30.68 -30.74
CA ASN A 744 -13.33 30.64 -29.38
C ASN A 744 -13.97 31.74 -28.51
N ASP A 745 -14.18 32.94 -29.09
CA ASP A 745 -14.81 34.10 -28.41
C ASP A 745 -16.29 33.79 -28.14
N ILE A 746 -16.99 33.17 -29.09
CA ILE A 746 -18.42 32.76 -28.96
C ILE A 746 -18.54 31.77 -27.80
N ASN A 747 -17.76 30.69 -27.83
CA ASN A 747 -17.82 29.56 -26.85
C ASN A 747 -17.46 30.06 -25.45
N THR A 748 -16.45 30.93 -25.33
CA THR A 748 -15.97 31.51 -24.05
C THR A 748 -17.05 32.44 -23.48
N THR A 749 -17.60 33.33 -24.31
CA THR A 749 -18.66 34.31 -23.94
C THR A 749 -19.90 33.55 -23.42
N LEU A 750 -20.33 32.51 -24.15
CA LEU A 750 -21.52 31.69 -23.80
C LEU A 750 -21.23 30.91 -22.51
N GLY A 751 -20.11 30.18 -22.47
CA GLY A 751 -19.70 29.33 -21.34
C GLY A 751 -19.51 30.12 -20.06
N ALA A 752 -18.69 31.18 -20.12
CA ALA A 752 -18.35 32.06 -18.97
C ALA A 752 -19.62 32.67 -18.39
N ALA A 753 -20.45 33.30 -19.24
CA ALA A 753 -21.67 34.03 -18.85
C ALA A 753 -22.68 33.06 -18.20
N TRP A 754 -23.05 32.00 -18.92
CA TRP A 754 -24.20 31.11 -18.58
C TRP A 754 -23.78 29.95 -17.68
N GLY A 755 -22.52 29.49 -17.78
CA GLY A 755 -22.00 28.34 -17.02
C GLY A 755 -21.06 28.74 -15.89
N GLY A 756 -20.37 29.88 -16.05
CA GLY A 756 -19.30 30.32 -15.14
C GLY A 756 -17.95 29.81 -15.58
N SER A 757 -16.87 30.53 -15.25
CA SER A 757 -15.47 30.20 -15.63
C SER A 757 -14.53 30.48 -14.46
N TYR A 758 -13.79 29.46 -14.04
CA TYR A 758 -12.71 29.52 -13.01
C TYR A 758 -11.45 30.11 -13.68
N VAL A 759 -11.16 31.38 -13.41
CA VAL A 759 -10.09 32.18 -14.07
C VAL A 759 -8.74 31.85 -13.42
N ASN A 760 -8.55 32.23 -12.16
CA ASN A 760 -7.30 31.99 -11.39
C ASN A 760 -7.61 32.09 -9.89
N ASP A 761 -6.58 32.04 -9.04
CA ASP A 761 -6.72 32.07 -7.56
C ASP A 761 -6.38 33.47 -7.03
N PHE A 762 -6.90 33.78 -5.83
CA PHE A 762 -6.61 35.02 -5.05
C PHE A 762 -6.43 34.61 -3.58
N ILE A 763 -5.97 35.55 -2.73
CA ILE A 763 -5.69 35.29 -1.29
C ILE A 763 -6.75 36.02 -0.44
N ASP A 764 -7.72 35.27 0.09
CA ASP A 764 -8.78 35.75 1.02
C ASP A 764 -8.33 35.49 2.46
N ARG A 765 -7.94 36.54 3.17
CA ARG A 765 -7.48 36.50 4.59
C ARG A 765 -6.45 35.37 4.76
N GLY A 766 -5.42 35.36 3.90
CA GLY A 766 -4.24 34.48 4.03
C GLY A 766 -4.41 33.11 3.39
N ARG A 767 -5.59 32.79 2.85
CA ARG A 767 -5.91 31.46 2.25
C ARG A 767 -6.16 31.60 0.74
N VAL A 768 -5.55 30.72 -0.06
CA VAL A 768 -5.74 30.63 -1.53
C VAL A 768 -7.19 30.21 -1.81
N LYS A 769 -7.90 30.97 -2.64
CA LYS A 769 -9.30 30.69 -3.05
C LYS A 769 -9.47 31.05 -4.53
N LYS A 770 -10.57 30.61 -5.15
CA LYS A 770 -10.81 30.70 -6.61
C LYS A 770 -11.40 32.07 -6.98
N VAL A 771 -11.17 32.51 -8.21
CA VAL A 771 -11.84 33.68 -8.85
C VAL A 771 -12.73 33.15 -9.98
N TYR A 772 -14.04 33.41 -9.90
CA TYR A 772 -15.05 32.98 -10.90
C TYR A 772 -15.65 34.22 -11.59
N VAL A 773 -15.70 34.21 -12.92
CA VAL A 773 -16.54 35.15 -13.72
C VAL A 773 -17.77 34.38 -14.19
N MET A 774 -18.92 35.07 -14.26
CA MET A 774 -20.23 34.51 -14.65
C MET A 774 -21.19 35.69 -14.84
N SER A 775 -22.28 35.48 -15.58
CA SER A 775 -23.39 36.46 -15.73
C SER A 775 -24.02 36.69 -14.35
N GLU A 776 -24.41 37.93 -14.06
CA GLU A 776 -25.30 38.25 -12.92
C GLU A 776 -26.63 37.53 -13.18
N ALA A 777 -27.19 36.89 -12.15
CA ALA A 777 -28.36 35.98 -12.21
C ALA A 777 -29.37 36.46 -13.26
N LYS A 778 -29.72 37.76 -13.23
CA LYS A 778 -30.89 38.33 -13.96
C LYS A 778 -30.69 38.30 -15.49
N TYR A 779 -29.47 38.09 -15.99
CA TYR A 779 -29.14 38.08 -17.45
C TYR A 779 -28.88 36.65 -17.95
N ARG A 780 -29.17 35.62 -17.15
CA ARG A 780 -29.02 34.19 -17.55
C ARG A 780 -30.20 33.38 -17.00
N MET A 781 -31.41 33.97 -17.02
CA MET A 781 -32.67 33.34 -16.52
C MET A 781 -33.59 32.98 -17.70
N LEU A 782 -33.67 33.84 -18.72
CA LEU A 782 -34.68 33.73 -19.82
C LEU A 782 -33.98 33.37 -21.13
N PRO A 783 -34.62 32.56 -22.01
CA PRO A 783 -34.09 32.28 -23.34
C PRO A 783 -33.73 33.51 -24.17
N ASP A 784 -34.51 34.60 -24.06
CA ASP A 784 -34.33 35.87 -24.81
C ASP A 784 -33.06 36.59 -24.35
N ASP A 785 -32.54 36.27 -23.16
CA ASP A 785 -31.30 36.88 -22.60
C ASP A 785 -30.08 36.49 -23.45
N ILE A 786 -30.15 35.35 -24.15
CA ILE A 786 -29.07 34.85 -25.06
C ILE A 786 -28.65 35.97 -26.01
N GLY A 787 -29.61 36.69 -26.59
CA GLY A 787 -29.39 37.74 -27.60
C GLY A 787 -28.84 39.04 -27.01
N ASP A 788 -28.84 39.18 -25.68
CA ASP A 788 -28.32 40.38 -24.97
C ASP A 788 -26.78 40.31 -24.87
N TRP A 789 -26.18 39.15 -25.14
CA TRP A 789 -24.71 38.93 -25.05
C TRP A 789 -24.06 39.20 -26.42
N TYR A 790 -23.09 40.13 -26.44
CA TYR A 790 -22.39 40.62 -27.64
C TYR A 790 -20.95 40.10 -27.64
N VAL A 791 -20.48 39.63 -28.81
CA VAL A 791 -19.07 39.23 -29.07
C VAL A 791 -18.47 40.27 -30.03
N ARG A 792 -17.21 40.68 -29.79
CA ARG A 792 -16.49 41.65 -30.65
C ARG A 792 -15.83 40.90 -31.80
N ALA A 793 -16.07 41.35 -33.04
CA ALA A 793 -15.47 40.80 -34.28
C ALA A 793 -14.07 41.39 -34.47
N ALA A 794 -13.33 40.89 -35.46
CA ALA A 794 -11.96 41.33 -35.82
C ALA A 794 -11.97 42.82 -36.19
N ASP A 795 -13.03 43.28 -36.84
CA ASP A 795 -13.18 44.69 -37.33
C ASP A 795 -13.53 45.63 -36.16
N GLY A 796 -13.94 45.08 -35.01
CA GLY A 796 -14.19 45.83 -33.77
C GLY A 796 -15.68 46.02 -33.49
N GLN A 797 -16.54 45.61 -34.42
CA GLN A 797 -18.03 45.72 -34.29
C GLN A 797 -18.53 44.69 -33.28
N MET A 798 -19.40 45.10 -32.35
CA MET A 798 -20.06 44.22 -31.36
C MET A 798 -21.23 43.51 -32.03
N VAL A 799 -21.22 42.17 -32.03
CA VAL A 799 -22.23 41.30 -32.72
C VAL A 799 -23.06 40.58 -31.66
N PRO A 800 -24.40 40.71 -31.66
CA PRO A 800 -25.25 39.97 -30.73
C PRO A 800 -25.32 38.48 -31.14
N PHE A 801 -25.53 37.59 -30.16
CA PHE A 801 -25.63 36.12 -30.35
C PHE A 801 -26.72 35.78 -31.36
N SER A 802 -27.79 36.58 -31.41
CA SER A 802 -28.95 36.43 -32.33
C SER A 802 -28.50 36.46 -33.80
N ALA A 803 -27.39 37.15 -34.10
CA ALA A 803 -26.88 37.39 -35.48
C ALA A 803 -26.30 36.10 -36.09
N PHE A 804 -25.64 35.26 -35.29
CA PHE A 804 -24.85 34.09 -35.76
C PHE A 804 -25.33 32.77 -35.13
N SER A 805 -26.48 32.77 -34.44
CA SER A 805 -27.01 31.57 -33.74
C SER A 805 -28.51 31.40 -34.00
N SER A 806 -28.97 30.14 -33.90
CA SER A 806 -30.39 29.71 -33.88
C SER A 806 -30.57 28.73 -32.72
N SER A 807 -31.76 28.66 -32.13
CA SER A 807 -32.07 27.78 -30.97
C SER A 807 -33.44 27.12 -31.13
N ARG A 808 -33.62 25.97 -30.48
CA ARG A 808 -34.89 25.21 -30.41
C ARG A 808 -34.91 24.43 -29.09
N TRP A 809 -36.10 24.00 -28.64
CA TRP A 809 -36.28 23.11 -27.47
C TRP A 809 -36.18 21.65 -27.92
N GLU A 810 -35.49 20.82 -27.12
CA GLU A 810 -35.37 19.35 -27.33
C GLU A 810 -35.27 18.68 -25.96
N TYR A 811 -35.35 17.35 -25.93
CA TYR A 811 -35.22 16.51 -24.71
C TYR A 811 -33.87 15.80 -24.73
N GLY A 812 -33.25 15.68 -23.55
CA GLY A 812 -31.97 14.97 -23.33
C GLY A 812 -31.82 14.58 -21.87
N SER A 813 -30.87 13.69 -21.57
CA SER A 813 -30.64 13.10 -20.22
C SER A 813 -29.96 14.11 -19.31
N PRO A 814 -30.48 14.36 -18.08
CA PRO A 814 -29.74 15.11 -17.07
C PRO A 814 -28.73 14.25 -16.30
N ARG A 815 -28.76 12.93 -16.49
CA ARG A 815 -27.91 11.94 -15.77
C ARG A 815 -27.78 10.66 -16.61
N LEU A 816 -26.66 10.50 -17.33
CA LEU A 816 -26.34 9.31 -18.16
C LEU A 816 -25.52 8.32 -17.33
N GLU A 817 -26.00 7.09 -17.21
CA GLU A 817 -25.35 5.99 -16.43
C GLU A 817 -24.58 5.08 -17.39
N ARG A 818 -23.43 4.57 -16.94
CA ARG A 818 -22.63 3.53 -17.66
C ARG A 818 -22.29 2.41 -16.67
N TYR A 819 -22.35 1.16 -17.11
CA TYR A 819 -21.99 -0.05 -16.32
C TYR A 819 -21.00 -0.90 -17.12
N ASN A 820 -19.80 -1.11 -16.58
CA ASN A 820 -18.68 -1.88 -17.19
C ASN A 820 -18.35 -1.28 -18.56
N GLY A 821 -18.35 0.06 -18.66
CA GLY A 821 -17.87 0.81 -19.83
C GLY A 821 -18.93 1.00 -20.90
N LEU A 822 -20.15 0.47 -20.70
CA LEU A 822 -21.27 0.53 -21.68
C LEU A 822 -22.42 1.35 -21.11
N PRO A 823 -23.17 2.10 -21.96
CA PRO A 823 -24.36 2.82 -21.50
C PRO A 823 -25.35 1.87 -20.79
N SER A 824 -25.87 2.29 -19.64
CA SER A 824 -26.73 1.46 -18.75
C SER A 824 -27.86 2.30 -18.14
N MET A 825 -28.87 1.62 -17.59
CA MET A 825 -29.95 2.20 -16.77
C MET A 825 -30.25 1.26 -15.59
N GLU A 826 -29.90 1.66 -14.38
CA GLU A 826 -30.10 0.89 -13.13
C GLU A 826 -31.60 0.81 -12.82
N ILE A 827 -32.12 -0.40 -12.63
CA ILE A 827 -33.55 -0.67 -12.30
C ILE A 827 -33.59 -1.41 -10.96
N LEU A 828 -34.16 -0.77 -9.93
CA LEU A 828 -34.36 -1.36 -8.58
C LEU A 828 -35.72 -2.05 -8.53
N GLY A 829 -35.95 -2.85 -7.49
CA GLY A 829 -37.19 -3.62 -7.28
C GLY A 829 -36.99 -4.72 -6.25
N GLN A 830 -38.09 -5.34 -5.80
CA GLN A 830 -38.09 -6.37 -4.73
C GLN A 830 -39.08 -7.48 -5.10
N ALA A 831 -38.93 -8.66 -4.47
CA ALA A 831 -39.82 -9.83 -4.63
C ALA A 831 -41.13 -9.59 -3.87
N ALA A 832 -42.27 -9.90 -4.49
CA ALA A 832 -43.62 -9.74 -3.92
C ALA A 832 -43.78 -10.66 -2.71
N PRO A 833 -44.71 -10.37 -1.78
CA PRO A 833 -44.87 -11.16 -0.56
C PRO A 833 -44.94 -12.68 -0.79
N GLY A 834 -44.12 -13.44 -0.04
CA GLY A 834 -44.09 -14.92 -0.05
C GLY A 834 -43.22 -15.49 -1.16
N LYS A 835 -42.62 -14.62 -2.00
CA LYS A 835 -41.77 -15.01 -3.16
C LYS A 835 -40.31 -14.67 -2.84
N SER A 836 -39.38 -15.58 -3.16
CA SER A 836 -37.92 -15.41 -2.97
C SER A 836 -37.36 -14.47 -4.05
N THR A 837 -36.19 -13.88 -3.80
CA THR A 837 -35.48 -12.95 -4.71
C THR A 837 -35.05 -13.71 -5.98
N GLY A 838 -34.64 -14.97 -5.82
CA GLY A 838 -34.25 -15.87 -6.93
C GLY A 838 -35.33 -15.94 -8.00
N GLU A 839 -36.59 -16.10 -7.59
CA GLU A 839 -37.78 -16.18 -8.50
C GLU A 839 -37.99 -14.82 -9.17
N ALA A 840 -37.98 -13.73 -8.39
CA ALA A 840 -38.11 -12.34 -8.87
C ALA A 840 -37.06 -12.07 -9.95
N MET A 841 -35.80 -12.38 -9.65
CA MET A 841 -34.64 -12.21 -10.57
C MET A 841 -34.83 -13.10 -11.81
N GLU A 842 -35.22 -14.36 -11.61
CA GLU A 842 -35.42 -15.36 -12.70
C GLU A 842 -36.45 -14.83 -13.71
N LEU A 843 -37.50 -14.14 -13.24
CA LEU A 843 -38.56 -13.55 -14.09
C LEU A 843 -38.01 -12.32 -14.80
N MET A 844 -37.25 -11.46 -14.10
CA MET A 844 -36.62 -10.24 -14.67
C MET A 844 -35.70 -10.63 -15.82
N GLU A 845 -34.98 -11.76 -15.70
CA GLU A 845 -34.13 -12.36 -16.76
C GLU A 845 -35.02 -12.77 -17.95
N GLN A 846 -36.14 -13.45 -17.66
CA GLN A 846 -37.13 -13.93 -18.67
C GLN A 846 -37.67 -12.74 -19.49
N LEU A 847 -38.04 -11.65 -18.81
CA LEU A 847 -38.60 -10.43 -19.44
C LEU A 847 -37.51 -9.71 -20.27
N ALA A 848 -36.29 -9.68 -19.75
CA ALA A 848 -35.11 -8.99 -20.36
C ALA A 848 -34.73 -9.63 -21.69
N SER A 849 -34.96 -10.93 -21.85
CA SER A 849 -34.66 -11.71 -23.08
C SER A 849 -35.59 -11.30 -24.23
N LYS A 850 -36.77 -10.76 -23.90
CA LYS A 850 -37.84 -10.38 -24.87
C LYS A 850 -37.63 -8.95 -25.38
N LEU A 851 -36.58 -8.26 -24.91
CA LEU A 851 -36.29 -6.84 -25.27
C LEU A 851 -35.65 -6.78 -26.66
N PRO A 852 -35.62 -5.59 -27.31
CA PRO A 852 -35.06 -5.46 -28.66
C PRO A 852 -33.60 -5.92 -28.81
N THR A 853 -33.16 -6.07 -30.07
CA THR A 853 -31.78 -6.48 -30.45
C THR A 853 -30.77 -5.46 -29.94
N GLY A 854 -29.72 -5.92 -29.25
CA GLY A 854 -28.60 -5.09 -28.77
C GLY A 854 -28.77 -4.66 -27.33
N VAL A 855 -29.88 -5.03 -26.68
CA VAL A 855 -30.17 -4.73 -25.25
C VAL A 855 -29.88 -5.99 -24.42
N GLY A 856 -28.78 -5.95 -23.66
CA GLY A 856 -28.42 -6.99 -22.67
C GLY A 856 -28.74 -6.51 -21.27
N TYR A 857 -28.34 -7.29 -20.25
CA TYR A 857 -28.52 -6.95 -18.82
C TYR A 857 -27.38 -7.55 -17.99
N ASP A 858 -27.35 -7.20 -16.70
CA ASP A 858 -26.38 -7.72 -15.70
C ASP A 858 -26.92 -7.43 -14.30
N TRP A 859 -26.46 -8.18 -13.30
CA TRP A 859 -26.78 -7.98 -11.86
C TRP A 859 -25.59 -7.34 -11.16
N THR A 860 -25.85 -6.36 -10.28
CA THR A 860 -24.84 -5.55 -9.55
C THR A 860 -25.19 -5.48 -8.06
N GLY A 861 -24.29 -4.95 -7.24
CA GLY A 861 -24.48 -4.71 -5.79
C GLY A 861 -24.96 -5.96 -5.08
N MET A 862 -26.13 -5.87 -4.43
CA MET A 862 -26.72 -6.94 -3.57
C MET A 862 -27.06 -8.18 -4.42
N SER A 863 -27.38 -7.98 -5.70
CA SER A 863 -27.79 -9.05 -6.65
C SER A 863 -26.57 -9.77 -7.23
N TYR A 864 -25.37 -9.21 -7.08
CA TYR A 864 -24.09 -9.77 -7.60
C TYR A 864 -23.68 -10.98 -6.75
N GLN A 865 -23.53 -10.78 -5.43
CA GLN A 865 -23.12 -11.82 -4.45
C GLN A 865 -24.24 -12.87 -4.30
N GLU A 866 -25.50 -12.44 -4.42
CA GLU A 866 -26.72 -13.30 -4.33
C GLU A 866 -26.56 -14.51 -5.26
N ARG A 867 -26.33 -14.27 -6.56
CA ARG A 867 -26.41 -15.28 -7.64
C ARG A 867 -25.13 -16.15 -7.68
N LEU A 868 -23.97 -15.60 -7.29
CA LEU A 868 -22.65 -16.27 -7.39
C LEU A 868 -22.58 -17.44 -6.40
N SER A 869 -23.03 -17.23 -5.15
CA SER A 869 -23.05 -18.25 -4.07
C SER A 869 -24.15 -17.94 -3.07
N GLY A 870 -24.82 -18.99 -2.56
CA GLY A 870 -25.93 -18.86 -1.59
C GLY A 870 -26.33 -20.21 -1.00
N ASN A 871 -26.36 -20.30 0.34
CA ASN A 871 -26.81 -21.50 1.12
C ASN A 871 -25.85 -22.67 0.89
N GLN A 872 -24.87 -22.84 1.78
CA GLN A 872 -23.95 -24.01 1.85
C GLN A 872 -24.12 -24.66 3.23
N ALA A 873 -25.31 -24.55 3.82
CA ALA A 873 -25.61 -24.90 5.22
C ALA A 873 -25.60 -26.41 5.42
N PRO A 874 -26.40 -27.21 4.67
CA PRO A 874 -26.42 -28.67 4.85
C PRO A 874 -25.04 -29.33 4.79
N SER A 875 -24.15 -28.82 3.93
CA SER A 875 -22.78 -29.36 3.68
C SER A 875 -21.95 -29.35 4.97
N LEU A 876 -21.81 -28.18 5.60
CA LEU A 876 -20.90 -27.96 6.76
C LEU A 876 -21.45 -28.65 8.01
N TYR A 877 -22.76 -28.66 8.20
CA TYR A 877 -23.44 -29.27 9.39
C TYR A 877 -23.52 -30.79 9.23
N ALA A 878 -23.46 -31.30 8.00
CA ALA A 878 -23.37 -32.76 7.71
C ALA A 878 -21.99 -33.28 8.13
N ILE A 879 -20.93 -32.54 7.77
CA ILE A 879 -19.53 -32.82 8.19
C ILE A 879 -19.45 -32.75 9.72
N SER A 880 -19.96 -31.65 10.31
CA SER A 880 -20.06 -31.43 11.77
C SER A 880 -20.68 -32.67 12.44
N LEU A 881 -21.81 -33.13 11.91
CA LEU A 881 -22.59 -34.30 12.42
C LEU A 881 -21.70 -35.56 12.36
N ILE A 882 -20.99 -35.75 11.25
CA ILE A 882 -20.08 -36.90 11.00
C ILE A 882 -18.91 -36.84 11.97
N VAL A 883 -18.25 -35.68 12.12
CA VAL A 883 -17.02 -35.50 12.95
C VAL A 883 -17.39 -35.65 14.43
N VAL A 884 -18.54 -35.13 14.85
CA VAL A 884 -19.06 -35.28 16.25
C VAL A 884 -19.20 -36.78 16.56
N PHE A 885 -19.81 -37.54 15.64
CA PHE A 885 -19.98 -39.01 15.73
C PHE A 885 -18.61 -39.68 15.91
N LEU A 886 -17.66 -39.35 15.03
CA LEU A 886 -16.29 -39.94 15.00
C LEU A 886 -15.58 -39.64 16.33
N CYS A 887 -15.64 -38.38 16.80
CA CYS A 887 -15.05 -37.92 18.08
C CYS A 887 -15.65 -38.70 19.26
N LEU A 888 -16.97 -38.91 19.25
CA LEU A 888 -17.71 -39.68 20.29
C LEU A 888 -17.32 -41.16 20.22
N ALA A 889 -17.13 -41.70 19.01
CA ALA A 889 -16.74 -43.10 18.75
C ALA A 889 -15.36 -43.37 19.36
N ALA A 890 -14.43 -42.42 19.21
CA ALA A 890 -13.06 -42.46 19.77
C ALA A 890 -13.13 -42.39 21.31
N LEU A 891 -14.00 -41.53 21.85
CA LEU A 891 -14.19 -41.29 23.31
C LEU A 891 -14.69 -42.57 23.99
N TYR A 892 -15.68 -43.25 23.40
CA TYR A 892 -16.37 -44.42 23.98
C TYR A 892 -15.79 -45.74 23.46
N GLU A 893 -14.90 -45.68 22.46
CA GLU A 893 -14.31 -46.87 21.79
C GLU A 893 -15.46 -47.78 21.33
N SER A 894 -16.44 -47.20 20.62
CA SER A 894 -17.69 -47.87 20.18
C SER A 894 -18.30 -47.11 18.98
N TRP A 895 -18.78 -47.84 17.98
CA TRP A 895 -19.45 -47.27 16.78
C TRP A 895 -20.94 -46.99 17.07
N SER A 896 -21.48 -47.56 18.16
CA SER A 896 -22.93 -47.58 18.49
C SER A 896 -23.27 -46.55 19.58
N ILE A 897 -22.45 -46.49 20.64
CA ILE A 897 -22.71 -45.68 21.88
C ILE A 897 -22.85 -44.19 21.53
N PRO A 898 -22.08 -43.64 20.55
CA PRO A 898 -22.25 -42.24 20.14
C PRO A 898 -23.70 -41.81 19.87
N PHE A 899 -24.52 -42.71 19.32
CA PHE A 899 -25.94 -42.44 18.93
C PHE A 899 -26.76 -42.06 20.16
N SER A 900 -26.45 -42.64 21.32
CA SER A 900 -27.13 -42.39 22.62
C SER A 900 -26.97 -40.92 23.04
N VAL A 901 -25.90 -40.26 22.58
CA VAL A 901 -25.59 -38.82 22.86
C VAL A 901 -26.16 -37.95 21.74
N MET A 902 -26.01 -38.37 20.48
CA MET A 902 -26.36 -37.56 19.28
C MET A 902 -27.89 -37.41 19.15
N LEU A 903 -28.66 -38.29 19.79
CA LEU A 903 -30.16 -38.29 19.73
C LEU A 903 -30.75 -37.21 20.65
N VAL A 904 -29.93 -36.40 21.34
CA VAL A 904 -30.40 -35.32 22.25
C VAL A 904 -30.52 -34.00 21.48
N VAL A 905 -29.92 -33.91 20.29
CA VAL A 905 -29.88 -32.66 19.47
C VAL A 905 -31.28 -32.07 19.38
N PRO A 906 -32.32 -32.84 18.94
CA PRO A 906 -33.67 -32.30 18.77
C PRO A 906 -34.34 -31.77 20.05
N LEU A 907 -33.95 -32.27 21.23
CA LEU A 907 -34.58 -31.94 22.54
C LEU A 907 -34.37 -30.44 22.84
N GLY A 908 -33.26 -29.86 22.41
CA GLY A 908 -32.93 -28.44 22.59
C GLY A 908 -33.41 -27.58 21.43
N VAL A 909 -33.58 -28.18 20.25
CA VAL A 909 -33.99 -27.47 18.99
C VAL A 909 -35.48 -27.11 19.09
N ILE A 910 -36.31 -28.06 19.54
CA ILE A 910 -37.79 -27.89 19.66
C ILE A 910 -38.10 -26.66 20.53
N GLY A 911 -37.41 -26.53 21.67
CA GLY A 911 -37.63 -25.43 22.64
C GLY A 911 -37.23 -24.08 22.08
N ALA A 912 -36.10 -24.03 21.34
CA ALA A 912 -35.60 -22.82 20.65
C ALA A 912 -36.61 -22.38 19.59
N LEU A 913 -37.07 -23.32 18.76
CA LEU A 913 -38.04 -23.08 17.66
C LEU A 913 -39.37 -22.57 18.25
N LEU A 914 -39.85 -23.21 19.32
CA LEU A 914 -41.10 -22.82 20.04
C LEU A 914 -40.95 -21.37 20.54
N ALA A 915 -39.86 -21.07 21.26
CA ALA A 915 -39.54 -19.76 21.84
C ALA A 915 -39.54 -18.67 20.74
N ALA A 916 -38.81 -18.90 19.65
CA ALA A 916 -38.64 -17.97 18.51
C ALA A 916 -39.99 -17.80 17.78
N THR A 917 -40.73 -18.89 17.61
CA THR A 917 -42.06 -18.93 16.92
C THR A 917 -43.07 -18.09 17.70
N PHE A 918 -43.15 -18.30 19.03
CA PHE A 918 -44.19 -17.70 19.92
C PHE A 918 -43.80 -16.28 20.35
N ARG A 919 -42.61 -15.79 19.95
CA ARG A 919 -42.20 -14.38 20.14
C ARG A 919 -42.16 -13.65 18.77
N GLY A 920 -42.43 -14.38 17.68
CA GLY A 920 -42.45 -13.82 16.31
C GLY A 920 -41.07 -13.45 15.80
N LEU A 921 -40.02 -14.13 16.30
CA LEU A 921 -38.61 -13.97 15.83
C LEU A 921 -38.40 -14.87 14.60
N THR A 922 -37.22 -14.78 13.99
CA THR A 922 -36.85 -15.48 12.73
C THR A 922 -35.62 -16.36 12.95
N ASN A 923 -35.44 -17.38 12.11
CA ASN A 923 -34.23 -18.26 12.05
C ASN A 923 -33.08 -17.45 11.46
N ASP A 924 -32.36 -16.72 12.32
CA ASP A 924 -31.28 -15.77 11.93
C ASP A 924 -29.95 -16.25 12.53
N VAL A 925 -28.88 -15.46 12.37
CA VAL A 925 -27.51 -15.75 12.88
C VAL A 925 -27.58 -16.00 14.39
N TYR A 926 -28.24 -15.11 15.13
CA TYR A 926 -28.29 -15.11 16.61
C TYR A 926 -29.05 -16.34 17.12
N PHE A 927 -30.08 -16.78 16.41
CA PHE A 927 -30.85 -18.02 16.69
C PHE A 927 -29.95 -19.25 16.47
N GLN A 928 -29.21 -19.26 15.36
CA GLN A 928 -28.35 -20.40 14.91
C GLN A 928 -27.22 -20.63 15.91
N VAL A 929 -26.45 -19.58 16.24
CA VAL A 929 -25.28 -19.66 17.16
C VAL A 929 -25.78 -19.99 18.58
N GLY A 930 -26.93 -19.44 18.97
CA GLY A 930 -27.60 -19.73 20.25
C GLY A 930 -28.06 -21.18 20.33
N LEU A 931 -28.43 -21.76 19.18
CA LEU A 931 -28.91 -23.17 19.07
C LEU A 931 -27.73 -24.13 19.16
N LEU A 932 -26.59 -23.80 18.51
CA LEU A 932 -25.34 -24.60 18.57
C LEU A 932 -24.82 -24.66 20.02
N THR A 933 -24.93 -23.53 20.75
CA THR A 933 -24.56 -23.42 22.19
C THR A 933 -25.43 -24.37 23.02
N THR A 934 -26.75 -24.32 22.79
CA THR A 934 -27.78 -25.16 23.48
C THR A 934 -27.48 -26.64 23.21
N ILE A 935 -27.22 -27.01 21.95
CA ILE A 935 -26.87 -28.39 21.52
C ILE A 935 -25.57 -28.82 22.22
N GLY A 936 -24.60 -27.90 22.34
CA GLY A 936 -23.30 -28.13 23.00
C GLY A 936 -23.47 -28.62 24.43
N LEU A 937 -24.20 -27.87 25.25
CA LEU A 937 -24.44 -28.18 26.69
C LEU A 937 -25.24 -29.48 26.82
N SER A 938 -26.32 -29.63 26.05
CA SER A 938 -27.25 -30.79 26.09
C SER A 938 -26.49 -32.07 25.74
N ALA A 939 -25.64 -32.01 24.70
CA ALA A 939 -24.76 -33.12 24.26
C ALA A 939 -23.71 -33.41 25.33
N LYS A 940 -23.13 -32.36 25.92
CA LYS A 940 -22.11 -32.46 27.00
C LYS A 940 -22.72 -33.15 28.23
N ASN A 941 -23.96 -32.78 28.59
CA ASN A 941 -24.74 -33.40 29.68
C ASN A 941 -24.91 -34.90 29.39
N ALA A 942 -25.33 -35.23 28.17
CA ALA A 942 -25.56 -36.61 27.68
C ALA A 942 -24.26 -37.41 27.72
N ILE A 943 -23.15 -36.79 27.30
CA ILE A 943 -21.79 -37.44 27.26
C ILE A 943 -21.43 -37.90 28.67
N LEU A 944 -21.57 -37.03 29.67
CA LEU A 944 -21.18 -37.30 31.08
C LEU A 944 -22.13 -38.33 31.72
N ILE A 945 -23.41 -38.34 31.34
CA ILE A 945 -24.41 -39.36 31.77
C ILE A 945 -23.98 -40.73 31.22
N VAL A 946 -23.73 -40.80 29.92
CA VAL A 946 -23.34 -42.04 29.18
C VAL A 946 -21.96 -42.52 29.69
N GLU A 947 -21.05 -41.58 29.97
CA GLU A 947 -19.66 -41.87 30.43
C GLU A 947 -19.70 -42.51 31.82
N PHE A 948 -20.49 -41.93 32.74
CA PHE A 948 -20.66 -42.41 34.15
C PHE A 948 -21.27 -43.82 34.16
N ALA A 949 -22.28 -44.05 33.31
CA ALA A 949 -23.00 -45.34 33.17
C ALA A 949 -22.04 -46.43 32.67
N LYS A 950 -21.32 -46.14 31.58
CA LYS A 950 -20.36 -47.08 30.93
C LYS A 950 -19.22 -47.42 31.92
N ASP A 951 -18.78 -46.42 32.69
CA ASP A 951 -17.73 -46.55 33.74
C ASP A 951 -18.19 -47.60 34.77
N LEU A 952 -19.41 -47.43 35.31
CA LEU A 952 -20.01 -48.32 36.35
C LEU A 952 -20.14 -49.75 35.79
N MET A 953 -20.46 -49.88 34.50
CA MET A 953 -20.62 -51.20 33.82
C MET A 953 -19.24 -51.84 33.58
N ASP A 954 -18.24 -51.04 33.22
CA ASP A 954 -16.87 -51.51 32.83
C ASP A 954 -16.05 -51.78 34.09
N LYS A 955 -15.97 -50.81 35.01
CA LYS A 955 -15.08 -50.85 36.20
C LYS A 955 -15.78 -51.56 37.36
N GLU A 956 -16.91 -51.02 37.83
CA GLU A 956 -17.65 -51.52 39.03
C GLU A 956 -18.43 -52.80 38.66
N GLY A 957 -18.63 -53.04 37.36
CA GLY A 957 -19.25 -54.27 36.82
C GLY A 957 -20.73 -54.34 37.13
N LYS A 958 -21.43 -53.19 37.09
CA LYS A 958 -22.88 -53.07 37.40
C LYS A 958 -23.70 -53.45 36.17
N GLY A 959 -25.00 -53.71 36.34
CA GLY A 959 -25.96 -53.99 35.26
C GLY A 959 -26.30 -52.72 34.49
N LEU A 960 -26.89 -52.87 33.30
CA LEU A 960 -27.25 -51.76 32.38
C LEU A 960 -28.17 -50.77 33.10
N ILE A 961 -29.25 -51.27 33.69
CA ILE A 961 -30.35 -50.45 34.31
C ILE A 961 -29.80 -49.75 35.56
N GLU A 962 -29.21 -50.52 36.49
CA GLU A 962 -28.65 -50.06 37.78
C GLU A 962 -27.64 -48.93 37.55
N ALA A 963 -26.70 -49.14 36.61
CA ALA A 963 -25.61 -48.20 36.26
C ALA A 963 -26.20 -46.91 35.67
N THR A 964 -27.16 -47.04 34.76
CA THR A 964 -27.87 -45.91 34.08
C THR A 964 -28.59 -45.07 35.14
N LEU A 965 -29.23 -45.71 36.12
CA LEU A 965 -29.97 -45.06 37.22
C LEU A 965 -28.99 -44.35 38.17
N ASP A 966 -27.83 -44.96 38.43
CA ASP A 966 -26.73 -44.37 39.25
C ASP A 966 -26.15 -43.16 38.52
N ALA A 967 -25.97 -43.25 37.21
CA ALA A 967 -25.41 -42.18 36.35
C ALA A 967 -26.29 -40.93 36.44
N VAL A 968 -27.57 -41.04 36.08
CA VAL A 968 -28.54 -39.90 36.04
C VAL A 968 -28.72 -39.33 37.45
N ARG A 969 -28.71 -40.19 38.49
CA ARG A 969 -28.82 -39.79 39.92
C ARG A 969 -27.64 -38.88 40.28
N MET A 970 -26.43 -39.23 39.85
CA MET A 970 -25.17 -38.50 40.15
C MET A 970 -25.06 -37.24 39.31
N ARG A 971 -25.64 -37.23 38.10
CA ARG A 971 -25.48 -36.14 37.09
C ARG A 971 -26.64 -35.15 37.15
N LEU A 972 -27.65 -35.37 37.99
CA LEU A 972 -28.85 -34.49 38.08
C LEU A 972 -28.44 -33.10 38.57
N ARG A 973 -27.84 -33.03 39.76
CA ARG A 973 -27.46 -31.77 40.46
C ARG A 973 -26.63 -30.88 39.53
N PRO A 974 -25.50 -31.36 38.96
CA PRO A 974 -24.66 -30.51 38.10
C PRO A 974 -25.36 -30.04 36.82
N ILE A 975 -26.24 -30.85 36.23
CA ILE A 975 -27.05 -30.51 35.01
C ILE A 975 -27.95 -29.32 35.35
N LEU A 976 -28.73 -29.42 36.44
CA LEU A 976 -29.70 -28.38 36.88
C LEU A 976 -28.95 -27.13 37.31
N MET A 977 -27.84 -27.29 38.04
CA MET A 977 -26.94 -26.19 38.49
C MET A 977 -26.55 -25.32 37.30
N THR A 978 -26.11 -25.94 36.20
CA THR A 978 -25.68 -25.26 34.94
C THR A 978 -26.91 -24.64 34.25
N SER A 979 -27.96 -25.44 34.03
CA SER A 979 -29.19 -25.07 33.31
C SER A 979 -29.78 -23.79 33.89
N LEU A 980 -30.04 -23.78 35.21
CA LEU A 980 -30.62 -22.64 35.96
C LEU A 980 -29.71 -21.41 35.84
N ALA A 981 -28.40 -21.59 36.04
CA ALA A 981 -27.39 -20.51 36.02
C ALA A 981 -27.40 -19.79 34.67
N PHE A 982 -27.45 -20.55 33.56
CA PHE A 982 -27.35 -20.02 32.18
C PHE A 982 -28.71 -19.46 31.73
N ILE A 983 -29.81 -20.19 31.97
CA ILE A 983 -31.20 -19.76 31.65
C ILE A 983 -31.47 -18.40 32.33
N LEU A 984 -31.11 -18.27 33.61
CA LEU A 984 -31.30 -17.04 34.41
C LEU A 984 -30.28 -15.99 33.96
N GLY A 985 -29.09 -16.42 33.51
CA GLY A 985 -28.00 -15.54 33.02
C GLY A 985 -28.37 -14.82 31.74
N VAL A 986 -29.21 -15.43 30.89
CA VAL A 986 -29.65 -14.87 29.58
C VAL A 986 -31.02 -14.18 29.74
N MET A 987 -31.52 -14.04 30.97
CA MET A 987 -32.79 -13.33 31.29
C MET A 987 -32.67 -11.86 30.90
N PRO A 988 -31.58 -11.15 31.27
CA PRO A 988 -31.40 -9.75 30.88
C PRO A 988 -31.53 -9.50 29.36
N LEU A 989 -31.12 -10.48 28.54
CA LEU A 989 -31.17 -10.41 27.06
C LEU A 989 -32.61 -10.55 26.57
N VAL A 990 -33.36 -11.52 27.13
CA VAL A 990 -34.78 -11.82 26.77
C VAL A 990 -35.63 -10.57 27.01
N ILE A 991 -35.50 -9.95 28.19
CA ILE A 991 -36.32 -8.79 28.65
C ILE A 991 -35.63 -7.48 28.27
N SER A 992 -34.46 -7.54 27.62
CA SER A 992 -33.63 -6.36 27.23
C SER A 992 -34.46 -5.37 26.41
N THR A 993 -34.34 -4.08 26.75
CA THR A 993 -34.78 -2.93 25.92
C THR A 993 -33.59 -1.97 25.78
N GLY A 994 -33.74 -0.91 24.97
CA GLY A 994 -32.67 0.05 24.69
C GLY A 994 -31.78 -0.42 23.54
N ALA A 995 -30.61 0.22 23.38
CA ALA A 995 -29.69 0.04 22.24
C ALA A 995 -29.31 -1.44 22.08
N GLY A 996 -29.56 -2.01 20.90
CA GLY A 996 -29.10 -3.36 20.51
C GLY A 996 -29.96 -4.46 21.10
N SER A 997 -31.17 -4.13 21.58
CA SER A 997 -32.13 -5.08 22.20
C SER A 997 -32.63 -6.10 21.17
N GLY A 998 -32.74 -5.69 19.90
CA GLY A 998 -33.11 -6.56 18.77
C GLY A 998 -32.22 -7.80 18.70
N ALA A 999 -30.91 -7.62 18.85
CA ALA A 999 -29.89 -8.69 18.85
C ALA A 999 -29.95 -9.46 20.17
N GLN A 1000 -30.04 -8.74 21.30
CA GLN A 1000 -30.11 -9.33 22.67
C GLN A 1000 -31.35 -10.23 22.76
N ASN A 1001 -32.53 -9.70 22.40
CA ASN A 1001 -33.82 -10.44 22.39
C ASN A 1001 -33.67 -11.72 21.56
N ALA A 1002 -33.08 -11.61 20.37
CA ALA A 1002 -32.91 -12.71 19.39
C ALA A 1002 -32.01 -13.82 19.97
N VAL A 1003 -30.93 -13.45 20.65
CA VAL A 1003 -29.95 -14.39 21.27
C VAL A 1003 -30.63 -15.12 22.44
N GLY A 1004 -31.09 -14.36 23.44
CA GLY A 1004 -31.61 -14.87 24.72
C GLY A 1004 -32.85 -15.74 24.55
N THR A 1005 -33.76 -15.35 23.65
CA THR A 1005 -35.06 -16.03 23.41
C THR A 1005 -34.83 -17.49 22.99
N GLY A 1006 -34.03 -17.70 21.92
CA GLY A 1006 -33.70 -19.01 21.36
C GLY A 1006 -32.97 -19.89 22.38
N VAL A 1007 -32.07 -19.31 23.17
CA VAL A 1007 -31.24 -20.01 24.18
C VAL A 1007 -32.13 -20.45 25.34
N MET A 1008 -32.86 -19.50 25.94
CA MET A 1008 -33.75 -19.75 27.10
C MET A 1008 -34.76 -20.84 26.74
N GLY A 1009 -35.42 -20.72 25.58
CA GLY A 1009 -36.38 -21.71 25.05
C GLY A 1009 -35.73 -23.07 24.86
N GLY A 1010 -34.54 -23.10 24.24
CA GLY A 1010 -33.79 -24.33 23.95
C GLY A 1010 -33.28 -25.01 25.21
N MET A 1011 -32.78 -24.23 26.17
CA MET A 1011 -32.17 -24.74 27.43
C MET A 1011 -33.20 -25.47 28.28
N VAL A 1012 -34.42 -24.93 28.41
CA VAL A 1012 -35.48 -25.47 29.33
C VAL A 1012 -35.96 -26.83 28.82
N THR A 1013 -36.22 -26.98 27.51
CA THR A 1013 -36.63 -28.26 26.88
C THR A 1013 -35.47 -29.25 26.96
N ALA A 1014 -34.27 -28.81 26.59
CA ALA A 1014 -33.01 -29.61 26.63
C ALA A 1014 -32.78 -30.14 28.05
N THR A 1015 -33.02 -29.32 29.08
CA THR A 1015 -32.81 -29.67 30.50
C THR A 1015 -33.85 -30.71 30.96
N VAL A 1016 -35.14 -30.43 30.76
CA VAL A 1016 -36.26 -31.25 31.30
C VAL A 1016 -36.37 -32.57 30.52
N LEU A 1017 -36.19 -32.54 29.18
CA LEU A 1017 -36.37 -33.73 28.31
C LEU A 1017 -35.15 -34.66 28.44
N ALA A 1018 -33.93 -34.11 28.34
CA ALA A 1018 -32.65 -34.88 28.32
C ALA A 1018 -32.56 -35.80 29.54
N ILE A 1019 -32.89 -35.30 30.74
CA ILE A 1019 -32.76 -36.03 32.03
C ILE A 1019 -33.64 -37.29 32.02
N PHE A 1020 -34.68 -37.33 31.18
CA PHE A 1020 -35.63 -38.48 31.05
C PHE A 1020 -35.33 -39.30 29.78
N PHE A 1021 -34.73 -38.69 28.76
CA PHE A 1021 -34.56 -39.29 27.40
C PHE A 1021 -33.16 -39.90 27.24
N VAL A 1022 -32.11 -39.23 27.72
CA VAL A 1022 -30.70 -39.73 27.66
C VAL A 1022 -30.63 -41.14 28.26
N PRO A 1023 -31.18 -41.38 29.48
CA PRO A 1023 -31.19 -42.73 30.04
C PRO A 1023 -31.92 -43.77 29.16
N VAL A 1024 -32.96 -43.33 28.43
CA VAL A 1024 -33.70 -44.19 27.46
C VAL A 1024 -32.78 -44.47 26.26
N PHE A 1025 -32.15 -43.42 25.70
CA PHE A 1025 -31.26 -43.51 24.51
C PHE A 1025 -30.16 -44.54 24.77
N PHE A 1026 -29.41 -44.38 25.87
CA PHE A 1026 -28.27 -45.26 26.26
C PHE A 1026 -28.76 -46.71 26.38
N VAL A 1027 -29.80 -46.93 27.20
CA VAL A 1027 -30.37 -48.27 27.49
C VAL A 1027 -30.83 -48.93 26.18
N VAL A 1028 -31.59 -48.20 25.36
CA VAL A 1028 -32.14 -48.70 24.05
C VAL A 1028 -30.98 -49.02 23.11
N VAL A 1029 -30.06 -48.07 22.92
CA VAL A 1029 -28.89 -48.20 21.98
C VAL A 1029 -28.01 -49.36 22.44
N ARG A 1030 -27.67 -49.44 23.74
CA ARG A 1030 -26.82 -50.53 24.30
C ARG A 1030 -27.45 -51.90 24.00
N ARG A 1031 -28.79 -51.98 23.98
CA ARG A 1031 -29.53 -53.26 23.83
C ARG A 1031 -29.56 -53.71 22.37
N ARG A 1032 -29.82 -52.78 21.42
CA ARG A 1032 -29.88 -53.07 19.97
C ARG A 1032 -28.52 -53.59 19.48
N PHE A 1033 -27.41 -53.09 20.04
CA PHE A 1033 -26.01 -53.44 19.67
C PHE A 1033 -25.37 -54.26 20.80
N SER A 1034 -25.87 -55.48 21.01
CA SER A 1034 -25.44 -56.44 22.07
C SER A 1034 -25.50 -55.77 23.44
N MET B 1 14.56 -31.77 31.72
CA MET B 1 15.24 -31.40 30.44
C MET B 1 16.76 -31.43 30.62
N PRO B 2 17.33 -30.84 31.69
CA PRO B 2 18.74 -31.08 32.02
C PRO B 2 19.08 -32.58 32.19
N ASN B 3 18.24 -33.31 32.93
CA ASN B 3 18.36 -34.78 33.15
C ASN B 3 18.36 -35.50 31.79
N PHE B 4 17.45 -35.10 30.89
CA PHE B 4 17.28 -35.66 29.53
C PHE B 4 18.60 -35.55 28.76
N PHE B 5 19.27 -34.39 28.82
CA PHE B 5 20.46 -34.05 28.00
C PHE B 5 21.77 -34.45 28.71
N ILE B 6 21.72 -34.76 30.00
CA ILE B 6 22.87 -35.34 30.76
C ILE B 6 23.13 -36.77 30.24
N ASP B 7 22.05 -37.53 29.99
CA ASP B 7 22.09 -38.92 29.44
C ASP B 7 22.26 -38.86 27.92
N ARG B 8 21.98 -37.71 27.30
CA ARG B 8 22.04 -37.51 25.82
C ARG B 8 22.96 -36.35 25.48
N PRO B 9 24.29 -36.45 25.76
CA PRO B 9 25.24 -35.38 25.44
C PRO B 9 25.39 -35.07 23.94
N ILE B 10 25.22 -36.08 23.08
CA ILE B 10 25.38 -35.94 21.59
C ILE B 10 24.23 -35.07 21.05
N PHE B 11 22.99 -35.34 21.46
CA PHE B 11 21.79 -34.52 21.12
C PHE B 11 22.07 -33.06 21.50
N ALA B 12 22.54 -32.83 22.73
CA ALA B 12 22.91 -31.49 23.26
C ALA B 12 23.93 -30.84 22.33
N TRP B 13 24.95 -31.59 21.89
CA TRP B 13 26.00 -31.12 20.95
C TRP B 13 25.38 -30.78 19.58
N VAL B 14 24.40 -31.58 19.12
CA VAL B 14 23.70 -31.38 17.82
C VAL B 14 22.95 -30.03 17.86
N ILE B 15 22.24 -29.75 18.96
CA ILE B 15 21.50 -28.48 19.18
C ILE B 15 22.50 -27.31 19.16
N ALA B 16 23.66 -27.47 19.81
CA ALA B 16 24.74 -26.46 19.89
C ALA B 16 25.30 -26.19 18.48
N ILE B 17 25.57 -27.25 17.71
CA ILE B 17 26.13 -27.18 16.33
C ILE B 17 25.14 -26.43 15.42
N ILE B 18 23.86 -26.78 15.48
CA ILE B 18 22.77 -26.14 14.67
C ILE B 18 22.69 -24.64 15.00
N ILE B 19 22.75 -24.30 16.30
CA ILE B 19 22.73 -22.89 16.80
C ILE B 19 23.98 -22.17 16.29
N MET B 20 25.14 -22.83 16.30
CA MET B 20 26.44 -22.27 15.81
C MET B 20 26.36 -21.96 14.31
N LEU B 21 25.81 -22.90 13.53
CA LEU B 21 25.69 -22.77 12.04
C LEU B 21 24.73 -21.64 11.68
N ALA B 22 23.54 -21.63 12.30
CA ALA B 22 22.50 -20.59 12.14
C ALA B 22 23.11 -19.22 12.49
N GLY B 23 23.82 -19.15 13.62
CA GLY B 23 24.50 -17.92 14.11
C GLY B 23 25.61 -17.48 13.18
N GLY B 24 26.50 -18.42 12.80
CA GLY B 24 27.61 -18.18 11.85
C GLY B 24 27.10 -17.68 10.51
N LEU B 25 26.03 -18.30 10.01
CA LEU B 25 25.33 -17.90 8.75
C LEU B 25 24.76 -16.48 8.90
N ALA B 26 24.08 -16.22 10.03
CA ALA B 26 23.43 -14.92 10.36
C ALA B 26 24.50 -13.80 10.34
N ILE B 27 25.63 -14.02 11.01
CA ILE B 27 26.74 -13.02 11.16
C ILE B 27 27.25 -12.58 9.79
N LEU B 28 27.32 -13.50 8.82
CA LEU B 28 27.90 -13.25 7.47
C LEU B 28 26.87 -12.51 6.58
N LYS B 29 25.57 -12.77 6.75
CA LYS B 29 24.48 -12.25 5.89
C LYS B 29 23.83 -11.00 6.51
N LEU B 30 23.82 -10.88 7.85
CA LEU B 30 23.24 -9.74 8.58
C LEU B 30 23.77 -8.42 8.00
N PRO B 31 22.89 -7.43 7.71
CA PRO B 31 23.34 -6.11 7.28
C PRO B 31 24.05 -5.36 8.42
N VAL B 32 24.99 -4.49 8.05
CA VAL B 32 25.83 -3.68 8.99
C VAL B 32 25.58 -2.19 8.70
N ALA B 33 25.30 -1.41 9.75
CA ALA B 33 25.12 0.06 9.71
C ALA B 33 25.43 0.64 11.10
N GLN B 34 25.80 1.92 11.17
CA GLN B 34 26.16 2.60 12.45
C GLN B 34 24.94 2.59 13.38
N TYR B 35 23.77 2.96 12.86
CA TYR B 35 22.48 2.99 13.60
C TYR B 35 21.36 2.47 12.70
N PRO B 36 20.28 1.88 13.29
CA PRO B 36 19.12 1.46 12.52
C PRO B 36 18.15 2.64 12.30
N THR B 37 17.03 2.40 11.62
CA THR B 37 15.95 3.40 11.42
C THR B 37 15.27 3.66 12.76
N ILE B 38 15.23 4.92 13.19
CA ILE B 38 14.73 5.36 14.53
C ILE B 38 13.57 6.34 14.33
N ALA B 39 13.80 7.42 13.58
CA ALA B 39 12.82 8.48 13.28
C ALA B 39 11.59 7.88 12.59
N PRO B 40 10.38 8.41 12.84
CA PRO B 40 9.18 7.92 12.17
C PRO B 40 9.21 8.25 10.68
N PRO B 41 8.53 7.48 9.81
CA PRO B 41 8.61 7.68 8.36
C PRO B 41 8.11 9.07 7.94
N ALA B 42 8.93 9.80 7.18
CA ALA B 42 8.63 11.17 6.70
C ALA B 42 8.78 11.22 5.17
N VAL B 43 7.87 11.93 4.51
CA VAL B 43 7.88 12.19 3.04
C VAL B 43 7.95 13.71 2.83
N THR B 44 8.90 14.17 2.02
CA THR B 44 9.11 15.61 1.69
C THR B 44 8.68 15.89 0.25
N ILE B 45 7.94 16.96 0.03
CA ILE B 45 7.55 17.49 -1.32
C ILE B 45 8.39 18.75 -1.58
N SER B 46 9.32 18.68 -2.54
CA SER B 46 10.27 19.77 -2.90
C SER B 46 9.95 20.29 -4.31
N ALA B 47 9.80 21.62 -4.45
CA ALA B 47 9.55 22.32 -5.73
C ALA B 47 10.43 23.59 -5.80
N SER B 48 10.94 23.89 -6.99
CA SER B 48 11.73 25.12 -7.30
C SER B 48 10.89 26.06 -8.16
N TYR B 49 10.85 27.34 -7.79
CA TYR B 49 10.25 28.45 -8.58
C TYR B 49 11.34 29.49 -8.81
N PRO B 50 12.16 29.35 -9.89
CA PRO B 50 13.29 30.25 -10.13
C PRO B 50 12.91 31.74 -10.08
N GLY B 51 13.60 32.51 -9.23
CA GLY B 51 13.45 33.97 -9.09
C GLY B 51 12.20 34.36 -8.29
N ALA B 52 11.62 33.42 -7.54
CA ALA B 52 10.39 33.62 -6.74
C ALA B 52 10.75 34.01 -5.31
N ASP B 53 9.98 34.93 -4.73
CA ASP B 53 10.05 35.33 -3.30
C ASP B 53 9.25 34.33 -2.46
N ALA B 54 9.41 34.36 -1.14
CA ALA B 54 8.79 33.44 -0.17
C ALA B 54 7.27 33.40 -0.34
N LYS B 55 6.65 34.58 -0.46
CA LYS B 55 5.16 34.73 -0.50
C LYS B 55 4.63 34.16 -1.83
N THR B 56 5.30 34.44 -2.96
CA THR B 56 4.96 33.91 -4.30
C THR B 56 4.92 32.38 -4.22
N VAL B 57 5.98 31.76 -3.68
CA VAL B 57 6.10 30.29 -3.52
C VAL B 57 4.94 29.78 -2.65
N GLN B 58 4.70 30.42 -1.50
CA GLN B 58 3.68 29.99 -0.50
C GLN B 58 2.29 30.03 -1.12
N ASP B 59 1.96 31.14 -1.81
CA ASP B 59 0.57 31.49 -2.22
C ASP B 59 0.21 30.86 -3.58
N THR B 60 1.19 30.41 -4.36
CA THR B 60 0.96 29.78 -5.70
C THR B 60 1.34 28.29 -5.69
N VAL B 61 2.15 27.82 -4.74
CA VAL B 61 2.62 26.41 -4.68
C VAL B 61 2.20 25.77 -3.34
N THR B 62 2.78 26.23 -2.23
CA THR B 62 2.72 25.56 -0.89
C THR B 62 1.26 25.37 -0.46
N GLN B 63 0.46 26.44 -0.50
CA GLN B 63 -0.96 26.45 -0.04
C GLN B 63 -1.78 25.50 -0.92
N VAL B 64 -1.51 25.45 -2.23
CA VAL B 64 -2.24 24.60 -3.22
C VAL B 64 -1.97 23.13 -2.89
N ILE B 65 -0.70 22.76 -2.66
CA ILE B 65 -0.27 21.37 -2.38
C ILE B 65 -0.83 20.94 -1.02
N GLU B 66 -0.71 21.81 -0.01
CA GLU B 66 -1.17 21.55 1.39
C GLU B 66 -2.67 21.24 1.40
N GLN B 67 -3.47 21.97 0.62
CA GLN B 67 -4.95 21.83 0.55
C GLN B 67 -5.33 20.48 -0.09
N ASN B 68 -4.43 19.86 -0.85
CA ASN B 68 -4.69 18.61 -1.62
C ASN B 68 -4.05 17.40 -0.94
N MET B 69 -3.46 17.56 0.25
CA MET B 69 -2.81 16.46 1.01
C MET B 69 -3.86 15.75 1.89
N ASN B 70 -5.01 15.40 1.32
CA ASN B 70 -6.17 14.78 2.01
C ASN B 70 -6.24 13.29 1.64
N GLY B 71 -6.92 12.49 2.46
CA GLY B 71 -7.19 11.06 2.21
C GLY B 71 -5.94 10.20 2.27
N ILE B 72 -4.87 10.71 2.89
CA ILE B 72 -3.57 9.99 3.09
C ILE B 72 -3.59 9.39 4.50
N ASP B 73 -3.20 8.12 4.63
CA ASP B 73 -3.35 7.32 5.88
C ASP B 73 -2.18 7.58 6.83
N ASN B 74 -2.46 7.59 8.13
CA ASN B 74 -1.46 7.54 9.24
C ASN B 74 -0.57 8.79 9.23
N LEU B 75 -1.10 9.95 8.82
CA LEU B 75 -0.40 11.25 8.87
C LEU B 75 -0.50 11.81 10.29
N MET B 76 0.65 12.01 10.97
CA MET B 76 0.73 12.59 12.33
C MET B 76 0.59 14.11 12.24
N TYR B 77 1.46 14.75 11.45
CA TYR B 77 1.45 16.22 11.21
C TYR B 77 2.16 16.54 9.89
N MET B 78 1.94 17.76 9.40
CA MET B 78 2.48 18.30 8.12
C MET B 78 3.07 19.70 8.39
N SER B 79 4.32 19.93 8.00
CA SER B 79 5.03 21.22 8.11
C SER B 79 5.58 21.63 6.75
N SER B 80 5.77 22.93 6.51
CA SER B 80 6.27 23.48 5.23
C SER B 80 7.08 24.76 5.45
N ASN B 81 8.05 25.01 4.56
CA ASN B 81 8.85 26.26 4.48
C ASN B 81 8.78 26.78 3.03
N SER B 82 8.34 28.02 2.85
CA SER B 82 8.41 28.78 1.57
C SER B 82 9.36 29.96 1.76
N ASP B 83 10.49 29.97 1.04
CA ASP B 83 11.58 30.97 1.24
C ASP B 83 11.97 31.60 -0.10
N SER B 84 12.72 32.70 -0.04
CA SER B 84 13.04 33.63 -1.16
C SER B 84 14.23 33.12 -1.98
N THR B 85 14.71 31.91 -1.70
CA THR B 85 15.63 31.13 -2.58
C THR B 85 14.84 30.53 -3.75
N GLY B 86 13.51 30.68 -3.74
CA GLY B 86 12.59 30.14 -4.76
C GLY B 86 12.35 28.66 -4.55
N THR B 87 12.05 28.27 -3.29
CA THR B 87 12.01 26.87 -2.81
C THR B 87 10.86 26.69 -1.82
N VAL B 88 10.09 25.60 -1.97
CA VAL B 88 9.14 25.07 -0.96
C VAL B 88 9.61 23.66 -0.60
N GLN B 89 9.52 23.30 0.68
CA GLN B 89 9.70 21.90 1.17
C GLN B 89 8.60 21.59 2.18
N ILE B 90 7.63 20.77 1.79
CA ILE B 90 6.54 20.25 2.67
C ILE B 90 6.98 18.87 3.20
N THR B 91 7.19 18.75 4.52
CA THR B 91 7.52 17.47 5.20
C THR B 91 6.25 16.91 5.84
N LEU B 92 5.80 15.73 5.40
CA LEU B 92 4.69 14.96 5.99
C LEU B 92 5.26 13.81 6.83
N THR B 93 5.06 13.86 8.15
CA THR B 93 5.55 12.87 9.14
C THR B 93 4.41 11.91 9.47
N PHE B 94 4.67 10.60 9.39
CA PHE B 94 3.65 9.52 9.52
C PHE B 94 3.86 8.76 10.82
N GLU B 95 2.83 8.04 11.27
CA GLU B 95 2.85 7.20 12.50
C GLU B 95 3.96 6.15 12.36
N SER B 96 4.73 5.92 13.43
CA SER B 96 5.76 4.85 13.52
C SER B 96 5.13 3.52 13.11
N GLY B 97 5.74 2.80 12.17
CA GLY B 97 5.25 1.50 11.67
C GLY B 97 4.51 1.62 10.34
N THR B 98 4.27 2.86 9.87
CA THR B 98 3.68 3.15 8.53
C THR B 98 4.66 2.66 7.45
N ASP B 99 4.15 1.96 6.44
CA ASP B 99 4.92 1.58 5.23
C ASP B 99 5.30 2.86 4.48
N ALA B 100 6.60 3.18 4.45
CA ALA B 100 7.16 4.43 3.88
C ALA B 100 6.85 4.52 2.38
N ASP B 101 6.79 3.38 1.68
CA ASP B 101 6.49 3.30 0.23
C ASP B 101 5.01 3.67 -0.01
N ILE B 102 4.11 3.13 0.82
CA ILE B 102 2.64 3.39 0.76
C ILE B 102 2.38 4.86 1.14
N ALA B 103 3.13 5.40 2.10
CA ALA B 103 3.05 6.81 2.54
C ALA B 103 3.48 7.74 1.40
N GLN B 104 4.57 7.39 0.70
CA GLN B 104 5.15 8.21 -0.40
C GLN B 104 4.21 8.20 -1.61
N VAL B 105 3.69 7.03 -2.01
CA VAL B 105 2.85 6.84 -3.22
C VAL B 105 1.51 7.57 -3.01
N GLN B 106 0.96 7.54 -1.78
CA GLN B 106 -0.31 8.23 -1.43
C GLN B 106 -0.13 9.75 -1.50
N VAL B 107 1.01 10.27 -1.04
CA VAL B 107 1.38 11.71 -1.10
C VAL B 107 1.55 12.09 -2.58
N GLN B 108 2.44 11.37 -3.28
CA GLN B 108 2.76 11.53 -4.72
C GLN B 108 1.47 11.60 -5.55
N ASN B 109 0.56 10.64 -5.35
CA ASN B 109 -0.70 10.52 -6.11
C ASN B 109 -1.57 11.76 -5.88
N LYS B 110 -1.65 12.23 -4.63
CA LYS B 110 -2.46 13.41 -4.23
C LYS B 110 -1.81 14.71 -4.75
N LEU B 111 -0.50 14.70 -5.00
CA LEU B 111 0.23 15.87 -5.57
C LEU B 111 -0.23 16.12 -7.01
N GLN B 112 -0.60 15.06 -7.75
CA GLN B 112 -1.08 15.13 -9.15
C GLN B 112 -2.47 15.80 -9.18
N LEU B 113 -3.22 15.68 -8.08
CA LEU B 113 -4.49 16.42 -7.83
C LEU B 113 -4.23 17.93 -7.93
N ALA B 114 -3.01 18.36 -7.56
CA ALA B 114 -2.60 19.78 -7.43
C ALA B 114 -1.72 20.24 -8.60
N MET B 115 -1.04 19.32 -9.30
CA MET B 115 0.00 19.65 -10.32
C MET B 115 -0.55 20.60 -11.37
N PRO B 116 -1.76 20.39 -11.93
CA PRO B 116 -2.32 21.29 -12.94
C PRO B 116 -2.69 22.69 -12.40
N LEU B 117 -2.74 22.86 -11.07
CA LEU B 117 -3.09 24.13 -10.38
C LEU B 117 -1.83 24.93 -10.04
N LEU B 118 -0.64 24.33 -10.16
CA LEU B 118 0.65 25.00 -9.88
C LEU B 118 1.04 25.85 -11.09
N PRO B 119 1.92 26.87 -10.93
CA PRO B 119 2.39 27.66 -12.07
C PRO B 119 3.17 26.80 -13.08
N GLN B 120 3.10 27.16 -14.36
CA GLN B 120 3.77 26.44 -15.49
C GLN B 120 5.27 26.29 -15.18
N GLU B 121 5.89 27.32 -14.61
CA GLU B 121 7.34 27.36 -14.28
C GLU B 121 7.67 26.26 -13.25
N VAL B 122 6.76 26.02 -12.31
CA VAL B 122 6.91 25.00 -11.21
C VAL B 122 6.66 23.60 -11.80
N GLN B 123 5.65 23.46 -12.66
CA GLN B 123 5.33 22.19 -13.37
C GLN B 123 6.53 21.79 -14.24
N GLN B 124 7.23 22.79 -14.81
CA GLN B 124 8.41 22.60 -15.70
C GLN B 124 9.58 22.05 -14.87
N GLN B 125 9.91 22.69 -13.75
CA GLN B 125 11.01 22.29 -12.83
C GLN B 125 10.71 20.91 -12.25
N GLY B 126 9.43 20.59 -12.02
CA GLY B 126 8.98 19.32 -11.40
C GLY B 126 8.93 19.44 -9.90
N VAL B 127 8.04 18.66 -9.27
CA VAL B 127 7.84 18.62 -7.79
C VAL B 127 8.24 17.23 -7.29
N SER B 128 9.39 17.12 -6.63
CA SER B 128 9.98 15.85 -6.13
C SER B 128 9.28 15.41 -4.85
N VAL B 129 8.79 14.17 -4.82
CA VAL B 129 8.25 13.48 -3.61
C VAL B 129 9.23 12.36 -3.24
N GLU B 130 9.91 12.48 -2.10
CA GLU B 130 11.02 11.58 -1.67
C GLU B 130 10.81 11.17 -0.21
N LYS B 131 11.20 9.94 0.14
CA LYS B 131 11.29 9.46 1.55
C LYS B 131 12.44 10.19 2.23
N SER B 132 12.13 10.96 3.28
CA SER B 132 13.08 11.84 4.00
C SER B 132 14.11 11.00 4.78
N SER B 133 15.38 11.39 4.73
CA SER B 133 16.52 10.75 5.43
C SER B 133 17.62 11.78 5.68
N SER B 134 18.13 11.86 6.91
CA SER B 134 19.19 12.81 7.34
C SER B 134 20.40 12.04 7.86
N SER B 135 20.75 10.93 7.19
CA SER B 135 21.93 10.07 7.50
C SER B 135 22.58 9.61 6.19
N PHE B 136 23.78 10.12 5.90
CA PHE B 136 24.62 9.74 4.74
C PHE B 136 25.59 8.64 5.16
N LEU B 137 25.83 7.67 4.27
CA LEU B 137 26.89 6.63 4.44
C LEU B 137 28.25 7.31 4.40
N MET B 138 28.46 8.17 3.39
CA MET B 138 29.71 8.96 3.20
C MET B 138 29.42 10.15 2.27
N VAL B 139 30.31 11.14 2.28
CA VAL B 139 30.35 12.27 1.30
C VAL B 139 31.64 12.14 0.49
N VAL B 140 31.52 11.85 -0.81
CA VAL B 140 32.66 11.80 -1.77
C VAL B 140 32.84 13.20 -2.34
N GLY B 141 33.96 13.85 -2.02
CA GLY B 141 34.34 15.17 -2.56
C GLY B 141 35.14 15.03 -3.84
N VAL B 142 34.90 15.91 -4.82
CA VAL B 142 35.61 15.98 -6.12
C VAL B 142 36.15 17.40 -6.28
N ILE B 143 37.48 17.55 -6.38
CA ILE B 143 38.18 18.87 -6.42
C ILE B 143 39.11 18.90 -7.64
N ASN B 144 39.47 20.12 -8.09
CA ASN B 144 40.49 20.38 -9.14
C ASN B 144 41.66 21.14 -8.51
N THR B 145 42.87 20.58 -8.57
CA THR B 145 44.08 21.07 -7.86
C THR B 145 44.87 22.05 -8.73
N ASP B 146 44.86 21.87 -10.06
CA ASP B 146 45.66 22.69 -11.02
C ASP B 146 44.84 23.93 -11.45
N GLY B 147 43.67 24.16 -10.85
CA GLY B 147 42.87 25.39 -11.00
C GLY B 147 42.47 25.65 -12.43
N THR B 148 42.07 24.60 -13.16
CA THR B 148 41.64 24.64 -14.59
C THR B 148 40.12 24.51 -14.68
N MET B 149 39.45 24.06 -13.61
CA MET B 149 38.00 23.77 -13.58
C MET B 149 37.33 24.56 -12.44
N THR B 150 36.17 25.16 -12.73
CA THR B 150 35.25 25.78 -11.73
C THR B 150 34.39 24.67 -11.10
N GLN B 151 33.65 24.98 -10.03
CA GLN B 151 32.72 24.02 -9.36
C GLN B 151 31.64 23.58 -10.36
N GLU B 152 31.26 24.47 -11.29
CA GLU B 152 30.27 24.19 -12.38
C GLU B 152 30.85 23.12 -13.30
N ASP B 153 32.14 23.20 -13.63
CA ASP B 153 32.87 22.26 -14.52
C ASP B 153 32.98 20.89 -13.82
N ILE B 154 33.36 20.88 -12.54
CA ILE B 154 33.53 19.63 -11.72
C ILE B 154 32.16 18.95 -11.58
N SER B 155 31.14 19.71 -11.17
CA SER B 155 29.75 19.24 -10.96
C SER B 155 29.23 18.52 -12.23
N ASP B 156 29.44 19.12 -13.40
CA ASP B 156 29.00 18.58 -14.71
C ASP B 156 29.69 17.24 -14.97
N TYR B 157 31.00 17.15 -14.71
CA TYR B 157 31.81 15.92 -14.91
C TYR B 157 31.27 14.79 -14.02
N VAL B 158 31.01 15.11 -12.74
CA VAL B 158 30.49 14.14 -11.72
C VAL B 158 29.13 13.63 -12.19
N ALA B 159 28.25 14.53 -12.62
CA ALA B 159 26.87 14.24 -13.11
C ALA B 159 26.93 13.30 -14.33
N ALA B 160 27.89 13.52 -15.22
CA ALA B 160 27.98 12.90 -16.57
C ALA B 160 28.69 11.54 -16.50
N ASN B 161 29.72 11.40 -15.65
CA ASN B 161 30.71 10.29 -15.73
C ASN B 161 30.75 9.44 -14.45
N MET B 162 30.26 9.94 -13.31
CA MET B 162 30.48 9.31 -11.98
C MET B 162 29.15 8.89 -11.33
N LYS B 163 28.21 9.82 -11.18
CA LYS B 163 26.98 9.67 -10.36
C LYS B 163 26.25 8.36 -10.71
N ASP B 164 25.98 8.14 -12.01
CA ASP B 164 25.17 7.00 -12.52
C ASP B 164 25.80 5.67 -12.10
N ALA B 165 27.13 5.56 -12.23
CA ALA B 165 27.93 4.36 -11.89
C ALA B 165 27.90 4.14 -10.37
N ILE B 166 27.97 5.22 -9.58
CA ILE B 166 27.91 5.18 -8.08
C ILE B 166 26.49 4.80 -7.66
N SER B 167 25.47 5.34 -8.32
CA SER B 167 24.03 5.02 -8.09
C SER B 167 23.76 3.54 -8.40
N ARG B 168 24.49 2.97 -9.36
CA ARG B 168 24.36 1.54 -9.80
C ARG B 168 25.09 0.61 -8.84
N THR B 169 26.08 1.12 -8.08
CA THR B 169 26.94 0.34 -7.15
C THR B 169 26.07 -0.38 -6.10
N SER B 170 26.49 -1.57 -5.69
CA SER B 170 25.77 -2.49 -4.78
C SER B 170 25.66 -1.86 -3.38
N GLY B 171 24.43 -1.70 -2.88
CA GLY B 171 24.15 -1.21 -1.52
C GLY B 171 23.83 0.28 -1.48
N VAL B 172 24.09 1.00 -2.58
CA VAL B 172 23.86 2.47 -2.71
C VAL B 172 22.36 2.72 -2.92
N GLY B 173 21.74 3.52 -2.05
CA GLY B 173 20.29 3.80 -2.06
C GLY B 173 19.97 5.07 -2.83
N ASP B 174 20.63 6.18 -2.48
CA ASP B 174 20.43 7.51 -3.11
C ASP B 174 21.77 8.23 -3.24
N VAL B 175 21.92 9.08 -4.27
CA VAL B 175 23.12 9.92 -4.52
C VAL B 175 22.64 11.34 -4.83
N GLN B 176 23.15 12.33 -4.09
CA GLN B 176 22.83 13.78 -4.25
C GLN B 176 24.08 14.52 -4.75
N LEU B 177 24.00 15.13 -5.93
CA LEU B 177 25.08 15.94 -6.55
C LEU B 177 25.16 17.30 -5.83
N PHE B 178 26.33 17.65 -5.30
CA PHE B 178 26.61 18.96 -4.64
C PHE B 178 26.95 19.98 -5.74
N GLY B 179 25.89 20.52 -6.36
CA GLY B 179 25.93 21.29 -7.61
C GLY B 179 24.98 20.70 -8.63
N SER B 180 24.99 21.20 -9.87
CA SER B 180 24.18 20.70 -11.00
C SER B 180 25.08 20.42 -12.20
N GLN B 181 24.59 19.60 -13.14
CA GLN B 181 25.19 19.45 -14.49
C GLN B 181 25.10 20.80 -15.20
N TYR B 182 25.89 21.02 -16.25
CA TYR B 182 25.88 22.26 -17.07
C TYR B 182 24.43 22.61 -17.46
N ALA B 183 24.14 23.89 -17.52
CA ALA B 183 22.95 24.48 -18.18
C ALA B 183 23.44 25.47 -19.24
N MET B 184 22.79 25.52 -20.40
CA MET B 184 23.07 26.53 -21.45
C MET B 184 22.65 27.90 -20.93
N ARG B 185 23.61 28.71 -20.48
CA ARG B 185 23.37 30.04 -19.87
C ARG B 185 23.43 31.12 -20.94
N ILE B 186 22.30 31.77 -21.22
CA ILE B 186 22.17 32.97 -22.10
C ILE B 186 22.17 34.21 -21.19
N TRP B 187 23.29 34.93 -21.11
CA TRP B 187 23.47 36.12 -20.25
C TRP B 187 23.14 37.39 -21.06
N MET B 188 21.90 37.87 -20.95
CA MET B 188 21.32 38.93 -21.83
C MET B 188 21.92 40.30 -21.49
N ASN B 189 22.05 41.15 -22.51
CA ASN B 189 22.52 42.56 -22.41
C ASN B 189 21.36 43.47 -22.81
N PRO B 190 20.85 44.32 -21.89
CA PRO B 190 19.68 45.16 -22.19
C PRO B 190 19.98 46.30 -23.18
N ASN B 191 21.21 46.81 -23.18
CA ASN B 191 21.68 47.88 -24.10
C ASN B 191 21.61 47.35 -25.54
N GLU B 192 22.15 46.15 -25.77
CA GLU B 192 22.19 45.48 -27.10
C GLU B 192 20.76 45.13 -27.55
N LEU B 193 19.92 44.67 -26.62
CA LEU B 193 18.51 44.29 -26.89
C LEU B 193 17.71 45.52 -27.32
N ASN B 194 17.85 46.65 -26.60
CA ASN B 194 17.17 47.94 -26.91
C ASN B 194 17.69 48.49 -28.25
N LYS B 195 18.99 48.30 -28.54
CA LYS B 195 19.66 48.76 -29.77
C LYS B 195 19.00 48.15 -31.01
N PHE B 196 18.50 46.92 -30.90
CA PHE B 196 17.87 46.13 -32.00
C PHE B 196 16.36 46.04 -31.81
N GLN B 197 15.80 46.80 -30.86
CA GLN B 197 14.35 46.85 -30.52
C GLN B 197 13.85 45.44 -30.17
N LEU B 198 14.61 44.70 -29.35
CA LEU B 198 14.30 43.32 -28.92
C LEU B 198 14.14 43.29 -27.39
N THR B 199 13.49 42.25 -26.87
CA THR B 199 13.21 42.01 -25.43
C THR B 199 13.56 40.57 -25.07
N PRO B 200 13.65 40.21 -23.78
CA PRO B 200 13.77 38.82 -23.35
C PRO B 200 12.69 37.89 -23.92
N VAL B 201 11.51 38.44 -24.22
CA VAL B 201 10.34 37.69 -24.81
C VAL B 201 10.74 37.15 -26.19
N ASP B 202 11.46 37.97 -26.97
CA ASP B 202 11.92 37.63 -28.36
C ASP B 202 13.00 36.55 -28.28
N VAL B 203 13.87 36.61 -27.27
CA VAL B 203 14.97 35.63 -27.01
C VAL B 203 14.34 34.25 -26.72
N ILE B 204 13.36 34.22 -25.81
CA ILE B 204 12.65 32.98 -25.38
C ILE B 204 11.89 32.37 -26.57
N THR B 205 11.22 33.21 -27.36
CA THR B 205 10.43 32.82 -28.56
C THR B 205 11.36 32.16 -29.59
N ALA B 206 12.53 32.76 -29.82
CA ALA B 206 13.54 32.31 -30.82
C ALA B 206 14.17 30.99 -30.37
N ILE B 207 14.52 30.86 -29.09
CA ILE B 207 15.14 29.64 -28.49
C ILE B 207 14.14 28.49 -28.61
N LYS B 208 12.86 28.72 -28.29
CA LYS B 208 11.76 27.72 -28.33
C LYS B 208 11.56 27.21 -29.76
N ALA B 209 11.71 28.09 -30.76
CA ALA B 209 11.50 27.78 -32.19
C ALA B 209 12.74 27.04 -32.75
N GLN B 210 13.94 27.51 -32.42
CA GLN B 210 15.22 27.10 -33.08
C GLN B 210 15.99 26.09 -32.23
N ASN B 211 15.53 25.80 -31.01
CA ASN B 211 16.00 24.65 -30.18
C ASN B 211 14.79 23.80 -29.79
N ALA B 212 14.47 22.79 -30.60
CA ALA B 212 13.26 21.95 -30.46
C ALA B 212 13.41 20.63 -31.25
N GLN B 213 12.69 19.60 -30.80
CA GLN B 213 12.51 18.30 -31.50
C GLN B 213 11.14 18.33 -32.19
N VAL B 214 11.14 18.33 -33.53
CA VAL B 214 9.91 18.39 -34.38
C VAL B 214 9.67 17.00 -34.99
N ALA B 215 8.49 16.42 -34.75
CA ALA B 215 8.03 15.15 -35.34
C ALA B 215 7.62 15.37 -36.80
N ALA B 216 8.22 14.63 -37.73
CA ALA B 216 7.93 14.69 -39.18
C ALA B 216 7.02 13.52 -39.56
N GLY B 217 7.59 12.32 -39.76
CA GLY B 217 6.82 11.11 -40.12
C GLY B 217 7.71 10.05 -40.76
N GLN B 218 7.17 9.37 -41.78
CA GLN B 218 7.86 8.26 -42.50
C GLN B 218 7.68 8.43 -44.02
N LEU B 219 8.71 8.07 -44.80
CA LEU B 219 8.57 7.73 -46.24
C LEU B 219 7.96 6.34 -46.33
N GLY B 220 6.91 6.16 -47.14
CA GLY B 220 6.22 4.88 -47.35
C GLY B 220 5.64 4.32 -46.07
N GLY B 221 5.09 5.20 -45.22
CA GLY B 221 4.37 4.81 -43.98
C GLY B 221 3.03 4.19 -44.31
N THR B 222 2.45 3.45 -43.36
CA THR B 222 1.14 2.74 -43.52
C THR B 222 0.01 3.75 -43.36
N PRO B 223 -1.11 3.62 -44.12
CA PRO B 223 -1.25 2.64 -45.19
C PRO B 223 -0.48 3.05 -46.44
N PRO B 224 0.34 2.15 -47.04
CA PRO B 224 1.17 2.51 -48.19
C PRO B 224 0.45 2.32 -49.53
N VAL B 225 0.98 2.91 -50.59
CA VAL B 225 0.64 2.55 -51.99
C VAL B 225 1.33 1.20 -52.26
N LYS B 226 0.54 0.15 -52.53
CA LYS B 226 1.05 -1.21 -52.87
C LYS B 226 2.13 -1.08 -53.95
N GLY B 227 3.30 -1.69 -53.74
CA GLY B 227 4.46 -1.64 -54.64
C GLY B 227 5.56 -0.74 -54.10
N GLN B 228 5.32 -0.07 -52.97
CA GLN B 228 6.31 0.77 -52.24
C GLN B 228 7.49 -0.12 -51.82
N GLN B 229 8.73 0.34 -52.07
CA GLN B 229 9.98 -0.40 -51.78
C GLN B 229 10.60 0.11 -50.48
N LEU B 230 10.38 1.37 -50.12
CA LEU B 230 11.15 2.10 -49.08
C LEU B 230 10.24 2.48 -47.89
N ASN B 231 10.68 2.16 -46.68
CA ASN B 231 10.06 2.61 -45.39
C ASN B 231 11.16 3.17 -44.49
N ALA B 232 11.33 4.50 -44.48
CA ALA B 232 12.36 5.22 -43.69
C ALA B 232 11.71 6.31 -42.85
N SER B 233 12.19 6.51 -41.62
CA SER B 233 11.77 7.61 -40.71
C SER B 233 12.28 8.94 -41.28
N ILE B 234 11.43 9.98 -41.24
CA ILE B 234 11.82 11.38 -41.58
C ILE B 234 12.28 12.06 -40.29
N ILE B 235 13.54 12.47 -40.25
CA ILE B 235 14.15 13.28 -39.15
C ILE B 235 14.14 14.75 -39.59
N ALA B 236 13.41 15.60 -38.88
CA ALA B 236 13.33 17.06 -39.13
C ALA B 236 14.25 17.79 -38.14
N GLN B 237 13.78 18.89 -37.53
CA GLN B 237 14.56 19.68 -36.55
C GLN B 237 14.80 18.84 -35.30
N THR B 238 16.07 18.75 -34.86
CA THR B 238 16.50 18.15 -33.57
C THR B 238 17.09 19.26 -32.69
N ARG B 239 17.18 19.03 -31.38
CA ARG B 239 17.68 20.00 -30.37
C ARG B 239 19.12 20.40 -30.69
N LEU B 240 19.50 21.62 -30.32
CA LEU B 240 20.89 22.16 -30.45
C LEU B 240 21.78 21.48 -29.40
N THR B 241 23.10 21.42 -29.64
CA THR B 241 24.05 20.58 -28.87
C THR B 241 25.27 21.37 -28.40
N SER B 242 25.38 22.67 -28.71
CA SER B 242 26.60 23.49 -28.49
C SER B 242 26.25 24.96 -28.28
N THR B 243 27.13 25.69 -27.57
CA THR B 243 27.06 27.16 -27.35
C THR B 243 27.14 27.87 -28.71
N GLU B 244 27.94 27.33 -29.64
CA GLU B 244 28.15 27.87 -31.02
C GLU B 244 26.79 27.98 -31.72
N GLU B 245 25.97 26.92 -31.64
CA GLU B 245 24.64 26.82 -32.31
C GLU B 245 23.66 27.83 -31.68
N PHE B 246 23.65 27.94 -30.36
CA PHE B 246 22.77 28.87 -29.59
C PHE B 246 23.11 30.32 -29.96
N GLY B 247 24.40 30.63 -30.13
CA GLY B 247 24.88 31.96 -30.57
C GLY B 247 24.40 32.31 -31.97
N LYS B 248 24.16 31.30 -32.81
CA LYS B 248 23.77 31.46 -34.24
C LYS B 248 22.23 31.55 -34.37
N ILE B 249 21.49 31.39 -33.27
CA ILE B 249 20.00 31.57 -33.24
C ILE B 249 19.67 32.97 -33.79
N LEU B 250 18.82 33.03 -34.82
CA LEU B 250 18.40 34.30 -35.49
C LEU B 250 17.28 34.94 -34.69
N LEU B 251 17.42 36.22 -34.32
CA LEU B 251 16.43 37.00 -33.54
C LEU B 251 15.61 37.89 -34.47
N LYS B 252 16.25 38.56 -35.42
CA LYS B 252 15.56 39.39 -36.46
C LYS B 252 16.50 39.69 -37.63
N VAL B 253 15.93 39.94 -38.81
CA VAL B 253 16.62 40.44 -40.04
C VAL B 253 16.34 41.94 -40.16
N ASN B 254 17.38 42.77 -40.09
CA ASN B 254 17.28 44.25 -40.19
C ASN B 254 16.85 44.64 -41.61
N GLN B 255 16.42 45.90 -41.79
CA GLN B 255 15.87 46.43 -43.07
C GLN B 255 16.97 46.39 -44.15
N ASP B 256 18.22 46.68 -43.77
CA ASP B 256 19.39 46.72 -44.71
C ASP B 256 19.76 45.31 -45.15
N GLY B 257 19.38 44.28 -44.37
CA GLY B 257 19.59 42.86 -44.69
C GLY B 257 20.49 42.16 -43.68
N SER B 258 21.16 42.92 -42.81
CA SER B 258 22.04 42.40 -41.72
C SER B 258 21.20 41.62 -40.70
N ARG B 259 21.84 40.69 -39.98
CA ARG B 259 21.17 39.69 -39.11
C ARG B 259 21.61 39.89 -37.66
N VAL B 260 20.64 40.01 -36.74
CA VAL B 260 20.85 40.05 -35.27
C VAL B 260 20.77 38.61 -34.74
N LEU B 261 21.90 38.07 -34.27
CA LEU B 261 21.99 36.70 -33.68
C LEU B 261 21.91 36.82 -32.16
N LEU B 262 21.79 35.68 -31.46
CA LEU B 262 21.64 35.64 -29.97
C LEU B 262 22.96 36.06 -29.31
N ARG B 263 24.10 35.81 -29.97
CA ARG B 263 25.45 36.16 -29.46
C ARG B 263 25.69 37.67 -29.56
N ASP B 264 24.86 38.39 -30.34
CA ASP B 264 24.95 39.86 -30.54
C ASP B 264 24.25 40.59 -29.40
N VAL B 265 23.41 39.91 -28.59
CA VAL B 265 22.63 40.53 -27.48
C VAL B 265 22.85 39.77 -26.17
N ALA B 266 23.72 38.76 -26.14
CA ALA B 266 23.94 37.91 -24.94
C ALA B 266 25.30 37.21 -24.99
N LYS B 267 25.91 37.01 -23.83
CA LYS B 267 27.08 36.11 -23.62
C LYS B 267 26.54 34.69 -23.39
N ILE B 268 27.11 33.70 -24.08
CA ILE B 268 26.60 32.30 -24.14
C ILE B 268 27.72 31.35 -23.67
N GLU B 269 27.46 30.58 -22.61
CA GLU B 269 28.44 29.64 -21.99
C GLU B 269 27.69 28.52 -21.29
N LEU B 270 28.35 27.37 -21.11
CA LEU B 270 27.91 26.27 -20.21
C LEU B 270 28.20 26.69 -18.76
N GLY B 271 27.17 26.76 -17.92
CA GLY B 271 27.27 27.16 -16.50
C GLY B 271 26.40 26.30 -15.62
N GLY B 272 26.25 26.67 -14.34
CA GLY B 272 25.41 25.96 -13.37
C GLY B 272 23.95 26.35 -13.52
N GLU B 273 23.03 25.49 -13.04
CA GLU B 273 21.58 25.79 -12.95
C GLU B 273 21.36 26.85 -11.87
N ASN B 274 22.08 26.74 -10.76
CA ASN B 274 21.95 27.60 -9.54
C ASN B 274 23.33 28.11 -9.14
N TYR B 275 23.45 29.42 -8.87
CA TYR B 275 24.71 30.12 -8.48
C TYR B 275 24.63 30.59 -7.02
N ASP B 276 23.55 30.25 -6.31
CA ASP B 276 23.29 30.66 -4.90
C ASP B 276 24.31 29.99 -3.97
N ILE B 277 24.78 28.79 -4.32
CA ILE B 277 25.68 27.94 -3.46
C ILE B 277 27.07 27.88 -4.11
N ILE B 278 28.11 28.19 -3.31
CA ILE B 278 29.55 28.09 -3.69
C ILE B 278 30.23 27.10 -2.74
N ALA B 279 30.73 25.98 -3.27
CA ALA B 279 31.41 24.89 -2.52
C ALA B 279 32.93 24.99 -2.74
N GLU B 280 33.70 24.97 -1.65
CA GLU B 280 35.19 24.99 -1.67
C GLU B 280 35.72 23.92 -0.70
N PHE B 281 36.81 23.26 -1.07
CA PHE B 281 37.53 22.24 -0.26
C PHE B 281 39.00 22.67 -0.15
N ASN B 282 39.41 23.16 1.03
CA ASN B 282 40.73 23.78 1.30
C ASN B 282 40.93 24.96 0.34
N GLY B 283 39.87 25.73 0.10
CA GLY B 283 39.90 26.96 -0.73
C GLY B 283 39.69 26.68 -2.21
N GLN B 284 39.88 25.43 -2.66
CA GLN B 284 39.84 25.02 -4.09
C GLN B 284 38.40 24.73 -4.49
N PRO B 285 38.02 24.97 -5.78
CA PRO B 285 36.68 24.61 -6.26
C PRO B 285 36.37 23.12 -6.07
N ALA B 286 35.12 22.79 -5.73
CA ALA B 286 34.70 21.42 -5.35
C ALA B 286 33.22 21.17 -5.70
N SER B 287 32.92 19.95 -6.15
CA SER B 287 31.57 19.32 -6.15
C SER B 287 31.61 18.13 -5.20
N GLY B 288 30.65 17.20 -5.30
CA GLY B 288 30.67 15.96 -4.51
C GLY B 288 29.40 15.14 -4.66
N LEU B 289 29.41 13.93 -4.10
CA LEU B 289 28.25 13.00 -4.03
C LEU B 289 27.94 12.70 -2.55
N GLY B 290 26.74 13.07 -2.10
CA GLY B 290 26.16 12.61 -0.81
C GLY B 290 25.52 11.26 -1.00
N ILE B 291 26.15 10.20 -0.49
CA ILE B 291 25.73 8.78 -0.71
C ILE B 291 25.01 8.27 0.54
N LYS B 292 23.78 7.76 0.36
CA LYS B 292 22.94 7.15 1.43
C LYS B 292 22.87 5.64 1.20
N LEU B 293 22.88 4.85 2.28
CA LEU B 293 22.86 3.37 2.25
C LEU B 293 21.44 2.89 1.93
N ALA B 294 21.32 1.93 1.01
CA ALA B 294 20.04 1.28 0.61
C ALA B 294 19.52 0.40 1.76
N THR B 295 18.21 0.18 1.80
CA THR B 295 17.49 -0.63 2.82
C THR B 295 18.12 -2.01 2.93
N GLY B 296 18.56 -2.40 4.14
CA GLY B 296 19.06 -3.74 4.48
C GLY B 296 20.38 -4.07 3.80
N ALA B 297 21.16 -3.06 3.40
CA ALA B 297 22.49 -3.19 2.77
C ALA B 297 23.57 -3.17 3.85
N ASN B 298 24.76 -3.69 3.53
CA ASN B 298 25.95 -3.72 4.41
C ASN B 298 26.79 -2.46 4.15
N ALA B 299 26.88 -1.57 5.15
CA ALA B 299 27.59 -0.28 5.08
C ALA B 299 29.05 -0.49 4.66
N LEU B 300 29.70 -1.53 5.18
CA LEU B 300 31.14 -1.82 4.98
C LEU B 300 31.36 -2.41 3.57
N ASP B 301 30.42 -3.22 3.08
CA ASP B 301 30.43 -3.77 1.69
C ASP B 301 30.25 -2.61 0.71
N THR B 302 29.26 -1.75 0.95
CA THR B 302 28.87 -0.62 0.07
C THR B 302 30.04 0.37 -0.07
N ALA B 303 30.66 0.75 1.05
CA ALA B 303 31.79 1.72 1.10
C ALA B 303 32.99 1.17 0.31
N ALA B 304 33.30 -0.11 0.49
CA ALA B 304 34.36 -0.85 -0.24
C ALA B 304 34.03 -0.91 -1.72
N ALA B 305 32.74 -1.09 -2.06
CA ALA B 305 32.22 -1.18 -3.44
C ALA B 305 32.25 0.20 -4.11
N ILE B 306 31.96 1.27 -3.35
CA ILE B 306 32.02 2.69 -3.82
C ILE B 306 33.48 3.03 -4.17
N ARG B 307 34.42 2.67 -3.29
CA ARG B 307 35.88 2.93 -3.45
C ARG B 307 36.42 2.10 -4.62
N ALA B 308 35.87 0.91 -4.86
CA ALA B 308 36.22 0.01 -5.99
C ALA B 308 35.80 0.63 -7.31
N GLU B 309 34.61 1.26 -7.34
CA GLU B 309 34.04 1.92 -8.55
C GLU B 309 34.83 3.19 -8.87
N LEU B 310 35.08 4.04 -7.85
CA LEU B 310 35.83 5.31 -8.01
C LEU B 310 37.25 5.02 -8.52
N ALA B 311 37.86 3.90 -8.08
CA ALA B 311 39.19 3.42 -8.51
C ALA B 311 39.16 3.11 -10.02
N LYS B 312 38.06 2.54 -10.52
CA LYS B 312 37.85 2.20 -11.95
C LYS B 312 37.71 3.47 -12.79
N MET B 313 37.23 4.58 -12.19
CA MET B 313 37.01 5.88 -12.86
C MET B 313 38.30 6.70 -12.87
N GLU B 314 39.22 6.44 -11.94
CA GLU B 314 40.49 7.21 -11.74
C GLU B 314 41.18 7.46 -13.08
N PRO B 315 41.46 6.42 -13.90
CA PRO B 315 42.21 6.60 -15.15
C PRO B 315 41.63 7.61 -16.15
N PHE B 316 40.30 7.81 -16.17
CA PHE B 316 39.57 8.60 -17.19
C PHE B 316 39.33 10.04 -16.72
N PHE B 317 39.73 10.39 -15.49
CA PHE B 317 39.63 11.76 -14.93
C PHE B 317 40.44 12.73 -15.79
N PRO B 318 39.99 13.99 -15.97
CA PRO B 318 40.86 15.06 -16.46
C PRO B 318 41.98 15.34 -15.44
N SER B 319 43.06 15.99 -15.88
CA SER B 319 44.24 16.36 -15.04
C SER B 319 43.80 17.36 -13.96
N GLY B 320 44.20 17.10 -12.70
CA GLY B 320 43.89 17.95 -11.54
C GLY B 320 42.75 17.40 -10.70
N LEU B 321 41.85 16.62 -11.31
CA LEU B 321 40.65 16.04 -10.62
C LEU B 321 41.13 14.99 -9.61
N LYS B 322 40.61 15.06 -8.38
CA LYS B 322 41.08 14.27 -7.21
C LYS B 322 39.87 13.96 -6.31
N ILE B 323 39.73 12.69 -5.91
CA ILE B 323 38.65 12.23 -4.98
C ILE B 323 39.14 12.45 -3.55
N VAL B 324 38.26 12.98 -2.68
CA VAL B 324 38.52 13.17 -1.22
C VAL B 324 37.28 12.67 -0.47
N TYR B 325 37.47 12.19 0.77
CA TYR B 325 36.41 11.61 1.63
C TYR B 325 36.31 12.44 2.91
N PRO B 326 35.76 13.68 2.83
CA PRO B 326 35.63 14.55 4.00
C PRO B 326 34.69 14.00 5.09
N TYR B 327 33.77 13.10 4.71
CA TYR B 327 32.83 12.41 5.63
C TYR B 327 32.69 10.94 5.21
N ASP B 328 32.94 10.02 6.14
CA ASP B 328 32.79 8.55 5.96
C ASP B 328 32.63 7.92 7.35
N THR B 329 31.49 7.26 7.58
CA THR B 329 31.11 6.66 8.89
C THR B 329 31.75 5.27 9.06
N THR B 330 32.07 4.60 7.96
CA THR B 330 32.48 3.17 7.93
C THR B 330 33.76 2.95 8.73
N PRO B 331 34.78 3.85 8.69
CA PRO B 331 35.94 3.72 9.56
C PRO B 331 35.58 3.66 11.05
N PHE B 332 34.59 4.46 11.45
CA PHE B 332 34.04 4.52 12.84
C PHE B 332 33.32 3.21 13.17
N VAL B 333 32.57 2.67 12.20
CA VAL B 333 31.72 1.44 12.36
C VAL B 333 32.63 0.21 12.47
N LYS B 334 33.72 0.17 11.70
CA LYS B 334 34.78 -0.88 11.77
C LYS B 334 35.28 -0.98 13.21
N ILE B 335 35.70 0.15 13.77
CA ILE B 335 36.28 0.28 15.15
C ILE B 335 35.23 -0.16 16.18
N SER B 336 33.98 0.31 16.03
CA SER B 336 32.82 -0.02 16.90
C SER B 336 32.64 -1.55 16.97
N ILE B 337 32.58 -2.20 15.80
CA ILE B 337 32.45 -3.69 15.66
C ILE B 337 33.65 -4.35 16.35
N HIS B 338 34.87 -4.01 15.92
CA HIS B 338 36.15 -4.61 16.38
C HIS B 338 36.24 -4.53 17.91
N GLU B 339 35.99 -3.35 18.49
CA GLU B 339 36.10 -3.08 19.95
C GLU B 339 35.10 -3.95 20.72
N VAL B 340 33.89 -4.15 20.18
CA VAL B 340 32.82 -4.98 20.79
C VAL B 340 33.24 -6.46 20.74
N VAL B 341 33.79 -6.91 19.60
CA VAL B 341 34.29 -8.31 19.42
C VAL B 341 35.46 -8.54 20.39
N LYS B 342 36.33 -7.54 20.53
CA LYS B 342 37.50 -7.57 21.44
C LYS B 342 37.00 -7.73 22.89
N THR B 343 35.98 -6.94 23.28
CA THR B 343 35.34 -6.98 24.63
C THR B 343 34.78 -8.38 24.89
N LEU B 344 34.01 -8.93 23.93
CA LEU B 344 33.34 -10.26 24.03
C LEU B 344 34.40 -11.37 24.14
N VAL B 345 35.49 -11.28 23.37
CA VAL B 345 36.58 -12.30 23.35
C VAL B 345 37.37 -12.19 24.66
N GLU B 346 37.72 -10.98 25.09
CA GLU B 346 38.44 -10.71 26.36
C GLU B 346 37.58 -11.15 27.56
N ALA B 347 36.27 -10.93 27.49
CA ALA B 347 35.28 -11.35 28.52
C ALA B 347 35.36 -12.88 28.70
N ILE B 348 35.47 -13.63 27.60
CA ILE B 348 35.56 -15.12 27.60
C ILE B 348 36.93 -15.54 28.18
N ILE B 349 38.01 -14.85 27.79
CA ILE B 349 39.39 -15.07 28.31
C ILE B 349 39.41 -14.84 29.83
N LEU B 350 38.71 -13.80 30.30
CA LEU B 350 38.66 -13.40 31.73
C LEU B 350 37.92 -14.47 32.55
N VAL B 351 36.80 -14.99 32.02
CA VAL B 351 36.01 -16.09 32.66
C VAL B 351 36.94 -17.29 32.85
N PHE B 352 37.65 -17.69 31.78
CA PHE B 352 38.63 -18.81 31.76
C PHE B 352 39.63 -18.65 32.91
N LEU B 353 40.23 -17.47 33.04
CA LEU B 353 41.24 -17.14 34.08
C LEU B 353 40.61 -17.24 35.48
N VAL B 354 39.44 -16.62 35.67
CA VAL B 354 38.69 -16.59 36.97
C VAL B 354 38.21 -18.01 37.30
N MET B 355 37.71 -18.74 36.29
CA MET B 355 37.27 -20.16 36.43
C MET B 355 38.43 -21.01 36.93
N TYR B 356 39.64 -20.83 36.35
CA TYR B 356 40.86 -21.60 36.70
C TYR B 356 41.36 -21.19 38.09
N LEU B 357 41.33 -19.89 38.40
CA LEU B 357 41.80 -19.35 39.71
C LEU B 357 41.08 -20.06 40.86
N PHE B 358 39.78 -20.31 40.71
CA PHE B 358 38.87 -20.83 41.79
C PHE B 358 38.78 -22.36 41.72
N LEU B 359 38.56 -22.92 40.52
CA LEU B 359 38.27 -24.37 40.33
C LEU B 359 39.57 -25.15 40.06
N GLN B 360 40.55 -24.53 39.38
CA GLN B 360 41.94 -25.02 39.24
C GLN B 360 41.97 -26.35 38.47
N ASN B 361 41.11 -26.49 37.45
CA ASN B 361 41.17 -27.60 36.46
C ASN B 361 40.71 -27.06 35.10
N PHE B 362 41.47 -27.38 34.04
CA PHE B 362 41.28 -26.85 32.66
C PHE B 362 39.96 -27.36 32.07
N ARG B 363 39.51 -28.54 32.49
CA ARG B 363 38.23 -29.16 32.03
C ARG B 363 37.05 -28.25 32.38
N ALA B 364 37.06 -27.65 33.58
CA ALA B 364 35.98 -26.75 34.08
C ALA B 364 35.98 -25.44 33.30
N THR B 365 37.16 -24.90 32.97
CA THR B 365 37.34 -23.61 32.26
C THR B 365 36.88 -23.74 30.81
N LEU B 366 36.79 -24.97 30.30
CA LEU B 366 36.52 -25.31 28.88
C LEU B 366 35.02 -25.16 28.59
N ILE B 367 34.15 -25.35 29.60
CA ILE B 367 32.66 -25.43 29.44
C ILE B 367 32.08 -24.04 29.17
N PRO B 368 32.42 -22.99 29.96
CA PRO B 368 31.98 -21.62 29.63
C PRO B 368 32.52 -21.14 28.28
N THR B 369 33.76 -21.51 27.95
CA THR B 369 34.46 -21.16 26.69
C THR B 369 33.70 -21.72 25.48
N ILE B 370 32.95 -22.81 25.69
CA ILE B 370 32.08 -23.45 24.65
C ILE B 370 30.69 -22.79 24.70
N ALA B 371 30.06 -22.77 25.88
CA ALA B 371 28.64 -22.40 26.09
C ALA B 371 28.37 -20.95 25.67
N VAL B 372 29.27 -20.03 25.97
CA VAL B 372 29.06 -18.56 25.79
C VAL B 372 29.06 -18.22 24.30
N PRO B 373 30.10 -18.58 23.51
CA PRO B 373 30.06 -18.40 22.05
C PRO B 373 28.80 -18.98 21.37
N VAL B 374 28.32 -20.14 21.83
CA VAL B 374 27.10 -20.81 21.30
C VAL B 374 25.89 -19.88 21.49
N VAL B 375 25.79 -19.25 22.66
CA VAL B 375 24.67 -18.31 23.02
C VAL B 375 24.79 -17.04 22.16
N LEU B 376 26.00 -16.49 22.05
CA LEU B 376 26.28 -15.25 21.26
C LEU B 376 25.92 -15.47 19.79
N LEU B 377 26.46 -16.54 19.18
CA LEU B 377 26.15 -16.94 17.78
C LEU B 377 24.63 -17.05 17.62
N GLY B 378 23.98 -17.84 18.48
CA GLY B 378 22.52 -18.03 18.49
C GLY B 378 21.76 -16.71 18.50
N THR B 379 22.24 -15.72 19.27
CA THR B 379 21.62 -14.38 19.41
C THR B 379 21.54 -13.71 18.03
N PHE B 380 22.62 -13.77 17.24
CA PHE B 380 22.71 -13.21 15.87
C PHE B 380 21.64 -13.85 14.97
N ALA B 381 21.42 -15.16 15.11
CA ALA B 381 20.39 -15.93 14.37
C ALA B 381 19.00 -15.39 14.70
N VAL B 382 18.75 -15.05 15.96
CA VAL B 382 17.44 -14.51 16.45
C VAL B 382 17.29 -13.06 15.97
N LEU B 383 18.37 -12.27 16.01
CA LEU B 383 18.38 -10.87 15.49
C LEU B 383 17.99 -10.89 14.00
N ALA B 384 18.57 -11.81 13.23
CA ALA B 384 18.31 -12.00 11.78
C ALA B 384 16.83 -12.33 11.56
N ALA B 385 16.27 -13.22 12.38
CA ALA B 385 14.86 -13.67 12.33
C ALA B 385 13.90 -12.50 12.61
N PHE B 386 14.33 -11.53 13.42
CA PHE B 386 13.55 -10.31 13.78
C PHE B 386 13.77 -9.20 12.74
N GLY B 387 14.65 -9.41 11.77
CA GLY B 387 14.98 -8.44 10.70
C GLY B 387 15.84 -7.30 11.22
N PHE B 388 16.58 -7.53 12.30
CA PHE B 388 17.51 -6.56 12.92
C PHE B 388 18.84 -6.57 12.17
N SER B 389 19.63 -5.50 12.33
CA SER B 389 20.98 -5.33 11.73
C SER B 389 22.03 -5.31 12.84
N ILE B 390 23.30 -5.53 12.46
CA ILE B 390 24.49 -5.37 13.35
C ILE B 390 24.83 -3.87 13.37
N ASN B 391 24.49 -3.18 14.47
CA ASN B 391 24.65 -1.71 14.62
C ASN B 391 25.14 -1.40 16.04
N THR B 392 25.51 -0.14 16.30
CA THR B 392 26.05 0.36 17.59
C THR B 392 25.15 -0.12 18.74
N LEU B 393 23.83 -0.04 18.58
CA LEU B 393 22.83 -0.30 19.65
C LEU B 393 22.74 -1.81 19.93
N THR B 394 22.58 -2.63 18.88
CA THR B 394 22.46 -4.11 18.98
C THR B 394 23.78 -4.72 19.47
N MET B 395 24.92 -4.15 19.07
CA MET B 395 26.26 -4.68 19.43
CA MET B 395 26.27 -4.65 19.42
C MET B 395 26.58 -4.38 20.90
N PHE B 396 26.29 -3.16 21.37
CA PHE B 396 26.49 -2.73 22.79
C PHE B 396 25.43 -3.41 23.66
N GLY B 397 24.27 -3.75 23.09
CA GLY B 397 23.24 -4.58 23.74
C GLY B 397 23.80 -5.91 24.20
N MET B 398 24.66 -6.53 23.39
CA MET B 398 25.31 -7.83 23.67
C MET B 398 26.39 -7.65 24.75
N VAL B 399 27.15 -6.54 24.69
CA VAL B 399 28.21 -6.17 25.67
C VAL B 399 27.56 -5.96 27.04
N LEU B 400 26.37 -5.35 27.08
CA LEU B 400 25.59 -5.08 28.32
C LEU B 400 25.02 -6.39 28.87
N ALA B 401 24.87 -7.42 28.03
CA ALA B 401 24.31 -8.74 28.38
C ALA B 401 25.42 -9.72 28.79
N ILE B 402 26.69 -9.40 28.54
CA ILE B 402 27.87 -10.27 28.86
C ILE B 402 27.72 -10.83 30.28
N GLY B 403 27.53 -9.96 31.26
CA GLY B 403 27.42 -10.31 32.69
C GLY B 403 26.42 -11.43 32.94
N LEU B 404 25.25 -11.36 32.30
CA LEU B 404 24.14 -12.33 32.45
C LEU B 404 24.53 -13.68 31.82
N LEU B 405 25.26 -13.65 30.70
CA LEU B 405 25.60 -14.85 29.88
C LEU B 405 26.70 -15.66 30.58
N VAL B 406 27.75 -14.99 31.07
CA VAL B 406 28.91 -15.66 31.75
C VAL B 406 28.45 -16.23 33.10
N ASP B 407 27.43 -15.61 33.73
CA ASP B 407 26.87 -16.04 35.03
C ASP B 407 26.18 -17.40 34.86
N ASP B 408 25.33 -17.54 33.84
CA ASP B 408 24.64 -18.81 33.47
C ASP B 408 25.68 -19.93 33.34
N ALA B 409 26.81 -19.65 32.68
CA ALA B 409 27.94 -20.59 32.49
C ALA B 409 28.60 -20.90 33.84
N ILE B 410 29.04 -19.86 34.56
CA ILE B 410 29.76 -19.98 35.86
C ILE B 410 28.88 -20.70 36.89
N VAL B 411 27.60 -20.28 37.01
CA VAL B 411 26.64 -20.78 38.04
C VAL B 411 26.46 -22.30 37.90
N VAL B 412 26.27 -22.80 36.68
CA VAL B 412 25.97 -24.24 36.41
C VAL B 412 27.20 -25.09 36.76
N VAL B 413 28.39 -24.69 36.29
CA VAL B 413 29.66 -25.47 36.45
C VAL B 413 30.09 -25.43 37.93
N GLU B 414 30.08 -24.24 38.54
CA GLU B 414 30.52 -24.01 39.95
C GLU B 414 29.68 -24.89 40.89
N ASN B 415 28.37 -24.96 40.68
CA ASN B 415 27.42 -25.68 41.57
C ASN B 415 27.67 -27.18 41.49
N VAL B 416 28.03 -27.71 40.31
CA VAL B 416 28.40 -29.14 40.11
C VAL B 416 29.71 -29.40 40.86
N GLU B 417 30.70 -28.52 40.70
CA GLU B 417 32.05 -28.63 41.34
C GLU B 417 31.91 -28.61 42.86
N ARG B 418 30.97 -27.82 43.40
CA ARG B 418 30.69 -27.70 44.86
C ARG B 418 30.08 -29.03 45.36
N VAL B 419 29.04 -29.52 44.67
CA VAL B 419 28.30 -30.77 45.02
C VAL B 419 29.29 -31.94 45.10
N MET B 420 30.22 -32.03 44.13
CA MET B 420 31.27 -33.08 44.09
C MET B 420 32.23 -32.92 45.28
N ALA B 421 32.65 -31.68 45.56
CA ALA B 421 33.62 -31.35 46.63
C ALA B 421 33.01 -31.59 48.02
N GLU B 422 31.69 -31.42 48.16
CA GLU B 422 30.97 -31.43 49.47
C GLU B 422 30.41 -32.83 49.77
N GLU B 423 30.01 -33.60 48.74
CA GLU B 423 29.31 -34.90 48.90
C GLU B 423 30.10 -36.06 48.26
N GLY B 424 31.07 -35.77 47.39
CA GLY B 424 31.92 -36.79 46.74
C GLY B 424 31.14 -37.64 45.75
N LEU B 425 30.10 -37.07 45.11
CA LEU B 425 29.32 -37.73 44.03
C LEU B 425 30.14 -37.69 42.75
N PRO B 426 30.01 -38.70 41.85
CA PRO B 426 30.64 -38.65 40.54
C PRO B 426 30.04 -37.56 39.66
N PRO B 427 30.78 -37.03 38.66
CA PRO B 427 30.32 -35.91 37.84
C PRO B 427 28.87 -35.98 37.33
N LYS B 428 28.46 -37.14 36.81
CA LYS B 428 27.11 -37.35 36.21
C LYS B 428 26.02 -37.15 37.27
N GLU B 429 26.10 -37.90 38.38
CA GLU B 429 25.11 -37.88 39.49
C GLU B 429 25.19 -36.54 40.23
N ALA B 430 26.39 -35.93 40.28
CA ALA B 430 26.64 -34.59 40.85
C ALA B 430 25.91 -33.53 40.02
N THR B 431 25.97 -33.65 38.69
CA THR B 431 25.33 -32.71 37.72
C THR B 431 23.81 -32.83 37.83
N ARG B 432 23.28 -34.05 37.84
CA ARG B 432 21.82 -34.34 38.02
C ARG B 432 21.30 -33.63 39.27
N LYS B 433 21.97 -33.86 40.41
CA LYS B 433 21.65 -33.27 41.74
C LYS B 433 21.76 -31.74 41.65
N SER B 434 22.88 -31.24 41.12
CA SER B 434 23.21 -29.79 41.00
C SER B 434 22.12 -29.06 40.22
N MET B 435 21.72 -29.60 39.06
CA MET B 435 20.67 -29.02 38.18
C MET B 435 19.32 -29.04 38.91
N GLY B 436 19.06 -30.09 39.69
CA GLY B 436 17.85 -30.21 40.54
C GLY B 436 17.66 -29.01 41.45
N GLN B 437 18.76 -28.40 41.89
CA GLN B 437 18.79 -27.25 42.84
C GLN B 437 18.52 -25.93 42.10
N ILE B 438 18.97 -25.80 40.85
CA ILE B 438 19.02 -24.49 40.11
C ILE B 438 18.06 -24.46 38.91
N GLN B 439 17.62 -25.61 38.37
CA GLN B 439 16.84 -25.66 37.10
C GLN B 439 15.53 -24.87 37.26
N GLY B 440 14.86 -24.99 38.41
CA GLY B 440 13.63 -24.27 38.73
C GLY B 440 13.85 -22.77 38.79
N ALA B 441 14.96 -22.33 39.41
CA ALA B 441 15.37 -20.92 39.57
C ALA B 441 15.71 -20.32 38.20
N LEU B 442 16.51 -21.04 37.39
CA LEU B 442 16.97 -20.59 36.05
C LEU B 442 15.76 -20.28 35.16
N VAL B 443 14.72 -21.11 35.20
CA VAL B 443 13.44 -20.91 34.45
C VAL B 443 12.74 -19.67 35.01
N GLY B 444 12.61 -19.58 36.34
CA GLY B 444 12.05 -18.41 37.04
C GLY B 444 12.79 -17.14 36.70
N ILE B 445 14.12 -17.20 36.65
CA ILE B 445 15.03 -16.07 36.30
C ILE B 445 14.72 -15.58 34.89
N ALA B 446 14.59 -16.51 33.93
CA ALA B 446 14.27 -16.23 32.51
C ALA B 446 12.97 -15.40 32.43
N MET B 447 11.94 -15.81 33.17
CA MET B 447 10.60 -15.15 33.21
C MET B 447 10.75 -13.76 33.83
N VAL B 448 11.46 -13.66 34.96
CA VAL B 448 11.69 -12.39 35.73
C VAL B 448 12.42 -11.38 34.83
N LEU B 449 13.51 -11.80 34.18
CA LEU B 449 14.34 -10.92 33.31
C LEU B 449 13.53 -10.50 32.07
N SER B 450 12.75 -11.42 31.49
CA SER B 450 11.81 -11.13 30.37
C SER B 450 10.86 -10.00 30.80
N ALA B 451 10.28 -10.11 31.99
CA ALA B 451 9.35 -9.11 32.59
C ALA B 451 10.05 -7.76 32.77
N VAL B 452 11.37 -7.76 32.99
CA VAL B 452 12.19 -6.52 33.17
C VAL B 452 12.47 -5.88 31.81
N PHE B 453 12.83 -6.67 30.80
CA PHE B 453 13.42 -6.19 29.52
C PHE B 453 12.35 -6.05 28.43
N VAL B 454 11.42 -6.99 28.32
CA VAL B 454 10.41 -7.05 27.21
C VAL B 454 9.60 -5.75 27.18
N PRO B 455 9.06 -5.24 28.31
CA PRO B 455 8.28 -4.00 28.30
C PRO B 455 9.01 -2.77 27.74
N MET B 456 10.35 -2.77 27.81
CA MET B 456 11.24 -1.69 27.28
C MET B 456 11.09 -1.56 25.75
N ALA B 457 10.58 -2.59 25.08
CA ALA B 457 10.41 -2.65 23.61
C ALA B 457 9.10 -1.99 23.16
N PHE B 458 8.23 -1.60 24.09
CA PHE B 458 6.86 -1.10 23.80
C PHE B 458 6.75 0.41 24.10
N PHE B 459 7.87 1.09 24.29
CA PHE B 459 7.96 2.57 24.27
C PHE B 459 7.79 3.03 22.81
N GLY B 460 7.06 4.13 22.61
CA GLY B 460 6.75 4.67 21.27
C GLY B 460 7.75 5.73 20.83
N GLY B 461 7.67 6.15 19.56
CA GLY B 461 8.49 7.22 18.98
C GLY B 461 9.92 6.78 18.72
N SER B 462 10.84 7.75 18.63
CA SER B 462 12.28 7.55 18.28
C SER B 462 12.99 6.80 19.41
N THR B 463 12.96 7.34 20.63
CA THR B 463 13.58 6.76 21.85
C THR B 463 13.07 5.33 22.06
N GLY B 464 11.77 5.11 21.81
CA GLY B 464 11.11 3.79 21.88
C GLY B 464 11.79 2.78 20.95
N ALA B 465 12.07 3.17 19.72
CA ALA B 465 12.73 2.34 18.68
C ALA B 465 14.18 2.03 19.08
N ILE B 466 14.85 2.96 19.78
CA ILE B 466 16.24 2.79 20.31
C ILE B 466 16.21 1.71 21.42
N TYR B 467 15.34 1.87 22.42
CA TYR B 467 15.18 0.94 23.57
C TYR B 467 14.82 -0.46 23.06
N ARG B 468 14.06 -0.53 21.97
CA ARG B 468 13.59 -1.80 21.33
C ARG B 468 14.79 -2.60 20.80
N GLN B 469 15.85 -1.91 20.35
CA GLN B 469 17.09 -2.54 19.80
C GLN B 469 17.81 -3.30 20.93
N PHE B 470 17.92 -2.69 22.10
CA PHE B 470 18.57 -3.28 23.32
C PHE B 470 17.69 -4.39 23.88
N SER B 471 16.39 -4.13 24.00
CA SER B 471 15.38 -5.03 24.62
C SER B 471 15.43 -6.42 23.97
N ILE B 472 15.22 -6.49 22.65
CA ILE B 472 15.11 -7.76 21.89
C ILE B 472 16.47 -8.46 21.84
N THR B 473 17.58 -7.71 21.73
CA THR B 473 18.96 -8.23 21.77
C THR B 473 19.23 -8.92 23.11
N ILE B 474 18.98 -8.22 24.22
CA ILE B 474 19.27 -8.68 25.60
C ILE B 474 18.34 -9.84 25.97
N VAL B 475 17.04 -9.75 25.63
CA VAL B 475 16.02 -10.81 25.90
C VAL B 475 16.39 -12.08 25.12
N SER B 476 16.81 -11.95 23.85
CA SER B 476 17.18 -13.07 22.95
C SER B 476 18.42 -13.78 23.48
N ALA B 477 19.48 -13.02 23.80
CA ALA B 477 20.76 -13.53 24.35
C ALA B 477 20.50 -14.24 25.68
N MET B 478 19.72 -13.61 26.57
CA MET B 478 19.34 -14.15 27.91
C MET B 478 18.52 -15.42 27.75
N ALA B 479 17.54 -15.43 26.84
CA ALA B 479 16.64 -16.57 26.56
C ALA B 479 17.46 -17.79 26.12
N LEU B 480 18.42 -17.60 25.20
CA LEU B 480 19.31 -18.67 24.68
C LEU B 480 20.26 -19.13 25.79
N SER B 481 20.74 -18.21 26.62
CA SER B 481 21.65 -18.48 27.76
C SER B 481 21.02 -19.51 28.70
N VAL B 482 19.72 -19.38 28.97
CA VAL B 482 18.95 -20.28 29.89
C VAL B 482 18.72 -21.63 29.18
N LEU B 483 18.40 -21.60 27.87
CA LEU B 483 18.22 -22.83 27.04
C LEU B 483 19.51 -23.65 27.05
N VAL B 484 20.66 -22.99 26.84
CA VAL B 484 22.01 -23.62 26.83
C VAL B 484 22.35 -24.12 28.23
N ALA B 485 21.90 -23.42 29.29
CA ALA B 485 22.13 -23.76 30.71
C ALA B 485 21.31 -24.98 31.11
N LEU B 486 20.21 -25.26 30.39
CA LEU B 486 19.27 -26.39 30.68
C LEU B 486 19.51 -27.56 29.71
N ILE B 487 20.32 -27.37 28.66
CA ILE B 487 20.51 -28.37 27.57
C ILE B 487 22.00 -28.76 27.47
N LEU B 488 22.86 -27.81 27.08
CA LEU B 488 24.28 -28.08 26.71
C LEU B 488 25.15 -28.19 27.97
N THR B 489 25.18 -27.15 28.81
CA THR B 489 26.13 -27.00 29.95
C THR B 489 26.02 -28.20 30.89
N PRO B 490 24.80 -28.68 31.26
CA PRO B 490 24.67 -29.89 32.08
C PRO B 490 25.32 -31.12 31.42
N ALA B 491 25.08 -31.32 30.12
CA ALA B 491 25.67 -32.41 29.32
C ALA B 491 27.19 -32.32 29.35
N LEU B 492 27.75 -31.12 29.11
CA LEU B 492 29.21 -30.86 29.14
C LEU B 492 29.75 -31.20 30.53
N CYS B 493 29.12 -30.67 31.59
CA CYS B 493 29.50 -30.88 33.01
C CYS B 493 29.60 -32.39 33.31
N ALA B 494 28.55 -33.14 32.96
CA ALA B 494 28.37 -34.58 33.33
C ALA B 494 29.38 -35.47 32.59
N THR B 495 29.95 -35.00 31.48
CA THR B 495 30.82 -35.80 30.57
C THR B 495 32.28 -35.32 30.60
N MET B 496 32.54 -34.06 30.95
CA MET B 496 33.89 -33.43 30.82
C MET B 496 34.56 -33.26 32.20
N LEU B 497 33.82 -32.81 33.22
CA LEU B 497 34.37 -32.54 34.58
C LEU B 497 34.91 -33.86 35.17
N LYS B 498 36.06 -33.79 35.84
CA LYS B 498 36.73 -34.96 36.50
C LYS B 498 36.37 -34.93 37.98
N PRO B 499 36.23 -36.10 38.64
CA PRO B 499 35.65 -36.18 39.98
C PRO B 499 36.48 -35.48 41.07
N ILE B 500 35.84 -35.08 42.16
CA ILE B 500 36.46 -34.45 43.36
C ILE B 500 36.09 -35.30 44.60
N ALA B 501 37.08 -35.68 45.40
CA ALA B 501 36.92 -36.46 46.65
C ALA B 501 36.18 -35.62 47.69
N LYS B 502 35.33 -36.25 48.51
CA LYS B 502 34.50 -35.59 49.55
C LYS B 502 35.41 -34.88 50.56
N GLY B 503 35.20 -33.57 50.74
CA GLY B 503 35.92 -32.72 51.72
C GLY B 503 37.18 -32.10 51.13
N ASP B 504 37.47 -32.35 49.85
CA ASP B 504 38.65 -31.79 49.14
C ASP B 504 38.29 -30.38 48.62
N HIS B 505 38.85 -29.34 49.26
CA HIS B 505 38.67 -27.91 48.88
C HIS B 505 40.02 -27.33 48.42
N GLY B 506 40.99 -28.20 48.10
CA GLY B 506 42.31 -27.83 47.57
C GLY B 506 43.19 -27.13 48.60
N GLU B 507 42.89 -27.30 49.90
CA GLU B 507 43.64 -26.69 51.02
C GLU B 507 44.98 -27.42 51.20
N GLY B 508 45.02 -28.72 50.85
CA GLY B 508 46.21 -29.59 51.00
C GLY B 508 47.20 -29.42 49.87
N LYS B 509 46.84 -28.68 48.80
CA LYS B 509 47.72 -28.38 47.64
C LYS B 509 48.90 -27.50 48.10
N LYS B 510 49.91 -27.35 47.24
CA LYS B 510 51.12 -26.52 47.48
C LYS B 510 51.19 -25.41 46.42
N GLY B 511 52.07 -24.43 46.62
CA GLY B 511 52.23 -23.26 45.74
C GLY B 511 51.14 -22.23 45.97
N PHE B 512 50.86 -21.41 44.94
CA PHE B 512 49.90 -20.27 44.97
C PHE B 512 48.47 -20.78 45.22
N PHE B 513 48.11 -21.89 44.57
CA PHE B 513 46.71 -22.42 44.55
C PHE B 513 46.36 -23.04 45.91
N GLY B 514 47.31 -23.73 46.55
CA GLY B 514 47.16 -24.25 47.92
C GLY B 514 46.92 -23.12 48.92
N TRP B 515 47.64 -22.01 48.76
CA TRP B 515 47.52 -20.78 49.58
C TRP B 515 46.15 -20.14 49.35
N PHE B 516 45.76 -19.95 48.08
CA PHE B 516 44.49 -19.30 47.65
C PHE B 516 43.30 -20.03 48.29
N ASN B 517 43.28 -21.36 48.22
CA ASN B 517 42.19 -22.23 48.74
C ASN B 517 42.08 -22.06 50.25
N ARG B 518 43.21 -22.01 50.96
CA ARG B 518 43.29 -21.78 52.43
C ARG B 518 42.80 -20.38 52.75
N MET B 519 43.18 -19.39 51.94
CA MET B 519 42.80 -17.95 52.09
C MET B 519 41.29 -17.80 51.89
N PHE B 520 40.72 -18.46 50.86
CA PHE B 520 39.30 -18.29 50.44
C PHE B 520 38.37 -19.07 51.38
N GLU B 521 38.76 -20.27 51.81
CA GLU B 521 38.01 -21.08 52.82
C GLU B 521 37.96 -20.32 54.14
N LYS B 522 39.07 -19.68 54.52
CA LYS B 522 39.21 -18.80 55.71
C LYS B 522 38.33 -17.55 55.53
N SER B 523 38.35 -16.96 54.33
CA SER B 523 37.58 -15.73 53.96
C SER B 523 36.07 -16.03 53.98
N THR B 524 35.67 -17.25 53.61
CA THR B 524 34.25 -17.72 53.59
C THR B 524 33.74 -17.81 55.03
N HIS B 525 34.58 -18.25 55.97
CA HIS B 525 34.26 -18.37 57.42
C HIS B 525 34.13 -16.97 58.03
N HIS B 526 35.02 -16.04 57.67
CA HIS B 526 34.97 -14.60 58.06
C HIS B 526 33.65 -13.99 57.59
N TYR B 527 33.21 -14.35 56.38
CA TYR B 527 31.98 -13.82 55.70
C TYR B 527 30.72 -14.30 56.44
N THR B 528 30.60 -15.61 56.67
CA THR B 528 29.43 -16.26 57.33
C THR B 528 29.33 -15.79 58.79
N ASP B 529 30.47 -15.56 59.45
CA ASP B 529 30.55 -14.95 60.81
C ASP B 529 29.93 -13.55 60.76
N SER B 530 30.31 -12.75 59.76
CA SER B 530 29.86 -11.35 59.55
C SER B 530 28.34 -11.31 59.35
N VAL B 531 27.80 -12.18 58.51
CA VAL B 531 26.34 -12.31 58.23
C VAL B 531 25.64 -12.76 59.51
N GLY B 532 26.25 -13.69 60.25
CA GLY B 532 25.77 -14.13 61.59
C GLY B 532 25.57 -12.96 62.53
N GLY B 533 26.54 -12.04 62.56
CA GLY B 533 26.50 -10.80 63.38
C GLY B 533 25.52 -9.78 62.84
N ILE B 534 25.40 -9.69 61.50
CA ILE B 534 24.45 -8.77 60.80
C ILE B 534 23.01 -9.18 61.14
N LEU B 535 22.71 -10.49 61.12
CA LEU B 535 21.35 -11.05 61.31
C LEU B 535 20.97 -11.03 62.79
N ARG B 536 21.91 -10.75 63.69
CA ARG B 536 21.66 -10.51 65.15
C ARG B 536 21.18 -9.07 65.37
N SER B 537 21.52 -8.15 64.44
CA SER B 537 21.23 -6.70 64.53
C SER B 537 20.73 -6.19 63.16
N THR B 538 19.57 -6.68 62.71
CA THR B 538 18.97 -6.38 61.38
C THR B 538 18.41 -4.95 61.36
N GLY B 539 18.11 -4.39 62.54
CA GLY B 539 17.49 -3.06 62.71
C GLY B 539 18.28 -1.95 62.03
N ARG B 540 19.59 -1.87 62.30
CA ARG B 540 20.47 -0.77 61.82
C ARG B 540 20.67 -0.88 60.30
N TYR B 541 20.54 -2.08 59.74
CA TYR B 541 20.75 -2.36 58.29
C TYR B 541 19.50 -1.95 57.50
N LEU B 542 18.31 -2.10 58.08
CA LEU B 542 17.04 -1.56 57.51
C LEU B 542 17.16 -0.03 57.41
N VAL B 543 17.78 0.61 58.41
CA VAL B 543 18.06 2.08 58.43
C VAL B 543 19.08 2.41 57.34
N LEU B 544 20.16 1.62 57.24
CA LEU B 544 21.26 1.82 56.25
C LEU B 544 20.71 1.64 54.83
N TYR B 545 19.73 0.76 54.66
CA TYR B 545 19.02 0.50 53.36
C TYR B 545 18.23 1.75 52.96
N LEU B 546 17.47 2.33 53.90
CA LEU B 546 16.62 3.54 53.66
C LEU B 546 17.51 4.73 53.30
N ILE B 547 18.71 4.82 53.89
CA ILE B 547 19.74 5.86 53.57
C ILE B 547 20.20 5.67 52.12
N ILE B 548 20.45 4.43 51.70
CA ILE B 548 20.86 4.05 50.31
C ILE B 548 19.75 4.46 49.34
N VAL B 549 18.49 4.14 49.66
CA VAL B 549 17.29 4.41 48.81
C VAL B 549 17.11 5.94 48.69
N VAL B 550 17.36 6.69 49.75
CA VAL B 550 17.28 8.19 49.77
C VAL B 550 18.41 8.74 48.90
N GLY B 551 19.66 8.35 49.19
CA GLY B 551 20.87 8.76 48.44
C GLY B 551 20.74 8.45 46.95
N MET B 552 20.13 7.32 46.60
CA MET B 552 19.84 6.88 45.20
C MET B 552 18.91 7.91 44.54
N ALA B 553 17.76 8.18 45.17
CA ALA B 553 16.72 9.11 44.68
C ALA B 553 17.30 10.51 44.49
N TYR B 554 18.16 10.94 45.42
CA TYR B 554 18.87 12.25 45.39
C TYR B 554 19.77 12.33 44.16
N LEU B 555 20.63 11.32 43.96
CA LEU B 555 21.61 11.25 42.86
C LEU B 555 20.89 11.16 41.51
N PHE B 556 19.73 10.49 41.46
CA PHE B 556 18.87 10.34 40.26
C PHE B 556 18.51 11.72 39.70
N VAL B 557 18.00 12.61 40.57
CA VAL B 557 17.53 13.98 40.20
C VAL B 557 18.74 14.87 39.86
N ARG B 558 19.86 14.67 40.57
CA ARG B 558 21.11 15.47 40.41
C ARG B 558 21.82 15.09 39.10
N LEU B 559 21.55 13.89 38.56
CA LEU B 559 22.16 13.40 37.29
C LEU B 559 21.38 13.97 36.11
N PRO B 560 21.99 14.86 35.28
CA PRO B 560 21.30 15.45 34.14
C PRO B 560 21.04 14.40 33.04
N SER B 561 20.01 14.64 32.20
CA SER B 561 19.51 13.68 31.18
C SER B 561 20.16 13.96 29.81
N SER B 562 20.28 12.91 28.99
CA SER B 562 20.70 12.94 27.57
C SER B 562 20.21 11.65 26.89
N PHE B 563 20.45 11.50 25.58
CA PHE B 563 20.03 10.31 24.78
C PHE B 563 21.24 9.43 24.51
N LEU B 564 22.16 9.91 23.65
CA LEU B 564 23.42 9.20 23.28
C LEU B 564 24.59 10.16 23.45
N PRO B 565 25.73 9.71 24.03
CA PRO B 565 26.87 10.60 24.24
C PRO B 565 27.49 11.08 22.91
N ASP B 566 27.96 12.33 22.89
CA ASP B 566 28.65 12.95 21.72
C ASP B 566 29.97 12.22 21.48
N GLU B 567 30.25 11.85 20.23
CA GLU B 567 31.46 11.09 19.81
C GLU B 567 32.39 12.00 19.00
N ASP B 568 33.70 11.78 19.12
CA ASP B 568 34.71 12.26 18.15
C ASP B 568 34.65 11.32 16.93
N GLN B 569 34.02 11.76 15.84
CA GLN B 569 33.83 10.98 14.59
C GLN B 569 34.76 11.54 13.49
N GLY B 570 35.79 12.29 13.89
CA GLY B 570 36.79 12.90 12.99
C GLY B 570 36.20 14.02 12.13
N VAL B 571 35.04 14.56 12.52
CA VAL B 571 34.32 15.64 11.78
C VAL B 571 33.55 16.52 12.78
N PHE B 572 33.39 17.80 12.44
CA PHE B 572 32.51 18.78 13.14
C PHE B 572 32.19 19.91 12.16
N MET B 573 31.34 20.86 12.59
CA MET B 573 30.79 21.93 11.72
C MET B 573 31.03 23.30 12.36
N THR B 574 31.13 24.35 11.52
CA THR B 574 31.25 25.78 11.92
C THR B 574 30.19 26.59 11.17
N MET B 575 29.20 27.12 11.89
CA MET B 575 28.14 28.01 11.33
C MET B 575 28.75 29.39 11.07
N VAL B 576 28.44 29.99 9.92
CA VAL B 576 28.86 31.37 9.53
C VAL B 576 27.60 32.17 9.19
N GLN B 577 27.10 32.94 10.16
CA GLN B 577 25.83 33.71 10.07
C GLN B 577 26.15 35.22 10.08
N LEU B 578 26.08 35.86 8.91
CA LEU B 578 26.27 37.33 8.74
C LEU B 578 24.93 38.03 8.96
N PRO B 579 24.92 39.36 9.19
CA PRO B 579 23.68 40.12 9.28
C PRO B 579 22.78 39.91 8.05
N ALA B 580 21.46 39.92 8.25
CA ALA B 580 20.44 39.73 7.18
C ALA B 580 20.60 40.84 6.13
N GLY B 581 20.69 40.45 4.86
CA GLY B 581 20.90 41.36 3.71
C GLY B 581 22.34 41.39 3.24
N ALA B 582 23.24 40.66 3.92
CA ALA B 582 24.67 40.53 3.56
C ALA B 582 24.81 39.69 2.29
N THR B 583 25.74 40.06 1.41
CA THR B 583 25.92 39.47 0.06
C THR B 583 26.80 38.22 0.14
N GLN B 584 26.83 37.46 -0.95
CA GLN B 584 27.59 36.18 -1.10
C GLN B 584 29.09 36.45 -0.88
N GLU B 585 29.61 37.52 -1.46
CA GLU B 585 31.04 37.92 -1.41
C GLU B 585 31.49 38.06 0.06
N ARG B 586 30.65 38.69 0.89
CA ARG B 586 30.95 38.97 2.33
C ARG B 586 30.97 37.66 3.13
N THR B 587 30.03 36.75 2.85
CA THR B 587 29.94 35.41 3.49
C THR B 587 31.18 34.58 3.12
N GLN B 588 31.73 34.78 1.92
CA GLN B 588 32.93 34.08 1.42
C GLN B 588 34.16 34.57 2.20
N LYS B 589 34.29 35.89 2.40
CA LYS B 589 35.37 36.53 3.19
C LYS B 589 35.50 35.83 4.55
N VAL B 590 34.39 35.64 5.26
CA VAL B 590 34.34 35.05 6.63
C VAL B 590 34.69 33.55 6.53
N LEU B 591 34.16 32.85 5.53
CA LEU B 591 34.42 31.40 5.28
C LEU B 591 35.91 31.18 4.98
N ASN B 592 36.52 32.07 4.19
CA ASN B 592 37.97 32.04 3.85
C ASN B 592 38.81 32.22 5.13
N GLU B 593 38.35 33.08 6.04
CA GLU B 593 39.00 33.35 7.35
C GLU B 593 38.84 32.13 8.27
N VAL B 594 37.66 31.49 8.25
CA VAL B 594 37.36 30.25 9.04
C VAL B 594 38.24 29.11 8.53
N THR B 595 38.34 28.94 7.21
CA THR B 595 39.17 27.92 6.53
C THR B 595 40.66 28.17 6.87
N HIS B 596 41.11 29.42 6.78
CA HIS B 596 42.51 29.85 7.04
C HIS B 596 42.89 29.51 8.49
N TYR B 597 41.97 29.69 9.44
CA TYR B 597 42.16 29.39 10.89
C TYR B 597 42.50 27.91 11.08
N TYR B 598 41.64 27.02 10.57
CA TYR B 598 41.68 25.56 10.81
C TYR B 598 42.92 24.93 10.17
N LEU B 599 43.40 25.48 9.04
CA LEU B 599 44.56 24.93 8.28
C LEU B 599 45.87 25.54 8.77
N THR B 600 45.83 26.41 9.80
CA THR B 600 47.02 27.07 10.41
C THR B 600 47.07 26.79 11.91
N LYS B 601 46.03 27.16 12.66
CA LYS B 601 45.96 27.04 14.14
C LYS B 601 45.66 25.58 14.54
N GLU B 602 44.99 24.82 13.68
CA GLU B 602 44.69 23.38 13.89
C GLU B 602 45.29 22.58 12.72
N LYS B 603 46.53 22.91 12.34
CA LYS B 603 47.27 22.29 11.21
C LYS B 603 47.54 20.81 11.51
N ASN B 604 47.74 20.47 12.79
CA ASN B 604 48.12 19.12 13.27
C ASN B 604 46.88 18.23 13.47
N ASN B 605 45.67 18.83 13.47
CA ASN B 605 44.39 18.12 13.74
C ASN B 605 43.54 18.06 12.46
N VAL B 606 43.39 19.19 11.76
CA VAL B 606 42.45 19.36 10.61
C VAL B 606 43.09 18.82 9.33
N GLU B 607 42.36 17.96 8.61
CA GLU B 607 42.76 17.42 7.27
C GLU B 607 42.25 18.37 6.19
N SER B 608 40.96 18.73 6.24
CA SER B 608 40.28 19.57 5.22
C SER B 608 39.16 20.41 5.84
N VAL B 609 38.75 21.49 5.14
CA VAL B 609 37.59 22.36 5.47
C VAL B 609 36.72 22.47 4.21
N PHE B 610 35.47 22.00 4.27
CA PHE B 610 34.48 22.08 3.17
C PHE B 610 33.59 23.30 3.39
N ALA B 611 33.97 24.45 2.84
CA ALA B 611 33.29 25.76 2.99
C ALA B 611 32.16 25.89 1.96
N VAL B 612 30.92 25.78 2.40
CA VAL B 612 29.69 25.88 1.54
C VAL B 612 29.01 27.23 1.83
N ASN B 613 29.12 28.16 0.88
CA ASN B 613 28.48 29.51 0.93
C ASN B 613 27.03 29.38 0.46
N GLY B 614 26.10 30.09 1.10
CA GLY B 614 24.66 30.07 0.80
C GLY B 614 24.02 28.75 1.21
N PHE B 615 24.42 28.20 2.37
CA PHE B 615 23.92 26.92 2.92
C PHE B 615 24.18 26.88 4.43
N GLY B 616 23.19 26.41 5.21
CA GLY B 616 23.31 26.13 6.65
C GLY B 616 23.12 24.65 6.92
N PHE B 617 21.90 24.26 7.33
CA PHE B 617 21.41 22.85 7.36
C PHE B 617 20.55 22.59 6.12
N ALA B 618 20.34 23.62 5.30
CA ALA B 618 19.53 23.61 4.06
C ALA B 618 19.92 24.82 3.21
N PRO B 619 19.56 24.87 1.91
CA PRO B 619 19.88 26.03 1.07
C PRO B 619 19.30 27.33 1.65
N ARG B 620 20.18 28.22 2.12
CA ARG B 620 19.84 29.46 2.87
C ARG B 620 20.16 30.69 2.00
N PRO B 621 19.81 31.91 2.42
CA PRO B 621 20.18 33.12 1.69
C PRO B 621 21.70 33.37 1.63
N GLN B 622 22.11 34.46 0.97
CA GLN B 622 23.53 34.81 0.68
C GLN B 622 24.30 35.11 1.98
N ASN B 623 23.61 35.46 3.06
CA ASN B 623 24.22 35.90 4.35
C ASN B 623 24.58 34.68 5.22
N THR B 624 24.30 33.46 4.77
CA THR B 624 24.50 32.20 5.54
C THR B 624 25.56 31.33 4.85
N GLY B 625 26.42 30.68 5.66
CA GLY B 625 27.45 29.74 5.20
C GLY B 625 27.72 28.68 6.26
N ILE B 626 28.36 27.58 5.87
CA ILE B 626 28.73 26.44 6.77
C ILE B 626 30.07 25.86 6.33
N ALA B 627 30.89 25.42 7.29
CA ALA B 627 32.21 24.79 7.07
C ALA B 627 32.25 23.42 7.76
N PHE B 628 32.30 22.35 6.95
CA PHE B 628 32.44 20.93 7.42
C PHE B 628 33.93 20.62 7.56
N VAL B 629 34.44 20.63 8.80
CA VAL B 629 35.86 20.37 9.13
C VAL B 629 36.05 18.86 9.26
N SER B 630 36.95 18.27 8.45
CA SER B 630 37.36 16.84 8.50
C SER B 630 38.74 16.75 9.15
N LEU B 631 38.85 16.03 10.27
CA LEU B 631 40.09 15.88 11.08
C LEU B 631 40.93 14.74 10.52
N LYS B 632 42.18 14.62 10.99
CA LYS B 632 43.11 13.51 10.67
C LYS B 632 42.70 12.28 11.49
N ASP B 633 43.33 11.13 11.23
CA ASP B 633 43.05 9.84 11.93
C ASP B 633 43.23 10.03 13.44
N TRP B 634 42.41 9.34 14.24
CA TRP B 634 42.38 9.42 15.73
C TRP B 634 43.79 9.18 16.29
N ALA B 635 44.56 8.29 15.66
CA ALA B 635 45.94 7.91 16.04
C ALA B 635 46.88 9.13 16.04
N ASP B 636 46.64 10.09 15.13
CA ASP B 636 47.50 11.29 14.91
C ASP B 636 47.05 12.46 15.80
N ARG B 637 46.00 12.27 16.62
CA ARG B 637 45.46 13.32 17.52
C ARG B 637 45.41 12.78 18.95
N PRO B 638 46.57 12.49 19.59
CA PRO B 638 46.58 12.03 20.98
C PRO B 638 46.26 13.15 21.99
N GLY B 639 45.60 12.79 23.09
CA GLY B 639 45.27 13.71 24.19
C GLY B 639 43.87 14.30 24.05
N GLU B 640 43.33 14.84 25.15
CA GLU B 640 41.97 15.43 25.22
C GLU B 640 41.94 16.78 24.48
N GLU B 641 43.11 17.41 24.31
CA GLU B 641 43.27 18.76 23.72
C GLU B 641 43.03 18.71 22.19
N ASN B 642 43.31 17.56 21.56
CA ASN B 642 43.28 17.37 20.09
C ASN B 642 41.99 16.64 19.68
N LYS B 643 40.96 16.61 20.53
CA LYS B 643 39.64 15.99 20.26
C LYS B 643 38.64 17.09 19.87
N VAL B 644 37.49 16.68 19.31
CA VAL B 644 36.45 17.59 18.74
C VAL B 644 36.00 18.59 19.81
N GLU B 645 35.68 18.11 21.02
CA GLU B 645 35.16 18.95 22.14
C GLU B 645 36.13 20.11 22.40
N ALA B 646 37.44 19.83 22.44
CA ALA B 646 38.51 20.81 22.72
C ALA B 646 38.68 21.78 21.53
N ILE B 647 38.75 21.23 20.31
CA ILE B 647 38.94 22.01 19.04
C ILE B 647 37.73 22.93 18.85
N THR B 648 36.52 22.40 19.08
CA THR B 648 35.23 23.13 19.03
C THR B 648 35.31 24.39 19.91
N MET B 649 35.62 24.20 21.20
CA MET B 649 35.69 25.28 22.23
C MET B 649 36.75 26.32 21.80
N ARG B 650 37.92 25.87 21.36
CA ARG B 650 39.05 26.74 20.93
C ARG B 650 38.63 27.60 19.74
N ALA B 651 38.00 27.00 18.73
CA ALA B 651 37.56 27.67 17.48
C ALA B 651 36.45 28.68 17.81
N THR B 652 35.45 28.27 18.58
CA THR B 652 34.29 29.11 19.00
C THR B 652 34.78 30.38 19.71
N ARG B 653 35.77 30.24 20.60
CA ARG B 653 36.35 31.37 21.38
C ARG B 653 37.18 32.25 20.45
N ALA B 654 37.91 31.64 19.50
CA ALA B 654 38.78 32.32 18.52
C ALA B 654 37.94 33.14 17.54
N PHE B 655 36.77 32.62 17.14
CA PHE B 655 35.85 33.24 16.15
C PHE B 655 34.87 34.22 16.83
N SER B 656 34.90 34.30 18.17
CA SER B 656 34.17 35.31 18.98
C SER B 656 34.59 36.72 18.52
N GLN B 657 35.86 36.89 18.17
CA GLN B 657 36.48 38.18 17.76
C GLN B 657 35.88 38.68 16.44
N ILE B 658 35.47 37.76 15.55
CA ILE B 658 34.96 38.10 14.18
C ILE B 658 33.77 39.07 14.33
N LYS B 659 33.81 40.19 13.61
CA LYS B 659 32.86 41.32 13.74
C LYS B 659 31.89 41.32 12.54
N ASP B 660 30.62 41.65 12.81
CA ASP B 660 29.52 41.73 11.80
C ASP B 660 29.35 40.33 11.18
N ALA B 661 29.36 39.29 12.03
CA ALA B 661 29.17 37.87 11.67
C ALA B 661 29.29 37.00 12.94
N MET B 662 28.25 36.24 13.26
CA MET B 662 28.26 35.26 14.37
C MET B 662 28.77 33.92 13.85
N VAL B 663 29.92 33.45 14.36
CA VAL B 663 30.62 32.20 13.93
C VAL B 663 30.90 31.36 15.17
N PHE B 664 30.56 30.06 15.13
CA PHE B 664 30.71 29.11 16.25
C PHE B 664 30.77 27.66 15.72
N ALA B 665 31.66 26.85 16.30
CA ALA B 665 31.83 25.41 15.99
C ALA B 665 31.00 24.57 16.96
N PHE B 666 30.68 23.34 16.57
CA PHE B 666 29.88 22.37 17.38
C PHE B 666 30.04 20.96 16.81
N ASN B 667 30.09 19.96 17.70
CA ASN B 667 30.19 18.51 17.35
C ASN B 667 28.86 18.05 16.74
N LEU B 668 28.91 17.02 15.90
CA LEU B 668 27.70 16.32 15.37
C LEU B 668 27.05 15.53 16.51
N PRO B 669 25.71 15.45 16.57
CA PRO B 669 25.03 14.52 17.49
C PRO B 669 25.15 13.09 16.96
N ALA B 670 25.13 12.10 17.85
CA ALA B 670 25.16 10.65 17.52
C ALA B 670 24.11 10.36 16.46
N ILE B 671 22.86 10.79 16.72
CA ILE B 671 21.70 10.71 15.79
C ILE B 671 21.02 12.08 15.77
N VAL B 672 20.90 12.71 14.60
CA VAL B 672 20.51 14.15 14.44
C VAL B 672 19.02 14.33 14.78
N GLU B 673 18.20 13.30 14.57
CA GLU B 673 16.72 13.37 14.65
C GLU B 673 16.26 13.55 16.11
N LEU B 674 17.06 13.07 17.08
CA LEU B 674 16.72 13.12 18.53
C LEU B 674 16.78 14.57 19.05
N GLY B 675 17.72 15.37 18.54
CA GLY B 675 17.99 16.73 19.02
C GLY B 675 18.71 16.71 20.36
N THR B 676 18.33 17.61 21.28
CA THR B 676 18.87 17.71 22.66
C THR B 676 17.80 17.23 23.65
N ALA B 677 18.21 16.46 24.68
CA ALA B 677 17.38 16.10 25.84
C ALA B 677 17.17 17.35 26.70
N THR B 678 15.97 17.48 27.29
CA THR B 678 15.47 18.69 28.01
C THR B 678 15.19 19.83 26.99
N GLY B 679 15.27 19.53 25.69
CA GLY B 679 14.98 20.47 24.59
C GLY B 679 13.59 20.24 24.03
N PHE B 680 12.86 21.32 23.72
CA PHE B 680 11.46 21.28 23.23
C PHE B 680 11.36 21.92 21.83
N ASP B 681 10.32 21.55 21.09
CA ASP B 681 10.04 22.01 19.70
C ASP B 681 8.59 22.52 19.64
N PHE B 682 8.41 23.83 19.71
CA PHE B 682 7.12 24.54 19.87
C PHE B 682 6.72 25.18 18.53
N GLU B 683 5.43 25.12 18.19
CA GLU B 683 4.84 25.73 16.98
C GLU B 683 3.80 26.77 17.40
N LEU B 684 4.04 28.05 17.09
CA LEU B 684 3.04 29.15 17.26
C LEU B 684 2.22 29.23 15.96
N ILE B 685 0.90 29.10 16.07
CA ILE B 685 -0.02 28.91 14.90
C ILE B 685 -1.01 30.09 14.82
N ASP B 686 -1.16 30.66 13.63
CA ASP B 686 -2.20 31.66 13.27
C ASP B 686 -3.49 30.91 12.93
N GLN B 687 -4.48 30.97 13.82
CA GLN B 687 -5.71 30.12 13.80
C GLN B 687 -6.90 30.89 13.23
N ALA B 688 -6.75 32.18 12.89
CA ALA B 688 -7.86 33.09 12.53
C ALA B 688 -7.45 34.13 11.50
N GLY B 689 -6.60 33.75 10.53
CA GLY B 689 -6.15 34.63 9.42
C GLY B 689 -5.67 35.98 9.91
N LEU B 690 -4.86 36.00 10.98
CA LEU B 690 -4.25 37.22 11.58
C LEU B 690 -3.19 37.79 10.62
N GLY B 691 -2.45 36.91 9.93
CA GLY B 691 -1.39 37.28 8.98
C GLY B 691 -0.01 37.21 9.62
N HIS B 692 1.04 37.40 8.81
CA HIS B 692 2.47 37.24 9.19
C HIS B 692 2.85 38.27 10.27
N GLU B 693 2.46 39.54 10.08
CA GLU B 693 2.86 40.68 10.95
C GLU B 693 2.35 40.45 12.38
N LYS B 694 1.08 40.06 12.54
CA LYS B 694 0.42 39.85 13.86
C LYS B 694 1.03 38.63 14.57
N LEU B 695 1.34 37.56 13.83
CA LEU B 695 1.93 36.31 14.38
C LEU B 695 3.35 36.58 14.87
N THR B 696 4.09 37.47 14.19
CA THR B 696 5.45 37.92 14.58
C THR B 696 5.37 38.66 15.92
N GLN B 697 4.42 39.60 16.05
CA GLN B 697 4.16 40.39 17.28
C GLN B 697 3.83 39.44 18.44
N ALA B 698 3.03 38.41 18.18
CA ALA B 698 2.62 37.36 19.15
C ALA B 698 3.83 36.50 19.53
N ARG B 699 4.70 36.19 18.56
CA ARG B 699 5.96 35.42 18.76
C ARG B 699 6.89 36.23 19.67
N ASN B 700 7.10 37.52 19.34
CA ASN B 700 7.95 38.47 20.12
C ASN B 700 7.41 38.59 21.55
N GLN B 701 6.08 38.57 21.70
CA GLN B 701 5.38 38.65 23.02
C GLN B 701 5.69 37.38 23.84
N LEU B 702 5.67 36.20 23.21
CA LEU B 702 5.95 34.89 23.86
C LEU B 702 7.43 34.80 24.23
N LEU B 703 8.33 35.20 23.31
CA LEU B 703 9.80 35.14 23.50
C LEU B 703 10.23 36.09 24.63
N ALA B 704 9.58 37.25 24.75
CA ALA B 704 9.84 38.27 25.78
C ALA B 704 9.51 37.70 27.17
N GLU B 705 8.39 36.98 27.29
CA GLU B 705 7.88 36.39 28.56
C GLU B 705 8.75 35.21 28.99
N ALA B 706 9.20 34.39 28.03
CA ALA B 706 10.08 33.21 28.26
C ALA B 706 11.43 33.67 28.81
N ALA B 707 11.89 34.85 28.41
CA ALA B 707 13.18 35.48 28.83
C ALA B 707 13.08 35.96 30.28
N LYS B 708 11.86 36.11 30.82
CA LYS B 708 11.60 36.51 32.23
C LYS B 708 11.56 35.26 33.14
N HIS B 709 11.86 34.08 32.60
CA HIS B 709 11.92 32.80 33.35
C HIS B 709 13.20 32.05 32.99
N PRO B 710 14.40 32.65 33.20
CA PRO B 710 15.66 31.93 33.02
C PRO B 710 15.80 30.74 33.97
N ASP B 711 15.12 30.79 35.11
CA ASP B 711 15.05 29.71 36.13
C ASP B 711 14.46 28.42 35.52
N MET B 712 13.58 28.56 34.52
CA MET B 712 12.83 27.42 33.91
C MET B 712 13.25 27.21 32.44
N LEU B 713 13.34 28.29 31.65
CA LEU B 713 13.56 28.24 30.17
C LEU B 713 14.91 28.86 29.81
N THR B 714 15.66 28.20 28.92
CA THR B 714 16.99 28.64 28.41
C THR B 714 16.98 28.62 26.87
N SER B 715 17.56 29.66 26.26
CA SER B 715 17.80 29.77 24.80
C SER B 715 16.51 29.57 24.00
N VAL B 716 15.39 30.11 24.48
CA VAL B 716 14.08 30.09 23.76
C VAL B 716 14.17 31.10 22.62
N ARG B 717 14.23 30.61 21.38
CA ARG B 717 14.56 31.40 20.17
C ARG B 717 13.68 30.95 18.99
N PRO B 718 13.53 31.78 17.94
CA PRO B 718 12.90 31.33 16.70
C PRO B 718 13.86 30.44 15.89
N ASN B 719 13.31 29.39 15.27
CA ASN B 719 14.07 28.48 14.35
C ASN B 719 14.14 29.10 12.96
N GLY B 720 13.22 30.04 12.65
CA GLY B 720 13.08 30.66 11.31
C GLY B 720 13.93 31.92 11.16
N LEU B 721 13.63 32.71 10.12
CA LEU B 721 14.38 33.95 9.74
C LEU B 721 13.53 35.18 10.06
N GLU B 722 14.19 36.33 10.25
CA GLU B 722 13.55 37.65 10.50
C GLU B 722 13.21 38.31 9.16
N ASP B 723 12.22 39.20 9.16
CA ASP B 723 11.83 40.02 7.98
C ASP B 723 13.03 40.86 7.54
N THR B 724 13.22 41.02 6.23
CA THR B 724 14.36 41.76 5.61
C THR B 724 13.81 42.79 4.63
N PRO B 725 14.58 43.86 4.32
CA PRO B 725 14.18 44.81 3.28
C PRO B 725 14.02 44.12 1.92
N GLN B 726 12.92 44.42 1.21
CA GLN B 726 12.61 43.90 -0.15
C GLN B 726 12.11 45.06 -1.02
N PHE B 727 12.40 44.98 -2.33
CA PHE B 727 12.21 46.06 -3.33
C PHE B 727 10.85 45.87 -4.00
N LYS B 728 9.82 46.57 -3.53
CA LYS B 728 8.45 46.55 -4.11
C LYS B 728 8.43 47.47 -5.33
N ILE B 729 8.04 46.93 -6.49
CA ILE B 729 7.88 47.69 -7.77
C ILE B 729 6.42 47.53 -8.23
N ASP B 730 5.72 48.65 -8.40
CA ASP B 730 4.30 48.71 -8.84
C ASP B 730 4.24 49.08 -10.33
N ILE B 731 3.80 48.14 -11.18
CA ILE B 731 3.53 48.38 -12.62
C ILE B 731 2.23 49.19 -12.72
N ASP B 732 2.30 50.39 -13.32
CA ASP B 732 1.11 51.24 -13.57
C ASP B 732 0.36 50.66 -14.77
N GLN B 733 -0.82 50.06 -14.52
CA GLN B 733 -1.64 49.37 -15.54
C GLN B 733 -2.11 50.37 -16.60
N GLU B 734 -2.50 51.58 -16.17
CA GLU B 734 -3.01 52.66 -17.06
C GLU B 734 -1.91 53.12 -18.02
N LYS B 735 -0.71 53.38 -17.51
CA LYS B 735 0.45 53.90 -18.29
C LYS B 735 0.87 52.84 -19.33
N ALA B 736 0.84 51.56 -18.95
CA ALA B 736 1.18 50.41 -19.81
C ALA B 736 0.20 50.31 -20.97
N GLN B 737 -1.11 50.45 -20.70
CA GLN B 737 -2.19 50.36 -21.71
C GLN B 737 -2.19 51.60 -22.61
N ALA B 738 -1.79 52.76 -22.08
CA ALA B 738 -1.71 54.04 -22.80
C ALA B 738 -0.55 54.01 -23.81
N LEU B 739 0.57 53.38 -23.44
CA LEU B 739 1.80 53.29 -24.28
C LEU B 739 1.72 52.09 -25.22
N GLY B 740 0.69 51.24 -25.07
CA GLY B 740 0.48 50.02 -25.89
C GLY B 740 1.47 48.92 -25.51
N VAL B 741 1.84 48.85 -24.23
CA VAL B 741 2.79 47.84 -23.66
C VAL B 741 1.98 46.81 -22.88
N SER B 742 2.05 45.54 -23.29
CA SER B 742 1.34 44.40 -22.63
C SER B 742 2.01 44.09 -21.29
N ILE B 743 1.22 43.61 -20.32
CA ILE B 743 1.67 43.29 -18.94
C ILE B 743 2.51 42.00 -18.98
N ASN B 744 2.19 41.09 -19.89
CA ASN B 744 2.91 39.80 -20.09
C ASN B 744 4.35 40.08 -20.54
N ASP B 745 4.54 41.04 -21.45
CA ASP B 745 5.88 41.48 -21.95
C ASP B 745 6.65 42.15 -20.81
N ILE B 746 5.97 42.99 -20.01
CA ILE B 746 6.55 43.69 -18.83
C ILE B 746 7.04 42.64 -17.81
N ASN B 747 6.16 41.71 -17.43
CA ASN B 747 6.39 40.73 -16.33
C ASN B 747 7.42 39.68 -16.78
N THR B 748 7.42 39.28 -18.04
CA THR B 748 8.40 38.33 -18.63
C THR B 748 9.78 38.99 -18.69
N THR B 749 9.85 40.24 -19.19
CA THR B 749 11.10 41.04 -19.30
C THR B 749 11.76 41.15 -17.93
N LEU B 750 10.98 41.52 -16.89
CA LEU B 750 11.44 41.65 -15.48
C LEU B 750 11.84 40.27 -14.95
N GLY B 751 10.94 39.29 -15.04
CA GLY B 751 11.13 37.93 -14.51
C GLY B 751 12.32 37.22 -15.12
N ALA B 752 12.43 37.24 -16.45
CA ALA B 752 13.50 36.57 -17.23
C ALA B 752 14.85 37.21 -16.90
N ALA B 753 14.95 38.53 -17.01
CA ALA B 753 16.19 39.32 -16.81
C ALA B 753 16.71 39.14 -15.39
N TRP B 754 15.89 39.49 -14.39
CA TRP B 754 16.30 39.64 -12.96
C TRP B 754 16.24 38.29 -12.24
N GLY B 755 15.22 37.47 -12.49
CA GLY B 755 14.97 36.19 -11.80
C GLY B 755 15.60 35.00 -12.52
N GLY B 756 15.71 35.08 -13.85
CA GLY B 756 16.09 33.95 -14.71
C GLY B 756 14.87 33.18 -15.18
N SER B 757 14.93 32.57 -16.36
CA SER B 757 13.81 31.81 -16.98
C SER B 757 14.35 30.51 -17.60
N TYR B 758 13.83 29.37 -17.13
CA TYR B 758 14.07 28.01 -17.69
C TYR B 758 13.21 27.87 -18.97
N VAL B 759 13.85 28.00 -20.14
CA VAL B 759 13.18 28.06 -21.47
C VAL B 759 12.82 26.64 -21.92
N ASN B 760 13.81 25.82 -22.24
CA ASN B 760 13.63 24.43 -22.75
C ASN B 760 14.92 23.65 -22.51
N ASP B 761 14.98 22.41 -23.02
CA ASP B 761 16.16 21.50 -22.86
C ASP B 761 16.95 21.46 -24.17
N PHE B 762 18.26 21.22 -24.05
CA PHE B 762 19.21 20.93 -25.16
C PHE B 762 20.00 19.67 -24.79
N ILE B 763 20.74 19.10 -25.73
CA ILE B 763 21.48 17.82 -25.54
C ILE B 763 22.99 18.11 -25.62
N ASP B 764 23.68 18.05 -24.48
CA ASP B 764 25.14 18.29 -24.35
C ASP B 764 25.87 16.94 -24.24
N ARG B 765 26.57 16.55 -25.31
CA ARG B 765 27.36 15.28 -25.40
C ARG B 765 26.47 14.09 -25.00
N GLY B 766 25.23 14.06 -25.48
CA GLY B 766 24.30 12.93 -25.34
C GLY B 766 23.47 12.97 -24.06
N ARG B 767 23.57 14.05 -23.27
CA ARG B 767 22.79 14.22 -22.01
CA ARG B 767 22.81 14.24 -22.00
C ARG B 767 21.90 15.46 -22.14
N VAL B 768 20.59 15.28 -21.91
CA VAL B 768 19.58 16.38 -21.94
C VAL B 768 19.86 17.30 -20.74
N LYS B 769 20.00 18.61 -21.01
CA LYS B 769 20.35 19.65 -20.00
C LYS B 769 19.49 20.89 -20.25
N LYS B 770 19.39 21.77 -19.25
CA LYS B 770 18.44 22.92 -19.23
C LYS B 770 19.05 24.13 -19.98
N VAL B 771 18.20 24.94 -20.59
CA VAL B 771 18.55 26.26 -21.19
C VAL B 771 17.92 27.35 -20.31
N TYR B 772 18.76 28.22 -19.73
CA TYR B 772 18.35 29.36 -18.86
C TYR B 772 18.73 30.68 -19.53
N VAL B 773 17.76 31.59 -19.70
CA VAL B 773 18.01 33.01 -20.08
C VAL B 773 17.90 33.87 -18.81
N MET B 774 18.83 34.82 -18.66
CA MET B 774 18.93 35.73 -17.49
C MET B 774 19.80 36.92 -17.89
N SER B 775 19.64 38.06 -17.19
CA SER B 775 20.49 39.26 -17.34
C SER B 775 21.92 38.90 -16.93
N GLU B 776 22.92 39.41 -17.65
CA GLU B 776 24.33 39.44 -17.19
C GLU B 776 24.35 40.23 -15.88
N ALA B 777 25.13 39.75 -14.88
CA ALA B 777 25.15 40.24 -13.49
C ALA B 777 25.01 41.76 -13.43
N LYS B 778 25.83 42.49 -14.18
CA LYS B 778 26.05 43.96 -14.04
C LYS B 778 24.80 44.77 -14.39
N TYR B 779 23.76 44.16 -14.98
CA TYR B 779 22.51 44.84 -15.40
C TYR B 779 21.33 44.46 -14.51
N ARG B 780 21.56 43.68 -13.43
CA ARG B 780 20.47 43.25 -12.50
C ARG B 780 20.98 43.31 -11.04
N MET B 781 21.77 44.34 -10.71
CA MET B 781 22.41 44.48 -9.37
C MET B 781 21.64 45.50 -8.51
N LEU B 782 21.40 46.70 -9.03
CA LEU B 782 20.90 47.87 -8.24
C LEU B 782 19.60 48.41 -8.84
N PRO B 783 18.77 49.10 -8.04
CA PRO B 783 17.50 49.66 -8.52
C PRO B 783 17.57 50.54 -9.77
N ASP B 784 18.71 51.20 -10.00
CA ASP B 784 18.93 52.11 -11.17
C ASP B 784 18.93 51.30 -12.47
N ASP B 785 19.31 50.01 -12.39
CA ASP B 785 19.41 49.08 -13.55
C ASP B 785 18.01 48.79 -14.10
N ILE B 786 16.98 48.85 -13.26
CA ILE B 786 15.55 48.62 -13.64
C ILE B 786 15.21 49.46 -14.88
N GLY B 787 15.65 50.73 -14.90
CA GLY B 787 15.34 51.70 -15.96
C GLY B 787 16.10 51.44 -17.26
N ASP B 788 17.11 50.55 -17.23
CA ASP B 788 17.94 50.20 -18.42
C ASP B 788 17.25 49.13 -19.27
N TRP B 789 16.17 48.51 -18.75
CA TRP B 789 15.40 47.44 -19.43
C TRP B 789 14.21 48.05 -20.19
N TYR B 790 14.16 47.83 -21.50
CA TYR B 790 13.14 48.38 -22.43
C TYR B 790 12.20 47.25 -22.88
N VAL B 791 10.90 47.56 -23.00
CA VAL B 791 9.84 46.65 -23.51
C VAL B 791 9.26 47.28 -24.78
N ARG B 792 9.12 46.51 -25.85
CA ARG B 792 8.57 46.98 -27.15
C ARG B 792 7.05 47.11 -27.03
N ALA B 793 6.52 48.29 -27.35
CA ALA B 793 5.07 48.59 -27.43
C ALA B 793 4.51 48.03 -28.75
N ALA B 794 3.18 48.02 -28.89
CA ALA B 794 2.45 47.53 -30.07
C ALA B 794 2.85 48.32 -31.32
N ASP B 795 3.12 49.62 -31.17
CA ASP B 795 3.47 50.55 -32.29
C ASP B 795 4.95 50.41 -32.66
N GLY B 796 5.73 49.63 -31.89
CA GLY B 796 7.14 49.29 -32.19
C GLY B 796 8.13 50.13 -31.40
N GLN B 797 7.65 51.11 -30.64
CA GLN B 797 8.51 52.00 -29.79
C GLN B 797 9.02 51.20 -28.59
N MET B 798 10.28 51.41 -28.21
CA MET B 798 10.93 50.78 -27.03
C MET B 798 10.72 51.68 -25.80
N VAL B 799 9.98 51.19 -24.81
CA VAL B 799 9.57 51.94 -23.58
C VAL B 799 10.42 51.47 -22.41
N PRO B 800 11.11 52.38 -21.68
CA PRO B 800 11.91 51.99 -20.52
C PRO B 800 11.01 51.62 -19.34
N PHE B 801 11.52 50.78 -18.43
CA PHE B 801 10.77 50.23 -17.27
C PHE B 801 10.40 51.37 -16.30
N SER B 802 11.22 52.43 -16.26
CA SER B 802 11.02 53.65 -15.45
C SER B 802 9.71 54.36 -15.83
N ALA B 803 9.28 54.25 -17.10
CA ALA B 803 8.14 54.98 -17.69
C ALA B 803 6.81 54.52 -17.07
N PHE B 804 6.68 53.24 -16.71
CA PHE B 804 5.40 52.61 -16.30
C PHE B 804 5.53 51.89 -14.96
N SER B 805 6.54 52.23 -14.15
CA SER B 805 6.80 51.57 -12.82
C SER B 805 7.16 52.62 -11.76
N SER B 806 6.93 52.26 -10.50
CA SER B 806 7.31 53.04 -9.28
C SER B 806 7.73 52.04 -8.19
N SER B 807 8.83 52.35 -7.48
CA SER B 807 9.46 51.46 -6.48
C SER B 807 9.45 52.11 -5.08
N ARG B 808 9.48 51.28 -4.04
CA ARG B 808 9.62 51.70 -2.62
C ARG B 808 10.19 50.53 -1.82
N TRP B 809 10.91 50.83 -0.73
CA TRP B 809 11.44 49.82 0.23
C TRP B 809 10.34 49.42 1.22
N GLU B 810 10.17 48.12 1.45
CA GLU B 810 9.28 47.54 2.47
C GLU B 810 9.99 46.34 3.11
N TYR B 811 9.39 45.76 4.16
CA TYR B 811 9.89 44.53 4.83
C TYR B 811 8.96 43.37 4.49
N GLY B 812 9.53 42.15 4.42
CA GLY B 812 8.79 40.90 4.17
C GLY B 812 9.63 39.69 4.54
N SER B 813 8.99 38.53 4.67
CA SER B 813 9.60 37.26 5.12
C SER B 813 10.44 36.65 3.99
N PRO B 814 11.72 36.31 4.23
CA PRO B 814 12.49 35.47 3.31
C PRO B 814 12.30 33.98 3.55
N ARG B 815 11.42 33.60 4.49
CA ARG B 815 11.08 32.20 4.83
C ARG B 815 9.78 32.18 5.66
N LEU B 816 8.65 31.87 5.02
CA LEU B 816 7.32 31.74 5.66
C LEU B 816 7.08 30.26 6.01
N GLU B 817 6.75 29.99 7.28
CA GLU B 817 6.53 28.62 7.81
C GLU B 817 5.03 28.35 7.90
N ARG B 818 4.62 27.09 7.71
CA ARG B 818 3.23 26.62 7.92
C ARG B 818 3.27 25.27 8.65
N TYR B 819 2.33 25.04 9.56
CA TYR B 819 2.18 23.78 10.34
C TYR B 819 0.72 23.33 10.29
N ASN B 820 0.49 22.13 9.76
CA ASN B 820 -0.85 21.54 9.52
C ASN B 820 -1.70 22.53 8.72
N GLY B 821 -1.12 23.13 7.68
CA GLY B 821 -1.82 23.94 6.67
C GLY B 821 -2.08 25.38 7.10
N LEU B 822 -1.67 25.78 8.30
CA LEU B 822 -1.89 27.13 8.86
C LEU B 822 -0.55 27.85 9.01
N PRO B 823 -0.51 29.20 8.84
CA PRO B 823 0.71 29.97 9.11
C PRO B 823 1.23 29.69 10.53
N SER B 824 2.54 29.41 10.65
CA SER B 824 3.19 28.96 11.90
C SER B 824 4.55 29.66 12.07
N MET B 825 5.12 29.56 13.28
CA MET B 825 6.51 29.99 13.61
C MET B 825 7.10 29.03 14.64
N GLU B 826 8.13 28.28 14.24
CA GLU B 826 8.78 27.25 15.07
C GLU B 826 9.68 27.94 16.10
N ILE B 827 9.53 27.56 17.38
CA ILE B 827 10.32 28.11 18.52
C ILE B 827 11.05 26.94 19.20
N LEU B 828 12.38 26.98 19.23
CA LEU B 828 13.23 26.00 19.94
C LEU B 828 13.65 26.58 21.30
N GLY B 829 13.85 25.71 22.28
CA GLY B 829 14.31 26.04 23.63
C GLY B 829 14.54 24.79 24.45
N GLN B 830 15.06 24.93 25.68
CA GLN B 830 15.37 23.79 26.58
C GLN B 830 15.07 24.18 28.02
N ALA B 831 14.75 23.19 28.86
CA ALA B 831 14.58 23.33 30.33
C ALA B 831 15.90 23.78 30.93
N ALA B 832 15.85 24.73 31.88
CA ALA B 832 17.03 25.31 32.57
C ALA B 832 17.75 24.22 33.36
N PRO B 833 19.05 24.40 33.69
CA PRO B 833 19.78 23.42 34.49
C PRO B 833 19.03 23.02 35.77
N GLY B 834 18.73 21.72 35.92
CA GLY B 834 18.08 21.14 37.11
C GLY B 834 16.57 21.00 36.94
N LYS B 835 16.01 21.48 35.83
CA LYS B 835 14.55 21.42 35.52
C LYS B 835 14.29 20.34 34.45
N SER B 836 13.13 19.69 34.51
CA SER B 836 12.68 18.64 33.57
C SER B 836 12.01 19.29 32.35
N THR B 837 12.09 18.63 31.19
CA THR B 837 11.53 19.08 29.89
C THR B 837 10.02 19.31 30.03
N GLY B 838 9.33 18.43 30.78
CA GLY B 838 7.88 18.49 31.04
C GLY B 838 7.47 19.78 31.75
N GLU B 839 8.27 20.22 32.72
CA GLU B 839 8.05 21.48 33.48
C GLU B 839 8.21 22.68 32.54
N ALA B 840 9.29 22.69 31.75
CA ALA B 840 9.60 23.74 30.75
C ALA B 840 8.47 23.84 29.72
N MET B 841 7.90 22.70 29.31
CA MET B 841 6.76 22.61 28.36
C MET B 841 5.51 23.21 29.00
N GLU B 842 5.25 22.90 30.28
CA GLU B 842 4.05 23.36 31.03
C GLU B 842 4.03 24.90 31.07
N LEU B 843 5.18 25.53 31.35
CA LEU B 843 5.32 27.01 31.42
C LEU B 843 5.06 27.62 30.03
N MET B 844 5.64 27.03 28.99
CA MET B 844 5.48 27.47 27.57
C MET B 844 3.99 27.48 27.19
N GLU B 845 3.23 26.48 27.65
CA GLU B 845 1.76 26.38 27.45
C GLU B 845 1.06 27.51 28.21
N GLN B 846 1.49 27.79 29.45
CA GLN B 846 0.94 28.88 30.31
C GLN B 846 1.17 30.22 29.62
N LEU B 847 2.41 30.50 29.19
CA LEU B 847 2.81 31.77 28.51
C LEU B 847 2.02 31.92 27.20
N ALA B 848 1.81 30.82 26.48
CA ALA B 848 1.14 30.77 25.16
C ALA B 848 -0.35 31.07 25.29
N SER B 849 -0.95 30.77 26.45
CA SER B 849 -2.41 30.94 26.73
C SER B 849 -2.73 32.41 27.04
N LYS B 850 -1.72 33.28 27.14
CA LYS B 850 -1.86 34.73 27.45
C LYS B 850 -1.48 35.57 26.22
N LEU B 851 -1.52 34.99 25.02
CA LEU B 851 -1.18 35.67 23.74
C LEU B 851 -2.45 36.21 23.10
N PRO B 852 -2.37 37.12 22.10
CA PRO B 852 -3.56 37.69 21.45
C PRO B 852 -4.51 36.64 20.86
N THR B 853 -5.77 37.03 20.67
CA THR B 853 -6.88 36.17 20.15
C THR B 853 -6.52 35.65 18.75
N GLY B 854 -6.71 34.34 18.53
CA GLY B 854 -6.48 33.69 17.23
C GLY B 854 -5.08 33.11 17.10
N VAL B 855 -4.24 33.25 18.14
CA VAL B 855 -2.87 32.67 18.20
C VAL B 855 -2.91 31.38 19.02
N GLY B 856 -2.87 30.23 18.35
CA GLY B 856 -2.80 28.90 18.97
C GLY B 856 -1.37 28.40 19.02
N TYR B 857 -1.17 27.16 19.48
CA TYR B 857 0.15 26.50 19.57
C TYR B 857 0.01 24.98 19.44
N ASP B 858 1.12 24.29 19.24
CA ASP B 858 1.19 22.80 19.20
C ASP B 858 2.65 22.36 19.39
N TRP B 859 2.85 21.11 19.84
CA TRP B 859 4.18 20.47 20.03
C TRP B 859 4.46 19.55 18.84
N THR B 860 5.68 19.60 18.29
CA THR B 860 6.13 18.84 17.10
C THR B 860 7.45 18.11 17.40
N GLY B 861 7.88 17.25 16.49
CA GLY B 861 9.17 16.53 16.54
C GLY B 861 9.38 15.80 17.86
N MET B 862 10.49 16.04 18.53
CA MET B 862 10.87 15.39 19.81
C MET B 862 9.79 15.64 20.88
N SER B 863 9.24 16.86 20.95
CA SER B 863 8.22 17.28 21.95
C SER B 863 6.92 16.47 21.77
N TYR B 864 6.51 16.25 20.52
CA TYR B 864 5.28 15.49 20.13
C TYR B 864 5.37 14.07 20.71
N GLN B 865 6.47 13.36 20.41
CA GLN B 865 6.65 11.91 20.74
C GLN B 865 7.30 11.74 22.12
N GLU B 866 7.70 12.84 22.76
CA GLU B 866 8.16 12.87 24.18
C GLU B 866 6.93 12.82 25.08
N ARG B 867 5.86 13.52 24.69
CA ARG B 867 4.55 13.54 25.40
C ARG B 867 3.86 12.17 25.23
N LEU B 868 4.02 11.53 24.06
CA LEU B 868 3.50 10.17 23.78
C LEU B 868 4.16 9.16 24.73
N SER B 869 5.49 9.06 24.67
CA SER B 869 6.33 8.09 25.43
C SER B 869 6.22 8.32 26.94
N GLY B 870 6.08 9.59 27.36
CA GLY B 870 5.94 9.99 28.77
C GLY B 870 4.68 9.42 29.41
N ASN B 871 3.60 9.29 28.63
CA ASN B 871 2.28 8.78 29.08
C ASN B 871 2.32 7.26 29.22
N GLN B 872 3.27 6.60 28.55
CA GLN B 872 3.42 5.11 28.53
C GLN B 872 4.22 4.63 29.75
N ALA B 873 5.29 5.35 30.11
CA ALA B 873 6.32 4.93 31.11
C ALA B 873 5.64 4.35 32.35
N PRO B 874 4.73 5.08 33.04
CA PRO B 874 4.13 4.58 34.29
C PRO B 874 3.52 3.18 34.14
N SER B 875 2.83 2.93 33.02
CA SER B 875 2.11 1.67 32.71
C SER B 875 3.11 0.52 32.49
N LEU B 876 4.27 0.80 31.87
CA LEU B 876 5.29 -0.21 31.51
C LEU B 876 6.14 -0.57 32.74
N TYR B 877 6.47 0.41 33.59
CA TYR B 877 7.12 0.21 34.91
C TYR B 877 6.22 -0.68 35.79
N ALA B 878 4.90 -0.42 35.75
CA ALA B 878 3.86 -1.11 36.55
C ALA B 878 3.77 -2.59 36.13
N ILE B 879 3.60 -2.85 34.83
CA ILE B 879 3.49 -4.22 34.25
C ILE B 879 4.76 -5.01 34.62
N SER B 880 5.94 -4.40 34.41
CA SER B 880 7.26 -5.00 34.67
C SER B 880 7.34 -5.51 36.12
N LEU B 881 6.98 -4.67 37.09
CA LEU B 881 7.05 -4.97 38.55
C LEU B 881 6.00 -6.01 38.93
N ILE B 882 4.80 -5.94 38.35
CA ILE B 882 3.66 -6.86 38.65
C ILE B 882 4.03 -8.27 38.16
N VAL B 883 4.54 -8.41 36.92
CA VAL B 883 4.87 -9.72 36.30
C VAL B 883 6.08 -10.34 37.01
N VAL B 884 7.08 -9.51 37.36
CA VAL B 884 8.29 -9.95 38.13
C VAL B 884 7.83 -10.57 39.46
N PHE B 885 6.99 -9.86 40.21
CA PHE B 885 6.41 -10.30 41.50
C PHE B 885 5.71 -11.65 41.32
N LEU B 886 4.83 -11.76 40.32
CA LEU B 886 3.98 -12.95 40.04
C LEU B 886 4.86 -14.15 39.70
N CYS B 887 5.92 -13.96 38.91
CA CYS B 887 6.88 -15.03 38.50
C CYS B 887 7.64 -15.55 39.72
N LEU B 888 8.10 -14.65 40.60
CA LEU B 888 8.80 -15.00 41.86
C LEU B 888 7.82 -15.70 42.81
N ALA B 889 6.58 -15.23 42.87
CA ALA B 889 5.49 -15.79 43.72
C ALA B 889 5.23 -17.25 43.34
N ALA B 890 5.23 -17.54 42.03
CA ALA B 890 5.05 -18.90 41.45
C ALA B 890 6.28 -19.77 41.77
N LEU B 891 7.48 -19.22 41.63
CA LEU B 891 8.77 -19.92 41.87
C LEU B 891 8.84 -20.39 43.32
N TYR B 892 8.56 -19.49 44.27
CA TYR B 892 8.74 -19.71 45.74
C TYR B 892 7.45 -20.24 46.37
N GLU B 893 6.32 -20.21 45.65
CA GLU B 893 4.99 -20.62 46.18
C GLU B 893 4.69 -19.78 47.43
N SER B 894 4.74 -18.45 47.28
CA SER B 894 4.67 -17.46 48.39
C SER B 894 4.41 -16.06 47.84
N TRP B 895 3.54 -15.29 48.50
CA TRP B 895 3.23 -13.87 48.17
C TRP B 895 4.23 -12.93 48.85
N SER B 896 4.93 -13.42 49.87
CA SER B 896 5.82 -12.62 50.77
C SER B 896 7.28 -12.69 50.31
N ILE B 897 7.78 -13.90 50.03
CA ILE B 897 9.22 -14.17 49.73
C ILE B 897 9.67 -13.35 48.53
N PRO B 898 8.85 -13.17 47.46
CA PRO B 898 9.22 -12.29 46.35
C PRO B 898 9.85 -10.95 46.76
N PHE B 899 9.34 -10.31 47.82
CA PHE B 899 9.79 -8.98 48.31
C PHE B 899 11.29 -9.03 48.66
N SER B 900 11.76 -10.14 49.22
CA SER B 900 13.17 -10.35 49.65
C SER B 900 14.12 -10.22 48.45
N VAL B 901 13.70 -10.72 47.29
CA VAL B 901 14.46 -10.62 45.99
C VAL B 901 14.34 -9.19 45.45
N MET B 902 13.12 -8.64 45.45
CA MET B 902 12.77 -7.36 44.78
C MET B 902 13.42 -6.17 45.48
N LEU B 903 13.85 -6.34 46.74
CA LEU B 903 14.47 -5.26 47.56
C LEU B 903 15.93 -5.03 47.15
N VAL B 904 16.48 -5.85 46.25
CA VAL B 904 17.91 -5.80 45.82
C VAL B 904 18.14 -4.63 44.85
N VAL B 905 17.06 -4.14 44.20
CA VAL B 905 17.13 -3.19 43.03
C VAL B 905 18.08 -2.03 43.34
N PRO B 906 17.91 -1.29 44.46
CA PRO B 906 18.71 -0.09 44.72
C PRO B 906 20.21 -0.34 44.91
N LEU B 907 20.60 -1.55 45.34
CA LEU B 907 22.00 -1.91 45.71
C LEU B 907 22.93 -1.73 44.50
N GLY B 908 22.44 -2.06 43.30
CA GLY B 908 23.17 -1.86 42.03
C GLY B 908 23.04 -0.44 41.52
N VAL B 909 21.86 0.16 41.68
CA VAL B 909 21.50 1.49 41.10
C VAL B 909 22.36 2.59 41.77
N ILE B 910 22.58 2.51 43.08
CA ILE B 910 23.37 3.51 43.86
C ILE B 910 24.80 3.57 43.30
N GLY B 911 25.43 2.41 43.07
CA GLY B 911 26.81 2.30 42.55
C GLY B 911 26.95 2.90 41.17
N ALA B 912 25.98 2.62 40.28
CA ALA B 912 25.90 3.16 38.90
C ALA B 912 25.84 4.70 38.96
N LEU B 913 24.95 5.24 39.80
CA LEU B 913 24.73 6.70 39.97
C LEU B 913 25.98 7.36 40.55
N LEU B 914 26.67 6.70 41.48
CA LEU B 914 27.93 7.19 42.10
C LEU B 914 29.01 7.33 41.02
N ALA B 915 29.24 6.26 40.25
CA ALA B 915 30.27 6.16 39.19
C ALA B 915 30.02 7.21 38.10
N ALA B 916 28.76 7.36 37.67
CA ALA B 916 28.31 8.31 36.62
C ALA B 916 28.54 9.74 37.11
N THR B 917 28.00 10.08 38.28
CA THR B 917 28.13 11.40 38.96
C THR B 917 29.61 11.77 39.08
N PHE B 918 30.43 10.82 39.55
CA PHE B 918 31.89 11.00 39.81
C PHE B 918 32.63 11.29 38.51
N ARG B 919 32.33 10.53 37.44
CA ARG B 919 32.96 10.65 36.09
C ARG B 919 32.42 11.88 35.36
N GLY B 920 31.31 12.46 35.83
CA GLY B 920 30.65 13.62 35.20
C GLY B 920 29.88 13.23 33.95
N LEU B 921 29.39 11.98 33.90
CA LEU B 921 28.53 11.45 32.80
C LEU B 921 27.07 11.75 33.13
N THR B 922 26.16 11.36 32.23
CA THR B 922 24.72 11.73 32.26
C THR B 922 23.84 10.47 32.31
N ASN B 923 22.55 10.64 32.60
CA ASN B 923 21.51 9.58 32.56
C ASN B 923 21.08 9.37 31.10
N ASP B 924 21.95 8.71 30.31
CA ASP B 924 21.73 8.46 28.86
C ASP B 924 21.14 7.06 28.68
N VAL B 925 20.88 6.66 27.43
CA VAL B 925 20.25 5.36 27.06
C VAL B 925 21.13 4.21 27.54
N TYR B 926 22.44 4.28 27.29
CA TYR B 926 23.44 3.23 27.63
C TYR B 926 23.46 2.99 29.14
N PHE B 927 23.46 4.06 29.92
CA PHE B 927 23.42 4.04 31.41
C PHE B 927 22.16 3.32 31.88
N GLN B 928 21.00 3.68 31.30
CA GLN B 928 19.65 3.18 31.69
C GLN B 928 19.55 1.67 31.42
N VAL B 929 19.94 1.24 30.21
CA VAL B 929 19.95 -0.20 29.81
C VAL B 929 20.95 -0.94 30.73
N GLY B 930 22.06 -0.28 31.08
CA GLY B 930 23.08 -0.79 32.02
C GLY B 930 22.52 -1.07 33.40
N LEU B 931 21.66 -0.16 33.91
CA LEU B 931 20.97 -0.32 35.22
C LEU B 931 20.17 -1.64 35.22
N LEU B 932 19.43 -1.92 34.14
CA LEU B 932 18.50 -3.07 34.03
C LEU B 932 19.29 -4.39 34.04
N THR B 933 20.47 -4.42 33.43
CA THR B 933 21.37 -5.60 33.39
C THR B 933 22.03 -5.80 34.76
N THR B 934 22.42 -4.70 35.42
CA THR B 934 22.99 -4.69 36.79
C THR B 934 21.90 -5.14 37.79
N ILE B 935 20.70 -4.57 37.69
CA ILE B 935 19.50 -4.96 38.48
C ILE B 935 19.20 -6.44 38.20
N GLY B 936 19.23 -6.84 36.93
CA GLY B 936 18.95 -8.21 36.47
C GLY B 936 19.86 -9.24 37.10
N LEU B 937 21.16 -8.97 37.16
CA LEU B 937 22.20 -9.91 37.67
C LEU B 937 22.16 -9.96 39.21
N SER B 938 21.93 -8.82 39.86
CA SER B 938 21.77 -8.73 41.34
C SER B 938 20.50 -9.47 41.77
N ALA B 939 19.43 -9.37 40.99
CA ALA B 939 18.16 -10.12 41.16
C ALA B 939 18.43 -11.62 41.03
N LYS B 940 19.26 -12.01 40.05
CA LYS B 940 19.65 -13.41 39.77
C LYS B 940 20.40 -13.99 40.98
N ASN B 941 21.38 -13.25 41.49
CA ASN B 941 22.17 -13.59 42.71
C ASN B 941 21.23 -13.80 43.89
N ALA B 942 20.31 -12.84 44.10
CA ALA B 942 19.31 -12.84 45.21
C ALA B 942 18.36 -14.03 45.05
N ILE B 943 17.88 -14.29 43.83
CA ILE B 943 16.91 -15.38 43.53
C ILE B 943 17.48 -16.72 43.98
N LEU B 944 18.77 -16.98 43.70
CA LEU B 944 19.43 -18.28 43.97
C LEU B 944 19.74 -18.41 45.47
N ILE B 945 20.12 -17.32 46.15
CA ILE B 945 20.35 -17.28 47.62
C ILE B 945 19.04 -17.66 48.33
N VAL B 946 17.93 -17.04 47.93
CA VAL B 946 16.57 -17.22 48.53
C VAL B 946 16.07 -18.64 48.23
N GLU B 947 16.28 -19.13 47.01
CA GLU B 947 15.87 -20.49 46.57
C GLU B 947 16.59 -21.54 47.43
N PHE B 948 17.92 -21.44 47.53
CA PHE B 948 18.80 -22.33 48.33
C PHE B 948 18.33 -22.32 49.78
N ALA B 949 18.14 -21.13 50.36
CA ALA B 949 17.72 -20.91 51.76
C ALA B 949 16.34 -21.55 52.00
N LYS B 950 15.36 -21.25 51.13
CA LYS B 950 13.97 -21.76 51.24
C LYS B 950 13.97 -23.29 51.15
N ASP B 951 14.69 -23.85 50.17
CA ASP B 951 14.75 -25.32 49.91
C ASP B 951 15.33 -26.03 51.14
N LEU B 952 16.36 -25.46 51.77
CA LEU B 952 16.98 -26.00 53.01
C LEU B 952 15.95 -26.02 54.14
N MET B 953 15.12 -24.98 54.25
CA MET B 953 14.03 -24.87 55.27
C MET B 953 12.93 -25.88 54.97
N ASP B 954 12.54 -26.01 53.69
CA ASP B 954 11.41 -26.85 53.23
C ASP B 954 11.77 -28.35 53.32
N LYS B 955 12.95 -28.72 52.81
CA LYS B 955 13.34 -30.13 52.56
C LYS B 955 14.12 -30.71 53.76
N GLU B 956 15.12 -29.98 54.27
CA GLU B 956 16.05 -30.45 55.33
C GLU B 956 15.59 -29.94 56.71
N GLY B 957 14.48 -29.19 56.77
CA GLY B 957 13.86 -28.73 58.03
C GLY B 957 14.78 -27.86 58.86
N LYS B 958 15.65 -27.07 58.21
CA LYS B 958 16.60 -26.13 58.87
C LYS B 958 15.85 -24.86 59.30
N GLY B 959 16.40 -24.14 60.27
CA GLY B 959 15.86 -22.85 60.75
C GLY B 959 16.13 -21.74 59.76
N LEU B 960 15.42 -20.61 59.91
CA LEU B 960 15.52 -19.43 59.01
C LEU B 960 16.98 -18.97 58.91
N ILE B 961 17.64 -18.77 60.05
CA ILE B 961 19.05 -18.25 60.13
C ILE B 961 20.01 -19.34 59.62
N GLU B 962 19.83 -20.59 60.08
CA GLU B 962 20.69 -21.75 59.70
C GLU B 962 20.73 -21.89 58.18
N ALA B 963 19.54 -21.86 57.54
CA ALA B 963 19.36 -22.00 56.08
C ALA B 963 19.98 -20.80 55.35
N THR B 964 19.77 -19.58 55.88
CA THR B 964 20.27 -18.31 55.29
C THR B 964 21.79 -18.29 55.28
N LEU B 965 22.44 -18.73 56.36
CA LEU B 965 23.92 -18.76 56.51
C LEU B 965 24.51 -19.82 55.56
N ASP B 966 23.89 -20.99 55.48
CA ASP B 966 24.33 -22.11 54.60
C ASP B 966 24.13 -21.70 53.13
N ALA B 967 23.06 -20.94 52.83
CA ALA B 967 22.73 -20.43 51.49
C ALA B 967 23.83 -19.47 51.01
N VAL B 968 24.05 -18.37 51.75
CA VAL B 968 25.02 -17.29 51.38
C VAL B 968 26.44 -17.85 51.32
N ARG B 969 26.76 -18.85 52.17
CA ARG B 969 28.05 -19.58 52.16
C ARG B 969 28.26 -20.21 50.78
N MET B 970 27.27 -20.96 50.29
CA MET B 970 27.33 -21.73 49.03
C MET B 970 27.37 -20.78 47.82
N ARG B 971 26.64 -19.66 47.89
CA ARG B 971 26.47 -18.72 46.74
C ARG B 971 27.61 -17.70 46.68
N LEU B 972 28.51 -17.67 47.67
CA LEU B 972 29.61 -16.67 47.75
C LEU B 972 30.54 -16.79 46.55
N ARG B 973 31.10 -17.98 46.31
CA ARG B 973 32.12 -18.24 45.25
C ARG B 973 31.55 -17.87 43.87
N PRO B 974 30.39 -18.41 43.45
CA PRO B 974 29.87 -18.13 42.10
C PRO B 974 29.58 -16.64 41.87
N ILE B 975 29.10 -15.93 42.89
CA ILE B 975 28.79 -14.47 42.84
C ILE B 975 30.10 -13.69 42.65
N LEU B 976 31.15 -14.03 43.40
CA LEU B 976 32.48 -13.34 43.35
C LEU B 976 33.13 -13.60 41.99
N MET B 977 32.97 -14.81 41.44
CA MET B 977 33.58 -15.23 40.15
C MET B 977 32.98 -14.41 39.00
N THR B 978 31.65 -14.30 38.93
CA THR B 978 30.91 -13.53 37.90
C THR B 978 31.30 -12.05 37.98
N SER B 979 31.23 -11.47 39.18
CA SER B 979 31.54 -10.04 39.48
C SER B 979 32.98 -9.72 39.07
N LEU B 980 33.94 -10.54 39.51
CA LEU B 980 35.40 -10.39 39.21
C LEU B 980 35.61 -10.42 37.70
N ALA B 981 35.04 -11.42 37.02
CA ALA B 981 35.17 -11.64 35.55
C ALA B 981 34.53 -10.47 34.79
N PHE B 982 33.37 -9.97 35.25
CA PHE B 982 32.54 -8.97 34.54
C PHE B 982 33.06 -7.55 34.80
N ILE B 983 33.50 -7.26 36.03
CA ILE B 983 34.09 -5.94 36.42
C ILE B 983 35.38 -5.73 35.61
N LEU B 984 36.26 -6.73 35.57
CA LEU B 984 37.51 -6.73 34.75
C LEU B 984 37.15 -6.60 33.26
N GLY B 985 36.04 -7.23 32.85
CA GLY B 985 35.57 -7.27 31.44
C GLY B 985 35.16 -5.91 30.91
N VAL B 986 34.57 -5.06 31.75
CA VAL B 986 34.02 -3.73 31.36
C VAL B 986 35.01 -2.61 31.73
N MET B 987 36.14 -2.95 32.35
CA MET B 987 37.18 -1.97 32.78
C MET B 987 37.81 -1.30 31.56
N PRO B 988 38.12 -2.04 30.46
CA PRO B 988 38.67 -1.42 29.25
C PRO B 988 37.75 -0.35 28.64
N LEU B 989 36.43 -0.55 28.74
CA LEU B 989 35.39 0.40 28.24
C LEU B 989 35.42 1.68 29.07
N VAL B 990 35.60 1.55 30.40
CA VAL B 990 35.60 2.67 31.38
C VAL B 990 36.75 3.65 31.09
N ILE B 991 37.95 3.11 30.79
CA ILE B 991 39.22 3.90 30.68
C ILE B 991 39.48 4.31 29.23
N SER B 992 38.79 3.70 28.26
CA SER B 992 38.96 3.94 26.79
C SER B 992 38.83 5.45 26.49
N THR B 993 39.69 5.97 25.61
CA THR B 993 39.72 7.40 25.17
C THR B 993 39.84 7.48 23.64
N GLY B 994 39.62 6.38 22.92
CA GLY B 994 39.76 6.30 21.45
C GLY B 994 38.50 6.76 20.74
N ALA B 995 38.23 6.19 19.56
CA ALA B 995 37.00 6.43 18.76
C ALA B 995 35.86 5.56 19.30
N GLY B 996 34.66 6.13 19.44
CA GLY B 996 33.48 5.46 20.00
C GLY B 996 33.59 5.26 21.51
N SER B 997 34.52 5.97 22.15
CA SER B 997 34.83 5.87 23.61
C SER B 997 33.69 6.48 24.43
N GLY B 998 33.00 7.49 23.89
CA GLY B 998 31.84 8.14 24.52
C GLY B 998 30.77 7.14 24.90
N ALA B 999 30.43 6.22 23.99
CA ALA B 999 29.45 5.12 24.19
C ALA B 999 30.05 4.07 25.14
N GLN B 1000 31.30 3.64 24.88
CA GLN B 1000 32.03 2.63 25.70
C GLN B 1000 32.03 3.07 27.16
N ASN B 1001 32.36 4.34 27.43
CA ASN B 1001 32.38 4.95 28.79
C ASN B 1001 30.99 4.83 29.42
N ALA B 1002 29.94 5.25 28.70
CA ALA B 1002 28.53 5.26 29.15
C ALA B 1002 28.05 3.85 29.48
N VAL B 1003 28.50 2.85 28.71
CA VAL B 1003 28.18 1.40 28.94
C VAL B 1003 28.96 0.91 30.17
N GLY B 1004 30.29 1.10 30.17
CA GLY B 1004 31.21 0.56 31.19
C GLY B 1004 31.03 1.21 32.55
N THR B 1005 31.10 2.54 32.62
CA THR B 1005 31.11 3.35 33.87
C THR B 1005 29.95 2.92 34.78
N GLY B 1006 28.71 3.07 34.32
CA GLY B 1006 27.49 2.74 35.08
C GLY B 1006 27.46 1.30 35.53
N VAL B 1007 27.95 0.38 34.69
CA VAL B 1007 27.94 -1.10 34.94
C VAL B 1007 29.00 -1.43 36.00
N MET B 1008 30.24 -0.96 35.81
CA MET B 1008 31.36 -1.20 36.76
C MET B 1008 30.95 -0.74 38.16
N GLY B 1009 30.63 0.56 38.31
CA GLY B 1009 30.17 1.16 39.56
C GLY B 1009 29.00 0.40 40.16
N GLY B 1010 28.01 0.07 39.32
CA GLY B 1010 26.81 -0.68 39.71
C GLY B 1010 27.15 -2.08 40.21
N MET B 1011 28.02 -2.79 39.50
CA MET B 1011 28.43 -4.20 39.81
C MET B 1011 29.19 -4.25 41.14
N VAL B 1012 30.05 -3.25 41.41
CA VAL B 1012 30.89 -3.17 42.65
C VAL B 1012 29.97 -3.13 43.88
N THR B 1013 28.97 -2.24 43.89
CA THR B 1013 28.02 -2.04 45.01
C THR B 1013 27.04 -3.23 45.05
N ALA B 1014 26.52 -3.64 43.88
CA ALA B 1014 25.59 -4.79 43.72
C ALA B 1014 26.21 -6.05 44.34
N THR B 1015 27.51 -6.27 44.10
CA THR B 1015 28.29 -7.43 44.62
C THR B 1015 28.48 -7.28 46.13
N VAL B 1016 29.08 -6.16 46.57
CA VAL B 1016 29.51 -5.91 47.97
C VAL B 1016 28.27 -5.88 48.89
N LEU B 1017 27.21 -5.16 48.50
CA LEU B 1017 26.01 -4.93 49.36
C LEU B 1017 25.13 -6.18 49.41
N ALA B 1018 24.87 -6.82 48.26
CA ALA B 1018 23.92 -7.95 48.12
C ALA B 1018 24.30 -9.10 49.04
N ILE B 1019 25.58 -9.48 49.08
CA ILE B 1019 26.09 -10.64 49.88
C ILE B 1019 25.81 -10.41 51.37
N PHE B 1020 25.61 -9.15 51.80
CA PHE B 1020 25.33 -8.77 53.20
C PHE B 1020 23.83 -8.44 53.39
N PHE B 1021 23.17 -7.87 52.39
CA PHE B 1021 21.80 -7.29 52.48
C PHE B 1021 20.72 -8.33 52.10
N VAL B 1022 20.99 -9.18 51.10
CA VAL B 1022 20.05 -10.25 50.65
C VAL B 1022 19.68 -11.14 51.83
N PRO B 1023 20.64 -11.62 52.65
CA PRO B 1023 20.30 -12.42 53.84
C PRO B 1023 19.43 -11.66 54.85
N VAL B 1024 19.62 -10.33 54.96
CA VAL B 1024 18.77 -9.45 55.82
C VAL B 1024 17.35 -9.44 55.25
N PHE B 1025 17.21 -9.18 53.94
CA PHE B 1025 15.90 -9.10 53.23
C PHE B 1025 15.08 -10.37 53.54
N PHE B 1026 15.66 -11.54 53.30
CA PHE B 1026 15.01 -12.87 53.47
C PHE B 1026 14.53 -13.01 54.93
N VAL B 1027 15.43 -12.78 55.89
CA VAL B 1027 15.16 -12.93 57.35
C VAL B 1027 14.05 -11.98 57.78
N VAL B 1028 14.18 -10.69 57.44
CA VAL B 1028 13.21 -9.60 57.82
C VAL B 1028 11.84 -9.90 57.22
N VAL B 1029 11.79 -10.38 55.97
CA VAL B 1029 10.52 -10.67 55.22
C VAL B 1029 9.87 -11.92 55.83
N ARG B 1030 10.63 -13.00 56.00
CA ARG B 1030 10.15 -14.30 56.56
C ARG B 1030 9.58 -14.05 57.97
N ARG B 1031 10.31 -13.31 58.81
CA ARG B 1031 9.91 -12.93 60.19
C ARG B 1031 8.58 -12.18 60.17
N ARG B 1032 8.48 -11.15 59.31
CA ARG B 1032 7.31 -10.24 59.20
C ARG B 1032 6.06 -11.02 58.81
N PHE B 1033 6.20 -12.07 57.99
CA PHE B 1033 5.08 -12.92 57.48
C PHE B 1033 5.23 -14.34 58.01
N SER B 1034 5.38 -14.48 59.34
CA SER B 1034 5.42 -15.77 60.08
C SER B 1034 4.81 -15.59 61.48
N MET C 1 2.11 -45.02 22.86
CA MET C 1 1.11 -44.61 21.82
C MET C 1 0.71 -45.83 20.97
N PRO C 2 1.65 -46.66 20.47
CA PRO C 2 1.29 -47.88 19.74
C PRO C 2 0.46 -48.86 20.59
N ASN C 3 0.87 -49.11 21.84
CA ASN C 3 0.15 -49.97 22.81
C ASN C 3 -1.25 -49.42 23.06
N PHE C 4 -1.40 -48.09 23.13
CA PHE C 4 -2.66 -47.37 23.41
C PHE C 4 -3.69 -47.67 22.31
N PHE C 5 -3.28 -47.59 21.04
CA PHE C 5 -4.16 -47.71 19.85
C PHE C 5 -4.33 -49.18 19.44
N ILE C 6 -3.45 -50.08 19.91
CA ILE C 6 -3.59 -51.55 19.73
C ILE C 6 -4.87 -52.01 20.46
N ASP C 7 -5.15 -51.43 21.63
CA ASP C 7 -6.34 -51.74 22.46
C ASP C 7 -7.53 -50.85 22.05
N ARG C 8 -7.27 -49.77 21.31
CA ARG C 8 -8.30 -48.80 20.84
C ARG C 8 -8.23 -48.65 19.32
N PRO C 9 -8.63 -49.69 18.54
CA PRO C 9 -8.61 -49.62 17.08
C PRO C 9 -9.64 -48.66 16.47
N ILE C 10 -10.73 -48.37 17.18
CA ILE C 10 -11.80 -47.44 16.72
C ILE C 10 -11.27 -46.00 16.76
N PHE C 11 -10.62 -45.62 17.87
CA PHE C 11 -9.90 -44.31 18.03
C PHE C 11 -8.90 -44.18 16.87
N ALA C 12 -8.13 -45.24 16.61
CA ALA C 12 -7.12 -45.31 15.53
C ALA C 12 -7.77 -45.02 14.18
N TRP C 13 -8.93 -45.63 13.90
CA TRP C 13 -9.72 -45.41 12.66
C TRP C 13 -10.23 -43.97 12.61
N VAL C 14 -10.79 -43.47 13.71
CA VAL C 14 -11.38 -42.10 13.84
C VAL C 14 -10.34 -41.06 13.40
N ILE C 15 -9.12 -41.13 13.95
CA ILE C 15 -7.99 -40.21 13.62
C ILE C 15 -7.74 -40.26 12.11
N ALA C 16 -7.68 -41.47 11.54
CA ALA C 16 -7.40 -41.72 10.10
C ALA C 16 -8.54 -41.16 9.24
N ILE C 17 -9.80 -41.39 9.63
CA ILE C 17 -11.01 -40.98 8.87
C ILE C 17 -11.09 -39.44 8.84
N ILE C 18 -10.88 -38.78 9.98
CA ILE C 18 -10.92 -37.30 10.12
C ILE C 18 -9.85 -36.68 9.20
N ILE C 19 -8.67 -37.29 9.11
CA ILE C 19 -7.54 -36.82 8.26
C ILE C 19 -7.94 -36.95 6.78
N MET C 20 -8.57 -38.08 6.41
CA MET C 20 -9.06 -38.34 5.02
C MET C 20 -10.19 -37.37 4.68
N LEU C 21 -10.97 -36.95 5.68
CA LEU C 21 -12.13 -36.02 5.53
C LEU C 21 -11.59 -34.62 5.18
N ALA C 22 -10.67 -34.10 5.99
CA ALA C 22 -10.00 -32.79 5.80
C ALA C 22 -9.36 -32.75 4.41
N GLY C 23 -8.73 -33.86 3.99
CA GLY C 23 -8.09 -34.01 2.67
C GLY C 23 -9.12 -33.99 1.55
N GLY C 24 -10.16 -34.82 1.66
CA GLY C 24 -11.26 -34.92 0.68
C GLY C 24 -11.92 -33.57 0.43
N LEU C 25 -12.16 -32.80 1.51
CA LEU C 25 -12.76 -31.45 1.46
C LEU C 25 -11.76 -30.46 0.85
N ALA C 26 -10.48 -30.57 1.20
CA ALA C 26 -9.38 -29.69 0.74
C ALA C 26 -9.27 -29.76 -0.79
N ILE C 27 -9.25 -30.97 -1.35
CA ILE C 27 -9.09 -31.24 -2.82
C ILE C 27 -10.10 -30.39 -3.62
N LEU C 28 -11.33 -30.28 -3.12
CA LEU C 28 -12.47 -29.61 -3.83
C LEU C 28 -12.17 -28.12 -4.03
N LYS C 29 -11.41 -27.50 -3.11
CA LYS C 29 -11.18 -26.03 -3.04
C LYS C 29 -9.73 -25.66 -3.41
N LEU C 30 -8.86 -26.64 -3.67
CA LEU C 30 -7.44 -26.40 -4.03
C LEU C 30 -7.37 -25.87 -5.47
N PRO C 31 -6.62 -24.78 -5.74
CA PRO C 31 -6.38 -24.33 -7.12
C PRO C 31 -5.60 -25.38 -7.92
N VAL C 32 -5.73 -25.36 -9.25
CA VAL C 32 -5.01 -26.27 -10.19
C VAL C 32 -4.20 -25.41 -11.17
N ALA C 33 -2.96 -25.81 -11.44
CA ALA C 33 -2.01 -25.12 -12.35
C ALA C 33 -0.91 -26.10 -12.77
N GLN C 34 -0.11 -25.75 -13.78
CA GLN C 34 1.09 -26.52 -14.18
C GLN C 34 2.17 -26.33 -13.10
N TYR C 35 2.42 -25.08 -12.73
CA TYR C 35 3.40 -24.66 -11.68
C TYR C 35 2.70 -23.77 -10.66
N PRO C 36 3.33 -23.54 -9.48
CA PRO C 36 2.98 -22.40 -8.63
C PRO C 36 3.61 -21.14 -9.23
N THR C 37 3.66 -20.04 -8.47
CA THR C 37 4.43 -18.82 -8.82
C THR C 37 5.92 -19.16 -8.71
N ILE C 38 6.53 -19.58 -9.83
CA ILE C 38 8.00 -19.89 -9.92
C ILE C 38 8.73 -18.70 -10.55
N ALA C 39 8.03 -17.87 -11.32
CA ALA C 39 8.60 -16.69 -12.02
C ALA C 39 8.84 -15.56 -11.02
N PRO C 40 10.02 -14.91 -11.03
CA PRO C 40 10.21 -13.67 -10.30
C PRO C 40 9.43 -12.54 -10.98
N PRO C 41 8.86 -11.58 -10.23
CA PRO C 41 7.96 -10.58 -10.81
C PRO C 41 8.73 -9.50 -11.57
N ALA C 42 8.09 -8.89 -12.57
CA ALA C 42 8.65 -7.82 -13.42
C ALA C 42 7.69 -6.63 -13.47
N VAL C 43 8.24 -5.42 -13.57
CA VAL C 43 7.50 -4.14 -13.79
C VAL C 43 8.08 -3.47 -15.03
N THR C 44 7.23 -3.11 -16.00
CA THR C 44 7.62 -2.47 -17.29
C THR C 44 7.13 -1.03 -17.33
N ILE C 45 8.05 -0.08 -17.55
CA ILE C 45 7.77 1.35 -17.83
C ILE C 45 7.71 1.53 -19.36
N SER C 46 6.57 1.96 -19.90
CA SER C 46 6.37 2.23 -21.34
C SER C 46 6.18 3.73 -21.57
N ALA C 47 6.98 4.31 -22.47
CA ALA C 47 6.92 5.74 -22.88
C ALA C 47 6.96 5.84 -24.41
N SER C 48 6.50 6.96 -24.96
CA SER C 48 6.43 7.25 -26.42
C SER C 48 6.86 8.68 -26.69
N TYR C 49 7.85 8.86 -27.59
CA TYR C 49 8.32 10.17 -28.10
C TYR C 49 8.10 10.19 -29.62
N PRO C 50 6.88 10.53 -30.10
CA PRO C 50 6.57 10.50 -31.53
C PRO C 50 7.53 11.35 -32.39
N GLY C 51 8.07 10.75 -33.46
CA GLY C 51 8.94 11.42 -34.45
C GLY C 51 10.40 11.43 -34.04
N ALA C 52 10.73 10.82 -32.90
CA ALA C 52 12.11 10.75 -32.34
C ALA C 52 12.76 9.43 -32.79
N ASP C 53 14.04 9.48 -33.18
CA ASP C 53 14.85 8.29 -33.53
C ASP C 53 15.34 7.64 -32.23
N ALA C 54 15.75 6.36 -32.31
CA ALA C 54 16.17 5.51 -31.16
C ALA C 54 17.18 6.27 -30.28
N LYS C 55 18.12 6.99 -30.88
CA LYS C 55 19.20 7.73 -30.18
C LYS C 55 18.60 8.87 -29.34
N THR C 56 17.79 9.73 -29.96
CA THR C 56 17.09 10.86 -29.30
C THR C 56 16.24 10.32 -28.14
N VAL C 57 15.47 9.26 -28.40
CA VAL C 57 14.56 8.58 -27.42
C VAL C 57 15.40 8.13 -26.21
N GLN C 58 16.56 7.52 -26.46
CA GLN C 58 17.46 6.96 -25.41
C GLN C 58 18.03 8.08 -24.54
N ASP C 59 18.44 9.20 -25.17
CA ASP C 59 19.14 10.33 -24.51
C ASP C 59 18.17 11.13 -23.63
N THR C 60 16.93 11.33 -24.08
CA THR C 60 15.94 12.26 -23.47
C THR C 60 14.90 11.52 -22.62
N VAL C 61 14.77 10.20 -22.75
CA VAL C 61 13.73 9.41 -22.03
C VAL C 61 14.39 8.23 -21.28
N THR C 62 14.92 7.25 -22.01
CA THR C 62 15.38 5.94 -21.46
C THR C 62 16.39 6.16 -20.33
N GLN C 63 17.47 6.91 -20.62
CA GLN C 63 18.57 7.17 -19.64
C GLN C 63 18.03 8.01 -18.46
N VAL C 64 17.14 8.97 -18.73
CA VAL C 64 16.55 9.89 -17.71
C VAL C 64 15.77 9.05 -16.68
N ILE C 65 15.01 8.06 -17.14
CA ILE C 65 14.20 7.13 -16.28
C ILE C 65 15.16 6.19 -15.55
N GLU C 66 16.06 5.52 -16.29
CA GLU C 66 17.00 4.49 -15.76
C GLU C 66 17.89 5.08 -14.66
N GLN C 67 18.29 6.35 -14.80
CA GLN C 67 19.14 7.08 -13.81
C GLN C 67 18.40 7.21 -12.47
N ASN C 68 17.06 7.27 -12.51
CA ASN C 68 16.18 7.42 -11.32
C ASN C 68 15.76 6.05 -10.78
N MET C 69 16.05 4.97 -11.49
CA MET C 69 15.67 3.57 -11.10
C MET C 69 16.75 2.95 -10.22
N ASN C 70 17.15 3.68 -9.16
CA ASN C 70 18.18 3.25 -8.17
CA ASN C 70 18.16 3.22 -8.18
C ASN C 70 17.57 3.34 -6.77
N GLY C 71 18.09 2.53 -5.83
CA GLY C 71 17.57 2.46 -4.44
C GLY C 71 16.22 1.80 -4.38
N ILE C 72 15.94 0.87 -5.30
CA ILE C 72 14.71 0.02 -5.32
C ILE C 72 15.08 -1.35 -4.75
N ASP C 73 14.25 -1.86 -3.83
CA ASP C 73 14.49 -3.14 -3.09
C ASP C 73 14.36 -4.32 -4.07
N ASN C 74 15.32 -5.25 -4.00
CA ASN C 74 15.24 -6.60 -4.63
C ASN C 74 15.22 -6.49 -6.16
N LEU C 75 15.84 -5.45 -6.74
CA LEU C 75 16.00 -5.31 -8.20
C LEU C 75 17.09 -6.28 -8.67
N MET C 76 16.73 -7.27 -9.49
CA MET C 76 17.62 -8.39 -9.92
C MET C 76 18.38 -7.98 -11.18
N TYR C 77 17.68 -7.50 -12.20
CA TYR C 77 18.27 -6.88 -13.41
C TYR C 77 17.27 -5.93 -14.08
N MET C 78 17.78 -5.03 -14.92
CA MET C 78 17.00 -4.02 -15.68
C MET C 78 17.44 -4.08 -17.15
N SER C 79 16.48 -4.37 -18.05
CA SER C 79 16.68 -4.39 -19.53
C SER C 79 15.70 -3.40 -20.17
N SER C 80 16.15 -2.66 -21.19
CA SER C 80 15.36 -1.63 -21.91
C SER C 80 15.76 -1.59 -23.38
N ASN C 81 14.86 -1.08 -24.23
CA ASN C 81 15.11 -0.81 -25.68
C ASN C 81 14.48 0.54 -26.05
N SER C 82 15.22 1.33 -26.85
CA SER C 82 14.77 2.61 -27.46
C SER C 82 14.60 2.41 -28.96
N ASP C 83 13.44 2.79 -29.52
CA ASP C 83 13.01 2.44 -30.90
C ASP C 83 12.88 3.71 -31.75
N SER C 84 13.05 3.58 -33.07
CA SER C 84 12.93 4.69 -34.05
CA SER C 84 12.92 4.72 -34.03
C SER C 84 11.44 5.05 -34.26
N THR C 85 10.54 4.23 -33.72
CA THR C 85 9.07 4.47 -33.69
C THR C 85 8.75 5.50 -32.60
N GLY C 86 9.70 5.75 -31.69
CA GLY C 86 9.57 6.68 -30.55
C GLY C 86 9.35 5.94 -29.25
N THR C 87 9.20 4.61 -29.29
CA THR C 87 8.78 3.74 -28.17
C THR C 87 9.97 3.48 -27.23
N VAL C 88 9.71 3.54 -25.92
CA VAL C 88 10.61 3.08 -24.82
C VAL C 88 9.89 1.97 -24.05
N GLN C 89 10.60 0.89 -23.73
CA GLN C 89 10.15 -0.14 -22.75
C GLN C 89 11.31 -0.47 -21.83
N ILE C 90 11.15 -0.18 -20.53
CA ILE C 90 12.14 -0.45 -19.45
C ILE C 90 11.52 -1.48 -18.50
N THR C 91 12.00 -2.72 -18.54
CA THR C 91 11.53 -3.85 -17.68
C THR C 91 12.50 -4.06 -16.51
N LEU C 92 11.99 -3.90 -15.28
CA LEU C 92 12.72 -4.21 -14.03
C LEU C 92 12.23 -5.57 -13.51
N THR C 93 13.12 -6.56 -13.43
CA THR C 93 12.84 -7.91 -12.88
C THR C 93 13.42 -8.00 -11.47
N PHE C 94 12.61 -8.43 -10.50
CA PHE C 94 12.92 -8.41 -9.05
C PHE C 94 13.25 -9.83 -8.57
N GLU C 95 13.77 -9.94 -7.35
CA GLU C 95 14.16 -11.23 -6.71
C GLU C 95 12.90 -12.10 -6.57
N SER C 96 13.04 -13.42 -6.69
CA SER C 96 11.98 -14.42 -6.41
C SER C 96 11.43 -14.18 -5.00
N GLY C 97 10.10 -14.08 -4.88
CA GLY C 97 9.39 -13.88 -3.59
C GLY C 97 9.05 -12.41 -3.33
N THR C 98 9.53 -11.48 -4.17
CA THR C 98 9.24 -10.03 -4.08
C THR C 98 7.74 -9.79 -4.27
N ASP C 99 7.15 -8.92 -3.46
CA ASP C 99 5.74 -8.45 -3.60
C ASP C 99 5.67 -7.53 -4.83
N ALA C 100 4.99 -7.97 -5.88
CA ALA C 100 4.90 -7.28 -7.19
C ALA C 100 4.22 -5.91 -7.04
N ASP C 101 3.28 -5.79 -6.11
CA ASP C 101 2.52 -4.54 -5.82
C ASP C 101 3.46 -3.51 -5.18
N ILE C 102 4.31 -3.94 -4.24
CA ILE C 102 5.35 -3.09 -3.58
C ILE C 102 6.38 -2.68 -4.64
N ALA C 103 6.84 -3.62 -5.47
CA ALA C 103 7.81 -3.40 -6.58
C ALA C 103 7.25 -2.32 -7.51
N GLN C 104 5.97 -2.42 -7.88
CA GLN C 104 5.26 -1.45 -8.77
C GLN C 104 5.27 -0.06 -8.12
N VAL C 105 4.92 0.01 -6.82
CA VAL C 105 4.86 1.28 -6.02
C VAL C 105 6.25 1.92 -6.01
N GLN C 106 7.29 1.15 -5.68
CA GLN C 106 8.70 1.64 -5.57
C GLN C 106 9.16 2.19 -6.91
N VAL C 107 8.87 1.49 -8.02
CA VAL C 107 9.23 1.93 -9.41
C VAL C 107 8.48 3.23 -9.71
N GLN C 108 7.18 3.29 -9.38
CA GLN C 108 6.28 4.44 -9.62
C GLN C 108 6.78 5.67 -8.86
N ASN C 109 7.20 5.50 -7.60
CA ASN C 109 7.73 6.58 -6.72
C ASN C 109 9.01 7.16 -7.32
N LYS C 110 9.83 6.33 -7.98
CA LYS C 110 11.14 6.71 -8.56
C LYS C 110 10.93 7.36 -9.94
N LEU C 111 9.95 6.87 -10.71
CA LEU C 111 9.58 7.42 -12.04
C LEU C 111 9.10 8.87 -11.91
N GLN C 112 8.37 9.16 -10.81
N GLN C 112 8.39 9.19 -10.82
CA GLN C 112 7.81 10.48 -10.44
CA GLN C 112 7.80 10.54 -10.58
C GLN C 112 8.91 11.56 -10.53
C GLN C 112 8.91 11.60 -10.51
N LEU C 113 10.13 11.22 -10.13
CA LEU C 113 11.31 12.14 -10.17
C LEU C 113 11.72 12.39 -11.63
N ALA C 114 11.64 11.38 -12.49
CA ALA C 114 12.04 11.42 -13.91
C ALA C 114 10.97 12.15 -14.75
N MET C 115 9.68 11.95 -14.44
CA MET C 115 8.51 12.43 -15.23
C MET C 115 8.72 13.87 -15.70
N PRO C 116 8.98 14.85 -14.80
CA PRO C 116 9.13 16.25 -15.21
C PRO C 116 10.41 16.54 -16.01
N LEU C 117 11.42 15.66 -15.92
CA LEU C 117 12.70 15.78 -16.68
C LEU C 117 12.52 15.24 -18.11
N LEU C 118 11.43 14.52 -18.38
CA LEU C 118 11.09 14.00 -19.73
C LEU C 118 10.53 15.15 -20.57
N PRO C 119 10.63 15.06 -21.92
CA PRO C 119 9.99 16.06 -22.80
C PRO C 119 8.47 16.10 -22.59
N GLN C 120 7.87 17.29 -22.72
CA GLN C 120 6.42 17.53 -22.47
C GLN C 120 5.58 16.64 -23.40
N GLU C 121 6.05 16.39 -24.63
CA GLU C 121 5.38 15.51 -25.63
C GLU C 121 5.29 14.08 -25.08
N VAL C 122 6.36 13.60 -24.42
CA VAL C 122 6.45 12.24 -23.83
C VAL C 122 5.49 12.16 -22.62
N GLN C 123 5.40 13.23 -21.84
CA GLN C 123 4.47 13.35 -20.68
C GLN C 123 3.03 13.32 -21.18
N GLN C 124 2.74 14.04 -22.27
CA GLN C 124 1.39 14.15 -22.89
C GLN C 124 0.89 12.77 -23.35
N GLN C 125 1.78 11.94 -23.91
CA GLN C 125 1.45 10.57 -24.40
C GLN C 125 1.11 9.66 -23.21
N GLY C 126 1.68 9.94 -22.04
CA GLY C 126 1.47 9.15 -20.81
C GLY C 126 2.55 8.08 -20.65
N VAL C 127 3.10 7.95 -19.44
CA VAL C 127 4.16 6.97 -19.07
C VAL C 127 3.53 5.94 -18.12
N SER C 128 3.26 4.73 -18.62
CA SER C 128 2.58 3.64 -17.87
C SER C 128 3.63 2.82 -17.10
N VAL C 129 3.32 2.47 -15.85
CA VAL C 129 4.11 1.58 -14.96
C VAL C 129 3.18 0.46 -14.48
N GLU C 130 3.43 -0.77 -14.91
CA GLU C 130 2.55 -1.93 -14.59
C GLU C 130 3.36 -3.22 -14.52
N LYS C 131 2.89 -4.17 -13.70
CA LYS C 131 3.42 -5.55 -13.58
C LYS C 131 3.29 -6.23 -14.94
N SER C 132 4.36 -6.87 -15.41
CA SER C 132 4.51 -7.39 -16.79
C SER C 132 4.98 -8.85 -16.80
N SER C 133 4.67 -9.56 -17.88
CA SER C 133 5.21 -10.90 -18.24
C SER C 133 5.45 -10.92 -19.75
N SER C 134 6.39 -11.75 -20.22
CA SER C 134 6.84 -11.81 -21.63
C SER C 134 5.78 -12.45 -22.53
N SER C 135 5.27 -13.63 -22.13
CA SER C 135 4.44 -14.53 -22.98
C SER C 135 2.94 -14.27 -22.76
N PHE C 136 2.15 -14.52 -23.81
CA PHE C 136 0.67 -14.50 -23.78
C PHE C 136 0.15 -15.80 -23.16
N LEU C 137 -0.94 -15.71 -22.38
CA LEU C 137 -1.71 -16.87 -21.89
C LEU C 137 -2.37 -17.56 -23.09
N MET C 138 -3.07 -16.77 -23.91
CA MET C 138 -3.75 -17.22 -25.15
C MET C 138 -3.84 -16.07 -26.15
N VAL C 139 -4.05 -16.40 -27.42
CA VAL C 139 -4.48 -15.45 -28.50
C VAL C 139 -5.91 -15.82 -28.87
N VAL C 140 -6.86 -14.89 -28.68
CA VAL C 140 -8.28 -15.04 -29.10
C VAL C 140 -8.43 -14.39 -30.49
N GLY C 141 -8.62 -15.21 -31.53
CA GLY C 141 -8.82 -14.76 -32.91
C GLY C 141 -10.29 -14.47 -33.19
N VAL C 142 -10.56 -13.51 -34.08
CA VAL C 142 -11.93 -13.16 -34.55
C VAL C 142 -11.91 -13.05 -36.07
N ILE C 143 -12.82 -13.78 -36.74
CA ILE C 143 -12.97 -13.81 -38.23
C ILE C 143 -14.44 -13.54 -38.58
N ASN C 144 -14.72 -13.31 -39.87
CA ASN C 144 -16.08 -13.19 -40.43
C ASN C 144 -16.28 -14.30 -41.47
N THR C 145 -17.34 -15.09 -41.33
CA THR C 145 -17.62 -16.32 -42.13
C THR C 145 -18.55 -16.01 -43.31
N ASP C 146 -19.43 -15.01 -43.18
CA ASP C 146 -20.45 -14.64 -44.21
C ASP C 146 -19.91 -13.52 -45.11
N GLY C 147 -18.64 -13.13 -44.94
CA GLY C 147 -17.91 -12.21 -45.83
C GLY C 147 -18.55 -10.83 -45.94
N THR C 148 -19.05 -10.29 -44.81
CA THR C 148 -19.69 -8.95 -44.72
C THR C 148 -18.77 -7.94 -44.02
N MET C 149 -17.71 -8.42 -43.35
CA MET C 149 -16.75 -7.57 -42.58
C MET C 149 -15.32 -7.88 -43.03
N THR C 150 -14.51 -6.84 -43.24
CA THR C 150 -13.06 -6.93 -43.58
C THR C 150 -12.21 -7.04 -42.31
N GLN C 151 -10.90 -7.22 -42.47
CA GLN C 151 -9.89 -7.17 -41.37
C GLN C 151 -10.13 -5.92 -40.51
N GLU C 152 -10.38 -4.78 -41.18
CA GLU C 152 -10.53 -3.43 -40.55
C GLU C 152 -11.82 -3.40 -39.71
N ASP C 153 -12.94 -3.85 -40.27
CA ASP C 153 -14.26 -3.91 -39.60
C ASP C 153 -14.16 -4.78 -38.35
N ILE C 154 -13.60 -5.98 -38.47
CA ILE C 154 -13.45 -6.96 -37.36
C ILE C 154 -12.59 -6.34 -36.27
N SER C 155 -11.46 -5.72 -36.65
CA SER C 155 -10.49 -5.06 -35.73
C SER C 155 -11.17 -3.96 -34.91
N ASP C 156 -12.00 -3.13 -35.57
CA ASP C 156 -12.76 -2.04 -34.91
C ASP C 156 -13.74 -2.65 -33.88
N TYR C 157 -14.49 -3.68 -34.28
CA TYR C 157 -15.53 -4.31 -33.43
C TYR C 157 -14.88 -4.86 -32.15
N VAL C 158 -13.77 -5.60 -32.31
CA VAL C 158 -12.97 -6.17 -31.18
C VAL C 158 -12.53 -5.03 -30.26
N ALA C 159 -12.01 -3.94 -30.86
CA ALA C 159 -11.42 -2.79 -30.14
C ALA C 159 -12.50 -1.98 -29.42
N ALA C 160 -13.73 -1.95 -29.96
CA ALA C 160 -14.82 -1.05 -29.54
C ALA C 160 -15.81 -1.75 -28.61
N ASN C 161 -15.95 -3.09 -28.71
CA ASN C 161 -17.04 -3.86 -28.04
C ASN C 161 -16.51 -5.06 -27.24
N MET C 162 -15.24 -5.44 -27.37
CA MET C 162 -14.71 -6.69 -26.76
C MET C 162 -13.50 -6.40 -25.85
N LYS C 163 -12.51 -5.66 -26.36
CA LYS C 163 -11.17 -5.49 -25.74
C LYS C 163 -11.29 -4.98 -24.29
N ASP C 164 -12.06 -3.90 -24.07
CA ASP C 164 -12.15 -3.18 -22.78
C ASP C 164 -12.67 -4.12 -21.67
N ALA C 165 -13.72 -4.88 -21.95
CA ALA C 165 -14.35 -5.82 -20.99
C ALA C 165 -13.38 -6.97 -20.68
N ILE C 166 -12.66 -7.47 -21.69
CA ILE C 166 -11.64 -8.56 -21.54
C ILE C 166 -10.49 -8.03 -20.68
N SER C 167 -10.04 -6.79 -20.92
CA SER C 167 -8.92 -6.12 -20.21
C SER C 167 -9.24 -5.94 -18.72
N ARG C 168 -10.53 -5.92 -18.35
CA ARG C 168 -11.01 -5.73 -16.95
C ARG C 168 -11.48 -7.06 -16.35
N THR C 169 -11.39 -8.17 -17.10
CA THR C 169 -11.77 -9.54 -16.65
C THR C 169 -10.77 -10.02 -15.59
N SER C 170 -11.23 -10.87 -14.65
CA SER C 170 -10.45 -11.35 -13.48
C SER C 170 -9.23 -12.16 -13.95
N GLY C 171 -8.04 -11.76 -13.50
CA GLY C 171 -6.77 -12.47 -13.77
C GLY C 171 -6.11 -12.04 -15.06
N VAL C 172 -6.75 -11.18 -15.85
CA VAL C 172 -6.22 -10.68 -17.16
C VAL C 172 -5.27 -9.52 -16.89
N GLY C 173 -4.03 -9.63 -17.40
CA GLY C 173 -3.03 -8.54 -17.40
C GLY C 173 -3.16 -7.67 -18.64
N ASP C 174 -2.04 -7.37 -19.30
CA ASP C 174 -1.98 -6.57 -20.54
C ASP C 174 -2.76 -7.29 -21.65
N VAL C 175 -3.49 -6.53 -22.48
CA VAL C 175 -4.26 -7.04 -23.65
C VAL C 175 -3.77 -6.32 -24.90
N GLN C 176 -3.23 -7.08 -25.87
CA GLN C 176 -2.70 -6.57 -27.16
C GLN C 176 -3.76 -6.82 -28.24
N LEU C 177 -4.21 -5.75 -28.91
CA LEU C 177 -5.08 -5.83 -30.11
C LEU C 177 -4.22 -6.13 -31.35
N PHE C 178 -4.54 -7.21 -32.07
CA PHE C 178 -3.91 -7.56 -33.37
C PHE C 178 -4.74 -6.91 -34.48
N GLY C 179 -4.58 -5.59 -34.59
CA GLY C 179 -5.39 -4.69 -35.44
C GLY C 179 -5.48 -3.31 -34.81
N SER C 180 -6.32 -2.44 -35.37
CA SER C 180 -6.54 -1.04 -34.88
C SER C 180 -8.04 -0.74 -34.83
N GLN C 181 -8.46 0.01 -33.80
CA GLN C 181 -9.81 0.61 -33.70
C GLN C 181 -9.95 1.65 -34.80
N TYR C 182 -11.17 1.90 -35.28
CA TYR C 182 -11.48 2.96 -36.28
C TYR C 182 -11.22 4.33 -35.65
N ALA C 183 -10.70 5.25 -36.47
CA ALA C 183 -10.64 6.70 -36.23
C ALA C 183 -11.30 7.40 -37.43
N MET C 184 -11.75 8.64 -37.27
CA MET C 184 -12.19 9.49 -38.40
C MET C 184 -10.94 9.89 -39.18
N ARG C 185 -10.70 9.22 -40.31
CA ARG C 185 -9.50 9.45 -41.17
C ARG C 185 -9.81 10.55 -42.17
N ILE C 186 -9.08 11.67 -42.06
CA ILE C 186 -9.09 12.81 -43.03
C ILE C 186 -7.84 12.68 -43.90
N TRP C 187 -7.97 12.11 -45.10
CA TRP C 187 -6.85 11.88 -46.05
C TRP C 187 -6.72 13.09 -46.98
N MET C 188 -5.77 13.98 -46.69
CA MET C 188 -5.61 15.31 -47.36
C MET C 188 -4.96 15.13 -48.73
N ASN C 189 -5.42 15.90 -49.72
CA ASN C 189 -4.83 16.03 -51.07
C ASN C 189 -4.09 17.37 -51.12
N PRO C 190 -2.75 17.39 -51.32
CA PRO C 190 -1.99 18.64 -51.28
C PRO C 190 -2.26 19.56 -52.48
N ASN C 191 -2.62 18.99 -53.63
CA ASN C 191 -2.96 19.73 -54.87
C ASN C 191 -4.26 20.53 -54.65
N GLU C 192 -5.28 19.86 -54.09
CA GLU C 192 -6.61 20.47 -53.78
C GLU C 192 -6.43 21.54 -52.68
N LEU C 193 -5.60 21.26 -51.67
CA LEU C 193 -5.24 22.20 -50.58
C LEU C 193 -4.58 23.46 -51.18
N ASN C 194 -3.64 23.27 -52.11
CA ASN C 194 -2.89 24.36 -52.81
C ASN C 194 -3.86 25.18 -53.65
N LYS C 195 -4.85 24.53 -54.29
CA LYS C 195 -5.82 25.16 -55.23
C LYS C 195 -6.65 26.22 -54.49
N PHE C 196 -7.08 25.94 -53.26
CA PHE C 196 -7.91 26.83 -52.41
C PHE C 196 -7.02 27.62 -51.42
N GLN C 197 -5.69 27.49 -51.56
CA GLN C 197 -4.67 28.20 -50.73
C GLN C 197 -4.91 27.87 -49.25
N LEU C 198 -4.94 26.58 -48.92
CA LEU C 198 -5.13 26.05 -47.54
C LEU C 198 -3.98 25.11 -47.19
N THR C 199 -3.74 24.89 -45.89
CA THR C 199 -2.72 23.98 -45.32
C THR C 199 -3.40 22.98 -44.38
N PRO C 200 -2.71 21.92 -43.93
CA PRO C 200 -3.21 21.08 -42.84
C PRO C 200 -3.56 21.87 -41.56
N VAL C 201 -2.89 23.01 -41.33
CA VAL C 201 -3.11 23.92 -40.17
C VAL C 201 -4.56 24.43 -40.23
N ASP C 202 -5.02 24.81 -41.42
CA ASP C 202 -6.40 25.32 -41.67
C ASP C 202 -7.41 24.19 -41.44
N VAL C 203 -7.06 22.96 -41.82
CA VAL C 203 -7.91 21.74 -41.67
C VAL C 203 -8.02 21.40 -40.18
N ILE C 204 -6.89 21.37 -39.46
CA ILE C 204 -6.81 21.04 -38.01
C ILE C 204 -7.60 22.08 -37.21
N THR C 205 -7.43 23.36 -37.53
CA THR C 205 -8.14 24.51 -36.91
C THR C 205 -9.66 24.34 -37.10
N ALA C 206 -10.08 24.00 -38.33
CA ALA C 206 -11.50 23.83 -38.72
C ALA C 206 -12.13 22.67 -37.93
N ILE C 207 -11.44 21.52 -37.87
CA ILE C 207 -11.91 20.29 -37.15
C ILE C 207 -12.08 20.63 -35.66
N LYS C 208 -11.13 21.35 -35.06
CA LYS C 208 -11.15 21.73 -33.63
C LYS C 208 -12.36 22.64 -33.34
N ALA C 209 -12.68 23.55 -34.26
CA ALA C 209 -13.77 24.54 -34.12
C ALA C 209 -15.14 23.91 -34.39
N GLN C 210 -15.22 22.95 -35.33
CA GLN C 210 -16.50 22.41 -35.87
C GLN C 210 -16.73 20.96 -35.43
N ASN C 211 -15.73 20.31 -34.82
CA ASN C 211 -15.89 19.04 -34.06
C ASN C 211 -15.50 19.31 -32.60
N ALA C 212 -16.40 19.99 -31.88
CA ALA C 212 -16.19 20.48 -30.50
C ALA C 212 -17.33 20.02 -29.60
N GLN C 213 -17.06 19.84 -28.30
CA GLN C 213 -18.05 19.52 -27.24
C GLN C 213 -18.00 20.64 -26.19
N VAL C 214 -18.86 21.66 -26.36
CA VAL C 214 -18.82 22.94 -25.59
C VAL C 214 -19.71 22.81 -24.34
N ALA C 215 -19.19 23.21 -23.19
CA ALA C 215 -19.94 23.45 -21.93
C ALA C 215 -20.52 24.87 -21.97
N ALA C 216 -21.85 25.00 -22.04
CA ALA C 216 -22.57 26.26 -22.33
C ALA C 216 -23.45 26.71 -21.16
N GLY C 217 -23.42 25.99 -20.03
CA GLY C 217 -24.11 26.39 -18.78
C GLY C 217 -25.60 26.10 -18.84
N GLN C 218 -26.39 26.85 -18.06
CA GLN C 218 -27.83 26.56 -17.79
C GLN C 218 -28.67 27.84 -17.86
N LEU C 219 -29.94 27.69 -18.24
CA LEU C 219 -31.03 28.68 -17.99
C LEU C 219 -31.57 28.44 -16.58
N GLY C 220 -31.64 29.47 -15.75
CA GLY C 220 -32.11 29.39 -14.36
C GLY C 220 -31.19 28.55 -13.49
N GLY C 221 -29.88 28.62 -13.75
CA GLY C 221 -28.84 27.95 -12.94
C GLY C 221 -28.56 28.72 -11.66
N THR C 222 -27.92 28.08 -10.68
CA THR C 222 -27.61 28.66 -9.34
C THR C 222 -26.41 29.60 -9.45
N PRO C 223 -26.40 30.75 -8.74
CA PRO C 223 -27.55 31.23 -7.98
C PRO C 223 -28.61 31.86 -8.89
N PRO C 224 -29.91 31.49 -8.73
CA PRO C 224 -30.96 32.04 -9.58
C PRO C 224 -31.53 33.36 -9.02
N VAL C 225 -32.28 34.09 -9.85
CA VAL C 225 -33.21 35.15 -9.37
C VAL C 225 -34.36 34.41 -8.67
N LYS C 226 -34.60 34.72 -7.39
CA LYS C 226 -35.61 34.02 -6.54
C LYS C 226 -36.98 34.09 -7.22
N GLY C 227 -37.60 32.92 -7.47
CA GLY C 227 -38.91 32.81 -8.14
C GLY C 227 -38.79 32.21 -9.54
N GLN C 228 -37.57 31.96 -10.01
CA GLN C 228 -37.27 31.28 -11.30
C GLN C 228 -38.02 29.93 -11.33
N GLN C 229 -38.72 29.65 -12.43
CA GLN C 229 -39.49 28.39 -12.66
C GLN C 229 -38.71 27.48 -13.61
N LEU C 230 -38.13 28.06 -14.67
CA LEU C 230 -37.39 27.33 -15.74
C LEU C 230 -35.97 26.98 -15.26
N ASN C 231 -35.59 25.71 -15.35
CA ASN C 231 -34.19 25.23 -15.14
C ASN C 231 -33.85 24.22 -16.25
N ALA C 232 -33.19 24.67 -17.31
CA ALA C 232 -32.81 23.88 -18.51
C ALA C 232 -31.33 24.03 -18.80
N SER C 233 -30.66 22.92 -19.17
CA SER C 233 -29.26 22.91 -19.68
C SER C 233 -29.23 23.55 -21.08
N ILE C 234 -28.23 24.40 -21.34
CA ILE C 234 -27.94 24.94 -22.70
C ILE C 234 -27.00 23.96 -23.41
N ILE C 235 -27.43 23.44 -24.55
CA ILE C 235 -26.65 22.50 -25.42
C ILE C 235 -26.15 23.27 -26.63
N ALA C 236 -24.83 23.51 -26.70
CA ALA C 236 -24.15 24.14 -27.85
C ALA C 236 -23.65 23.04 -28.79
N GLN C 237 -22.39 23.09 -29.24
CA GLN C 237 -21.81 22.10 -30.19
C GLN C 237 -21.61 20.75 -29.48
N THR C 238 -21.90 19.66 -30.18
CA THR C 238 -21.55 18.26 -29.80
C THR C 238 -20.56 17.72 -30.85
N ARG C 239 -19.84 16.64 -30.51
CA ARG C 239 -18.90 15.94 -31.41
C ARG C 239 -19.65 15.50 -32.68
N LEU C 240 -18.96 15.49 -33.83
CA LEU C 240 -19.48 14.91 -35.10
C LEU C 240 -19.45 13.39 -34.97
N THR C 241 -20.38 12.69 -35.63
CA THR C 241 -20.67 11.24 -35.42
C THR C 241 -20.47 10.42 -36.70
N SER C 242 -20.19 11.06 -37.84
CA SER C 242 -20.19 10.41 -39.18
C SER C 242 -19.23 11.13 -40.14
N THR C 243 -18.85 10.44 -41.21
CA THR C 243 -17.99 10.95 -42.32
C THR C 243 -18.72 12.11 -43.02
N GLU C 244 -20.05 12.00 -43.15
CA GLU C 244 -20.93 13.00 -43.80
C GLU C 244 -20.79 14.36 -43.09
N GLU C 245 -20.77 14.36 -41.76
CA GLU C 245 -20.69 15.58 -40.91
C GLU C 245 -19.29 16.20 -41.02
N PHE C 246 -18.23 15.38 -40.98
CA PHE C 246 -16.83 15.83 -41.13
C PHE C 246 -16.61 16.39 -42.54
N GLY C 247 -17.22 15.76 -43.54
CA GLY C 247 -17.13 16.14 -44.97
C GLY C 247 -17.64 17.56 -45.21
N LYS C 248 -18.67 17.99 -44.48
CA LYS C 248 -19.35 19.30 -44.65
C LYS C 248 -18.82 20.33 -43.64
N ILE C 249 -17.69 20.03 -42.99
CA ILE C 249 -16.91 21.04 -42.19
C ILE C 249 -16.49 22.17 -43.13
N LEU C 250 -16.92 23.40 -42.85
CA LEU C 250 -16.66 24.59 -43.69
C LEU C 250 -15.25 25.12 -43.39
N LEU C 251 -14.35 25.04 -44.37
CA LEU C 251 -12.95 25.55 -44.27
C LEU C 251 -12.93 27.06 -44.52
N LYS C 252 -13.56 27.51 -45.61
CA LYS C 252 -13.66 28.95 -45.97
C LYS C 252 -14.75 29.17 -47.03
N VAL C 253 -15.16 30.44 -47.20
CA VAL C 253 -16.07 30.92 -48.28
C VAL C 253 -15.27 31.89 -49.16
N ASN C 254 -15.28 31.67 -50.49
CA ASN C 254 -14.52 32.48 -51.48
C ASN C 254 -15.22 33.84 -51.66
N GLN C 255 -14.57 34.76 -52.37
CA GLN C 255 -15.08 36.14 -52.64
C GLN C 255 -16.43 36.06 -53.39
N ASP C 256 -16.61 35.04 -54.21
CA ASP C 256 -17.82 34.85 -55.07
C ASP C 256 -18.88 34.02 -54.34
N GLY C 257 -18.72 33.80 -53.02
CA GLY C 257 -19.73 33.17 -52.15
C GLY C 257 -19.73 31.65 -52.24
N SER C 258 -18.91 31.06 -53.11
CA SER C 258 -18.73 29.59 -53.26
C SER C 258 -17.91 29.08 -52.06
N ARG C 259 -18.32 27.93 -51.50
CA ARG C 259 -17.85 27.43 -50.18
C ARG C 259 -16.92 26.23 -50.39
N VAL C 260 -15.79 26.21 -49.66
CA VAL C 260 -14.79 25.10 -49.66
C VAL C 260 -15.03 24.26 -48.41
N LEU C 261 -15.57 23.05 -48.57
CA LEU C 261 -15.81 22.07 -47.48
C LEU C 261 -14.56 21.20 -47.34
N LEU C 262 -14.46 20.43 -46.25
CA LEU C 262 -13.29 19.55 -45.96
C LEU C 262 -13.20 18.45 -47.02
N ARG C 263 -14.35 17.95 -47.50
CA ARG C 263 -14.44 16.84 -48.49
C ARG C 263 -13.92 17.29 -49.86
N ASP C 264 -13.78 18.61 -50.08
CA ASP C 264 -13.27 19.19 -51.35
C ASP C 264 -11.73 19.13 -51.39
N VAL C 265 -11.07 18.93 -50.24
CA VAL C 265 -9.57 18.91 -50.12
C VAL C 265 -9.08 17.59 -49.50
N ALA C 266 -9.98 16.63 -49.22
CA ALA C 266 -9.64 15.40 -48.47
C ALA C 266 -10.69 14.30 -48.72
N LYS C 267 -10.27 13.04 -48.64
CA LYS C 267 -11.17 11.86 -48.52
C LYS C 267 -11.53 11.68 -47.03
N ILE C 268 -12.81 11.40 -46.76
CA ILE C 268 -13.34 11.17 -45.38
C ILE C 268 -13.83 9.73 -45.30
N GLU C 269 -13.31 8.95 -44.34
CA GLU C 269 -13.71 7.53 -44.11
C GLU C 269 -13.32 7.11 -42.69
N LEU C 270 -13.99 6.07 -42.16
CA LEU C 270 -13.57 5.34 -40.93
C LEU C 270 -12.40 4.44 -41.30
N GLY C 271 -11.27 4.57 -40.58
CA GLY C 271 -10.05 3.79 -40.80
C GLY C 271 -9.24 3.68 -39.52
N GLY C 272 -8.40 2.65 -39.42
CA GLY C 272 -7.59 2.35 -38.22
C GLY C 272 -6.82 3.57 -37.73
N GLU C 273 -6.63 3.69 -36.42
CA GLU C 273 -5.75 4.71 -35.79
C GLU C 273 -4.34 4.56 -36.39
N ASN C 274 -3.90 3.31 -36.55
CA ASN C 274 -2.69 2.90 -37.30
C ASN C 274 -3.08 1.79 -38.28
N TYR C 275 -2.26 1.57 -39.31
CA TYR C 275 -2.40 0.49 -40.33
C TYR C 275 -1.19 -0.44 -40.25
N ASP C 276 -0.65 -0.60 -39.03
CA ASP C 276 0.69 -1.20 -38.77
C ASP C 276 0.54 -2.70 -38.47
N ILE C 277 -0.58 -3.14 -37.89
CA ILE C 277 -0.81 -4.54 -37.44
C ILE C 277 -1.95 -5.15 -38.26
N ILE C 278 -1.64 -6.17 -39.07
CA ILE C 278 -2.60 -6.96 -39.90
C ILE C 278 -2.39 -8.44 -39.58
N ALA C 279 -3.46 -9.15 -39.17
CA ALA C 279 -3.43 -10.57 -38.76
C ALA C 279 -4.21 -11.41 -39.79
N GLU C 280 -3.89 -12.71 -39.87
CA GLU C 280 -4.58 -13.71 -40.72
C GLU C 280 -4.71 -15.03 -39.94
N PHE C 281 -5.88 -15.66 -40.00
CA PHE C 281 -6.16 -17.01 -39.43
C PHE C 281 -6.30 -18.01 -40.58
N ASN C 282 -5.26 -18.83 -40.81
CA ASN C 282 -5.20 -19.85 -41.90
C ASN C 282 -5.33 -19.14 -43.26
N GLY C 283 -4.69 -17.99 -43.42
CA GLY C 283 -4.67 -17.20 -44.67
C GLY C 283 -5.90 -16.31 -44.83
N GLN C 284 -6.86 -16.38 -43.90
CA GLN C 284 -8.14 -15.63 -43.94
C GLN C 284 -7.99 -14.34 -43.13
N PRO C 285 -8.49 -13.18 -43.64
CA PRO C 285 -8.45 -11.93 -42.87
C PRO C 285 -9.07 -12.09 -41.48
N ALA C 286 -8.36 -11.63 -40.45
CA ALA C 286 -8.71 -11.82 -39.02
C ALA C 286 -8.18 -10.66 -38.17
N SER C 287 -8.78 -10.47 -36.99
CA SER C 287 -8.22 -9.69 -35.86
C SER C 287 -8.11 -10.64 -34.65
N GLY C 288 -7.64 -10.13 -33.51
CA GLY C 288 -7.52 -10.93 -32.28
C GLY C 288 -7.06 -10.11 -31.09
N LEU C 289 -6.99 -10.77 -29.93
CA LEU C 289 -6.49 -10.20 -28.65
C LEU C 289 -5.40 -11.13 -28.09
N GLY C 290 -4.18 -10.61 -27.95
CA GLY C 290 -3.10 -11.24 -27.17
C GLY C 290 -3.29 -10.94 -25.69
N ILE C 291 -3.75 -11.94 -24.92
CA ILE C 291 -4.15 -11.79 -23.49
C ILE C 291 -3.01 -12.31 -22.60
N LYS C 292 -2.44 -11.42 -21.77
CA LYS C 292 -1.43 -11.77 -20.74
C LYS C 292 -2.15 -12.16 -19.45
N LEU C 293 -1.62 -13.15 -18.73
CA LEU C 293 -2.08 -13.56 -17.37
C LEU C 293 -1.47 -12.59 -16.34
N ALA C 294 -2.31 -11.98 -15.49
CA ALA C 294 -1.90 -11.06 -14.41
C ALA C 294 -1.03 -11.83 -13.41
N THR C 295 -0.01 -11.16 -12.85
CA THR C 295 0.95 -11.74 -11.86
C THR C 295 0.17 -12.31 -10.66
N GLY C 296 0.30 -13.62 -10.41
CA GLY C 296 -0.29 -14.30 -9.24
C GLY C 296 -1.69 -14.80 -9.51
N ALA C 297 -2.23 -14.61 -10.71
CA ALA C 297 -3.55 -15.09 -11.14
C ALA C 297 -3.46 -16.56 -11.58
N ASN C 298 -4.50 -17.35 -11.34
CA ASN C 298 -4.61 -18.77 -11.76
C ASN C 298 -4.96 -18.82 -13.25
N ALA C 299 -4.15 -19.51 -14.05
CA ALA C 299 -4.23 -19.56 -15.53
C ALA C 299 -5.55 -20.19 -15.97
N LEU C 300 -5.94 -21.31 -15.36
CA LEU C 300 -7.18 -22.09 -15.70
C LEU C 300 -8.42 -21.27 -15.36
N ASP C 301 -8.42 -20.59 -14.20
CA ASP C 301 -9.53 -19.73 -13.73
C ASP C 301 -9.67 -18.52 -14.68
N THR C 302 -8.54 -17.91 -15.07
CA THR C 302 -8.47 -16.74 -15.98
C THR C 302 -9.01 -17.13 -17.36
N ALA C 303 -8.55 -18.26 -17.91
CA ALA C 303 -8.98 -18.82 -19.20
C ALA C 303 -10.50 -19.04 -19.19
N ALA C 304 -11.02 -19.63 -18.10
CA ALA C 304 -12.47 -19.90 -17.88
C ALA C 304 -13.24 -18.59 -17.83
N ALA C 305 -12.69 -17.56 -17.18
CA ALA C 305 -13.29 -16.22 -17.03
C ALA C 305 -13.34 -15.49 -18.37
N ILE C 306 -12.29 -15.66 -19.21
CA ILE C 306 -12.20 -15.07 -20.59
C ILE C 306 -13.31 -15.67 -21.46
N ARG C 307 -13.50 -17.00 -21.39
CA ARG C 307 -14.52 -17.73 -22.18
C ARG C 307 -15.93 -17.34 -21.71
N ALA C 308 -16.13 -17.22 -20.38
CA ALA C 308 -17.39 -16.77 -19.75
C ALA C 308 -17.77 -15.39 -20.27
N GLU C 309 -16.77 -14.49 -20.40
CA GLU C 309 -16.97 -13.08 -20.85
C GLU C 309 -17.27 -13.06 -22.35
N LEU C 310 -16.54 -13.84 -23.15
CA LEU C 310 -16.74 -13.96 -24.63
C LEU C 310 -18.13 -14.53 -24.92
N ALA C 311 -18.60 -15.46 -24.08
CA ALA C 311 -19.93 -16.11 -24.19
C ALA C 311 -21.04 -15.07 -24.00
N LYS C 312 -20.84 -14.08 -23.12
CA LYS C 312 -21.79 -12.97 -22.86
C LYS C 312 -21.88 -12.05 -24.08
N MET C 313 -20.79 -11.91 -24.83
CA MET C 313 -20.66 -10.98 -25.99
C MET C 313 -21.29 -11.58 -27.25
N GLU C 314 -21.21 -12.90 -27.40
CA GLU C 314 -21.55 -13.65 -28.66
C GLU C 314 -22.96 -13.28 -29.15
N PRO C 315 -24.01 -13.25 -28.30
CA PRO C 315 -25.36 -12.96 -28.75
C PRO C 315 -25.55 -11.60 -29.46
N PHE C 316 -24.69 -10.63 -29.17
CA PHE C 316 -24.77 -9.22 -29.67
C PHE C 316 -23.78 -9.00 -30.82
N PHE C 317 -23.19 -10.08 -31.36
CA PHE C 317 -22.27 -10.03 -32.54
C PHE C 317 -23.08 -9.71 -33.79
N PRO C 318 -22.50 -8.98 -34.77
CA PRO C 318 -23.09 -8.89 -36.11
C PRO C 318 -22.95 -10.24 -36.83
N SER C 319 -23.81 -10.49 -37.81
CA SER C 319 -23.89 -11.76 -38.58
C SER C 319 -22.51 -12.12 -39.14
N GLY C 320 -22.08 -13.38 -38.94
CA GLY C 320 -20.85 -13.94 -39.54
C GLY C 320 -19.66 -13.90 -38.60
N LEU C 321 -19.63 -12.96 -37.64
CA LEU C 321 -18.50 -12.79 -36.70
C LEU C 321 -18.41 -14.05 -35.82
N LYS C 322 -17.22 -14.65 -35.76
CA LYS C 322 -16.96 -15.97 -35.10
C LYS C 322 -15.63 -15.89 -34.34
N ILE C 323 -15.61 -16.37 -33.08
CA ILE C 323 -14.39 -16.48 -32.25
C ILE C 323 -13.68 -17.79 -32.64
N VAL C 324 -12.37 -17.70 -32.89
CA VAL C 324 -11.46 -18.87 -33.08
C VAL C 324 -10.41 -18.84 -31.97
N TYR C 325 -9.81 -19.99 -31.66
CA TYR C 325 -8.86 -20.17 -30.53
C TYR C 325 -7.54 -20.70 -31.08
N PRO C 326 -6.76 -19.85 -31.79
CA PRO C 326 -5.55 -20.29 -32.50
C PRO C 326 -4.27 -20.50 -31.68
N TYR C 327 -4.25 -20.08 -30.42
CA TYR C 327 -3.06 -20.17 -29.53
C TYR C 327 -3.50 -20.17 -28.08
N ASP C 328 -3.35 -21.32 -27.40
CA ASP C 328 -3.77 -21.51 -25.98
C ASP C 328 -2.89 -22.58 -25.34
N THR C 329 -2.33 -22.30 -24.17
CA THR C 329 -1.50 -23.23 -23.35
C THR C 329 -2.40 -23.97 -22.35
N THR C 330 -3.65 -23.54 -22.21
CA THR C 330 -4.67 -24.10 -21.27
C THR C 330 -4.86 -25.59 -21.50
N PRO C 331 -5.04 -26.06 -22.76
CA PRO C 331 -5.22 -27.48 -23.03
C PRO C 331 -4.03 -28.33 -22.53
N PHE C 332 -2.81 -27.81 -22.65
CA PHE C 332 -1.56 -28.48 -22.21
C PHE C 332 -1.51 -28.58 -20.67
N VAL C 333 -1.88 -27.49 -19.98
CA VAL C 333 -1.93 -27.44 -18.49
C VAL C 333 -2.86 -28.56 -18.00
N LYS C 334 -4.06 -28.68 -18.59
CA LYS C 334 -5.10 -29.67 -18.23
C LYS C 334 -4.56 -31.10 -18.43
N ILE C 335 -4.02 -31.40 -19.61
CA ILE C 335 -3.56 -32.78 -19.97
C ILE C 335 -2.33 -33.14 -19.13
N SER C 336 -1.41 -32.20 -18.90
CA SER C 336 -0.19 -32.40 -18.06
C SER C 336 -0.60 -32.81 -16.64
N ILE C 337 -1.68 -32.23 -16.11
CA ILE C 337 -2.25 -32.57 -14.77
C ILE C 337 -2.95 -33.94 -14.85
N HIS C 338 -3.67 -34.21 -15.94
CA HIS C 338 -4.34 -35.52 -16.20
C HIS C 338 -3.30 -36.64 -16.23
N GLU C 339 -2.14 -36.39 -16.86
CA GLU C 339 -1.06 -37.40 -17.07
C GLU C 339 -0.37 -37.73 -15.74
N VAL C 340 -0.12 -36.74 -14.88
CA VAL C 340 0.54 -36.94 -13.56
C VAL C 340 -0.43 -37.62 -12.59
N VAL C 341 -1.75 -37.36 -12.74
CA VAL C 341 -2.83 -38.05 -11.98
C VAL C 341 -2.88 -39.52 -12.42
N LYS C 342 -2.78 -39.78 -13.72
CA LYS C 342 -2.71 -41.16 -14.29
C LYS C 342 -1.47 -41.87 -13.73
N THR C 343 -0.32 -41.19 -13.75
CA THR C 343 0.98 -41.67 -13.20
C THR C 343 0.82 -41.99 -11.71
N LEU C 344 0.11 -41.14 -10.96
CA LEU C 344 -0.14 -41.30 -9.50
C LEU C 344 -0.97 -42.56 -9.26
N VAL C 345 -2.07 -42.72 -10.00
CA VAL C 345 -2.99 -43.89 -9.90
C VAL C 345 -2.21 -45.18 -10.26
N GLU C 346 -1.38 -45.12 -11.31
CA GLU C 346 -0.53 -46.25 -11.77
C GLU C 346 0.48 -46.60 -10.68
N ALA C 347 1.12 -45.59 -10.08
CA ALA C 347 2.10 -45.74 -8.96
C ALA C 347 1.45 -46.49 -7.79
N ILE C 348 0.23 -46.11 -7.42
CA ILE C 348 -0.55 -46.72 -6.30
C ILE C 348 -0.84 -48.19 -6.64
N ILE C 349 -1.30 -48.46 -7.88
CA ILE C 349 -1.63 -49.84 -8.36
C ILE C 349 -0.36 -50.70 -8.29
N LEU C 350 0.78 -50.19 -8.76
CA LEU C 350 2.06 -50.94 -8.81
C LEU C 350 2.59 -51.21 -7.40
N VAL C 351 2.55 -50.20 -6.52
CA VAL C 351 3.00 -50.32 -5.09
C VAL C 351 2.14 -51.38 -4.39
N PHE C 352 0.83 -51.38 -4.64
CA PHE C 352 -0.13 -52.38 -4.10
C PHE C 352 0.31 -53.80 -4.52
N LEU C 353 0.67 -53.98 -5.79
CA LEU C 353 1.05 -55.30 -6.39
C LEU C 353 2.38 -55.78 -5.79
N VAL C 354 3.33 -54.87 -5.55
CA VAL C 354 4.65 -55.18 -4.92
C VAL C 354 4.40 -55.68 -3.49
N MET C 355 3.50 -55.03 -2.76
CA MET C 355 3.14 -55.40 -1.36
C MET C 355 2.34 -56.71 -1.37
N TYR C 356 1.53 -56.94 -2.40
CA TYR C 356 0.75 -58.19 -2.59
C TYR C 356 1.69 -59.36 -2.91
N LEU C 357 2.72 -59.11 -3.73
CA LEU C 357 3.71 -60.13 -4.15
C LEU C 357 4.39 -60.75 -2.92
N PHE C 358 4.69 -59.94 -1.90
CA PHE C 358 5.47 -60.34 -0.70
C PHE C 358 4.54 -60.81 0.43
N LEU C 359 3.41 -60.12 0.63
CA LEU C 359 2.46 -60.41 1.75
C LEU C 359 1.45 -61.48 1.34
N GLN C 360 1.15 -61.59 0.04
CA GLN C 360 0.45 -62.76 -0.58
C GLN C 360 -0.86 -63.07 0.16
N ASN C 361 -1.54 -62.05 0.67
CA ASN C 361 -2.74 -62.16 1.54
C ASN C 361 -3.44 -60.80 1.56
N PHE C 362 -4.75 -60.77 1.30
CA PHE C 362 -5.53 -59.51 1.10
C PHE C 362 -5.52 -58.70 2.41
N ARG C 363 -5.86 -59.34 3.53
CA ARG C 363 -5.91 -58.71 4.88
C ARG C 363 -4.56 -58.04 5.18
N ALA C 364 -3.45 -58.77 4.97
CA ALA C 364 -2.07 -58.32 5.25
C ALA C 364 -1.66 -57.21 4.26
N THR C 365 -2.00 -57.36 2.98
CA THR C 365 -1.67 -56.41 1.89
C THR C 365 -2.44 -55.10 2.07
N LEU C 366 -3.66 -55.17 2.62
CA LEU C 366 -4.60 -54.03 2.73
C LEU C 366 -4.12 -53.05 3.81
N ILE C 367 -3.47 -53.54 4.87
CA ILE C 367 -3.05 -52.75 6.06
C ILE C 367 -2.13 -51.60 5.61
N PRO C 368 -0.99 -51.87 4.93
CA PRO C 368 -0.12 -50.80 4.47
C PRO C 368 -0.67 -50.04 3.25
N THR C 369 -1.61 -50.64 2.51
CA THR C 369 -2.34 -50.02 1.37
C THR C 369 -3.23 -48.89 1.89
N ILE C 370 -3.81 -49.05 3.08
CA ILE C 370 -4.72 -48.08 3.74
C ILE C 370 -3.94 -46.80 4.10
N ALA C 371 -2.62 -46.90 4.29
CA ALA C 371 -1.70 -45.75 4.53
C ALA C 371 -1.79 -44.75 3.37
N VAL C 372 -2.00 -45.21 2.15
CA VAL C 372 -1.99 -44.39 0.89
C VAL C 372 -3.08 -43.33 0.98
N PRO C 373 -4.39 -43.68 1.07
CA PRO C 373 -5.44 -42.67 1.20
C PRO C 373 -5.26 -41.73 2.40
N VAL C 374 -4.89 -42.26 3.57
CA VAL C 374 -4.76 -41.47 4.84
C VAL C 374 -3.66 -40.42 4.67
N VAL C 375 -2.47 -40.83 4.18
CA VAL C 375 -1.26 -39.98 4.05
C VAL C 375 -1.48 -38.95 2.93
N LEU C 376 -1.97 -39.40 1.76
CA LEU C 376 -2.17 -38.53 0.56
C LEU C 376 -3.22 -37.45 0.86
N LEU C 377 -4.42 -37.86 1.28
CA LEU C 377 -5.52 -36.93 1.65
C LEU C 377 -5.02 -35.99 2.75
N GLY C 378 -4.36 -36.54 3.78
CA GLY C 378 -3.69 -35.77 4.84
C GLY C 378 -2.77 -34.69 4.26
N THR C 379 -2.00 -35.02 3.22
CA THR C 379 -1.02 -34.13 2.56
C THR C 379 -1.77 -33.00 1.83
N PHE C 380 -2.88 -33.33 1.13
CA PHE C 380 -3.76 -32.35 0.43
C PHE C 380 -4.30 -31.32 1.44
N ALA C 381 -4.66 -31.78 2.63
CA ALA C 381 -5.18 -30.94 3.74
C ALA C 381 -4.09 -29.95 4.19
N VAL C 382 -2.82 -30.39 4.20
CA VAL C 382 -1.65 -29.56 4.59
C VAL C 382 -1.38 -28.53 3.49
N LEU C 383 -1.44 -28.95 2.22
CA LEU C 383 -1.25 -28.06 1.04
C LEU C 383 -2.26 -26.91 1.11
N ALA C 384 -3.53 -27.23 1.40
CA ALA C 384 -4.65 -26.28 1.52
C ALA C 384 -4.42 -25.34 2.71
N ALA C 385 -3.89 -25.88 3.82
CA ALA C 385 -3.63 -25.14 5.09
C ALA C 385 -2.55 -24.07 4.88
N PHE C 386 -1.53 -24.36 4.07
CA PHE C 386 -0.36 -23.48 3.82
C PHE C 386 -0.47 -22.77 2.46
N GLY C 387 -1.66 -22.82 1.83
CA GLY C 387 -1.99 -22.06 0.62
C GLY C 387 -1.28 -22.55 -0.62
N PHE C 388 -0.90 -23.84 -0.65
CA PHE C 388 -0.30 -24.51 -1.84
C PHE C 388 -1.43 -25.01 -2.76
N SER C 389 -1.11 -25.21 -4.04
CA SER C 389 -2.06 -25.63 -5.10
C SER C 389 -1.72 -27.06 -5.56
N ILE C 390 -2.68 -27.74 -6.19
CA ILE C 390 -2.46 -29.00 -6.96
C ILE C 390 -1.79 -28.60 -8.28
N ASN C 391 -0.47 -28.76 -8.37
CA ASN C 391 0.33 -28.50 -9.60
C ASN C 391 1.18 -29.74 -9.89
N THR C 392 1.86 -29.76 -11.05
CA THR C 392 2.67 -30.91 -11.53
C THR C 392 3.75 -31.23 -10.48
N LEU C 393 4.32 -30.20 -9.84
CA LEU C 393 5.45 -30.32 -8.88
C LEU C 393 4.98 -30.99 -7.59
N THR C 394 3.87 -30.53 -7.01
CA THR C 394 3.28 -31.10 -5.77
C THR C 394 2.75 -32.52 -6.07
N MET C 395 2.29 -32.76 -7.31
CA MET C 395 1.83 -34.10 -7.76
C MET C 395 3.02 -35.04 -7.93
N PHE C 396 4.14 -34.56 -8.49
CA PHE C 396 5.41 -35.32 -8.60
C PHE C 396 5.86 -35.75 -7.20
N GLY C 397 5.83 -34.80 -6.24
CA GLY C 397 6.14 -35.04 -4.83
C GLY C 397 5.33 -36.20 -4.26
N MET C 398 4.05 -36.29 -4.63
CA MET C 398 3.12 -37.34 -4.15
C MET C 398 3.41 -38.67 -4.84
N VAL C 399 3.80 -38.66 -6.13
CA VAL C 399 4.18 -39.88 -6.89
C VAL C 399 5.44 -40.49 -6.27
N LEU C 400 6.43 -39.64 -5.94
CA LEU C 400 7.68 -40.04 -5.22
C LEU C 400 7.30 -40.62 -3.85
N ALA C 401 6.29 -40.04 -3.19
CA ALA C 401 5.88 -40.35 -1.80
C ALA C 401 5.21 -41.73 -1.71
N ILE C 402 4.52 -42.18 -2.77
CA ILE C 402 3.69 -43.43 -2.76
C ILE C 402 4.54 -44.60 -2.25
N GLY C 403 5.73 -44.79 -2.83
CA GLY C 403 6.66 -45.88 -2.48
C GLY C 403 7.52 -45.56 -1.27
N LEU C 404 7.29 -44.41 -0.61
CA LEU C 404 8.00 -43.97 0.62
C LEU C 404 7.06 -43.98 1.82
N LEU C 405 5.81 -43.54 1.65
CA LEU C 405 4.82 -43.37 2.75
C LEU C 405 4.30 -44.74 3.22
N VAL C 406 4.49 -45.81 2.43
CA VAL C 406 4.09 -47.20 2.79
C VAL C 406 5.22 -47.89 3.57
N ASP C 407 6.44 -47.33 3.53
CA ASP C 407 7.68 -47.97 4.06
C ASP C 407 7.49 -48.35 5.54
N ASP C 408 7.08 -47.40 6.38
CA ASP C 408 6.91 -47.60 7.84
C ASP C 408 5.81 -48.64 8.10
N ALA C 409 4.68 -48.54 7.38
CA ALA C 409 3.53 -49.48 7.49
C ALA C 409 3.97 -50.89 7.09
N ILE C 410 4.79 -51.02 6.05
CA ILE C 410 5.36 -52.31 5.57
C ILE C 410 6.26 -52.89 6.67
N VAL C 411 7.18 -52.09 7.20
CA VAL C 411 8.17 -52.49 8.25
C VAL C 411 7.40 -53.06 9.46
N VAL C 412 6.29 -52.44 9.85
CA VAL C 412 5.42 -52.89 10.97
C VAL C 412 4.84 -54.26 10.60
N VAL C 413 4.07 -54.33 9.51
CA VAL C 413 3.35 -55.56 9.04
C VAL C 413 4.36 -56.71 8.89
N GLU C 414 5.45 -56.49 8.15
CA GLU C 414 6.50 -57.50 7.84
C GLU C 414 7.09 -58.04 9.15
N ASN C 415 7.37 -57.16 10.12
CA ASN C 415 7.96 -57.51 11.43
C ASN C 415 6.97 -58.38 12.22
N VAL C 416 5.69 -57.99 12.24
CA VAL C 416 4.59 -58.75 12.91
C VAL C 416 4.49 -60.14 12.25
N GLU C 417 4.57 -60.19 10.93
CA GLU C 417 4.52 -61.45 10.13
C GLU C 417 5.71 -62.35 10.50
N ARG C 418 6.91 -61.77 10.64
CA ARG C 418 8.16 -62.49 10.99
C ARG C 418 8.05 -63.06 12.41
N VAL C 419 7.64 -62.24 13.38
CA VAL C 419 7.54 -62.60 14.82
C VAL C 419 6.58 -63.79 14.96
N MET C 420 5.47 -63.80 14.21
CA MET C 420 4.48 -64.90 14.21
C MET C 420 5.10 -66.17 13.62
N ALA C 421 5.88 -66.04 12.54
CA ALA C 421 6.57 -67.16 11.85
C ALA C 421 7.68 -67.74 12.75
N GLU C 422 8.30 -66.91 13.59
CA GLU C 422 9.47 -67.28 14.43
C GLU C 422 8.99 -67.91 15.75
N GLU C 423 7.94 -67.36 16.37
CA GLU C 423 7.49 -67.71 17.75
C GLU C 423 6.11 -68.38 17.77
N GLY C 424 5.23 -68.03 16.82
CA GLY C 424 3.84 -68.54 16.76
C GLY C 424 2.93 -67.77 17.70
N LEU C 425 3.24 -66.51 17.97
CA LEU C 425 2.41 -65.60 18.81
C LEU C 425 1.15 -65.21 18.04
N PRO C 426 0.02 -64.95 18.72
CA PRO C 426 -1.16 -64.36 18.06
C PRO C 426 -0.87 -62.94 17.59
N PRO C 427 -1.52 -62.48 16.48
CA PRO C 427 -1.32 -61.13 15.96
C PRO C 427 -1.15 -60.01 16.99
N LYS C 428 -2.01 -59.97 18.01
CA LYS C 428 -2.07 -58.89 19.04
C LYS C 428 -0.76 -58.87 19.84
N GLU C 429 -0.34 -60.03 20.37
CA GLU C 429 0.93 -60.21 21.13
C GLU C 429 2.13 -59.94 20.21
N ALA C 430 2.09 -60.45 18.98
CA ALA C 430 3.15 -60.32 17.95
C ALA C 430 3.34 -58.85 17.58
N THR C 431 2.24 -58.09 17.46
CA THR C 431 2.24 -56.64 17.13
C THR C 431 2.87 -55.84 18.27
N ARG C 432 2.47 -56.13 19.51
CA ARG C 432 3.00 -55.46 20.74
C ARG C 432 4.52 -55.60 20.80
N LYS C 433 5.03 -56.83 20.67
CA LYS C 433 6.49 -57.15 20.68
C LYS C 433 7.18 -56.41 19.52
N SER C 434 6.56 -56.41 18.34
CA SER C 434 7.09 -55.81 17.09
C SER C 434 7.32 -54.30 17.28
N MET C 435 6.31 -53.57 17.80
CA MET C 435 6.34 -52.09 17.95
C MET C 435 7.51 -51.68 18.86
N GLY C 436 7.85 -52.52 19.85
CA GLY C 436 8.99 -52.30 20.76
C GLY C 436 10.33 -52.45 20.06
N GLN C 437 10.39 -53.23 18.97
CA GLN C 437 11.64 -53.59 18.24
C GLN C 437 11.97 -52.57 17.15
N ILE C 438 10.96 -51.92 16.55
CA ILE C 438 11.06 -51.25 15.22
C ILE C 438 10.93 -49.72 15.34
N GLN C 439 10.53 -49.20 16.50
CA GLN C 439 10.16 -47.77 16.66
C GLN C 439 11.32 -46.87 16.20
N GLY C 440 12.56 -47.23 16.55
CA GLY C 440 13.78 -46.53 16.11
C GLY C 440 13.90 -46.45 14.60
N ALA C 441 13.56 -47.55 13.90
CA ALA C 441 13.59 -47.67 12.43
C ALA C 441 12.48 -46.80 11.81
N LEU C 442 11.26 -46.93 12.33
CA LEU C 442 10.05 -46.20 11.82
C LEU C 442 10.31 -44.69 11.88
N VAL C 443 10.80 -44.20 13.02
CA VAL C 443 11.07 -42.75 13.27
C VAL C 443 12.25 -42.30 12.40
N GLY C 444 13.32 -43.11 12.34
CA GLY C 444 14.56 -42.82 11.58
C GLY C 444 14.29 -42.64 10.10
N ILE C 445 13.52 -43.57 9.50
CA ILE C 445 13.15 -43.58 8.05
C ILE C 445 12.45 -42.25 7.72
N ALA C 446 11.37 -41.94 8.44
CA ALA C 446 10.53 -40.73 8.27
C ALA C 446 11.39 -39.47 8.40
N MET C 447 12.35 -39.48 9.33
CA MET C 447 13.20 -38.31 9.69
C MET C 447 14.18 -38.00 8.54
N VAL C 448 14.93 -39.00 8.05
CA VAL C 448 15.99 -38.80 7.03
C VAL C 448 15.36 -38.56 5.64
N LEU C 449 14.10 -38.97 5.45
CA LEU C 449 13.32 -38.70 4.20
C LEU C 449 12.48 -37.42 4.38
N SER C 450 12.56 -36.78 5.55
CA SER C 450 11.97 -35.45 5.84
C SER C 450 13.08 -34.39 5.91
N ALA C 451 14.09 -34.63 6.74
CA ALA C 451 15.21 -33.71 7.05
C ALA C 451 15.96 -33.32 5.77
N VAL C 452 16.04 -34.22 4.79
CA VAL C 452 16.80 -34.01 3.51
C VAL C 452 16.03 -33.03 2.60
N PHE C 453 14.73 -32.84 2.82
CA PHE C 453 13.85 -31.95 2.01
C PHE C 453 13.59 -30.61 2.73
N VAL C 454 14.23 -30.38 3.89
CA VAL C 454 14.03 -29.16 4.72
C VAL C 454 14.93 -28.03 4.22
N PRO C 455 16.27 -28.20 4.15
CA PRO C 455 17.15 -27.12 3.70
C PRO C 455 16.80 -26.50 2.33
N MET C 456 16.30 -27.32 1.39
CA MET C 456 15.99 -26.90 -0.01
C MET C 456 14.90 -25.81 -0.01
N ALA C 457 14.00 -25.83 0.98
CA ALA C 457 12.88 -24.88 1.11
C ALA C 457 13.40 -23.45 1.36
N PHE C 458 14.63 -23.31 1.85
CA PHE C 458 15.26 -22.01 2.25
C PHE C 458 16.07 -21.41 1.09
N PHE C 459 16.24 -22.14 -0.02
CA PHE C 459 17.05 -21.70 -1.19
C PHE C 459 16.20 -20.76 -2.07
N GLY C 460 16.87 -19.99 -2.93
CA GLY C 460 16.29 -18.86 -3.66
C GLY C 460 16.13 -19.13 -5.15
N GLY C 461 15.69 -18.11 -5.90
CA GLY C 461 15.41 -18.18 -7.34
C GLY C 461 14.14 -18.97 -7.62
N SER C 462 13.86 -19.23 -8.91
CA SER C 462 12.74 -20.08 -9.39
C SER C 462 12.93 -21.52 -8.89
N THR C 463 14.19 -21.94 -8.73
CA THR C 463 14.58 -23.28 -8.21
C THR C 463 14.06 -23.45 -6.78
N GLY C 464 14.21 -22.41 -5.94
CA GLY C 464 13.70 -22.37 -4.55
C GLY C 464 12.19 -22.57 -4.50
N ALA C 465 11.46 -21.87 -5.38
CA ALA C 465 9.98 -21.95 -5.53
C ALA C 465 9.57 -23.39 -5.90
N ILE C 466 10.35 -24.03 -6.78
CA ILE C 466 10.14 -25.44 -7.24
C ILE C 466 10.41 -26.40 -6.07
N TYR C 467 11.54 -26.22 -5.38
CA TYR C 467 12.01 -27.07 -4.25
C TYR C 467 10.91 -27.17 -3.17
N ARG C 468 10.28 -26.04 -2.83
CA ARG C 468 9.29 -25.92 -1.73
C ARG C 468 8.05 -26.78 -2.02
N GLN C 469 7.71 -26.99 -3.30
CA GLN C 469 6.55 -27.82 -3.73
C GLN C 469 6.81 -29.28 -3.33
N PHE C 470 8.02 -29.78 -3.56
CA PHE C 470 8.47 -31.14 -3.17
C PHE C 470 8.63 -31.21 -1.65
N SER C 471 9.17 -30.14 -1.05
CA SER C 471 9.43 -30.03 0.41
C SER C 471 8.12 -30.21 1.20
N ILE C 472 7.09 -29.41 0.90
CA ILE C 472 5.78 -29.43 1.60
C ILE C 472 5.13 -30.81 1.44
N THR C 473 5.17 -31.38 0.24
CA THR C 473 4.48 -32.65 -0.12
C THR C 473 5.11 -33.84 0.62
N ILE C 474 6.42 -34.01 0.50
CA ILE C 474 7.15 -35.23 0.97
C ILE C 474 7.29 -35.18 2.50
N VAL C 475 7.67 -34.03 3.08
CA VAL C 475 7.86 -33.87 4.55
C VAL C 475 6.51 -34.13 5.25
N SER C 476 5.41 -33.63 4.68
CA SER C 476 4.03 -33.88 5.17
C SER C 476 3.69 -35.37 5.03
N ALA C 477 3.97 -35.96 3.87
CA ALA C 477 3.71 -37.37 3.54
C ALA C 477 4.45 -38.29 4.53
N MET C 478 5.73 -37.99 4.81
CA MET C 478 6.61 -38.83 5.67
C MET C 478 6.22 -38.65 7.15
N ALA C 479 5.86 -37.43 7.57
CA ALA C 479 5.40 -37.12 8.94
C ALA C 479 4.09 -37.84 9.22
N LEU C 480 3.18 -37.86 8.24
CA LEU C 480 1.86 -38.57 8.33
C LEU C 480 2.08 -40.08 8.28
N SER C 481 3.05 -40.55 7.49
CA SER C 481 3.35 -42.00 7.28
C SER C 481 3.77 -42.66 8.61
N VAL C 482 4.65 -42.01 9.37
CA VAL C 482 5.18 -42.53 10.67
C VAL C 482 4.04 -42.50 11.71
N LEU C 483 3.18 -41.48 11.68
CA LEU C 483 2.03 -41.34 12.62
C LEU C 483 1.00 -42.46 12.34
N VAL C 484 0.76 -42.77 11.06
CA VAL C 484 -0.13 -43.89 10.61
C VAL C 484 0.46 -45.21 11.11
N ALA C 485 1.79 -45.36 11.04
CA ALA C 485 2.54 -46.59 11.39
C ALA C 485 2.58 -46.79 12.91
N LEU C 486 2.37 -45.72 13.69
CA LEU C 486 2.39 -45.75 15.18
C LEU C 486 0.97 -45.86 15.73
N ILE C 487 -0.05 -45.46 14.96
CA ILE C 487 -1.47 -45.35 15.43
C ILE C 487 -2.33 -46.43 14.75
N LEU C 488 -2.52 -46.34 13.43
CA LEU C 488 -3.48 -47.19 12.68
C LEU C 488 -2.88 -48.58 12.42
N THR C 489 -1.71 -48.64 11.79
CA THR C 489 -1.06 -49.89 11.31
C THR C 489 -0.98 -50.92 12.45
N PRO C 490 -0.53 -50.54 13.68
CA PRO C 490 -0.50 -51.48 14.80
C PRO C 490 -1.89 -52.00 15.17
N ALA C 491 -2.88 -51.11 15.22
CA ALA C 491 -4.30 -51.42 15.54
C ALA C 491 -4.85 -52.43 14.52
N LEU C 492 -4.53 -52.25 13.24
CA LEU C 492 -4.98 -53.13 12.13
C LEU C 492 -4.28 -54.49 12.25
N CYS C 493 -2.95 -54.49 12.40
CA CYS C 493 -2.11 -55.71 12.58
C CYS C 493 -2.64 -56.56 13.73
N ALA C 494 -3.14 -55.92 14.80
CA ALA C 494 -3.60 -56.59 16.05
C ALA C 494 -4.99 -57.19 15.86
N THR C 495 -5.81 -56.65 14.94
CA THR C 495 -7.26 -56.94 14.84
C THR C 495 -7.59 -57.75 13.57
N MET C 496 -7.00 -57.40 12.41
CA MET C 496 -7.44 -57.96 11.10
C MET C 496 -6.31 -58.73 10.39
N LEU C 497 -5.21 -59.04 11.08
CA LEU C 497 -4.09 -59.85 10.51
C LEU C 497 -4.31 -61.32 10.87
N LYS C 498 -4.37 -62.19 9.86
CA LYS C 498 -4.58 -63.67 10.01
C LYS C 498 -3.37 -64.26 10.74
N PRO C 499 -3.58 -65.04 11.83
CA PRO C 499 -2.47 -65.70 12.52
C PRO C 499 -1.62 -66.60 11.61
N ILE C 500 -0.29 -66.52 11.77
CA ILE C 500 0.71 -67.41 11.10
C ILE C 500 1.26 -68.38 12.16
N ALA C 501 1.31 -69.68 11.82
CA ALA C 501 1.83 -70.76 12.69
C ALA C 501 3.37 -70.69 12.72
N LYS C 502 3.98 -71.19 13.80
CA LYS C 502 5.44 -71.18 14.03
C LYS C 502 6.13 -72.04 12.96
N GLY C 503 7.16 -71.49 12.30
CA GLY C 503 7.97 -72.19 11.28
C GLY C 503 7.45 -71.94 9.87
N ASP C 504 6.24 -71.40 9.73
CA ASP C 504 5.55 -71.17 8.42
C ASP C 504 6.11 -69.91 7.77
N HIS C 505 6.85 -70.07 6.67
CA HIS C 505 7.40 -68.98 5.82
C HIS C 505 6.76 -69.04 4.43
N GLY C 506 5.65 -69.77 4.29
CA GLY C 506 4.83 -69.86 3.06
C GLY C 506 5.50 -70.65 1.96
N GLU C 507 6.41 -71.57 2.32
CA GLU C 507 7.14 -72.45 1.36
C GLU C 507 6.20 -73.54 0.82
N GLY C 508 5.12 -73.84 1.56
CA GLY C 508 4.13 -74.88 1.22
C GLY C 508 2.85 -74.32 0.62
N LYS C 509 2.89 -73.09 0.08
CA LYS C 509 1.73 -72.44 -0.59
C LYS C 509 1.57 -73.02 -2.00
N LYS C 510 0.38 -72.86 -2.59
CA LYS C 510 0.00 -73.42 -3.92
C LYS C 510 0.49 -72.47 -5.02
N GLY C 511 1.18 -73.00 -6.03
CA GLY C 511 1.52 -72.31 -7.28
C GLY C 511 2.67 -71.32 -7.11
N PHE C 512 2.49 -70.10 -7.64
CA PHE C 512 3.56 -69.06 -7.81
C PHE C 512 4.07 -68.58 -6.46
N PHE C 513 3.18 -68.31 -5.51
CA PHE C 513 3.52 -67.75 -4.17
C PHE C 513 4.38 -68.76 -3.39
N GLY C 514 4.11 -70.05 -3.54
CA GLY C 514 4.93 -71.15 -2.97
C GLY C 514 6.32 -71.14 -3.55
N TRP C 515 6.44 -71.00 -4.88
CA TRP C 515 7.71 -70.95 -5.64
C TRP C 515 8.53 -69.71 -5.23
N PHE C 516 7.89 -68.55 -5.17
CA PHE C 516 8.51 -67.23 -4.83
C PHE C 516 9.03 -67.26 -3.39
N ASN C 517 8.25 -67.84 -2.46
CA ASN C 517 8.60 -67.95 -1.03
C ASN C 517 9.81 -68.89 -0.86
N ARG C 518 9.84 -70.01 -1.61
CA ARG C 518 10.97 -70.97 -1.63
C ARG C 518 12.21 -70.27 -2.19
N MET C 519 12.05 -69.55 -3.31
CA MET C 519 13.14 -68.79 -4.00
C MET C 519 13.75 -67.76 -3.03
N PHE C 520 12.92 -67.06 -2.27
CA PHE C 520 13.32 -65.92 -1.39
C PHE C 520 14.07 -66.46 -0.16
N GLU C 521 13.54 -67.50 0.49
CA GLU C 521 14.18 -68.18 1.65
C GLU C 521 15.56 -68.69 1.22
N LYS C 522 15.64 -69.28 0.02
CA LYS C 522 16.89 -69.81 -0.59
C LYS C 522 17.86 -68.64 -0.85
N SER C 523 17.35 -67.52 -1.38
CA SER C 523 18.12 -66.29 -1.71
C SER C 523 18.62 -65.60 -0.44
N THR C 524 17.84 -65.65 0.65
CA THR C 524 18.18 -65.07 1.98
C THR C 524 19.43 -65.79 2.53
N HIS C 525 19.48 -67.12 2.41
CA HIS C 525 20.60 -67.98 2.88
C HIS C 525 21.88 -67.64 2.10
N HIS C 526 21.78 -67.55 0.76
CA HIS C 526 22.89 -67.15 -0.14
C HIS C 526 23.45 -65.79 0.31
N TYR C 527 22.55 -64.83 0.56
CA TYR C 527 22.86 -63.42 0.92
C TYR C 527 23.58 -63.38 2.27
N THR C 528 23.07 -64.07 3.28
CA THR C 528 23.60 -64.08 4.68
C THR C 528 25.01 -64.72 4.68
N ASP C 529 25.19 -65.82 3.94
CA ASP C 529 26.49 -66.50 3.73
C ASP C 529 27.46 -65.52 3.03
N SER C 530 26.96 -64.78 2.04
CA SER C 530 27.73 -63.80 1.24
C SER C 530 28.27 -62.69 2.14
N VAL C 531 27.39 -62.09 2.97
CA VAL C 531 27.74 -61.00 3.92
C VAL C 531 28.73 -61.55 4.95
N GLY C 532 28.48 -62.73 5.49
CA GLY C 532 29.38 -63.46 6.41
C GLY C 532 30.79 -63.53 5.86
N GLY C 533 30.92 -63.84 4.56
CA GLY C 533 32.21 -63.89 3.84
C GLY C 533 32.79 -62.50 3.60
N ILE C 534 31.93 -61.52 3.30
CA ILE C 534 32.32 -60.09 3.05
C ILE C 534 32.99 -59.53 4.32
N LEU C 535 32.43 -59.82 5.50
CA LEU C 535 32.91 -59.29 6.81
C LEU C 535 34.25 -59.93 7.20
N ARG C 536 34.58 -61.09 6.62
CA ARG C 536 35.88 -61.78 6.81
C ARG C 536 36.94 -61.22 5.86
N SER C 537 36.54 -60.34 4.92
CA SER C 537 37.42 -59.71 3.90
C SER C 537 36.93 -58.30 3.57
N THR C 538 36.76 -57.45 4.61
CA THR C 538 36.25 -56.06 4.49
C THR C 538 37.24 -55.19 3.70
N GLY C 539 38.54 -55.52 3.77
CA GLY C 539 39.63 -54.76 3.14
C GLY C 539 39.35 -54.39 1.70
N ARG C 540 38.95 -55.36 0.88
CA ARG C 540 38.77 -55.19 -0.60
C ARG C 540 37.53 -54.35 -0.88
N TYR C 541 36.53 -54.36 0.01
CA TYR C 541 35.25 -53.63 -0.15
C TYR C 541 35.43 -52.15 0.23
N LEU C 542 36.45 -51.84 1.04
CA LEU C 542 36.87 -50.43 1.29
C LEU C 542 37.56 -49.87 0.04
N VAL C 543 38.20 -50.73 -0.76
CA VAL C 543 38.87 -50.37 -2.04
C VAL C 543 37.80 -50.24 -3.14
N LEU C 544 36.87 -51.19 -3.22
CA LEU C 544 35.72 -51.16 -4.17
C LEU C 544 34.89 -49.90 -3.95
N TYR C 545 34.68 -49.52 -2.68
CA TYR C 545 33.90 -48.32 -2.26
C TYR C 545 34.55 -47.05 -2.83
N LEU C 546 35.87 -46.93 -2.69
CA LEU C 546 36.66 -45.75 -3.18
C LEU C 546 36.57 -45.67 -4.71
N ILE C 547 36.54 -46.82 -5.41
CA ILE C 547 36.36 -46.89 -6.89
C ILE C 547 34.98 -46.33 -7.25
N ILE C 548 33.94 -46.70 -6.48
CA ILE C 548 32.54 -46.20 -6.66
C ILE C 548 32.50 -44.69 -6.42
N VAL C 549 33.18 -44.20 -5.37
CA VAL C 549 33.23 -42.75 -5.01
C VAL C 549 33.92 -41.98 -6.15
N VAL C 550 35.00 -42.54 -6.70
CA VAL C 550 35.74 -41.95 -7.87
C VAL C 550 34.82 -41.98 -9.09
N GLY C 551 34.18 -43.12 -9.36
CA GLY C 551 33.21 -43.31 -10.46
C GLY C 551 32.05 -42.34 -10.34
N MET C 552 31.53 -42.13 -9.13
CA MET C 552 30.46 -41.17 -8.80
C MET C 552 30.91 -39.76 -9.20
N ALA C 553 32.09 -39.34 -8.72
CA ALA C 553 32.68 -38.01 -8.97
C ALA C 553 32.85 -37.79 -10.48
N TYR C 554 33.37 -38.79 -11.19
CA TYR C 554 33.61 -38.75 -12.66
C TYR C 554 32.29 -38.51 -13.39
N LEU C 555 31.27 -39.34 -13.13
CA LEU C 555 29.95 -39.30 -13.81
C LEU C 555 29.25 -37.96 -13.54
N PHE C 556 29.52 -37.32 -12.40
CA PHE C 556 28.91 -36.04 -12.00
C PHE C 556 29.46 -34.89 -12.85
N VAL C 557 30.80 -34.78 -12.96
CA VAL C 557 31.47 -33.69 -13.74
C VAL C 557 31.20 -33.90 -15.23
N ARG C 558 30.97 -35.16 -15.64
CA ARG C 558 30.73 -35.53 -17.07
C ARG C 558 29.29 -35.18 -17.47
N LEU C 559 28.31 -35.46 -16.60
CA LEU C 559 26.86 -35.28 -16.88
C LEU C 559 26.58 -33.83 -17.23
N PRO C 560 26.11 -33.52 -18.45
CA PRO C 560 25.74 -32.15 -18.82
C PRO C 560 24.58 -31.63 -17.95
N SER C 561 24.54 -30.31 -17.73
CA SER C 561 23.53 -29.64 -16.86
C SER C 561 22.54 -28.86 -17.73
N SER C 562 21.31 -28.69 -17.23
CA SER C 562 20.24 -27.82 -17.79
C SER C 562 19.36 -27.31 -16.64
N PHE C 563 18.24 -26.66 -16.93
CA PHE C 563 17.30 -26.09 -15.92
C PHE C 563 16.05 -26.96 -15.84
N LEU C 564 15.11 -26.80 -16.78
CA LEU C 564 13.86 -27.59 -16.87
C LEU C 564 13.73 -28.14 -18.30
N PRO C 565 13.19 -29.37 -18.49
CA PRO C 565 12.99 -29.91 -19.82
C PRO C 565 11.95 -29.10 -20.62
N ASP C 566 12.18 -28.96 -21.93
CA ASP C 566 11.19 -28.40 -22.89
C ASP C 566 10.09 -29.45 -23.09
N GLU C 567 8.85 -28.99 -23.29
CA GLU C 567 7.66 -29.86 -23.47
C GLU C 567 6.95 -29.49 -24.77
N ASP C 568 6.33 -30.47 -25.44
CA ASP C 568 5.32 -30.24 -26.50
C ASP C 568 4.04 -29.77 -25.80
N GLN C 569 3.72 -28.47 -25.92
CA GLN C 569 2.51 -27.85 -25.32
C GLN C 569 1.41 -27.71 -26.37
N GLY C 570 1.57 -28.39 -27.52
CA GLY C 570 0.60 -28.40 -28.63
C GLY C 570 0.56 -27.07 -29.37
N VAL C 571 1.54 -26.18 -29.11
CA VAL C 571 1.65 -24.82 -29.70
C VAL C 571 3.13 -24.45 -29.81
N PHE C 572 3.47 -23.56 -30.73
CA PHE C 572 4.80 -22.91 -30.83
C PHE C 572 4.69 -21.64 -31.69
N MET C 573 5.77 -20.85 -31.74
CA MET C 573 5.83 -19.55 -32.45
C MET C 573 6.92 -19.61 -33.54
N THR C 574 6.71 -18.87 -34.63
CA THR C 574 7.72 -18.56 -35.66
C THR C 574 7.89 -17.05 -35.73
N MET C 575 9.07 -16.55 -35.34
CA MET C 575 9.41 -15.10 -35.34
C MET C 575 9.96 -14.75 -36.72
N VAL C 576 9.39 -13.74 -37.38
CA VAL C 576 9.80 -13.23 -38.72
C VAL C 576 10.35 -11.82 -38.56
N GLN C 577 11.58 -11.59 -39.03
CA GLN C 577 12.37 -10.34 -38.80
C GLN C 577 13.11 -9.96 -40.08
N LEU C 578 12.58 -8.98 -40.82
CA LEU C 578 13.27 -8.34 -41.98
C LEU C 578 14.03 -7.11 -41.47
N PRO C 579 15.05 -6.62 -42.20
CA PRO C 579 15.77 -5.41 -41.79
C PRO C 579 14.87 -4.18 -41.69
N ALA C 580 15.18 -3.25 -40.79
CA ALA C 580 14.54 -1.92 -40.69
C ALA C 580 14.66 -1.25 -42.07
N GLY C 581 13.54 -0.79 -42.63
CA GLY C 581 13.45 -0.28 -44.01
C GLY C 581 12.63 -1.20 -44.90
N ALA C 582 12.52 -2.48 -44.53
CA ALA C 582 11.65 -3.48 -45.19
C ALA C 582 10.19 -3.06 -45.05
N THR C 583 9.39 -3.28 -46.09
CA THR C 583 7.98 -2.84 -46.19
C THR C 583 7.05 -3.92 -45.63
N GLN C 584 5.88 -3.51 -45.14
CA GLN C 584 4.77 -4.39 -44.69
C GLN C 584 4.49 -5.46 -45.75
N GLU C 585 4.56 -5.07 -47.03
CA GLU C 585 4.29 -5.93 -48.21
C GLU C 585 5.30 -7.09 -48.26
N ARG C 586 6.59 -6.81 -48.08
CA ARG C 586 7.68 -7.84 -48.17
C ARG C 586 7.66 -8.73 -46.93
N THR C 587 7.31 -8.19 -45.76
CA THR C 587 7.12 -8.95 -44.49
C THR C 587 5.96 -9.93 -44.65
N GLN C 588 4.91 -9.53 -45.39
CA GLN C 588 3.71 -10.36 -45.66
C GLN C 588 4.11 -11.54 -46.55
N LYS C 589 4.96 -11.30 -47.55
CA LYS C 589 5.52 -12.33 -48.46
C LYS C 589 6.19 -13.43 -47.64
N VAL C 590 7.02 -13.05 -46.66
CA VAL C 590 7.79 -14.00 -45.78
C VAL C 590 6.80 -14.73 -44.87
N LEU C 591 5.82 -14.01 -44.31
CA LEU C 591 4.75 -14.60 -43.44
C LEU C 591 3.95 -15.63 -44.26
N ASN C 592 3.66 -15.32 -45.52
CA ASN C 592 2.93 -16.22 -46.46
C ASN C 592 3.72 -17.53 -46.64
N GLU C 593 5.04 -17.42 -46.85
CA GLU C 593 5.96 -18.58 -47.00
C GLU C 593 5.93 -19.44 -45.72
N VAL C 594 5.99 -18.78 -44.56
CA VAL C 594 5.98 -19.44 -43.21
C VAL C 594 4.63 -20.14 -43.01
N THR C 595 3.52 -19.43 -43.27
CA THR C 595 2.14 -19.94 -43.15
C THR C 595 1.95 -21.12 -44.12
N HIS C 596 2.43 -20.96 -45.36
CA HIS C 596 2.35 -21.99 -46.44
C HIS C 596 3.00 -23.30 -45.98
N TYR C 597 4.23 -23.23 -45.45
CA TYR C 597 5.02 -24.38 -44.97
C TYR C 597 4.20 -25.21 -43.97
N TYR C 598 3.51 -24.53 -43.05
CA TYR C 598 2.76 -25.17 -41.93
C TYR C 598 1.42 -25.74 -42.43
N LEU C 599 0.82 -25.16 -43.47
CA LEU C 599 -0.49 -25.60 -44.02
C LEU C 599 -0.30 -26.65 -45.12
N THR C 600 0.94 -26.86 -45.60
CA THR C 600 1.27 -27.83 -46.67
C THR C 600 2.21 -28.91 -46.12
N LYS C 601 3.48 -28.58 -45.88
CA LYS C 601 4.53 -29.52 -45.43
C LYS C 601 4.14 -30.17 -44.08
N GLU C 602 3.55 -29.41 -43.17
CA GLU C 602 3.25 -29.83 -41.78
C GLU C 602 1.73 -29.85 -41.53
N LYS C 603 0.93 -30.14 -42.56
CA LYS C 603 -0.55 -30.07 -42.50
C LYS C 603 -1.11 -31.22 -41.65
N ASN C 604 -0.37 -32.31 -41.50
CA ASN C 604 -0.76 -33.50 -40.68
C ASN C 604 -0.61 -33.17 -39.19
N ASN C 605 0.29 -32.24 -38.84
CA ASN C 605 0.63 -31.88 -37.44
C ASN C 605 -0.03 -30.53 -37.05
N VAL C 606 -0.06 -29.57 -37.97
CA VAL C 606 -0.56 -28.18 -37.71
C VAL C 606 -2.08 -28.15 -37.90
N GLU C 607 -2.80 -27.57 -36.92
CA GLU C 607 -4.26 -27.35 -36.96
C GLU C 607 -4.56 -25.96 -37.53
N SER C 608 -3.91 -24.92 -36.97
CA SER C 608 -4.15 -23.50 -37.33
C SER C 608 -2.85 -22.69 -37.28
N VAL C 609 -2.79 -21.61 -38.06
CA VAL C 609 -1.73 -20.56 -38.03
C VAL C 609 -2.41 -19.19 -37.90
N PHE C 610 -2.12 -18.47 -36.81
CA PHE C 610 -2.51 -17.04 -36.62
C PHE C 610 -1.25 -16.18 -36.81
N ALA C 611 -1.08 -15.63 -38.01
CA ALA C 611 0.08 -14.80 -38.41
C ALA C 611 -0.27 -13.31 -38.21
N VAL C 612 0.65 -12.55 -37.62
CA VAL C 612 0.51 -11.08 -37.37
C VAL C 612 1.65 -10.35 -38.07
N ASN C 613 1.32 -9.39 -38.95
CA ASN C 613 2.27 -8.46 -39.60
C ASN C 613 2.33 -7.17 -38.79
N GLY C 614 3.49 -6.84 -38.23
CA GLY C 614 3.73 -5.63 -37.43
C GLY C 614 3.86 -5.92 -35.93
N PHE C 615 4.04 -7.18 -35.56
CA PHE C 615 4.28 -7.63 -34.16
C PHE C 615 5.26 -8.80 -34.17
N GLY C 616 6.42 -8.62 -33.53
CA GLY C 616 7.43 -9.67 -33.26
C GLY C 616 7.33 -10.16 -31.83
N PHE C 617 8.30 -9.80 -30.99
CA PHE C 617 8.26 -9.96 -29.51
C PHE C 617 7.44 -8.81 -28.92
N ALA C 618 7.32 -7.70 -29.66
CA ALA C 618 6.52 -6.51 -29.33
C ALA C 618 6.08 -5.82 -30.64
N PRO C 619 5.16 -4.83 -30.60
CA PRO C 619 4.76 -4.13 -31.82
C PRO C 619 5.93 -3.39 -32.48
N ARG C 620 6.12 -3.60 -33.79
CA ARG C 620 7.16 -2.93 -34.61
C ARG C 620 6.69 -2.90 -36.06
N PRO C 621 6.07 -1.79 -36.54
CA PRO C 621 5.50 -1.71 -37.87
C PRO C 621 6.43 -2.11 -39.04
N GLN C 622 5.88 -2.93 -39.95
CA GLN C 622 6.32 -3.13 -41.37
C GLN C 622 7.37 -4.24 -41.50
N ASN C 623 8.43 -4.24 -40.69
CA ASN C 623 9.63 -5.10 -40.91
C ASN C 623 9.62 -6.33 -40.01
N THR C 624 8.55 -6.55 -39.21
CA THR C 624 8.46 -7.67 -38.23
CA THR C 624 8.46 -7.68 -38.24
C THR C 624 7.10 -8.37 -38.36
N GLY C 625 7.07 -9.66 -38.00
CA GLY C 625 5.85 -10.50 -37.95
C GLY C 625 6.06 -11.72 -37.08
N ILE C 626 4.98 -12.35 -36.63
CA ILE C 626 5.02 -13.61 -35.81
C ILE C 626 3.86 -14.50 -36.25
N ALA C 627 4.09 -15.82 -36.29
CA ALA C 627 3.08 -16.86 -36.56
C ALA C 627 2.87 -17.67 -35.28
N PHE C 628 1.66 -17.62 -34.72
CA PHE C 628 1.19 -18.48 -33.60
C PHE C 628 0.64 -19.78 -34.19
N VAL C 629 1.37 -20.89 -34.02
CA VAL C 629 1.03 -22.22 -34.58
C VAL C 629 0.40 -23.07 -33.48
N SER C 630 -0.83 -23.55 -33.69
CA SER C 630 -1.52 -24.55 -32.85
C SER C 630 -1.52 -25.89 -33.58
N LEU C 631 -1.04 -26.95 -32.91
CA LEU C 631 -0.92 -28.32 -33.46
C LEU C 631 -2.21 -29.10 -33.21
N LYS C 632 -2.40 -30.20 -33.92
CA LYS C 632 -3.50 -31.18 -33.69
C LYS C 632 -3.19 -31.93 -32.38
N ASP C 633 -4.19 -32.60 -31.80
CA ASP C 633 -4.07 -33.26 -30.47
C ASP C 633 -2.86 -34.22 -30.49
N TRP C 634 -2.19 -34.34 -29.34
CA TRP C 634 -0.97 -35.17 -29.12
C TRP C 634 -1.18 -36.59 -29.65
N ALA C 635 -2.40 -37.13 -29.47
CA ALA C 635 -2.81 -38.49 -29.88
C ALA C 635 -2.64 -38.70 -31.39
N ASP C 636 -2.87 -37.64 -32.19
CA ASP C 636 -2.86 -37.70 -33.68
C ASP C 636 -1.47 -37.31 -34.23
N ARG C 637 -0.47 -37.16 -33.36
CA ARG C 637 0.93 -36.83 -33.73
C ARG C 637 1.88 -37.86 -33.11
N PRO C 638 1.73 -39.17 -33.41
CA PRO C 638 2.60 -40.19 -32.83
C PRO C 638 4.01 -40.14 -33.42
N GLY C 639 5.02 -40.48 -32.61
CA GLY C 639 6.44 -40.48 -32.99
C GLY C 639 7.12 -39.17 -32.63
N GLU C 640 8.43 -39.22 -32.38
CA GLU C 640 9.27 -38.07 -31.95
C GLU C 640 9.31 -36.99 -33.03
N GLU C 641 9.27 -37.39 -34.31
CA GLU C 641 9.44 -36.48 -35.47
C GLU C 641 8.20 -35.58 -35.66
N ASN C 642 7.07 -35.91 -35.02
CA ASN C 642 5.78 -35.17 -35.12
C ASN C 642 5.56 -34.32 -33.87
N LYS C 643 6.59 -34.11 -33.06
CA LYS C 643 6.55 -33.27 -31.82
C LYS C 643 7.23 -31.94 -32.10
N VAL C 644 6.94 -30.93 -31.27
CA VAL C 644 7.32 -29.49 -31.47
C VAL C 644 8.84 -29.38 -31.75
N GLU C 645 9.66 -30.13 -31.00
CA GLU C 645 11.15 -30.05 -31.08
C GLU C 645 11.61 -30.35 -32.52
N ALA C 646 11.08 -31.43 -33.12
CA ALA C 646 11.41 -31.89 -34.49
C ALA C 646 10.82 -30.93 -35.53
N ILE C 647 9.59 -30.45 -35.31
CA ILE C 647 8.82 -29.57 -36.24
C ILE C 647 9.54 -28.21 -36.34
N THR C 648 9.90 -27.62 -35.20
CA THR C 648 10.57 -26.29 -35.10
C THR C 648 11.96 -26.38 -35.73
N MET C 649 12.67 -27.50 -35.54
CA MET C 649 14.02 -27.76 -36.11
C MET C 649 13.93 -27.81 -37.63
N ARG C 650 13.02 -28.63 -38.17
CA ARG C 650 12.79 -28.79 -39.64
C ARG C 650 12.33 -27.46 -40.25
N ALA C 651 11.45 -26.73 -39.54
CA ALA C 651 10.87 -25.44 -39.97
C ALA C 651 11.97 -24.38 -40.09
N THR C 652 12.77 -24.20 -39.03
CA THR C 652 13.90 -23.24 -38.97
C THR C 652 14.88 -23.52 -40.11
N ARG C 653 15.22 -24.80 -40.32
CA ARG C 653 16.14 -25.26 -41.39
C ARG C 653 15.55 -24.88 -42.76
N ALA C 654 14.24 -25.08 -42.94
CA ALA C 654 13.48 -24.80 -44.19
C ALA C 654 13.46 -23.29 -44.48
N PHE C 655 13.31 -22.47 -43.43
CA PHE C 655 13.16 -20.99 -43.53
C PHE C 655 14.53 -20.30 -43.63
N SER C 656 15.63 -21.05 -43.46
CA SER C 656 17.02 -20.53 -43.53
C SER C 656 17.34 -20.02 -44.94
N GLN C 657 16.60 -20.49 -45.95
CA GLN C 657 16.81 -20.14 -47.38
C GLN C 657 16.20 -18.76 -47.70
N ILE C 658 15.21 -18.30 -46.92
CA ILE C 658 14.50 -17.01 -47.14
C ILE C 658 15.53 -15.87 -47.04
N LYS C 659 15.64 -15.05 -48.09
CA LYS C 659 16.69 -13.99 -48.23
C LYS C 659 16.28 -12.77 -47.39
N ASP C 660 17.28 -12.01 -46.91
CA ASP C 660 17.12 -10.72 -46.20
C ASP C 660 16.00 -10.83 -45.15
N ALA C 661 16.04 -11.89 -44.33
CA ALA C 661 15.02 -12.16 -43.27
C ALA C 661 15.53 -13.22 -42.30
N MET C 662 15.50 -12.90 -41.00
CA MET C 662 15.78 -13.86 -39.89
CA MET C 662 15.79 -13.85 -39.90
C MET C 662 14.47 -14.51 -39.46
N VAL C 663 14.29 -15.79 -39.78
CA VAL C 663 13.07 -16.59 -39.47
C VAL C 663 13.47 -17.78 -38.59
N PHE C 664 12.85 -17.90 -37.41
CA PHE C 664 13.16 -18.94 -36.40
C PHE C 664 11.87 -19.44 -35.76
N ALA C 665 11.59 -20.73 -35.93
CA ALA C 665 10.53 -21.49 -35.23
C ALA C 665 11.12 -22.09 -33.96
N PHE C 666 10.46 -21.90 -32.82
CA PHE C 666 10.97 -22.30 -31.48
C PHE C 666 9.82 -22.67 -30.54
N ASN C 667 10.14 -23.55 -29.58
CA ASN C 667 9.23 -24.00 -28.49
C ASN C 667 9.17 -22.90 -27.42
N LEU C 668 8.26 -23.04 -26.45
CA LEU C 668 8.10 -22.12 -25.30
C LEU C 668 9.14 -22.48 -24.23
N PRO C 669 9.66 -21.50 -23.46
CA PRO C 669 10.50 -21.80 -22.31
C PRO C 669 9.66 -22.31 -21.13
N ALA C 670 10.32 -22.88 -20.12
CA ALA C 670 9.69 -23.50 -18.92
C ALA C 670 8.98 -22.42 -18.10
N ILE C 671 9.59 -21.24 -17.95
CA ILE C 671 8.98 -20.06 -17.26
C ILE C 671 8.66 -19.00 -18.32
N VAL C 672 7.41 -19.00 -18.80
CA VAL C 672 6.93 -18.16 -19.94
C VAL C 672 6.94 -16.67 -19.55
N GLU C 673 7.00 -16.36 -18.25
CA GLU C 673 7.01 -14.96 -17.74
C GLU C 673 8.33 -14.26 -18.10
N LEU C 674 9.44 -15.00 -18.14
CA LEU C 674 10.81 -14.45 -18.29
C LEU C 674 11.15 -14.22 -19.77
N GLY C 675 10.56 -15.01 -20.68
CA GLY C 675 10.78 -14.89 -22.14
C GLY C 675 9.75 -15.68 -22.93
N THR C 676 9.66 -15.43 -24.24
CA THR C 676 8.73 -16.10 -25.19
C THR C 676 9.41 -17.31 -25.84
N ALA C 677 10.73 -17.21 -26.10
CA ALA C 677 11.52 -18.22 -26.83
C ALA C 677 12.29 -19.11 -25.86
N THR C 678 12.39 -20.41 -26.19
CA THR C 678 13.22 -21.42 -25.47
C THR C 678 14.69 -21.18 -25.80
N GLY C 679 15.60 -21.96 -25.19
CA GLY C 679 17.05 -21.86 -25.38
C GLY C 679 17.67 -20.87 -24.40
N PHE C 680 18.88 -20.37 -24.70
CA PHE C 680 19.63 -19.44 -23.84
C PHE C 680 19.32 -17.99 -24.22
N ASP C 681 19.57 -17.07 -23.29
CA ASP C 681 19.26 -15.62 -23.41
C ASP C 681 20.48 -14.82 -22.95
N PHE C 682 21.38 -14.50 -23.88
CA PHE C 682 22.72 -13.90 -23.65
C PHE C 682 22.63 -12.38 -23.86
N GLU C 683 23.33 -11.61 -23.01
CA GLU C 683 23.42 -10.13 -23.09
C GLU C 683 24.89 -9.72 -23.24
N LEU C 684 25.25 -9.11 -24.38
CA LEU C 684 26.59 -8.53 -24.63
C LEU C 684 26.55 -7.05 -24.22
N ILE C 685 27.45 -6.62 -23.31
CA ILE C 685 27.37 -5.32 -22.60
C ILE C 685 28.64 -4.50 -22.87
N ASP C 686 28.48 -3.24 -23.25
CA ASP C 686 29.56 -2.20 -23.34
C ASP C 686 29.82 -1.67 -21.94
N GLN C 687 30.96 -2.05 -21.33
CA GLN C 687 31.30 -1.76 -19.91
C GLN C 687 32.48 -0.78 -19.83
N ALA C 688 32.91 -0.19 -20.95
CA ALA C 688 34.07 0.73 -21.04
C ALA C 688 33.80 1.89 -22.01
N GLY C 689 32.54 2.24 -22.25
CA GLY C 689 32.11 3.33 -23.16
C GLY C 689 32.75 3.20 -24.53
N LEU C 690 32.81 1.98 -25.07
CA LEU C 690 33.38 1.68 -26.42
C LEU C 690 32.53 2.34 -27.50
N GLY C 691 31.20 2.29 -27.35
CA GLY C 691 30.22 2.88 -28.29
C GLY C 691 29.44 1.82 -29.04
N HIS C 692 28.45 2.23 -29.83
CA HIS C 692 27.50 1.36 -30.58
C HIS C 692 28.25 0.57 -31.66
N GLU C 693 29.16 1.22 -32.39
CA GLU C 693 29.87 0.65 -33.56
C GLU C 693 30.79 -0.48 -33.09
N LYS C 694 31.52 -0.26 -31.99
CA LYS C 694 32.46 -1.25 -31.40
C LYS C 694 31.67 -2.44 -30.81
N LEU C 695 30.51 -2.18 -30.21
CA LEU C 695 29.62 -3.22 -29.63
C LEU C 695 29.05 -4.09 -30.76
N THR C 696 28.70 -3.48 -31.91
CA THR C 696 28.23 -4.17 -33.14
C THR C 696 29.34 -5.10 -33.66
N GLN C 697 30.58 -4.60 -33.70
CA GLN C 697 31.78 -5.35 -34.17
C GLN C 697 32.03 -6.56 -33.27
N ALA C 698 31.98 -6.36 -31.95
CA ALA C 698 32.18 -7.41 -30.92
C ALA C 698 31.08 -8.48 -31.02
N ARG C 699 29.85 -8.05 -31.30
CA ARG C 699 28.69 -8.96 -31.51
C ARG C 699 28.91 -9.79 -32.77
N ASN C 700 29.30 -9.13 -33.87
CA ASN C 700 29.59 -9.77 -35.18
C ASN C 700 30.71 -10.81 -35.00
N GLN C 701 31.74 -10.48 -34.22
CA GLN C 701 32.88 -11.38 -33.90
C GLN C 701 32.36 -12.64 -33.19
N LEU C 702 31.49 -12.46 -32.18
CA LEU C 702 30.92 -13.55 -31.35
C LEU C 702 30.02 -14.43 -32.21
N LEU C 703 29.14 -13.82 -33.03
CA LEU C 703 28.17 -14.54 -33.91
C LEU C 703 28.93 -15.33 -34.98
N ALA C 704 30.04 -14.79 -35.48
CA ALA C 704 30.93 -15.44 -36.48
C ALA C 704 31.60 -16.66 -35.86
N GLU C 705 32.03 -16.57 -34.59
CA GLU C 705 32.68 -17.67 -33.84
C GLU C 705 31.66 -18.74 -33.48
N ALA C 706 30.47 -18.34 -33.02
CA ALA C 706 29.34 -19.25 -32.66
C ALA C 706 28.91 -20.06 -33.88
N ALA C 707 28.98 -19.46 -35.08
CA ALA C 707 28.61 -20.07 -36.38
C ALA C 707 29.56 -21.22 -36.74
N LYS C 708 30.77 -21.24 -36.17
CA LYS C 708 31.79 -22.31 -36.38
C LYS C 708 31.51 -23.54 -35.50
N HIS C 709 30.49 -23.47 -34.63
CA HIS C 709 30.10 -24.56 -33.71
C HIS C 709 28.63 -24.93 -33.91
N PRO C 710 28.23 -25.42 -35.11
CA PRO C 710 26.87 -25.90 -35.34
C PRO C 710 26.55 -27.19 -34.57
N ASP C 711 27.59 -27.93 -34.15
CA ASP C 711 27.50 -29.16 -33.33
C ASP C 711 27.01 -28.82 -31.91
N MET C 712 27.17 -27.57 -31.47
CA MET C 712 26.82 -27.11 -30.09
C MET C 712 25.65 -26.11 -30.12
N LEU C 713 25.64 -25.17 -31.07
CA LEU C 713 24.70 -24.00 -31.09
C LEU C 713 23.92 -23.97 -32.41
N THR C 714 22.59 -23.88 -32.32
CA THR C 714 21.66 -23.63 -33.45
C THR C 714 20.73 -22.47 -33.11
N SER C 715 20.02 -21.94 -34.12
CA SER C 715 19.02 -20.84 -34.00
C SER C 715 19.64 -19.65 -33.25
N VAL C 716 20.91 -19.36 -33.51
CA VAL C 716 21.65 -18.20 -32.92
C VAL C 716 21.33 -16.95 -33.75
N ARG C 717 20.70 -15.95 -33.12
CA ARG C 717 20.35 -14.66 -33.76
C ARG C 717 20.25 -13.57 -32.69
N PRO C 718 20.65 -12.32 -33.00
CA PRO C 718 20.45 -11.21 -32.07
C PRO C 718 18.97 -10.80 -32.03
N ASN C 719 18.44 -10.55 -30.84
CA ASN C 719 17.10 -9.92 -30.64
C ASN C 719 17.29 -8.40 -30.80
N GLY C 720 17.47 -7.95 -32.05
CA GLY C 720 17.75 -6.55 -32.40
C GLY C 720 17.90 -6.35 -33.89
N LEU C 721 18.18 -5.11 -34.31
CA LEU C 721 18.18 -4.67 -35.73
C LEU C 721 19.54 -4.04 -36.07
N GLU C 722 19.89 -4.04 -37.36
CA GLU C 722 21.11 -3.40 -37.91
C GLU C 722 20.81 -1.91 -38.15
N ASP C 723 21.86 -1.09 -38.25
CA ASP C 723 21.76 0.36 -38.58
C ASP C 723 21.17 0.50 -39.98
N THR C 724 20.20 1.41 -40.14
CA THR C 724 19.38 1.59 -41.37
C THR C 724 19.41 3.04 -41.80
N PRO C 725 19.29 3.35 -43.11
CA PRO C 725 19.16 4.74 -43.57
C PRO C 725 18.02 5.52 -42.88
N GLN C 726 18.27 6.79 -42.57
CA GLN C 726 17.28 7.77 -42.06
C GLN C 726 17.23 8.96 -43.03
N PHE C 727 16.03 9.49 -43.32
CA PHE C 727 15.83 10.65 -44.20
C PHE C 727 15.79 11.93 -43.35
N LYS C 728 16.90 12.68 -43.37
CA LYS C 728 17.05 13.98 -42.64
C LYS C 728 16.63 15.11 -43.58
N ILE C 729 15.57 15.85 -43.21
CA ILE C 729 15.10 17.08 -43.92
C ILE C 729 15.46 18.29 -43.06
N ASP C 730 16.09 19.30 -43.69
CA ASP C 730 16.55 20.54 -43.01
C ASP C 730 15.68 21.72 -43.49
N ILE C 731 14.82 22.23 -42.60
CA ILE C 731 14.01 23.46 -42.82
C ILE C 731 14.93 24.67 -42.60
N ASP C 732 15.19 25.46 -43.64
CA ASP C 732 15.95 26.73 -43.56
C ASP C 732 15.00 27.81 -43.03
N GLN C 733 14.90 27.94 -41.71
CA GLN C 733 13.96 28.84 -40.99
C GLN C 733 14.16 30.29 -41.44
N GLU C 734 15.42 30.70 -41.62
CA GLU C 734 15.80 32.05 -42.11
C GLU C 734 15.21 32.29 -43.50
N LYS C 735 15.27 31.28 -44.37
CA LYS C 735 14.80 31.36 -45.79
C LYS C 735 13.27 31.38 -45.82
N ALA C 736 12.62 30.73 -44.85
CA ALA C 736 11.15 30.71 -44.67
C ALA C 736 10.67 32.07 -44.15
N GLN C 737 11.45 32.70 -43.26
CA GLN C 737 11.16 34.03 -42.66
C GLN C 737 11.24 35.10 -43.76
N ALA C 738 12.18 34.96 -44.70
CA ALA C 738 12.36 35.87 -45.87
C ALA C 738 11.14 35.79 -46.79
N LEU C 739 10.46 34.63 -46.84
CA LEU C 739 9.28 34.37 -47.71
C LEU C 739 7.97 34.54 -46.91
N GLY C 740 8.05 34.97 -45.66
CA GLY C 740 6.89 35.27 -44.79
C GLY C 740 6.12 34.02 -44.40
N VAL C 741 6.80 32.86 -44.37
CA VAL C 741 6.21 31.54 -43.98
C VAL C 741 6.62 31.26 -42.52
N SER C 742 5.63 30.99 -41.65
CA SER C 742 5.86 30.71 -40.20
C SER C 742 6.42 29.30 -40.03
N ILE C 743 7.28 29.11 -39.03
CA ILE C 743 8.00 27.83 -38.74
C ILE C 743 7.00 26.79 -38.22
N ASN C 744 5.98 27.25 -37.47
CA ASN C 744 4.91 26.39 -36.89
C ASN C 744 4.05 25.81 -38.01
N ASP C 745 3.71 26.62 -39.02
CA ASP C 745 2.89 26.20 -40.19
C ASP C 745 3.64 25.15 -41.00
N ILE C 746 4.97 25.31 -41.15
CA ILE C 746 5.88 24.36 -41.85
C ILE C 746 5.92 23.04 -41.07
N ASN C 747 6.18 23.10 -39.77
CA ASN C 747 6.32 21.91 -38.87
C ASN C 747 5.02 21.10 -38.90
N THR C 748 3.86 21.76 -38.80
CA THR C 748 2.52 21.13 -38.76
C THR C 748 2.21 20.49 -40.11
N THR C 749 2.43 21.20 -41.22
CA THR C 749 2.18 20.73 -42.61
C THR C 749 2.94 19.42 -42.84
N LEU C 750 4.27 19.45 -42.65
CA LEU C 750 5.17 18.27 -42.81
C LEU C 750 4.71 17.15 -41.86
N GLY C 751 4.62 17.45 -40.57
CA GLY C 751 4.24 16.51 -39.50
C GLY C 751 2.89 15.85 -39.75
N ALA C 752 1.85 16.65 -39.98
CA ALA C 752 0.46 16.21 -40.19
C ALA C 752 0.37 15.33 -41.44
N ALA C 753 0.96 15.79 -42.56
CA ALA C 753 0.91 15.12 -43.88
C ALA C 753 1.56 13.74 -43.79
N TRP C 754 2.84 13.68 -43.42
CA TRP C 754 3.72 12.50 -43.58
C TRP C 754 3.61 11.54 -42.38
N GLY C 755 3.44 12.07 -41.17
CA GLY C 755 3.41 11.29 -39.92
C GLY C 755 1.99 11.09 -39.38
N GLY C 756 1.04 11.94 -39.80
CA GLY C 756 -0.33 11.97 -39.25
C GLY C 756 -0.40 12.82 -37.99
N SER C 757 -1.56 13.41 -37.72
CA SER C 757 -1.82 14.29 -36.55
C SER C 757 -3.16 13.93 -35.89
N TYR C 758 -3.11 13.46 -34.63
CA TYR C 758 -4.28 13.25 -33.75
C TYR C 758 -4.82 14.61 -33.34
N VAL C 759 -5.95 15.03 -33.94
CA VAL C 759 -6.53 16.40 -33.81
C VAL C 759 -7.35 16.46 -32.52
N ASN C 760 -8.45 15.71 -32.46
CA ASN C 760 -9.38 15.65 -31.29
C ASN C 760 -10.21 14.36 -31.40
N ASP C 761 -11.21 14.20 -30.53
CA ASP C 761 -12.08 12.99 -30.45
C ASP C 761 -13.42 13.26 -31.14
N PHE C 762 -14.09 12.19 -31.57
CA PHE C 762 -15.48 12.18 -32.11
C PHE C 762 -16.20 10.96 -31.52
N ILE C 763 -17.52 10.86 -31.68
CA ILE C 763 -18.35 9.74 -31.14
C ILE C 763 -18.80 8.85 -32.31
N ASP C 764 -18.30 7.62 -32.37
CA ASP C 764 -18.71 6.59 -33.37
C ASP C 764 -19.63 5.58 -32.68
N ARG C 765 -20.94 5.70 -32.93
CA ARG C 765 -22.00 4.80 -32.38
C ARG C 765 -21.90 4.75 -30.85
N GLY C 766 -21.82 5.93 -30.22
CA GLY C 766 -21.89 6.09 -28.75
C GLY C 766 -20.56 5.83 -28.04
N ARG C 767 -19.46 5.67 -28.78
CA ARG C 767 -18.10 5.43 -28.22
C ARG C 767 -17.15 6.52 -28.72
N VAL C 768 -16.36 7.12 -27.80
CA VAL C 768 -15.35 8.16 -28.11
CA VAL C 768 -15.35 8.16 -28.13
C VAL C 768 -14.21 7.49 -28.89
N LYS C 769 -13.78 8.11 -30.01
CA LYS C 769 -12.69 7.62 -30.88
C LYS C 769 -11.89 8.82 -31.41
N LYS C 770 -10.71 8.57 -31.98
CA LYS C 770 -9.73 9.60 -32.42
C LYS C 770 -10.10 10.13 -33.80
N VAL C 771 -9.66 11.35 -34.11
CA VAL C 771 -9.74 12.00 -35.46
C VAL C 771 -8.30 12.25 -35.92
N TYR C 772 -7.91 11.66 -37.05
CA TYR C 772 -6.55 11.78 -37.65
C TYR C 772 -6.66 12.51 -38.99
N VAL C 773 -5.86 13.57 -39.17
CA VAL C 773 -5.56 14.20 -40.48
C VAL C 773 -4.19 13.69 -40.92
N MET C 774 -4.07 13.31 -42.20
CA MET C 774 -2.83 12.74 -42.79
C MET C 774 -2.92 12.82 -44.32
N SER C 775 -1.78 12.87 -44.99
CA SER C 775 -1.68 12.84 -46.47
C SER C 775 -2.25 11.51 -46.98
N GLU C 776 -3.01 11.54 -48.08
CA GLU C 776 -3.40 10.33 -48.84
C GLU C 776 -2.11 9.65 -49.30
N ALA C 777 -2.08 8.31 -49.24
CA ALA C 777 -0.88 7.45 -49.43
C ALA C 777 0.04 8.00 -50.52
N LYS C 778 -0.50 8.30 -51.70
CA LYS C 778 0.27 8.54 -52.95
C LYS C 778 1.16 9.78 -52.83
N TYR C 779 0.84 10.71 -51.92
CA TYR C 779 1.54 12.02 -51.77
C TYR C 779 2.58 11.98 -50.63
N ARG C 780 2.71 10.86 -49.91
CA ARG C 780 3.68 10.71 -48.79
C ARG C 780 4.44 9.39 -48.93
N MET C 781 4.85 9.04 -50.16
CA MET C 781 5.57 7.78 -50.48
C MET C 781 7.06 8.05 -50.75
N LEU C 782 7.36 9.04 -51.61
CA LEU C 782 8.72 9.24 -52.19
C LEU C 782 9.35 10.54 -51.65
N PRO C 783 10.69 10.58 -51.50
CA PRO C 783 11.39 11.79 -51.07
C PRO C 783 11.03 13.08 -51.84
N ASP C 784 10.84 12.98 -53.16
CA ASP C 784 10.59 14.15 -54.06
C ASP C 784 9.16 14.67 -53.87
N ASP C 785 8.27 13.90 -53.22
CA ASP C 785 6.86 14.30 -52.94
C ASP C 785 6.83 15.40 -51.87
N ILE C 786 7.93 15.59 -51.12
CA ILE C 786 8.08 16.65 -50.08
C ILE C 786 7.78 18.02 -50.71
N GLY C 787 8.33 18.28 -51.89
CA GLY C 787 8.23 19.57 -52.62
C GLY C 787 6.81 19.88 -53.09
N ASP C 788 5.95 18.86 -53.20
CA ASP C 788 4.54 19.00 -53.67
C ASP C 788 3.67 19.67 -52.59
N TRP C 789 4.16 19.78 -51.36
CA TRP C 789 3.43 20.39 -50.21
C TRP C 789 3.73 21.89 -50.13
N TYR C 790 2.67 22.70 -50.00
CA TYR C 790 2.71 24.18 -50.00
C TYR C 790 2.23 24.70 -48.64
N VAL C 791 2.82 25.82 -48.20
CA VAL C 791 2.45 26.54 -46.94
C VAL C 791 2.13 28.00 -47.31
N ARG C 792 1.02 28.55 -46.79
CA ARG C 792 0.56 29.93 -47.08
C ARG C 792 1.42 30.91 -46.29
N ALA C 793 2.05 31.87 -46.98
CA ALA C 793 2.84 32.98 -46.39
C ALA C 793 1.88 34.07 -45.90
N ALA C 794 2.43 35.06 -45.18
CA ALA C 794 1.67 36.20 -44.57
C ALA C 794 0.93 36.98 -45.67
N ASP C 795 1.54 37.13 -46.85
CA ASP C 795 0.98 37.91 -47.99
C ASP C 795 -0.08 37.09 -48.75
N GLY C 796 -0.24 35.80 -48.42
CA GLY C 796 -1.30 34.93 -48.97
C GLY C 796 -0.80 34.05 -50.11
N GLN C 797 0.49 34.17 -50.47
CA GLN C 797 1.12 33.36 -51.54
C GLN C 797 1.46 31.96 -51.00
N MET C 798 1.26 30.92 -51.81
CA MET C 798 1.58 29.51 -51.47
C MET C 798 3.04 29.24 -51.85
N VAL C 799 3.85 28.79 -50.88
CA VAL C 799 5.31 28.53 -51.02
C VAL C 799 5.55 27.03 -50.93
N PRO C 800 6.15 26.38 -51.96
CA PRO C 800 6.48 24.96 -51.88
C PRO C 800 7.63 24.70 -50.90
N PHE C 801 7.68 23.49 -50.33
CA PHE C 801 8.71 23.04 -49.37
C PHE C 801 10.11 23.11 -49.98
N SER C 802 10.20 22.99 -51.32
CA SER C 802 11.46 23.02 -52.10
C SER C 802 12.16 24.39 -51.97
N ALA C 803 11.40 25.45 -51.66
CA ALA C 803 11.87 26.87 -51.67
C ALA C 803 12.50 27.27 -50.33
N PHE C 804 12.43 26.41 -49.30
CA PHE C 804 13.01 26.70 -47.95
C PHE C 804 13.55 25.44 -47.26
N SER C 805 13.72 24.32 -47.97
CA SER C 805 14.17 23.03 -47.37
C SER C 805 15.02 22.23 -48.36
N SER C 806 15.97 21.46 -47.80
CA SER C 806 16.82 20.45 -48.49
C SER C 806 16.83 19.17 -47.65
N SER C 807 17.26 18.05 -48.23
CA SER C 807 17.26 16.71 -47.58
C SER C 807 18.57 15.97 -47.90
N ARG C 808 18.87 14.94 -47.09
CA ARG C 808 20.04 14.04 -47.23
C ARG C 808 19.76 12.75 -46.46
N TRP C 809 20.47 11.67 -46.77
CA TRP C 809 20.33 10.35 -46.10
C TRP C 809 21.38 10.20 -45.00
N GLU C 810 20.92 9.93 -43.77
CA GLU C 810 21.76 9.67 -42.58
C GLU C 810 21.77 8.18 -42.29
N TYR C 811 22.63 7.74 -41.37
CA TYR C 811 22.78 6.33 -40.92
C TYR C 811 22.75 6.29 -39.39
N GLY C 812 21.82 5.55 -38.82
CA GLY C 812 21.61 5.45 -37.35
C GLY C 812 20.97 4.14 -36.96
N SER C 813 20.95 3.84 -35.65
CA SER C 813 20.34 2.64 -35.05
C SER C 813 18.82 2.80 -35.04
N PRO C 814 18.04 1.82 -35.55
CA PRO C 814 16.58 1.85 -35.43
C PRO C 814 16.09 1.37 -34.06
N ARG C 815 16.95 0.68 -33.31
CA ARG C 815 16.64 0.10 -31.97
C ARG C 815 17.93 -0.03 -31.16
N LEU C 816 18.05 0.72 -30.05
CA LEU C 816 19.20 0.68 -29.11
C LEU C 816 18.75 0.00 -27.81
N GLU C 817 19.54 -0.97 -27.32
CA GLU C 817 19.23 -1.77 -26.10
C GLU C 817 20.18 -1.37 -24.97
N ARG C 818 19.72 -1.49 -23.72
CA ARG C 818 20.53 -1.30 -22.50
C ARG C 818 20.26 -2.46 -21.54
N TYR C 819 21.28 -2.90 -20.79
CA TYR C 819 21.19 -3.93 -19.72
C TYR C 819 21.92 -3.44 -18.48
N ASN C 820 21.20 -3.35 -17.35
CA ASN C 820 21.69 -2.78 -16.07
C ASN C 820 22.30 -1.40 -16.33
N GLY C 821 21.67 -0.60 -17.19
CA GLY C 821 21.99 0.83 -17.40
C GLY C 821 23.05 1.07 -18.47
N LEU C 822 23.65 0.01 -19.03
CA LEU C 822 24.78 0.13 -20.00
C LEU C 822 24.35 -0.36 -21.38
N PRO C 823 24.94 0.17 -22.48
CA PRO C 823 24.59 -0.26 -23.83
C PRO C 823 24.82 -1.76 -24.01
N SER C 824 23.79 -2.50 -24.44
CA SER C 824 23.79 -3.97 -24.56
C SER C 824 23.27 -4.40 -25.94
N MET C 825 23.43 -5.70 -26.25
CA MET C 825 22.83 -6.37 -27.43
C MET C 825 22.47 -7.81 -27.04
N GLU C 826 21.18 -8.12 -27.03
CA GLU C 826 20.62 -9.45 -26.64
C GLU C 826 20.87 -10.43 -27.78
N ILE C 827 21.40 -11.62 -27.46
CA ILE C 827 21.63 -12.73 -28.42
C ILE C 827 20.85 -13.96 -27.93
N LEU C 828 19.84 -14.39 -28.72
CA LEU C 828 19.05 -15.62 -28.47
C LEU C 828 19.72 -16.80 -29.20
N GLY C 829 19.58 -18.00 -28.65
CA GLY C 829 20.15 -19.23 -29.25
C GLY C 829 19.64 -20.48 -28.55
N GLN C 830 19.78 -21.63 -29.21
CA GLN C 830 19.37 -22.96 -28.70
C GLN C 830 20.60 -23.89 -28.70
N ALA C 831 20.63 -24.85 -27.77
CA ALA C 831 21.60 -25.96 -27.76
C ALA C 831 21.26 -26.89 -28.94
N ALA C 832 22.28 -27.30 -29.71
CA ALA C 832 22.15 -28.16 -30.90
C ALA C 832 21.55 -29.51 -30.48
N PRO C 833 20.91 -30.25 -31.40
CA PRO C 833 20.38 -31.58 -31.08
C PRO C 833 21.40 -32.46 -30.33
N GLY C 834 20.99 -32.97 -29.16
CA GLY C 834 21.81 -33.88 -28.33
C GLY C 834 22.63 -33.16 -27.28
N LYS C 835 22.65 -31.81 -27.31
CA LYS C 835 23.41 -30.95 -26.37
C LYS C 835 22.43 -30.29 -25.39
N SER C 836 22.91 -29.96 -24.18
CA SER C 836 22.14 -29.28 -23.11
C SER C 836 22.38 -27.77 -23.17
N THR C 837 21.46 -26.98 -22.62
CA THR C 837 21.57 -25.51 -22.50
C THR C 837 22.83 -25.15 -21.72
N GLY C 838 23.21 -25.98 -20.74
CA GLY C 838 24.43 -25.81 -19.92
C GLY C 838 25.69 -25.87 -20.76
N GLU C 839 25.78 -26.85 -21.68
CA GLU C 839 26.91 -27.01 -22.63
C GLU C 839 26.96 -25.79 -23.57
N ALA C 840 25.80 -25.37 -24.07
CA ALA C 840 25.64 -24.17 -24.94
C ALA C 840 26.12 -22.92 -24.20
N MET C 841 25.64 -22.72 -22.97
CA MET C 841 26.01 -21.56 -22.10
C MET C 841 27.52 -21.55 -21.87
N GLU C 842 28.11 -22.72 -21.57
CA GLU C 842 29.56 -22.89 -21.30
C GLU C 842 30.37 -22.38 -22.49
N LEU C 843 30.00 -22.79 -23.71
CA LEU C 843 30.71 -22.40 -24.97
C LEU C 843 30.55 -20.89 -25.21
N MET C 844 29.33 -20.36 -25.04
CA MET C 844 29.02 -18.91 -25.22
C MET C 844 29.92 -18.08 -24.30
N GLU C 845 30.20 -18.57 -23.09
CA GLU C 845 31.10 -17.91 -22.10
C GLU C 845 32.55 -18.00 -22.60
N GLN C 846 32.97 -19.17 -23.06
CA GLN C 846 34.32 -19.42 -23.64
C GLN C 846 34.56 -18.45 -24.80
N LEU C 847 33.59 -18.32 -25.70
CA LEU C 847 33.67 -17.46 -26.92
C LEU C 847 33.65 -15.98 -26.51
N ALA C 848 32.80 -15.61 -25.53
CA ALA C 848 32.63 -14.24 -25.01
C ALA C 848 33.94 -13.73 -24.42
N SER C 849 34.73 -14.61 -23.79
CA SER C 849 35.99 -14.29 -23.09
C SER C 849 37.07 -13.80 -24.07
N LYS C 850 36.94 -14.13 -25.36
CA LYS C 850 37.93 -13.80 -26.42
C LYS C 850 37.55 -12.49 -27.14
N LEU C 851 36.49 -11.80 -26.70
CA LEU C 851 36.05 -10.51 -27.29
C LEU C 851 36.89 -9.37 -26.72
N PRO C 852 36.95 -8.19 -27.37
CA PRO C 852 37.78 -7.07 -26.91
C PRO C 852 37.52 -6.66 -25.45
N THR C 853 38.55 -6.14 -24.78
CA THR C 853 38.48 -5.61 -23.39
C THR C 853 37.50 -4.44 -23.35
N GLY C 854 36.62 -4.42 -22.34
CA GLY C 854 35.51 -3.46 -22.21
C GLY C 854 34.17 -4.07 -22.61
N VAL C 855 34.21 -5.13 -23.44
CA VAL C 855 33.01 -5.91 -23.86
C VAL C 855 32.84 -7.08 -22.88
N GLY C 856 31.89 -6.95 -21.95
CA GLY C 856 31.48 -8.02 -21.02
C GLY C 856 30.16 -8.63 -21.46
N TYR C 857 29.58 -9.49 -20.61
CA TYR C 857 28.30 -10.18 -20.89
C TYR C 857 27.58 -10.51 -19.57
N ASP C 858 26.34 -10.97 -19.67
CA ASP C 858 25.54 -11.53 -18.55
C ASP C 858 24.46 -12.44 -19.14
N TRP C 859 23.91 -13.33 -18.30
CA TRP C 859 22.74 -14.19 -18.63
C TRP C 859 21.49 -13.56 -18.03
N THR C 860 20.38 -13.56 -18.77
CA THR C 860 19.08 -12.98 -18.37
C THR C 860 17.98 -14.04 -18.54
N GLY C 861 16.77 -13.75 -18.03
CA GLY C 861 15.58 -14.61 -18.14
C GLY C 861 15.86 -16.03 -17.69
N MET C 862 15.57 -17.01 -18.54
CA MET C 862 15.72 -18.47 -18.27
C MET C 862 17.17 -18.79 -17.88
N SER C 863 18.14 -18.25 -18.63
CA SER C 863 19.59 -18.52 -18.48
C SER C 863 20.10 -18.04 -17.11
N TYR C 864 19.58 -16.91 -16.62
CA TYR C 864 19.91 -16.34 -15.29
C TYR C 864 19.51 -17.35 -14.20
N GLN C 865 18.32 -17.93 -14.31
CA GLN C 865 17.78 -18.93 -13.35
C GLN C 865 18.62 -20.21 -13.41
N GLU C 866 19.09 -20.57 -14.61
CA GLU C 866 19.90 -21.79 -14.88
C GLU C 866 21.26 -21.67 -14.17
N ARG C 867 21.95 -20.54 -14.36
CA ARG C 867 23.25 -20.23 -13.70
C ARG C 867 23.07 -20.28 -12.19
N LEU C 868 22.03 -19.63 -11.67
CA LEU C 868 21.67 -19.58 -10.23
C LEU C 868 21.45 -21.00 -9.72
N SER C 869 20.63 -21.79 -10.43
CA SER C 869 20.27 -23.19 -10.08
C SER C 869 21.54 -24.04 -9.86
N GLY C 870 22.45 -24.02 -10.85
CA GLY C 870 23.72 -24.78 -10.82
C GLY C 870 24.69 -24.25 -9.78
N ASN C 871 24.69 -22.92 -9.55
CA ASN C 871 25.63 -22.23 -8.62
C ASN C 871 25.38 -22.65 -7.17
N GLN C 872 24.11 -22.83 -6.78
CA GLN C 872 23.70 -23.03 -5.35
C GLN C 872 23.56 -24.51 -5.01
N ALA C 873 23.64 -25.40 -6.01
CA ALA C 873 23.40 -26.86 -5.87
C ALA C 873 24.44 -27.51 -4.96
N PRO C 874 25.75 -27.21 -5.10
CA PRO C 874 26.77 -27.81 -4.23
C PRO C 874 26.54 -27.58 -2.73
N SER C 875 26.25 -26.33 -2.33
CA SER C 875 26.01 -25.93 -0.92
C SER C 875 24.72 -26.56 -0.39
N LEU C 876 23.71 -26.71 -1.26
CA LEU C 876 22.42 -27.40 -0.94
C LEU C 876 22.71 -28.84 -0.52
N TYR C 877 23.46 -29.58 -1.33
CA TYR C 877 23.86 -30.99 -1.09
C TYR C 877 24.63 -31.07 0.23
N ALA C 878 25.58 -30.16 0.44
CA ALA C 878 26.47 -30.09 1.63
C ALA C 878 25.64 -29.90 2.90
N ILE C 879 24.76 -28.89 2.92
CA ILE C 879 23.89 -28.55 4.09
C ILE C 879 22.90 -29.70 4.32
N SER C 880 22.36 -30.30 3.24
CA SER C 880 21.39 -31.42 3.29
C SER C 880 22.03 -32.64 3.94
N LEU C 881 23.28 -32.98 3.58
CA LEU C 881 24.05 -34.11 4.15
C LEU C 881 24.30 -33.87 5.64
N ILE C 882 24.79 -32.68 5.98
CA ILE C 882 25.13 -32.25 7.38
C ILE C 882 23.88 -32.39 8.28
N VAL C 883 22.72 -31.95 7.80
CA VAL C 883 21.44 -31.93 8.58
C VAL C 883 20.98 -33.37 8.82
N VAL C 884 21.04 -34.24 7.80
CA VAL C 884 20.66 -35.69 7.90
C VAL C 884 21.58 -36.36 8.93
N PHE C 885 22.89 -36.06 8.88
CA PHE C 885 23.93 -36.60 9.80
C PHE C 885 23.61 -36.21 11.25
N LEU C 886 23.37 -34.91 11.49
CA LEU C 886 23.08 -34.35 12.85
C LEU C 886 21.76 -34.90 13.38
N CYS C 887 20.73 -35.01 12.52
CA CYS C 887 19.40 -35.57 12.84
C CYS C 887 19.54 -37.03 13.29
N LEU C 888 20.42 -37.79 12.66
CA LEU C 888 20.73 -39.21 13.01
C LEU C 888 21.49 -39.26 14.34
N ALA C 889 22.47 -38.37 14.52
CA ALA C 889 23.33 -38.28 15.72
C ALA C 889 22.48 -38.07 16.98
N ALA C 890 21.48 -37.20 16.89
CA ALA C 890 20.56 -36.82 17.99
C ALA C 890 19.59 -37.97 18.28
N LEU C 891 18.97 -38.53 17.23
CA LEU C 891 17.92 -39.59 17.34
C LEU C 891 18.51 -40.86 17.97
N TYR C 892 19.71 -41.25 17.55
CA TYR C 892 20.35 -42.55 17.92
C TYR C 892 21.46 -42.33 18.96
N GLU C 893 21.63 -41.10 19.45
CA GLU C 893 22.62 -40.75 20.51
C GLU C 893 23.95 -41.46 20.19
N SER C 894 24.49 -41.21 19.01
CA SER C 894 25.68 -41.89 18.44
C SER C 894 26.34 -41.01 17.37
N TRP C 895 27.65 -41.14 17.19
CA TRP C 895 28.43 -40.57 16.05
C TRP C 895 28.72 -41.68 15.03
N SER C 896 29.02 -42.90 15.52
CA SER C 896 29.36 -44.09 14.70
C SER C 896 28.21 -44.45 13.75
N ILE C 897 26.97 -44.45 14.26
CA ILE C 897 25.75 -44.79 13.47
C ILE C 897 25.58 -43.79 12.33
N PRO C 898 25.51 -42.46 12.59
CA PRO C 898 25.52 -41.47 11.51
C PRO C 898 26.58 -41.72 10.43
N PHE C 899 27.85 -41.87 10.84
CA PHE C 899 29.01 -42.09 9.92
C PHE C 899 28.80 -43.38 9.11
N SER C 900 28.40 -44.46 9.78
CA SER C 900 28.10 -45.79 9.16
C SER C 900 27.03 -45.63 8.09
N VAL C 901 25.98 -44.86 8.38
CA VAL C 901 24.80 -44.63 7.48
C VAL C 901 25.22 -43.72 6.33
N MET C 902 25.81 -42.56 6.63
CA MET C 902 26.10 -41.49 5.63
C MET C 902 27.10 -41.97 4.56
N LEU C 903 27.87 -43.02 4.84
CA LEU C 903 28.82 -43.63 3.86
C LEU C 903 28.05 -44.32 2.72
N VAL C 904 26.74 -44.54 2.88
CA VAL C 904 25.87 -45.25 1.89
C VAL C 904 25.51 -44.31 0.74
N VAL C 905 25.61 -42.99 0.92
CA VAL C 905 25.10 -41.96 -0.04
C VAL C 905 25.72 -42.19 -1.43
N PRO C 906 27.06 -42.29 -1.57
CA PRO C 906 27.67 -42.56 -2.88
C PRO C 906 27.12 -43.80 -3.61
N LEU C 907 26.68 -44.84 -2.89
CA LEU C 907 26.10 -46.07 -3.48
C LEU C 907 24.81 -45.72 -4.21
N GLY C 908 24.03 -44.77 -3.68
CA GLY C 908 22.78 -44.28 -4.30
C GLY C 908 23.05 -43.31 -5.43
N VAL C 909 23.93 -42.32 -5.20
CA VAL C 909 24.18 -41.18 -6.12
C VAL C 909 24.71 -41.71 -7.47
N ILE C 910 25.55 -42.75 -7.45
CA ILE C 910 26.18 -43.33 -8.68
C ILE C 910 25.08 -43.96 -9.55
N GLY C 911 24.08 -44.59 -8.93
CA GLY C 911 22.92 -45.20 -9.62
C GLY C 911 22.09 -44.16 -10.36
N ALA C 912 21.86 -43.01 -9.73
CA ALA C 912 21.13 -41.86 -10.30
C ALA C 912 21.90 -41.31 -11.50
N LEU C 913 23.22 -41.17 -11.37
CA LEU C 913 24.13 -40.64 -12.42
C LEU C 913 24.19 -41.62 -13.59
N LEU C 914 24.25 -42.93 -13.32
CA LEU C 914 24.24 -44.01 -14.35
C LEU C 914 22.92 -43.96 -15.13
N ALA C 915 21.79 -43.85 -14.43
CA ALA C 915 20.42 -43.80 -15.00
C ALA C 915 20.28 -42.60 -15.95
N ALA C 916 20.65 -41.40 -15.48
CA ALA C 916 20.57 -40.14 -16.24
C ALA C 916 21.50 -40.19 -17.45
N THR C 917 22.74 -40.66 -17.25
CA THR C 917 23.82 -40.69 -18.28
C THR C 917 23.39 -41.57 -19.47
N PHE C 918 22.91 -42.78 -19.20
CA PHE C 918 22.59 -43.82 -20.22
C PHE C 918 21.21 -43.58 -20.83
N ARG C 919 20.35 -42.80 -20.17
CA ARG C 919 19.02 -42.40 -20.71
C ARG C 919 19.15 -41.11 -21.53
N GLY C 920 20.26 -40.39 -21.39
CA GLY C 920 20.52 -39.14 -22.13
C GLY C 920 19.80 -37.95 -21.50
N LEU C 921 19.56 -37.99 -20.18
CA LEU C 921 19.03 -36.85 -19.39
C LEU C 921 20.21 -36.01 -18.86
N THR C 922 19.90 -34.91 -18.16
CA THR C 922 20.89 -33.89 -17.73
C THR C 922 20.75 -33.66 -16.21
N ASN C 923 21.79 -33.03 -15.62
CA ASN C 923 21.77 -32.53 -14.23
C ASN C 923 20.90 -31.28 -14.19
N ASP C 924 19.58 -31.46 -14.12
CA ASP C 924 18.57 -30.37 -14.12
C ASP C 924 17.96 -30.25 -12.72
N VAL C 925 16.98 -29.35 -12.56
CA VAL C 925 16.32 -29.05 -11.25
C VAL C 925 15.67 -30.33 -10.70
N TYR C 926 15.10 -31.17 -11.56
CA TYR C 926 14.42 -32.43 -11.19
C TYR C 926 15.46 -33.48 -10.75
N PHE C 927 16.66 -33.45 -11.35
CA PHE C 927 17.79 -34.34 -10.97
C PHE C 927 18.36 -33.89 -9.62
N GLN C 928 18.42 -32.58 -9.38
CA GLN C 928 18.83 -31.97 -8.09
C GLN C 928 17.91 -32.50 -6.98
N VAL C 929 16.60 -32.43 -7.20
CA VAL C 929 15.56 -32.96 -6.26
C VAL C 929 15.78 -34.47 -6.12
N GLY C 930 16.09 -35.16 -7.23
CA GLY C 930 16.34 -36.62 -7.26
C GLY C 930 17.55 -37.00 -6.42
N LEU C 931 18.63 -36.24 -6.48
CA LEU C 931 19.89 -36.49 -5.72
C LEU C 931 19.64 -36.30 -4.22
N LEU C 932 18.82 -35.31 -3.84
CA LEU C 932 18.38 -35.09 -2.44
C LEU C 932 17.56 -36.30 -1.98
N THR C 933 16.59 -36.72 -2.80
CA THR C 933 15.73 -37.91 -2.55
C THR C 933 16.61 -39.14 -2.35
N THR C 934 17.68 -39.27 -3.16
CA THR C 934 18.61 -40.43 -3.17
C THR C 934 19.36 -40.51 -1.84
N ILE C 935 19.80 -39.37 -1.28
CA ILE C 935 20.44 -39.27 0.06
C ILE C 935 19.50 -39.91 1.09
N GLY C 936 18.20 -39.57 1.03
CA GLY C 936 17.15 -40.10 1.92
C GLY C 936 16.90 -41.58 1.69
N LEU C 937 16.81 -42.00 0.42
CA LEU C 937 16.59 -43.40 0.00
C LEU C 937 17.74 -44.27 0.52
N SER C 938 18.98 -43.81 0.35
CA SER C 938 20.23 -44.51 0.73
C SER C 938 20.31 -44.65 2.25
N ALA C 939 20.07 -43.56 2.98
CA ALA C 939 20.07 -43.50 4.47
C ALA C 939 18.99 -44.43 5.02
N LYS C 940 17.82 -44.45 4.39
CA LYS C 940 16.64 -45.27 4.79
C LYS C 940 17.02 -46.76 4.76
N ASN C 941 17.70 -47.21 3.71
CA ASN C 941 18.14 -48.63 3.54
C ASN C 941 19.25 -48.95 4.55
N ALA C 942 20.19 -48.02 4.76
CA ALA C 942 21.33 -48.15 5.69
C ALA C 942 20.84 -48.20 7.14
N ILE C 943 19.85 -47.36 7.49
CA ILE C 943 19.19 -47.32 8.83
C ILE C 943 18.64 -48.72 9.16
N LEU C 944 17.89 -49.32 8.23
CA LEU C 944 17.17 -50.61 8.43
C LEU C 944 18.17 -51.70 8.84
N ILE C 945 19.44 -51.61 8.41
CA ILE C 945 20.54 -52.55 8.81
C ILE C 945 21.19 -52.04 10.10
N VAL C 946 21.76 -50.83 10.06
CA VAL C 946 22.69 -50.29 11.11
C VAL C 946 21.96 -50.14 12.45
N GLU C 947 20.76 -49.53 12.44
CA GLU C 947 19.96 -49.25 13.67
C GLU C 947 19.62 -50.56 14.37
N PHE C 948 19.21 -51.59 13.62
CA PHE C 948 18.77 -52.91 14.13
C PHE C 948 19.97 -53.68 14.69
N ALA C 949 21.15 -53.52 14.08
CA ALA C 949 22.42 -54.16 14.47
C ALA C 949 22.85 -53.65 15.86
N LYS C 950 22.93 -52.32 16.03
CA LYS C 950 23.32 -51.65 17.29
C LYS C 950 22.34 -52.05 18.40
N ASP C 951 21.04 -52.11 18.08
CA ASP C 951 19.95 -52.41 19.04
C ASP C 951 20.10 -53.86 19.53
N LEU C 952 20.47 -54.79 18.64
CA LEU C 952 20.72 -56.22 18.97
C LEU C 952 21.97 -56.34 19.84
N MET C 953 23.01 -55.54 19.55
CA MET C 953 24.26 -55.48 20.36
C MET C 953 23.95 -54.98 21.77
N ASP C 954 23.15 -53.92 21.89
CA ASP C 954 22.82 -53.24 23.16
C ASP C 954 21.85 -54.10 23.98
N LYS C 955 20.66 -54.38 23.44
CA LYS C 955 19.54 -55.02 24.17
C LYS C 955 19.84 -56.49 24.46
N GLU C 956 20.37 -57.24 23.48
CA GLU C 956 20.51 -58.73 23.55
C GLU C 956 21.97 -59.14 23.79
N GLY C 957 22.91 -58.19 23.83
CA GLY C 957 24.32 -58.41 24.20
C GLY C 957 25.06 -59.27 23.18
N LYS C 958 24.64 -59.24 21.91
CA LYS C 958 25.25 -60.01 20.79
C LYS C 958 26.53 -59.32 20.33
N GLY C 959 27.44 -60.09 19.72
CA GLY C 959 28.71 -59.59 19.15
C GLY C 959 28.48 -58.72 17.93
N LEU C 960 29.48 -57.93 17.54
CA LEU C 960 29.43 -56.98 16.39
C LEU C 960 29.03 -57.72 15.11
N ILE C 961 29.72 -58.83 14.81
CA ILE C 961 29.51 -59.64 13.57
C ILE C 961 28.16 -60.36 13.65
N GLU C 962 27.90 -61.04 14.77
CA GLU C 962 26.67 -61.85 15.01
C GLU C 962 25.42 -60.97 14.84
N ALA C 963 25.44 -59.77 15.45
CA ALA C 963 24.34 -58.79 15.42
C ALA C 963 24.11 -58.29 14.00
N THR C 964 25.19 -57.93 13.29
CA THR C 964 25.18 -57.44 11.89
C THR C 964 24.55 -58.49 10.97
N LEU C 965 24.93 -59.76 11.14
CA LEU C 965 24.45 -60.90 10.31
C LEU C 965 22.96 -61.17 10.59
N ASP C 966 22.57 -61.16 11.86
CA ASP C 966 21.16 -61.34 12.30
C ASP C 966 20.33 -60.15 11.81
N ALA C 967 20.92 -58.95 11.76
CA ALA C 967 20.27 -57.70 11.30
C ALA C 967 19.92 -57.81 9.81
N VAL C 968 20.91 -58.08 8.96
CA VAL C 968 20.77 -58.13 7.47
C VAL C 968 19.80 -59.27 7.10
N ARG C 969 19.85 -60.40 7.81
CA ARG C 969 18.98 -61.58 7.59
C ARG C 969 17.51 -61.18 7.80
N MET C 970 17.20 -60.57 8.94
CA MET C 970 15.82 -60.24 9.38
C MET C 970 15.26 -59.05 8.60
N ARG C 971 16.14 -58.20 8.03
CA ARG C 971 15.75 -56.90 7.41
C ARG C 971 15.94 -56.91 5.89
N LEU C 972 16.26 -58.06 5.27
CA LEU C 972 16.37 -58.16 3.79
C LEU C 972 14.99 -57.98 3.17
N ARG C 973 14.00 -58.75 3.61
CA ARG C 973 12.60 -58.76 3.09
C ARG C 973 12.04 -57.34 3.11
N PRO C 974 11.98 -56.64 4.27
CA PRO C 974 11.41 -55.30 4.32
C PRO C 974 12.20 -54.26 3.50
N ILE C 975 13.52 -54.40 3.41
CA ILE C 975 14.39 -53.50 2.60
C ILE C 975 14.00 -53.64 1.11
N LEU C 976 13.92 -54.87 0.61
CA LEU C 976 13.59 -55.17 -0.81
C LEU C 976 12.12 -54.81 -1.10
N MET C 977 11.22 -55.06 -0.15
CA MET C 977 9.78 -54.70 -0.23
C MET C 977 9.63 -53.19 -0.44
N THR C 978 10.21 -52.39 0.47
CA THR C 978 10.10 -50.92 0.51
C THR C 978 10.89 -50.30 -0.66
N SER C 979 11.99 -50.95 -1.09
CA SER C 979 12.86 -50.49 -2.19
C SER C 979 12.18 -50.71 -3.54
N LEU C 980 11.62 -51.90 -3.76
CA LEU C 980 10.88 -52.26 -5.00
C LEU C 980 9.60 -51.42 -5.10
N ALA C 981 8.95 -51.13 -3.96
CA ALA C 981 7.76 -50.27 -3.86
C ALA C 981 8.06 -48.90 -4.49
N PHE C 982 9.20 -48.31 -4.17
CA PHE C 982 9.66 -47.00 -4.70
C PHE C 982 10.01 -47.12 -6.18
N ILE C 983 10.85 -48.11 -6.52
CA ILE C 983 11.37 -48.36 -7.90
C ILE C 983 10.17 -48.49 -8.87
N LEU C 984 9.19 -49.34 -8.55
CA LEU C 984 7.97 -49.55 -9.36
C LEU C 984 7.00 -48.37 -9.16
N GLY C 985 7.07 -47.72 -7.99
CA GLY C 985 6.29 -46.50 -7.67
C GLY C 985 6.57 -45.36 -8.64
N VAL C 986 7.85 -45.13 -8.95
CA VAL C 986 8.31 -44.00 -9.82
C VAL C 986 8.49 -44.49 -11.27
N MET C 987 8.30 -45.79 -11.54
CA MET C 987 8.50 -46.37 -12.89
C MET C 987 7.58 -45.69 -13.90
N PRO C 988 6.28 -45.47 -13.59
CA PRO C 988 5.37 -44.77 -14.51
C PRO C 988 5.87 -43.38 -14.96
N LEU C 989 6.60 -42.66 -14.10
CA LEU C 989 7.26 -41.37 -14.45
C LEU C 989 8.32 -41.63 -15.53
N VAL C 990 9.08 -42.72 -15.39
CA VAL C 990 10.25 -43.06 -16.24
C VAL C 990 9.76 -43.43 -17.65
N ILE C 991 8.73 -44.28 -17.76
CA ILE C 991 8.27 -44.87 -19.06
C ILE C 991 7.20 -43.97 -19.71
N SER C 992 6.77 -42.90 -19.04
CA SER C 992 5.77 -41.92 -19.55
C SER C 992 6.24 -41.34 -20.88
N THR C 993 5.34 -41.24 -21.86
CA THR C 993 5.61 -40.69 -23.23
C THR C 993 4.60 -39.58 -23.60
N GLY C 994 3.64 -39.27 -22.72
CA GLY C 994 2.54 -38.33 -23.00
C GLY C 994 2.99 -36.88 -22.93
N ALA C 995 2.05 -35.94 -23.04
CA ALA C 995 2.28 -34.48 -22.90
C ALA C 995 2.75 -34.18 -21.48
N GLY C 996 3.96 -33.63 -21.33
CA GLY C 996 4.57 -33.31 -20.02
C GLY C 996 5.47 -34.42 -19.52
N SER C 997 5.77 -35.42 -20.36
CA SER C 997 6.59 -36.61 -20.01
C SER C 997 8.06 -36.22 -19.84
N GLY C 998 8.48 -35.11 -20.46
CA GLY C 998 9.83 -34.53 -20.28
C GLY C 998 10.16 -34.32 -18.81
N ALA C 999 9.23 -33.72 -18.06
CA ALA C 999 9.33 -33.45 -16.62
C ALA C 999 9.24 -34.77 -15.83
N GLN C 1000 8.28 -35.63 -16.19
CA GLN C 1000 8.04 -36.95 -15.54
C GLN C 1000 9.32 -37.80 -15.62
N ASN C 1001 9.89 -37.92 -16.83
CA ASN C 1001 11.11 -38.72 -17.11
C ASN C 1001 12.28 -38.18 -16.28
N ALA C 1002 12.41 -36.85 -16.18
CA ALA C 1002 13.47 -36.14 -15.43
C ALA C 1002 13.36 -36.45 -13.93
N VAL C 1003 12.14 -36.37 -13.38
CA VAL C 1003 11.84 -36.60 -11.94
C VAL C 1003 12.13 -38.07 -11.58
N GLY C 1004 11.71 -39.00 -12.43
CA GLY C 1004 11.64 -40.45 -12.11
C GLY C 1004 12.95 -41.18 -12.34
N THR C 1005 13.65 -40.87 -13.43
CA THR C 1005 14.81 -41.65 -13.97
C THR C 1005 15.94 -41.71 -12.94
N GLY C 1006 16.35 -40.55 -12.40
CA GLY C 1006 17.46 -40.43 -11.43
C GLY C 1006 17.21 -41.24 -10.17
N VAL C 1007 16.07 -40.99 -9.50
CA VAL C 1007 15.71 -41.61 -8.20
C VAL C 1007 15.53 -43.13 -8.36
N MET C 1008 15.02 -43.59 -9.50
CA MET C 1008 14.82 -45.03 -9.79
C MET C 1008 16.19 -45.73 -9.81
N GLY C 1009 17.11 -45.22 -10.62
CA GLY C 1009 18.52 -45.67 -10.64
C GLY C 1009 19.17 -45.54 -9.28
N GLY C 1010 18.87 -44.44 -8.58
CA GLY C 1010 19.35 -44.15 -7.21
C GLY C 1010 18.95 -45.24 -6.24
N MET C 1011 17.69 -45.67 -6.24
CA MET C 1011 17.13 -46.67 -5.30
C MET C 1011 17.65 -48.07 -5.65
N VAL C 1012 17.80 -48.36 -6.95
CA VAL C 1012 18.31 -49.68 -7.47
C VAL C 1012 19.68 -49.96 -6.84
N THR C 1013 20.64 -49.05 -7.02
CA THR C 1013 22.04 -49.18 -6.54
C THR C 1013 22.09 -49.01 -5.01
N ALA C 1014 21.27 -48.11 -4.45
CA ALA C 1014 21.15 -47.87 -2.99
C ALA C 1014 20.47 -49.05 -2.30
N THR C 1015 20.04 -50.06 -3.05
CA THR C 1015 19.49 -51.35 -2.54
C THR C 1015 20.51 -52.46 -2.82
N VAL C 1016 20.84 -52.68 -4.10
CA VAL C 1016 21.72 -53.79 -4.59
C VAL C 1016 23.09 -53.71 -3.90
N LEU C 1017 23.71 -52.52 -3.84
CA LEU C 1017 25.06 -52.31 -3.26
C LEU C 1017 24.97 -52.21 -1.72
N ALA C 1018 23.97 -51.47 -1.21
CA ALA C 1018 23.81 -51.13 0.22
C ALA C 1018 23.78 -52.39 1.08
N ILE C 1019 23.03 -53.42 0.68
CA ILE C 1019 22.82 -54.69 1.45
C ILE C 1019 24.16 -55.43 1.63
N PHE C 1020 25.17 -55.12 0.79
CA PHE C 1020 26.52 -55.75 0.85
C PHE C 1020 27.54 -54.81 1.50
N PHE C 1021 27.41 -53.48 1.33
CA PHE C 1021 28.43 -52.47 1.70
C PHE C 1021 28.13 -51.85 3.07
N VAL C 1022 26.85 -51.73 3.46
CA VAL C 1022 26.44 -51.12 4.76
C VAL C 1022 26.95 -51.97 5.92
N PRO C 1023 26.87 -53.32 5.87
CA PRO C 1023 27.45 -54.17 6.92
C PRO C 1023 28.97 -53.96 7.07
N VAL C 1024 29.66 -53.68 5.97
CA VAL C 1024 31.13 -53.39 5.94
C VAL C 1024 31.37 -52.04 6.63
N PHE C 1025 30.63 -51.00 6.22
CA PHE C 1025 30.72 -49.62 6.79
C PHE C 1025 30.58 -49.69 8.32
N PHE C 1026 29.53 -50.36 8.80
CA PHE C 1026 29.15 -50.48 10.23
C PHE C 1026 30.27 -51.14 11.03
N VAL C 1027 30.70 -52.33 10.60
CA VAL C 1027 31.72 -53.18 11.31
C VAL C 1027 33.06 -52.45 11.35
N VAL C 1028 33.54 -51.94 10.20
CA VAL C 1028 34.85 -51.24 10.06
C VAL C 1028 34.85 -50.00 10.97
N VAL C 1029 33.75 -49.23 10.98
CA VAL C 1029 33.61 -47.99 11.80
C VAL C 1029 33.55 -48.36 13.28
N ARG C 1030 32.76 -49.38 13.65
CA ARG C 1030 32.61 -49.84 15.06
C ARG C 1030 33.97 -50.25 15.62
N ARG C 1031 34.79 -50.94 14.81
CA ARG C 1031 36.11 -51.51 15.23
C ARG C 1031 37.16 -50.41 15.32
N ARG C 1032 37.21 -49.50 14.35
CA ARG C 1032 38.21 -48.40 14.26
C ARG C 1032 37.93 -47.37 15.36
N PHE C 1033 36.66 -47.15 15.71
CA PHE C 1033 36.19 -46.14 16.72
C PHE C 1033 35.35 -46.85 17.80
N SER C 1034 35.96 -47.84 18.46
CA SER C 1034 35.37 -48.65 19.55
C SER C 1034 34.98 -47.74 20.73
N SER D 12 28.58 51.90 12.63
CA SER D 12 29.19 51.62 13.97
C SER D 12 28.47 50.43 14.64
N ASP D 13 29.14 49.82 15.63
CA ASP D 13 28.63 48.65 16.42
C ASP D 13 27.29 49.01 17.05
N LEU D 14 27.23 50.14 17.77
CA LEU D 14 26.04 50.61 18.52
C LEU D 14 24.96 51.10 17.53
N GLY D 15 25.37 51.79 16.46
CA GLY D 15 24.47 52.27 15.39
C GLY D 15 23.63 51.14 14.82
N LYS D 16 24.24 49.98 14.58
CA LYS D 16 23.56 48.76 14.06
C LYS D 16 22.67 48.15 15.15
N LYS D 17 23.11 48.21 16.42
CA LYS D 17 22.32 47.72 17.59
C LYS D 17 21.08 48.60 17.78
N LEU D 18 21.18 49.90 17.51
CA LEU D 18 20.05 50.87 17.63
C LEU D 18 19.02 50.61 16.53
N LEU D 19 19.46 50.27 15.32
CA LEU D 19 18.59 49.90 14.18
C LEU D 19 17.69 48.72 14.58
N GLU D 20 18.28 47.68 15.19
CA GLU D 20 17.56 46.45 15.60
C GLU D 20 16.59 46.77 16.75
N ALA D 21 17.01 47.61 17.69
CA ALA D 21 16.24 48.02 18.89
C ALA D 21 15.02 48.84 18.47
N ALA D 22 15.22 49.86 17.64
CA ALA D 22 14.18 50.78 17.13
C ALA D 22 13.11 49.99 16.38
N ARG D 23 13.54 49.07 15.50
CA ARG D 23 12.67 48.15 14.72
C ARG D 23 11.86 47.26 15.68
N ALA D 24 12.56 46.60 16.62
CA ALA D 24 12.00 45.57 17.53
C ALA D 24 11.06 46.20 18.56
N GLY D 25 11.16 47.52 18.78
CA GLY D 25 10.34 48.25 19.75
C GLY D 25 10.84 48.09 21.17
N ARG D 26 12.13 47.74 21.34
CA ARG D 26 12.79 47.55 22.65
C ARG D 26 13.11 48.93 23.24
N ASP D 27 12.11 49.55 23.88
CA ASP D 27 12.15 50.94 24.42
C ASP D 27 13.32 51.10 25.41
N ASP D 28 13.47 50.14 26.33
CA ASP D 28 14.46 50.19 27.45
C ASP D 28 15.89 50.04 26.91
N GLU D 29 16.08 49.30 25.80
CA GLU D 29 17.40 49.14 25.15
C GLU D 29 17.76 50.45 24.45
N VAL D 30 16.83 51.03 23.69
CA VAL D 30 16.99 52.35 22.99
C VAL D 30 17.39 53.41 24.02
N ARG D 31 16.75 53.41 25.20
CA ARG D 31 17.04 54.32 26.33
C ARG D 31 18.53 54.25 26.68
N ILE D 32 19.07 53.03 26.84
CA ILE D 32 20.49 52.78 27.22
C ILE D 32 21.41 53.21 26.07
N LEU D 33 21.00 52.93 24.82
CA LEU D 33 21.79 53.23 23.59
C LEU D 33 21.92 54.75 23.40
N MET D 34 20.85 55.51 23.68
CA MET D 34 20.83 56.99 23.60
C MET D 34 21.79 57.57 24.65
N ALA D 35 21.86 56.95 25.83
CA ALA D 35 22.75 57.36 26.96
C ALA D 35 24.22 57.10 26.59
N ASN D 36 24.49 56.00 25.86
CA ASN D 36 25.85 55.57 25.45
C ASN D 36 26.25 56.29 24.14
N GLY D 37 25.31 56.92 23.46
CA GLY D 37 25.56 57.78 22.28
C GLY D 37 25.60 56.99 20.99
N ALA D 38 24.68 56.02 20.82
CA ALA D 38 24.50 55.23 19.59
C ALA D 38 24.03 56.15 18.44
N ASP D 39 24.72 56.12 17.30
CA ASP D 39 24.49 57.03 16.14
C ASP D 39 23.03 56.94 15.70
N VAL D 40 22.29 58.05 15.83
CA VAL D 40 20.85 58.16 15.45
C VAL D 40 20.73 58.33 13.93
N ASN D 41 21.82 58.67 13.24
CA ASN D 41 21.88 58.82 11.76
C ASN D 41 22.45 57.54 11.12
N ALA D 42 22.59 56.47 11.90
CA ALA D 42 22.96 55.12 11.42
C ALA D 42 21.95 54.69 10.35
N ALA D 43 22.40 54.07 9.26
CA ALA D 43 21.56 53.66 8.11
C ALA D 43 22.02 52.30 7.58
N ASP D 44 21.06 51.45 7.20
CA ASP D 44 21.31 50.13 6.55
C ASP D 44 21.52 50.37 5.04
N VAL D 45 21.63 49.30 4.25
CA VAL D 45 21.97 49.34 2.79
C VAL D 45 20.91 50.13 2.02
N VAL D 46 19.64 50.07 2.44
CA VAL D 46 18.49 50.72 1.73
C VAL D 46 18.35 52.18 2.20
N GLY D 47 19.10 52.59 3.23
CA GLY D 47 19.18 53.98 3.71
C GLY D 47 18.12 54.30 4.75
N TRP D 48 17.73 53.31 5.56
CA TRP D 48 16.71 53.44 6.64
C TRP D 48 17.40 53.72 7.97
N THR D 49 17.08 54.87 8.58
CA THR D 49 17.56 55.30 9.92
C THR D 49 16.73 54.60 10.99
N PRO D 50 17.15 54.61 12.28
CA PRO D 50 16.31 54.12 13.37
C PRO D 50 14.90 54.72 13.38
N LEU D 51 14.77 55.99 12.99
CA LEU D 51 13.47 56.72 12.92
C LEU D 51 12.59 56.12 11.82
N HIS D 52 13.16 55.85 10.64
CA HIS D 52 12.49 55.14 9.51
C HIS D 52 11.84 53.85 10.04
N LEU D 53 12.63 53.01 10.70
CA LEU D 53 12.22 51.68 11.23
C LEU D 53 11.09 51.86 12.26
N ALA D 54 11.27 52.76 13.22
CA ALA D 54 10.30 53.07 14.30
C ALA D 54 8.96 53.53 13.68
N ALA D 55 9.03 54.38 12.65
CA ALA D 55 7.86 54.94 11.93
C ALA D 55 7.11 53.82 11.19
N TYR D 56 7.85 52.92 10.53
CA TYR D 56 7.32 51.78 9.73
C TYR D 56 6.59 50.80 10.66
N TRP D 57 7.27 50.34 11.72
CA TRP D 57 6.77 49.30 12.66
C TRP D 57 5.84 49.91 13.71
N GLY D 58 5.78 51.25 13.80
CA GLY D 58 4.79 51.98 14.61
C GLY D 58 5.15 51.99 16.09
N HIS D 59 6.37 52.38 16.43
CA HIS D 59 6.91 52.47 17.81
C HIS D 59 7.01 53.95 18.22
N LEU D 60 5.95 54.47 18.86
CA LEU D 60 5.72 55.91 19.13
C LEU D 60 6.79 56.46 20.10
N GLU D 61 6.96 55.81 21.26
CA GLU D 61 7.88 56.26 22.35
C GLU D 61 9.30 56.40 21.78
N ILE D 62 9.74 55.43 20.97
CA ILE D 62 11.11 55.41 20.35
C ILE D 62 11.21 56.54 19.31
N VAL D 63 10.15 56.78 18.54
CA VAL D 63 10.06 57.92 17.57
C VAL D 63 10.32 59.22 18.34
N GLU D 64 9.65 59.40 19.48
CA GLU D 64 9.75 60.61 20.35
C GLU D 64 11.17 60.70 20.94
N VAL D 65 11.71 59.59 21.44
CA VAL D 65 13.05 59.51 22.10
C VAL D 65 14.14 59.82 21.06
N LEU D 66 14.01 59.31 19.83
CA LEU D 66 15.00 59.50 18.73
C LEU D 66 15.01 60.98 18.31
N LEU D 67 13.83 61.60 18.17
CA LEU D 67 13.68 63.03 17.76
C LEU D 67 14.27 63.94 18.86
N LYS D 68 14.09 63.58 20.13
CA LYS D 68 14.69 64.29 21.29
C LYS D 68 16.22 64.20 21.22
N ASN D 69 16.75 63.09 20.69
CA ASN D 69 18.21 62.84 20.56
C ASN D 69 18.69 63.19 19.14
N GLY D 70 18.16 64.27 18.56
CA GLY D 70 18.68 64.93 17.35
C GLY D 70 18.73 64.02 16.14
N ALA D 71 17.69 63.22 15.91
CA ALA D 71 17.50 62.39 14.70
C ALA D 71 16.97 63.27 13.56
N ASP D 72 17.43 63.04 12.33
CA ASP D 72 16.95 63.75 11.11
C ASP D 72 15.51 63.29 10.84
N VAL D 73 14.54 64.19 11.02
CA VAL D 73 13.08 63.93 10.81
C VAL D 73 12.81 63.79 9.31
N ASN D 74 13.66 64.38 8.46
CA ASN D 74 13.51 64.39 6.98
C ASN D 74 14.62 63.56 6.32
N ALA D 75 15.16 62.57 7.05
CA ALA D 75 16.09 61.54 6.50
C ALA D 75 15.36 60.78 5.39
N TYR D 76 15.99 60.62 4.23
CA TYR D 76 15.40 59.94 3.04
C TYR D 76 16.24 58.71 2.67
N ASP D 77 15.56 57.61 2.37
CA ASP D 77 16.18 56.31 1.94
C ASP D 77 16.69 56.46 0.51
N THR D 78 17.27 55.40 -0.06
CA THR D 78 17.93 55.41 -1.39
C THR D 78 16.90 55.56 -2.52
N LEU D 79 15.60 55.52 -2.20
CA LEU D 79 14.49 55.78 -3.16
C LEU D 79 13.69 57.03 -2.74
N GLY D 80 14.21 57.81 -1.77
CA GLY D 80 13.74 59.17 -1.46
C GLY D 80 12.60 59.22 -0.46
N SER D 81 12.25 58.09 0.17
CA SER D 81 11.15 57.97 1.16
C SER D 81 11.63 58.41 2.55
N THR D 82 10.81 59.19 3.26
CA THR D 82 11.07 59.76 4.61
C THR D 82 10.28 58.95 5.65
N PRO D 83 10.54 59.13 6.97
CA PRO D 83 9.75 58.45 8.00
C PRO D 83 8.25 58.78 7.95
N LEU D 84 7.89 60.02 7.57
CA LEU D 84 6.49 60.49 7.46
C LEU D 84 5.76 59.71 6.36
N HIS D 85 6.47 59.40 5.26
CA HIS D 85 5.97 58.51 4.17
C HIS D 85 5.52 57.17 4.78
N LEU D 86 6.39 56.56 5.60
CA LEU D 86 6.17 55.23 6.21
C LEU D 86 5.05 55.31 7.26
N ALA D 87 5.11 56.32 8.15
CA ALA D 87 4.12 56.57 9.21
C ALA D 87 2.72 56.74 8.59
N ALA D 88 2.60 57.57 7.55
CA ALA D 88 1.33 57.91 6.87
C ALA D 88 0.76 56.68 6.15
N HIS D 89 1.62 55.91 5.48
CA HIS D 89 1.24 54.75 4.62
C HIS D 89 0.68 53.61 5.47
N PHE D 90 1.25 53.37 6.66
CA PHE D 90 0.94 52.20 7.53
C PHE D 90 0.03 52.60 8.70
N GLY D 91 -0.56 53.80 8.63
CA GLY D 91 -1.73 54.20 9.45
C GLY D 91 -1.37 54.54 10.90
N HIS D 92 -0.14 54.96 11.16
CA HIS D 92 0.36 55.31 12.51
C HIS D 92 0.09 56.80 12.79
N LEU D 93 -1.15 57.12 13.20
CA LEU D 93 -1.68 58.50 13.37
C LEU D 93 -0.79 59.30 14.32
N GLU D 94 -0.49 58.75 15.50
CA GLU D 94 0.24 59.46 16.59
C GLU D 94 1.65 59.81 16.11
N ILE D 95 2.31 58.91 15.38
CA ILE D 95 3.69 59.10 14.84
C ILE D 95 3.66 60.18 13.75
N VAL D 96 2.63 60.20 12.91
CA VAL D 96 2.43 61.25 11.85
C VAL D 96 2.40 62.63 12.52
N GLU D 97 1.64 62.76 13.61
CA GLU D 97 1.48 64.03 14.37
C GLU D 97 2.83 64.45 14.96
N VAL D 98 3.48 63.54 15.70
CA VAL D 98 4.78 63.77 16.40
C VAL D 98 5.83 64.23 15.36
N LEU D 99 5.87 63.58 14.20
CA LEU D 99 6.84 63.88 13.10
C LEU D 99 6.61 65.30 12.56
N LEU D 100 5.35 65.63 12.25
CA LEU D 100 4.96 66.94 11.67
C LEU D 100 5.24 68.07 12.67
N LYS D 101 5.05 67.82 13.97
CA LYS D 101 5.33 68.78 15.07
C LYS D 101 6.84 69.03 15.19
N ASN D 102 7.67 68.04 14.83
CA ASN D 102 9.15 68.12 14.89
C ASN D 102 9.71 68.52 13.52
N GLY D 103 8.86 69.03 12.62
CA GLY D 103 9.26 69.73 11.38
C GLY D 103 9.46 68.80 10.20
N ALA D 104 8.72 67.69 10.13
CA ALA D 104 8.73 66.75 8.98
C ALA D 104 8.11 67.45 7.77
N ASP D 105 8.78 67.38 6.61
CA ASP D 105 8.30 67.98 5.33
C ASP D 105 7.03 67.22 4.91
N VAL D 106 5.88 67.89 4.98
CA VAL D 106 4.53 67.32 4.70
C VAL D 106 4.39 67.07 3.19
N ASN D 107 5.14 67.79 2.37
CA ASN D 107 5.08 67.74 0.88
C ASN D 107 6.34 67.04 0.33
N ALA D 108 7.02 66.22 1.13
CA ALA D 108 8.22 65.45 0.74
C ALA D 108 7.86 64.49 -0.39
N LYS D 109 8.52 64.63 -1.55
CA LYS D 109 8.36 63.72 -2.72
C LYS D 109 9.48 62.67 -2.71
N ASP D 110 9.11 61.39 -2.84
CA ASP D 110 10.08 60.28 -3.10
C ASP D 110 10.50 60.36 -4.57
N ASP D 111 11.28 59.39 -5.05
CA ASP D 111 11.83 59.37 -6.43
C ASP D 111 10.69 59.17 -7.45
N ASN D 112 9.52 58.71 -7.00
CA ASN D 112 8.32 58.47 -7.84
C ASN D 112 7.43 59.73 -7.88
N GLY D 113 7.74 60.74 -7.07
CA GLY D 113 6.92 61.95 -6.89
C GLY D 113 5.74 61.70 -5.95
N ILE D 114 5.77 60.59 -5.21
CA ILE D 114 4.71 60.18 -4.23
C ILE D 114 4.94 60.93 -2.92
N THR D 115 3.88 61.48 -2.34
CA THR D 115 3.87 62.27 -1.08
C THR D 115 3.24 61.44 0.02
N PRO D 116 3.38 61.82 1.31
CA PRO D 116 2.68 61.15 2.41
C PRO D 116 1.15 61.14 2.23
N LEU D 117 0.59 62.19 1.61
CA LEU D 117 -0.87 62.32 1.33
C LEU D 117 -1.30 61.23 0.34
N HIS D 118 -0.53 61.02 -0.72
CA HIS D 118 -0.76 59.96 -1.74
C HIS D 118 -0.89 58.59 -1.04
N LEU D 119 0.09 58.26 -0.19
CA LEU D 119 0.20 56.94 0.50
C LEU D 119 -0.96 56.77 1.49
N ALA D 120 -1.26 57.82 2.26
CA ALA D 120 -2.38 57.86 3.24
C ALA D 120 -3.71 57.67 2.50
N ALA D 121 -3.91 58.38 1.38
CA ALA D 121 -5.11 58.32 0.52
C ALA D 121 -5.28 56.90 -0.05
N ASN D 122 -4.18 56.26 -0.48
CA ASN D 122 -4.18 54.94 -1.16
C ASN D 122 -4.65 53.85 -0.18
N ARG D 123 -4.34 54.00 1.12
CA ARG D 123 -4.68 53.02 2.18
C ARG D 123 -5.94 53.47 2.94
N GLY D 124 -6.50 54.62 2.58
CA GLY D 124 -7.77 55.15 3.14
C GLY D 124 -7.64 55.49 4.62
N HIS D 125 -6.53 56.13 5.02
CA HIS D 125 -6.26 56.60 6.40
C HIS D 125 -6.81 58.02 6.56
N LEU D 126 -8.10 58.14 6.89
CA LEU D 126 -8.89 59.41 6.88
C LEU D 126 -8.30 60.39 7.89
N GLU D 127 -8.06 59.94 9.12
CA GLU D 127 -7.51 60.76 10.24
C GLU D 127 -6.17 61.37 9.82
N ILE D 128 -5.27 60.55 9.26
CA ILE D 128 -3.90 60.97 8.82
C ILE D 128 -4.02 62.00 7.69
N VAL D 129 -4.89 61.76 6.70
CA VAL D 129 -5.13 62.67 5.55
C VAL D 129 -5.48 64.07 6.09
N GLU D 130 -6.42 64.15 7.04
CA GLU D 130 -6.91 65.42 7.64
C GLU D 130 -5.78 66.09 8.42
N VAL D 131 -4.91 65.31 9.07
CA VAL D 131 -3.73 65.83 9.84
C VAL D 131 -2.71 66.41 8.85
N LEU D 132 -2.46 65.72 7.73
CA LEU D 132 -1.51 66.16 6.68
C LEU D 132 -2.04 67.43 6.01
N LEU D 133 -3.34 67.48 5.71
CA LEU D 133 -4.03 68.66 5.10
C LEU D 133 -3.97 69.85 6.08
N LYS D 134 -4.10 69.60 7.38
CA LYS D 134 -4.02 70.62 8.46
C LYS D 134 -2.62 71.26 8.46
N TYR D 135 -1.56 70.45 8.27
CA TYR D 135 -0.15 70.88 8.33
C TYR D 135 0.33 71.38 6.95
N GLY D 136 -0.59 71.51 5.99
CA GLY D 136 -0.36 72.20 4.71
C GLY D 136 0.11 71.26 3.61
N ALA D 137 -0.43 70.04 3.54
CA ALA D 137 -0.18 69.06 2.47
C ALA D 137 -0.79 69.59 1.15
N ASP D 138 0.02 69.69 0.10
CA ASP D 138 -0.41 70.16 -1.24
C ASP D 138 -1.36 69.11 -1.83
N VAL D 139 -2.67 69.42 -1.83
CA VAL D 139 -3.77 68.50 -2.27
C VAL D 139 -3.68 68.28 -3.78
N ASN D 140 -3.06 69.22 -4.51
CA ASN D 140 -2.90 69.20 -5.99
C ASN D 140 -1.55 68.60 -6.38
N ALA D 141 -0.76 68.09 -5.42
CA ALA D 141 0.55 67.45 -5.65
C ALA D 141 0.36 66.21 -6.52
N GLN D 142 1.10 66.12 -7.63
CA GLN D 142 1.02 65.01 -8.63
C GLN D 142 2.28 64.14 -8.54
N ASP D 143 2.13 62.83 -8.71
CA ASP D 143 3.25 61.86 -8.82
C ASP D 143 3.71 61.83 -10.28
N LYS D 144 4.67 60.94 -10.60
CA LYS D 144 5.28 60.80 -11.96
C LYS D 144 4.20 60.47 -13.01
N PHE D 145 3.07 59.91 -12.59
CA PHE D 145 1.93 59.52 -13.48
C PHE D 145 0.86 60.62 -13.49
N GLY D 146 1.16 61.81 -12.97
CA GLY D 146 0.25 62.97 -12.94
C GLY D 146 -1.01 62.70 -12.13
N LYS D 147 -0.89 61.90 -11.05
CA LYS D 147 -2.02 61.49 -10.18
C LYS D 147 -1.97 62.27 -8.86
N THR D 148 -3.12 62.79 -8.43
CA THR D 148 -3.32 63.45 -7.11
C THR D 148 -3.91 62.43 -6.13
N ALA D 149 -3.95 62.78 -4.84
CA ALA D 149 -4.57 61.97 -3.75
C ALA D 149 -6.06 61.78 -4.05
N PHE D 150 -6.69 62.74 -4.74
CA PHE D 150 -8.11 62.71 -5.17
C PHE D 150 -8.31 61.62 -6.24
N ASP D 151 -7.44 61.58 -7.25
CA ASP D 151 -7.47 60.56 -8.34
C ASP D 151 -7.41 59.16 -7.73
N ILE D 152 -6.58 58.97 -6.70
CA ILE D 152 -6.41 57.69 -5.95
C ILE D 152 -7.74 57.33 -5.27
N SER D 153 -8.38 58.29 -4.61
CA SER D 153 -9.64 58.12 -3.84
C SER D 153 -10.78 57.69 -4.79
N ILE D 154 -10.85 58.30 -5.97
CA ILE D 154 -11.85 57.99 -7.04
C ILE D 154 -11.61 56.57 -7.56
N ASN D 155 -10.36 56.22 -7.86
CA ASN D 155 -9.96 54.92 -8.44
C ASN D 155 -10.23 53.80 -7.42
N ASN D 156 -9.97 54.05 -6.14
CA ASN D 156 -10.18 53.09 -5.02
C ASN D 156 -11.69 52.95 -4.72
N GLY D 157 -12.47 53.99 -5.03
CA GLY D 157 -13.92 54.06 -4.74
C GLY D 157 -14.18 54.44 -3.29
N ASN D 158 -13.26 55.19 -2.68
CA ASN D 158 -13.34 55.68 -1.28
C ASN D 158 -14.16 56.98 -1.28
N GLU D 159 -15.48 56.87 -1.03
CA GLU D 159 -16.45 58.01 -1.13
C GLU D 159 -16.19 59.00 0.02
N ASP D 160 -15.85 58.50 1.20
CA ASP D 160 -15.52 59.33 2.40
C ASP D 160 -14.30 60.21 2.10
N LEU D 161 -13.21 59.59 1.62
CA LEU D 161 -11.92 60.26 1.33
C LEU D 161 -12.10 61.25 0.17
N ALA D 162 -12.80 60.84 -0.89
CA ALA D 162 -13.12 61.65 -2.09
C ALA D 162 -13.78 62.96 -1.67
N GLU D 163 -14.64 62.92 -0.63
CA GLU D 163 -15.38 64.08 -0.09
C GLU D 163 -14.42 65.01 0.67
N ILE D 164 -13.55 64.42 1.51
CA ILE D 164 -12.56 65.16 2.38
C ILE D 164 -11.62 65.97 1.49
N LEU D 165 -11.17 65.42 0.36
CA LEU D 165 -10.20 66.04 -0.58
C LEU D 165 -10.94 66.96 -1.57
N GLN D 166 -12.22 67.27 -1.33
CA GLN D 166 -13.04 68.23 -2.10
C GLN D 166 -13.68 69.24 -1.14
N LEU E 14 -54.47 19.24 -13.68
CA LEU E 14 -55.26 18.40 -14.63
C LEU E 14 -54.64 18.50 -16.03
N GLY E 15 -54.39 19.73 -16.50
CA GLY E 15 -53.67 20.01 -17.76
C GLY E 15 -52.22 19.55 -17.67
N LYS E 16 -51.67 19.50 -16.45
CA LYS E 16 -50.30 18.99 -16.16
C LYS E 16 -50.26 17.48 -16.37
N LYS E 17 -51.29 16.75 -15.91
CA LYS E 17 -51.40 15.27 -16.00
C LYS E 17 -51.58 14.85 -17.47
N LEU E 18 -52.18 15.72 -18.30
CA LEU E 18 -52.39 15.48 -19.75
C LEU E 18 -51.04 15.55 -20.49
N LEU E 19 -50.23 16.56 -20.18
CA LEU E 19 -48.87 16.77 -20.76
C LEU E 19 -48.01 15.52 -20.49
N GLU E 20 -48.02 15.02 -19.26
CA GLU E 20 -47.23 13.84 -18.81
C GLU E 20 -47.75 12.57 -19.50
N ALA E 21 -49.07 12.45 -19.63
CA ALA E 21 -49.76 11.28 -20.25
C ALA E 21 -49.45 11.22 -21.75
N ALA E 22 -49.42 12.38 -22.42
CA ALA E 22 -49.12 12.53 -23.86
C ALA E 22 -47.67 12.13 -24.13
N ARG E 23 -46.74 12.58 -23.27
CA ARG E 23 -45.28 12.31 -23.35
C ARG E 23 -45.02 10.81 -23.20
N ALA E 24 -45.64 10.17 -22.22
CA ALA E 24 -45.42 8.75 -21.84
C ALA E 24 -46.01 7.81 -22.89
N GLY E 25 -46.97 8.27 -23.69
CA GLY E 25 -47.64 7.48 -24.75
C GLY E 25 -48.79 6.65 -24.20
N ARG E 26 -49.46 7.16 -23.16
CA ARG E 26 -50.58 6.46 -22.45
C ARG E 26 -51.91 6.79 -23.14
N ASP E 27 -52.24 6.07 -24.21
CA ASP E 27 -53.43 6.30 -25.07
C ASP E 27 -54.70 6.44 -24.21
N ASP E 28 -54.95 5.46 -23.34
CA ASP E 28 -56.18 5.38 -22.49
C ASP E 28 -56.25 6.61 -21.57
N GLU E 29 -55.13 6.97 -20.95
CA GLU E 29 -55.02 8.07 -19.95
C GLU E 29 -55.41 9.42 -20.59
N VAL E 30 -54.98 9.66 -21.82
CA VAL E 30 -55.23 10.93 -22.58
C VAL E 30 -56.74 11.14 -22.72
N ARG E 31 -57.48 10.06 -23.04
CA ARG E 31 -58.97 10.08 -23.22
C ARG E 31 -59.66 10.37 -21.89
N ILE E 32 -59.24 9.69 -20.82
CA ILE E 32 -59.86 9.78 -19.45
C ILE E 32 -59.73 11.22 -18.94
N LEU E 33 -58.58 11.87 -19.20
CA LEU E 33 -58.27 13.24 -18.72
C LEU E 33 -59.10 14.27 -19.48
N MET E 34 -59.39 14.01 -20.77
CA MET E 34 -60.20 14.93 -21.65
C MET E 34 -61.69 14.61 -21.52
N ALA E 35 -62.04 13.43 -20.99
CA ALA E 35 -63.42 13.08 -20.56
C ALA E 35 -63.78 13.89 -19.30
N ASN E 36 -62.77 14.27 -18.51
CA ASN E 36 -62.89 15.14 -17.32
C ASN E 36 -62.64 16.60 -17.70
N GLY E 37 -62.30 16.87 -18.97
CA GLY E 37 -62.24 18.22 -19.57
C GLY E 37 -60.93 18.93 -19.29
N ALA E 38 -59.80 18.23 -19.45
CA ALA E 38 -58.43 18.79 -19.34
C ALA E 38 -58.15 19.68 -20.55
N ASP E 39 -57.46 20.81 -20.33
CA ASP E 39 -57.11 21.81 -21.38
C ASP E 39 -56.19 21.13 -22.40
N VAL E 40 -56.70 20.91 -23.63
CA VAL E 40 -55.97 20.24 -24.75
C VAL E 40 -54.78 21.11 -25.20
N ASN E 41 -54.85 22.43 -24.96
CA ASN E 41 -53.79 23.41 -25.34
C ASN E 41 -53.04 23.88 -24.08
N ALA E 42 -53.03 23.07 -23.01
CA ALA E 42 -52.23 23.30 -21.79
C ALA E 42 -50.74 23.28 -22.16
N ALA E 43 -49.99 24.32 -21.76
CA ALA E 43 -48.58 24.53 -22.14
C ALA E 43 -47.67 24.39 -20.91
N ASP E 44 -46.52 23.72 -21.06
CA ASP E 44 -45.49 23.57 -20.00
C ASP E 44 -44.59 24.81 -20.01
N VAL E 45 -43.51 24.79 -19.23
CA VAL E 45 -42.61 25.96 -18.98
C VAL E 45 -41.98 26.45 -20.29
N VAL E 46 -41.72 25.56 -21.25
CA VAL E 46 -41.06 25.90 -22.56
C VAL E 46 -42.13 26.13 -23.64
N GLY E 47 -43.41 25.97 -23.31
CA GLY E 47 -44.56 26.28 -24.18
C GLY E 47 -44.95 25.10 -25.07
N TRP E 48 -44.77 23.87 -24.59
CA TRP E 48 -45.11 22.63 -25.32
C TRP E 48 -46.49 22.12 -24.87
N THR E 49 -47.39 21.95 -25.84
CA THR E 49 -48.76 21.38 -25.67
C THR E 49 -48.66 19.86 -25.66
N PRO E 50 -49.72 19.12 -25.24
CA PRO E 50 -49.76 17.67 -25.40
C PRO E 50 -49.46 17.21 -26.83
N LEU E 51 -49.92 17.99 -27.83
CA LEU E 51 -49.74 17.71 -29.28
C LEU E 51 -48.26 17.85 -29.65
N HIS E 52 -47.55 18.83 -29.08
CA HIS E 52 -46.08 19.02 -29.20
C HIS E 52 -45.37 17.74 -28.76
N LEU E 53 -45.70 17.24 -27.57
CA LEU E 53 -45.02 16.09 -26.91
C LEU E 53 -45.31 14.80 -27.69
N ALA E 54 -46.55 14.60 -28.14
CA ALA E 54 -46.98 13.44 -28.95
C ALA E 54 -46.25 13.44 -30.30
N ALA E 55 -46.05 14.62 -30.89
CA ALA E 55 -45.35 14.83 -32.19
C ALA E 55 -43.86 14.50 -32.03
N TYR E 56 -43.26 14.92 -30.92
CA TYR E 56 -41.80 14.76 -30.62
C TYR E 56 -41.47 13.28 -30.40
N TRP E 57 -42.15 12.64 -29.44
CA TRP E 57 -41.90 11.23 -29.03
C TRP E 57 -42.56 10.27 -30.01
N GLY E 58 -43.39 10.78 -30.94
CA GLY E 58 -43.94 10.03 -32.08
C GLY E 58 -45.07 9.10 -31.67
N HIS E 59 -46.04 9.61 -30.90
CA HIS E 59 -47.23 8.87 -30.42
C HIS E 59 -48.42 9.20 -31.33
N LEU E 60 -48.48 8.53 -32.48
CA LEU E 60 -49.48 8.74 -33.57
C LEU E 60 -50.91 8.71 -33.01
N GLU E 61 -51.22 7.71 -32.17
CA GLU E 61 -52.59 7.47 -31.63
C GLU E 61 -53.04 8.68 -30.79
N ILE E 62 -52.13 9.31 -30.05
CA ILE E 62 -52.41 10.47 -29.15
C ILE E 62 -52.60 11.74 -30.00
N VAL E 63 -51.80 11.90 -31.06
CA VAL E 63 -51.89 13.06 -32.00
C VAL E 63 -53.31 13.13 -32.58
N GLU E 64 -53.86 11.99 -33.00
CA GLU E 64 -55.21 11.87 -33.59
C GLU E 64 -56.28 12.21 -32.53
N VAL E 65 -56.15 11.63 -31.34
CA VAL E 65 -57.13 11.77 -30.21
C VAL E 65 -57.16 13.25 -29.75
N LEU E 66 -56.01 13.90 -29.66
CA LEU E 66 -55.89 15.32 -29.21
C LEU E 66 -56.56 16.25 -30.23
N LEU E 67 -56.27 16.06 -31.52
CA LEU E 67 -56.74 16.94 -32.64
C LEU E 67 -58.26 16.92 -32.74
N LYS E 68 -58.89 15.75 -32.55
CA LYS E 68 -60.37 15.57 -32.67
C LYS E 68 -61.07 16.26 -31.48
N ASN E 69 -60.35 16.46 -30.37
CA ASN E 69 -60.84 17.15 -29.15
C ASN E 69 -60.47 18.64 -29.20
N GLY E 70 -60.19 19.17 -30.40
CA GLY E 70 -60.00 20.61 -30.66
C GLY E 70 -58.67 21.12 -30.15
N ALA E 71 -57.59 20.34 -30.32
CA ALA E 71 -56.20 20.74 -30.00
C ALA E 71 -55.72 21.73 -31.07
N ASP E 72 -55.08 22.83 -30.65
CA ASP E 72 -54.50 23.87 -31.55
C ASP E 72 -53.37 23.22 -32.35
N VAL E 73 -53.60 22.96 -33.63
CA VAL E 73 -52.65 22.27 -34.55
C VAL E 73 -51.46 23.20 -34.84
N ASN E 74 -51.66 24.52 -34.73
CA ASN E 74 -50.63 25.56 -35.02
C ASN E 74 -50.15 26.19 -33.71
N ALA E 75 -50.28 25.49 -32.58
CA ALA E 75 -49.67 25.84 -31.27
C ALA E 75 -48.15 25.97 -31.47
N TYR E 76 -47.55 27.06 -30.99
CA TYR E 76 -46.10 27.32 -31.10
C TYR E 76 -45.50 27.54 -29.70
N ASP E 77 -44.30 27.00 -29.47
CA ASP E 77 -43.56 27.07 -28.17
C ASP E 77 -42.95 28.48 -28.04
N THR E 78 -42.17 28.71 -26.98
CA THR E 78 -41.58 30.05 -26.65
C THR E 78 -40.44 30.39 -27.61
N LEU E 79 -40.11 29.50 -28.56
CA LEU E 79 -39.14 29.74 -29.65
C LEU E 79 -39.82 29.65 -31.04
N GLY E 80 -41.15 29.45 -31.07
CA GLY E 80 -41.98 29.55 -32.29
C GLY E 80 -42.14 28.22 -33.03
N SER E 81 -41.65 27.12 -32.46
CA SER E 81 -41.73 25.76 -33.06
C SER E 81 -43.13 25.17 -32.84
N THR E 82 -43.74 24.65 -33.92
CA THR E 82 -45.08 23.99 -33.93
C THR E 82 -44.89 22.47 -33.92
N PRO E 83 -45.92 21.67 -33.58
CA PRO E 83 -45.82 20.21 -33.64
C PRO E 83 -45.34 19.65 -34.99
N LEU E 84 -45.72 20.29 -36.11
CA LEU E 84 -45.32 19.89 -37.47
C LEU E 84 -43.80 19.99 -37.62
N HIS E 85 -43.18 21.00 -37.00
CA HIS E 85 -41.70 21.17 -36.92
C HIS E 85 -41.08 19.92 -36.29
N LEU E 86 -41.64 19.43 -35.19
CA LEU E 86 -41.10 18.30 -34.37
C LEU E 86 -41.25 16.98 -35.13
N ALA E 87 -42.44 16.73 -35.70
CA ALA E 87 -42.79 15.49 -36.43
C ALA E 87 -41.93 15.38 -37.70
N ALA E 88 -41.75 16.49 -38.42
CA ALA E 88 -40.96 16.58 -39.67
C ALA E 88 -39.48 16.31 -39.37
N HIS E 89 -38.98 16.77 -38.22
CA HIS E 89 -37.55 16.74 -37.82
C HIS E 89 -37.14 15.33 -37.37
N PHE E 90 -38.03 14.63 -36.66
CA PHE E 90 -37.76 13.31 -36.01
C PHE E 90 -38.34 12.16 -36.85
N GLY E 91 -38.75 12.44 -38.09
CA GLY E 91 -39.10 11.42 -39.10
C GLY E 91 -40.38 10.66 -38.76
N HIS E 92 -41.41 11.35 -38.30
CA HIS E 92 -42.75 10.77 -37.97
C HIS E 92 -43.72 11.08 -39.12
N LEU E 93 -43.68 10.25 -40.17
CA LEU E 93 -44.37 10.44 -41.48
C LEU E 93 -45.89 10.44 -41.27
N GLU E 94 -46.42 9.45 -40.55
CA GLU E 94 -47.88 9.29 -40.27
C GLU E 94 -48.39 10.54 -39.55
N ILE E 95 -47.61 11.04 -38.58
CA ILE E 95 -47.96 12.22 -37.73
C ILE E 95 -47.92 13.50 -38.58
N VAL E 96 -46.91 13.63 -39.45
CA VAL E 96 -46.77 14.77 -40.41
C VAL E 96 -48.03 14.82 -41.29
N GLU E 97 -48.46 13.66 -41.80
CA GLU E 97 -49.66 13.53 -42.68
C GLU E 97 -50.92 13.92 -41.89
N VAL E 98 -51.13 13.32 -40.72
CA VAL E 98 -52.30 13.59 -39.83
C VAL E 98 -52.37 15.08 -39.52
N LEU E 99 -51.25 15.69 -39.11
CA LEU E 99 -51.15 17.11 -38.73
C LEU E 99 -51.57 18.00 -39.92
N LEU E 100 -50.99 17.76 -41.10
CA LEU E 100 -51.22 18.57 -42.32
C LEU E 100 -52.69 18.49 -42.75
N LYS E 101 -53.31 17.30 -42.64
CA LYS E 101 -54.73 17.05 -42.98
C LYS E 101 -55.65 17.86 -42.05
N ASN E 102 -55.20 18.13 -40.82
CA ASN E 102 -55.96 18.88 -39.78
C ASN E 102 -55.63 20.39 -39.85
N GLY E 103 -55.06 20.84 -40.97
CA GLY E 103 -54.84 22.28 -41.27
C GLY E 103 -53.62 22.84 -40.57
N ALA E 104 -52.54 22.06 -40.48
CA ALA E 104 -51.24 22.49 -39.93
C ALA E 104 -50.53 23.38 -40.97
N ASP E 105 -50.00 24.53 -40.53
CA ASP E 105 -49.29 25.51 -41.40
C ASP E 105 -47.98 24.89 -41.88
N VAL E 106 -47.92 24.52 -43.16
CA VAL E 106 -46.78 23.79 -43.79
C VAL E 106 -45.58 24.74 -43.94
N ASN E 107 -45.84 26.05 -44.05
CA ASN E 107 -44.80 27.11 -44.23
C ASN E 107 -44.54 27.82 -42.90
N ALA E 108 -44.99 27.24 -41.78
CA ALA E 108 -44.80 27.79 -40.41
C ALA E 108 -43.33 28.04 -40.15
N LYS E 109 -42.98 29.20 -39.59
CA LYS E 109 -41.59 29.62 -39.28
C LYS E 109 -41.44 29.81 -37.77
N ASP E 110 -40.41 29.21 -37.18
CA ASP E 110 -40.01 29.44 -35.77
C ASP E 110 -39.28 30.79 -35.70
N ASP E 111 -38.84 31.21 -34.51
CA ASP E 111 -38.18 32.52 -34.27
C ASP E 111 -36.94 32.67 -35.15
N ASN E 112 -36.36 31.55 -35.62
CA ASN E 112 -35.12 31.52 -36.44
C ASN E 112 -35.45 31.54 -37.94
N GLY E 113 -36.74 31.44 -38.30
CA GLY E 113 -37.20 31.37 -39.70
C GLY E 113 -37.06 29.98 -40.28
N ILE E 114 -36.86 28.96 -39.44
CA ILE E 114 -36.75 27.53 -39.84
C ILE E 114 -38.17 26.97 -39.97
N THR E 115 -38.43 26.18 -41.04
CA THR E 115 -39.74 25.60 -41.40
C THR E 115 -39.67 24.08 -41.28
N PRO E 116 -40.83 23.36 -41.24
CA PRO E 116 -40.83 21.90 -41.25
C PRO E 116 -40.01 21.26 -42.38
N LEU E 117 -40.00 21.88 -43.57
CA LEU E 117 -39.23 21.41 -44.76
C LEU E 117 -37.73 21.48 -44.45
N HIS E 118 -37.26 22.62 -43.93
CA HIS E 118 -35.84 22.85 -43.53
C HIS E 118 -35.35 21.70 -42.63
N LEU E 119 -36.14 21.33 -41.62
CA LEU E 119 -35.80 20.31 -40.60
C LEU E 119 -35.77 18.91 -41.23
N ALA E 120 -36.87 18.52 -41.89
CA ALA E 120 -37.03 17.21 -42.57
C ALA E 120 -35.91 17.01 -43.60
N ALA E 121 -35.56 18.07 -44.33
CA ALA E 121 -34.50 18.10 -45.38
C ALA E 121 -33.13 17.84 -44.75
N ASN E 122 -32.83 18.49 -43.62
CA ASN E 122 -31.51 18.46 -42.93
C ASN E 122 -31.22 17.04 -42.42
N ARG E 123 -32.24 16.33 -41.90
CA ARG E 123 -32.11 14.96 -41.36
C ARG E 123 -32.32 13.92 -42.48
N GLY E 124 -32.73 14.36 -43.68
CA GLY E 124 -32.77 13.55 -44.90
C GLY E 124 -34.00 12.65 -44.98
N HIS E 125 -35.13 13.09 -44.41
CA HIS E 125 -36.43 12.38 -44.44
C HIS E 125 -37.14 12.67 -45.78
N LEU E 126 -36.79 11.91 -46.82
CA LEU E 126 -37.25 12.14 -48.22
C LEU E 126 -38.77 11.92 -48.33
N GLU E 127 -39.29 10.92 -47.63
CA GLU E 127 -40.74 10.56 -47.63
C GLU E 127 -41.56 11.75 -47.12
N ILE E 128 -41.10 12.39 -46.04
CA ILE E 128 -41.79 13.54 -45.37
C ILE E 128 -41.66 14.79 -46.24
N VAL E 129 -40.48 15.04 -46.81
CA VAL E 129 -40.20 16.21 -47.70
C VAL E 129 -41.27 16.24 -48.81
N GLU E 130 -41.53 15.09 -49.44
CA GLU E 130 -42.51 14.94 -50.56
C GLU E 130 -43.93 15.29 -50.08
N VAL E 131 -44.30 14.88 -48.87
CA VAL E 131 -45.63 15.14 -48.25
C VAL E 131 -45.78 16.65 -48.02
N LEU E 132 -44.75 17.29 -47.45
CA LEU E 132 -44.74 18.77 -47.17
C LEU E 132 -44.91 19.54 -48.48
N LEU E 133 -44.10 19.23 -49.50
CA LEU E 133 -44.15 19.85 -50.86
C LEU E 133 -45.56 19.72 -51.44
N LYS E 134 -46.18 18.55 -51.27
CA LYS E 134 -47.52 18.19 -51.80
C LYS E 134 -48.60 19.09 -51.17
N TYR E 135 -48.43 19.46 -49.90
CA TYR E 135 -49.39 20.29 -49.11
C TYR E 135 -49.06 21.78 -49.25
N GLY E 136 -48.21 22.14 -50.22
CA GLY E 136 -47.93 23.53 -50.61
C GLY E 136 -46.82 24.17 -49.79
N ALA E 137 -45.75 23.42 -49.52
CA ALA E 137 -44.53 23.91 -48.83
C ALA E 137 -43.71 24.76 -49.80
N ASP E 138 -43.22 25.91 -49.35
CA ASP E 138 -42.43 26.87 -50.15
C ASP E 138 -40.97 26.41 -50.16
N VAL E 139 -40.47 25.95 -51.32
CA VAL E 139 -39.10 25.42 -51.52
C VAL E 139 -38.08 26.56 -51.41
N ASN E 140 -38.48 27.80 -51.74
CA ASN E 140 -37.61 29.00 -51.75
C ASN E 140 -37.64 29.71 -50.39
N ALA E 141 -38.37 29.17 -49.41
CA ALA E 141 -38.44 29.67 -48.01
C ALA E 141 -37.03 29.70 -47.42
N GLN E 142 -36.58 30.88 -47.00
CA GLN E 142 -35.21 31.12 -46.44
C GLN E 142 -35.31 31.30 -44.92
N ASP E 143 -34.32 30.77 -44.19
CA ASP E 143 -34.15 30.98 -42.72
C ASP E 143 -33.42 32.31 -42.50
N LYS E 144 -33.11 32.64 -41.24
CA LYS E 144 -32.46 33.93 -40.84
C LYS E 144 -31.09 34.09 -41.50
N PHE E 145 -30.47 32.99 -41.94
CA PHE E 145 -29.13 32.97 -42.60
C PHE E 145 -29.26 32.91 -44.12
N GLY E 146 -30.49 32.99 -44.64
CA GLY E 146 -30.80 33.03 -46.09
C GLY E 146 -30.57 31.69 -46.77
N LYS E 147 -30.82 30.59 -46.05
CA LYS E 147 -30.62 29.21 -46.54
C LYS E 147 -31.98 28.59 -46.88
N THR E 148 -32.10 27.99 -48.07
CA THR E 148 -33.28 27.19 -48.53
C THR E 148 -33.05 25.72 -48.18
N ALA E 149 -34.08 24.89 -48.39
CA ALA E 149 -34.03 23.41 -48.22
C ALA E 149 -33.04 22.80 -49.22
N PHE E 150 -32.90 23.43 -50.39
CA PHE E 150 -31.97 23.01 -51.48
C PHE E 150 -30.51 23.26 -51.02
N ASP E 151 -30.24 24.42 -50.43
CA ASP E 151 -28.91 24.80 -49.89
C ASP E 151 -28.47 23.76 -48.84
N ILE E 152 -29.41 23.30 -48.01
CA ILE E 152 -29.19 22.25 -46.97
C ILE E 152 -28.85 20.92 -47.65
N SER E 153 -29.58 20.57 -48.72
CA SER E 153 -29.44 19.29 -49.47
C SER E 153 -28.04 19.20 -50.11
N ILE E 154 -27.55 20.32 -50.65
CA ILE E 154 -26.21 20.43 -51.32
C ILE E 154 -25.11 20.31 -50.26
N ASN E 155 -25.25 21.03 -49.14
CA ASN E 155 -24.23 21.11 -48.06
C ASN E 155 -24.09 19.74 -47.39
N ASN E 156 -25.21 19.05 -47.13
CA ASN E 156 -25.24 17.71 -46.49
C ASN E 156 -24.73 16.64 -47.46
N GLY E 157 -24.77 16.93 -48.77
CA GLY E 157 -24.33 16.01 -49.83
C GLY E 157 -25.40 15.00 -50.18
N ASN E 158 -26.63 15.22 -49.72
CA ASN E 158 -27.82 14.36 -49.98
C ASN E 158 -28.27 14.61 -51.42
N GLU E 159 -27.87 13.73 -52.35
CA GLU E 159 -28.03 13.91 -53.81
C GLU E 159 -29.47 13.53 -54.21
N ASP E 160 -30.05 12.53 -53.54
CA ASP E 160 -31.46 12.09 -53.69
C ASP E 160 -32.40 13.26 -53.39
N LEU E 161 -32.12 14.01 -52.31
CA LEU E 161 -32.94 15.14 -51.82
C LEU E 161 -32.83 16.33 -52.79
N ALA E 162 -31.61 16.64 -53.24
CA ALA E 162 -31.28 17.78 -54.13
C ALA E 162 -32.08 17.69 -55.44
N GLU E 163 -32.25 16.48 -55.98
CA GLU E 163 -32.99 16.21 -57.23
C GLU E 163 -34.47 16.53 -57.03
N ILE E 164 -35.06 16.04 -55.93
CA ILE E 164 -36.50 16.24 -55.56
C ILE E 164 -36.80 17.75 -55.50
N LEU E 165 -35.83 18.55 -55.04
CA LEU E 165 -35.95 20.02 -54.86
C LEU E 165 -35.49 20.76 -56.12
N GLN E 166 -35.28 20.04 -57.23
CA GLN E 166 -34.88 20.60 -58.56
C GLN E 166 -33.61 21.45 -58.40
#